data_8YB7
#
_entry.id   8YB7
#
_cell.length_a   1.00
_cell.length_b   1.00
_cell.length_c   1.00
_cell.angle_alpha   90.00
_cell.angle_beta   90.00
_cell.angle_gamma   90.00
#
_symmetry.space_group_name_H-M   'P 1'
#
loop_
_entity.id
_entity.type
_entity.pdbx_description
1 polymer 'Papain-like protease nsp3'
2 polymer 'Non-structural protein 4'
#
loop_
_entity_poly.entity_id
_entity_poly.type
_entity_poly.pdbx_seq_one_letter_code
_entity_poly.pdbx_strand_id
1 'polypeptide(L)'
;APTKVTFGDDTVIEVQGYKSVNITFELDERIDKVLNEKCSAYTVELGTEVNEFACVVADAVIKTLQPVSELLTPLGIDLD
EWSMATYYLFDESGEFKLASHMYCSFYPPDEDEEEGDCEEEEFEPSTQYEYGTEDDYQGKPLEFGATSAALQPEEEQEED
WLDDDSQQTVGQQDGSEDNQTTTIQTIVEVQPQLEMELTPVVQTIEVNSFSGYLKLTDNVYIKNADIVEEAKKVKPTVVV
NAANVYLKHGGGVAGALNKATNNAMQVESDDYIATNGPLKVGGSCVLSGHNLAKHCLHVVGPNVNKGEDIQLLKSAYENF
NQHEVLLAPLLSAGIFGADPIHSLRVCVDTVRTNVYLAVFDKNLYDKLVSSFLEMKSEKQVEQKIAEIPKEEVKPFITES
KPSVEQRKQDDKKIKACVEEVTTTLEETKFLTENLLLYIDINGNLHPDSATLVSDIDITFLKKDAPYIVGDVVQEGVLTA
VVIPTKKAGGTTEMLAKALRKVPTDNYITTYPGQGLNGYTVEEAKTVLKKCKSAFYILPSIISNEKQEILGTVSWNLREM
LAHAEETRKLMPVCVETKAIVSTIQRKYKGIKIQEGVVDYGARFYFYTSKTTVASLINTLNDLNETLVTMPLGYVTHGLN
LEEAARYMRSLKVPATVSVSSPDAVTAYNGYLTSSSKTPEEHFIETISLAGSYKDWSYSGQSTQLGIEFLKRGDKSVYYT
SNPTTFHLDGEVITFDNLKTLLSLREVRTIKVFTTVDNINLHTQVVDMSMTYGQQFGPTYLDGADVTKIKPHNSHEGKTF
YVLPNDDTLRVEAFEYYHTTDPSFLGRYMSALNHTKKWKYPQVNGLTSIKWADNNCYLATALLTLQQIELKFNPPALQDA
YYRARAGEAANFCALILAYCNKTVGELGDVRETMSYLFQHANLDSCKRVLNVVCKTCGQQQTTLKGVEAVMYMGTLSYEQ
FKKGVQIPCTCGKQATKYLVQQESPFVMMSAPPAQYELKHGTFTCASEYTGNYQCGHYKHITSKETLYCIDGALLTKSSE
YKGPITDVFYKENSYTTTIKPVTYKLDGVVCTEIDPKLDNYYKKDNSYFTEQPIDLVPNQPYPNASFDNFKFVCDNIKFA
DDLNQLTGYKKPASRELKVTFFPDLNGDVVAIDYKHYTPSFKKGAKLLHKPIVWHVNNATNKATYKPNTWCIRCLWSTKP
VETSNSFDVLKSEDAQGMDNLACEDLKPVSEEVVENPTIQKDVLECNVKTTEVVGDIILKPANNSLKITEEVGHTDLMAA
YVDNSSLTIKKPNELSRVLGLKTLATHGLAAVNSVPWDTIANYAKPFLNKVVSTTTNIVTRCLNRVCTNYMPYFFTLLLQ
LCTFTRSTNSRIKASMPTTIAKNTVKSVGKFCLEASFNYLKSPNFSKLINIIIWFLLLSVCLGSLIYSTAALGVLMSNLG
MPSYCTGYREGYLNSTNVTIATYCTGSIPCSVCLSGLDSLDTYPSLETIQITISSFKWDLTAFGLVAEWFLAYILFTRFF
YVLGLAAIMQLFFSYFAVHFISNSWLMWLIINLVQMAPISAMVRMYIFFASFYYVWKSYVHVVDGCNSSTCMMCYKRNRA
TRVECTTIVNGVRRSFYVYANGGKGFCKLHNWNCVNCDTFCAGSTFISDEVARDLSLQFKRPINPTDQSSYIVDSVTVKN
GSIHLYFDKAGQKTYERHSLSHFVNLDNLRANNTKGSLPINVIVFDGKSKCEESSAKSASVYYSQLMCQPILLLDQALVS
DVGDSAEVAVKMFDAYVNTFSSTFNVPMEKLKTLVATAEAELAKNVSLDNVLSTFISAARQGFVDSDVETKDVVECLKLS
HQSDIEVTGDSCNNYMLTYNKVENMTPRDLGACIDCSARHINAQVAKSHNIALIWNVKDFMSLSEQLRKQIRSAAKKNNL
PFKLTCATTRQVVNVVTTKIALKGG
;
A,B,E,F
2 'polypeptide(L)'
;KIVNNWLKQLIKVTLVFLFVAAIFYLITPVHVMSKHTDFSSEIIGYKAIDGGVTRDIASTDTCFANKHADFDTWFSQRGG
SYTNDKACPLIAAVITREVGFVVPGLPGTILRTTNGDFLHFLPRVFSAVGNICYTPSKLIEYTDFATSACVLAAECTIFK
DASGKPVPYCYDTNVLEGSVAYESLRPDTRYVLMDGSIIQFPNTYLEGSVRVVTTFDSEYCRHGTCERSEAGVCVSTSGR
WVLNNDYYRSLPGVFCGVDAVNLLTNMFTPLIQPIGALDISASIVAGGIVAIVVTCLAYYFMRFRRAFGEYSHVVAFNTL
LFLMSFTVLCLTPVYSFLPGVYSVIYLYLTFYLTNDVSFLAHIQWMVMFTPLVPFWITIAYIICISTKHFYWFFSNYLKR
RVVFNGVSFSTFEEAALCTFLLNKEMYLKLRSDVLLPLTQYNRYLALYNKYKYFSGAMDTTSYREAACCHLAKALNDFSN
SGSDVLYQPPQTSITSAVLQ
;
C,D,G,H
#
# COMPACT_ATOMS: atom_id res chain seq x y z
N ILE A 1411 -27.24 42.17 60.74
CA ILE A 1411 -28.22 41.78 59.74
C ILE A 1411 -28.23 40.27 59.57
N ILE A 1412 -27.12 39.73 59.08
CA ILE A 1412 -27.01 38.28 58.87
C ILE A 1412 -27.05 37.55 60.21
N ILE A 1413 -26.54 38.19 61.27
CA ILE A 1413 -26.51 37.57 62.58
C ILE A 1413 -27.92 37.26 63.08
N TRP A 1414 -28.88 38.16 62.79
CA TRP A 1414 -30.26 37.90 63.19
C TRP A 1414 -30.82 36.67 62.50
N PHE A 1415 -30.56 36.53 61.20
CA PHE A 1415 -31.02 35.34 60.48
C PHE A 1415 -30.34 34.07 60.99
N LEU A 1416 -29.05 34.15 61.30
CA LEU A 1416 -28.35 33.00 61.85
C LEU A 1416 -28.95 32.59 63.19
N LEU A 1417 -29.25 33.57 64.05
CA LEU A 1417 -29.85 33.28 65.34
C LEU A 1417 -31.25 32.69 65.18
N LEU A 1418 -32.01 33.19 64.19
CA LEU A 1418 -33.33 32.62 63.92
C LEU A 1418 -33.21 31.17 63.47
N SER A 1419 -32.24 30.88 62.60
CA SER A 1419 -32.02 29.50 62.16
C SER A 1419 -31.62 28.62 63.33
N VAL A 1420 -30.76 29.13 64.22
CA VAL A 1420 -30.34 28.37 65.39
C VAL A 1420 -31.54 28.07 66.30
N CYS A 1421 -32.40 29.06 66.51
CA CYS A 1421 -33.57 28.85 67.37
C CYS A 1421 -34.53 27.86 66.75
N LEU A 1422 -34.74 27.92 65.43
CA LEU A 1422 -35.59 26.95 64.77
C LEU A 1422 -35.01 25.53 64.88
N GLY A 1423 -33.69 25.41 64.71
CA GLY A 1423 -33.05 24.12 64.88
C GLY A 1423 -33.18 23.59 66.29
N SER A 1424 -33.07 24.49 67.29
CA SER A 1424 -33.26 24.08 68.68
C SER A 1424 -34.69 23.61 68.93
N LEU A 1425 -35.67 24.29 68.34
CA LEU A 1425 -37.06 23.84 68.48
C LEU A 1425 -37.26 22.47 67.82
N ILE A 1426 -36.65 22.26 66.66
CA ILE A 1426 -36.74 20.95 66.00
C ILE A 1426 -36.09 19.87 66.86
N TYR A 1427 -34.95 20.20 67.47
CA TYR A 1427 -34.29 19.24 68.35
C TYR A 1427 -35.14 18.95 69.59
N SER A 1428 -35.82 19.95 70.12
CA SER A 1428 -36.73 19.74 71.24
C SER A 1428 -37.88 18.82 70.84
N THR A 1429 -38.43 19.01 69.65
CA THR A 1429 -39.47 18.10 69.16
C THR A 1429 -38.94 16.68 68.99
N ALA A 1430 -37.70 16.54 68.50
CA ALA A 1430 -37.10 15.22 68.36
C ALA A 1430 -36.91 14.56 69.73
N ALA A 1431 -36.48 15.34 70.73
CA ALA A 1431 -36.34 14.81 72.08
C ALA A 1431 -37.68 14.38 72.66
N LEU A 1432 -38.73 15.17 72.37
CA LEU A 1432 -40.07 14.77 72.80
C LEU A 1432 -40.50 13.48 72.13
N GLY A 1433 -40.17 13.31 70.86
CA GLY A 1433 -40.47 12.06 70.17
C GLY A 1433 -39.71 10.88 70.76
N VAL A 1434 -38.46 11.09 71.13
CA VAL A 1434 -37.67 10.03 71.77
C VAL A 1434 -38.29 9.66 73.11
N LEU A 1435 -38.68 10.66 73.90
CA LEU A 1435 -39.34 10.40 75.17
C LEU A 1435 -40.65 9.64 74.96
N MET A 1436 -41.37 9.97 73.88
CA MET A 1436 -42.58 9.23 73.53
C MET A 1436 -42.26 7.78 73.24
N SER A 1437 -41.26 7.53 72.39
CA SER A 1437 -40.90 6.16 72.03
C SER A 1437 -40.42 5.38 73.24
N ASN A 1438 -39.88 6.07 74.24
CA ASN A 1438 -39.40 5.39 75.45
C ASN A 1438 -40.52 5.14 76.47
N LEU A 1439 -41.49 6.05 76.59
CA LEU A 1439 -42.45 5.99 77.68
C LEU A 1439 -43.90 5.97 77.22
N GLY A 1440 -44.19 5.54 75.99
CA GLY A 1440 -45.56 5.63 75.50
C GLY A 1440 -45.62 5.92 74.01
N MET A 1441 -46.23 7.04 73.61
CA MET A 1441 -46.81 8.05 74.50
C MET A 1441 -47.66 9.00 73.65
N PRO A 1442 -48.84 9.40 74.15
CA PRO A 1442 -49.60 10.43 73.43
C PRO A 1442 -48.84 11.76 73.42
N SER A 1443 -48.36 12.17 72.25
CA SER A 1443 -47.47 13.31 72.15
C SER A 1443 -47.55 13.90 70.75
N TYR A 1444 -46.60 14.78 70.45
CA TYR A 1444 -46.62 15.55 69.21
C TYR A 1444 -46.44 14.65 67.99
N CYS A 1445 -45.55 13.67 68.07
CA CYS A 1445 -45.17 12.89 66.90
C CYS A 1445 -46.05 11.65 66.68
N THR A 1446 -47.12 11.49 67.44
CA THR A 1446 -47.95 10.28 67.31
C THR A 1446 -48.58 10.17 65.93
N GLY A 1447 -49.13 11.28 65.43
CA GLY A 1447 -49.90 11.21 64.21
C GLY A 1447 -49.11 10.76 63.00
N TYR A 1448 -47.91 11.31 62.81
CA TYR A 1448 -47.11 10.97 61.64
C TYR A 1448 -46.74 9.49 61.63
N ARG A 1449 -46.23 8.98 62.76
CA ARG A 1449 -45.83 7.58 62.81
C ARG A 1449 -47.03 6.65 62.69
N GLU A 1450 -48.14 7.00 63.34
CA GLU A 1450 -49.34 6.17 63.25
C GLU A 1450 -49.86 6.10 61.82
N GLY A 1451 -49.85 7.24 61.12
CA GLY A 1451 -50.27 7.23 59.72
C GLY A 1451 -49.30 6.46 58.83
N TYR A 1452 -48.00 6.58 59.10
CA TYR A 1452 -47.01 5.95 58.23
C TYR A 1452 -46.98 4.44 58.42
N LEU A 1453 -47.26 3.96 59.63
CA LEU A 1453 -47.22 2.51 59.88
C LEU A 1453 -48.27 1.78 59.05
N ASN A 1454 -49.49 2.30 58.98
CA ASN A 1454 -50.55 1.66 58.21
C ASN A 1454 -50.49 2.01 56.73
N SER A 1455 -49.73 3.02 56.34
CA SER A 1455 -49.64 3.42 54.94
C SER A 1455 -48.80 2.42 54.14
N THR A 1456 -49.04 2.41 52.83
CA THR A 1456 -48.30 1.55 51.93
C THR A 1456 -47.05 2.22 51.36
N ASN A 1457 -46.77 3.45 51.76
CA ASN A 1457 -45.60 4.16 51.28
C ASN A 1457 -44.32 3.59 51.88
N VAL A 1458 -43.55 2.85 51.08
CA VAL A 1458 -42.31 2.25 51.55
C VAL A 1458 -41.19 3.26 51.72
N THR A 1459 -41.36 4.48 51.20
CA THR A 1459 -40.35 5.53 51.29
C THR A 1459 -40.92 6.73 52.04
N ILE A 1460 -40.05 7.35 52.85
CA ILE A 1460 -40.49 8.50 53.64
C ILE A 1460 -40.63 9.74 52.78
N ALA A 1461 -39.93 9.79 51.64
CA ALA A 1461 -39.96 10.98 50.80
C ALA A 1461 -41.36 11.26 50.26
N THR A 1462 -42.06 10.21 49.83
CA THR A 1462 -43.41 10.38 49.31
C THR A 1462 -44.44 10.62 50.41
N TYR A 1463 -44.21 10.10 51.62
CA TYR A 1463 -45.17 10.28 52.69
C TYR A 1463 -45.06 11.67 53.31
N CYS A 1464 -43.84 12.07 53.70
CA CYS A 1464 -43.64 13.37 54.32
C CYS A 1464 -43.59 14.52 53.33
N THR A 1465 -43.42 14.23 52.03
CA THR A 1465 -43.32 15.25 50.99
C THR A 1465 -42.20 16.26 51.27
N GLY A 1466 -41.14 15.80 51.92
CA GLY A 1466 -40.00 16.65 52.20
C GLY A 1466 -40.15 17.57 53.40
N SER A 1467 -41.25 17.49 54.13
CA SER A 1467 -41.43 18.35 55.29
C SER A 1467 -40.49 17.95 56.41
N ILE A 1468 -39.83 18.95 57.01
CA ILE A 1468 -38.84 18.68 58.06
C ILE A 1468 -39.45 18.01 59.29
N PRO A 1469 -40.52 18.55 59.90
CA PRO A 1469 -41.01 17.92 61.14
C PRO A 1469 -41.50 16.50 60.94
N CYS A 1470 -42.11 16.19 59.79
CA CYS A 1470 -42.56 14.83 59.51
C CYS A 1470 -41.38 13.87 59.46
N SER A 1471 -40.30 14.27 58.80
CA SER A 1471 -39.11 13.42 58.75
C SER A 1471 -38.46 13.30 60.12
N VAL A 1472 -38.49 14.36 60.92
CA VAL A 1472 -37.90 14.31 62.26
C VAL A 1472 -38.67 13.33 63.13
N CYS A 1473 -40.00 13.36 63.07
CA CYS A 1473 -40.81 12.44 63.85
C CYS A 1473 -40.61 11.00 63.41
N LEU A 1474 -40.27 10.78 62.13
CA LEU A 1474 -40.13 9.43 61.60
C LEU A 1474 -38.72 8.86 61.76
N SER A 1475 -37.82 9.60 62.41
CA SER A 1475 -36.46 9.12 62.61
C SER A 1475 -36.45 7.89 63.51
N GLY A 1476 -35.61 6.90 63.16
CA GLY A 1476 -35.48 5.70 63.94
C GLY A 1476 -36.23 4.49 63.41
N LEU A 1477 -37.10 4.67 62.42
CA LEU A 1477 -37.88 3.57 61.87
C LEU A 1477 -37.26 3.06 60.57
N ASP A 1478 -37.49 1.78 60.30
CA ASP A 1478 -36.96 1.16 59.09
C ASP A 1478 -37.67 1.71 57.86
N SER A 1479 -36.94 1.77 56.75
CA SER A 1479 -37.48 2.28 55.50
C SER A 1479 -36.75 1.63 54.34
N LEU A 1480 -37.38 1.68 53.16
CA LEU A 1480 -36.76 1.11 51.97
C LEU A 1480 -35.53 1.89 51.55
N ASP A 1481 -35.46 3.17 51.91
CA ASP A 1481 -34.34 4.01 51.51
C ASP A 1481 -33.03 3.62 52.19
N THR A 1482 -33.09 2.77 53.21
CA THR A 1482 -31.89 2.42 53.96
C THR A 1482 -31.05 1.35 53.28
N TYR A 1483 -31.52 0.77 52.18
CA TYR A 1483 -30.77 -0.28 51.50
C TYR A 1483 -29.95 0.31 50.37
N PRO A 1484 -28.63 0.27 50.44
CA PRO A 1484 -27.81 0.80 49.34
C PRO A 1484 -27.60 -0.23 48.23
N SER A 1485 -27.78 -1.51 48.56
CA SER A 1485 -27.55 -2.58 47.59
C SER A 1485 -28.63 -2.65 46.51
N LEU A 1486 -29.79 -2.03 46.73
CA LEU A 1486 -30.85 -2.05 45.73
C LEU A 1486 -30.55 -1.14 44.54
N GLU A 1487 -29.60 -0.22 44.68
CA GLU A 1487 -29.24 0.65 43.58
C GLU A 1487 -28.45 -0.11 42.51
N THR A 1488 -28.44 0.45 41.30
CA THR A 1488 -27.73 -0.15 40.17
C THR A 1488 -27.11 1.00 39.37
N ILE A 1489 -25.80 1.16 39.49
CA ILE A 1489 -25.10 2.22 38.77
C ILE A 1489 -24.93 1.80 37.31
N GLN A 1490 -25.38 2.65 36.39
CA GLN A 1490 -25.27 2.35 34.97
C GLN A 1490 -23.80 2.39 34.55
N ILE A 1491 -23.36 1.35 33.85
CA ILE A 1491 -21.95 1.19 33.47
C ILE A 1491 -21.87 1.00 31.97
N THR A 1492 -20.93 1.69 31.33
CA THR A 1492 -20.66 1.55 29.91
C THR A 1492 -19.49 0.59 29.73
N ILE A 1493 -19.69 -0.46 28.95
CA ILE A 1493 -18.69 -1.51 28.76
C ILE A 1493 -17.53 -0.97 27.92
N SER A 1494 -16.43 -1.72 27.87
CA SER A 1494 -15.27 -1.32 27.08
C SER A 1494 -15.64 -1.23 25.61
N SER A 1495 -15.04 -0.27 24.91
CA SER A 1495 -15.45 0.05 23.55
C SER A 1495 -14.86 -0.91 22.52
N PHE A 1496 -13.53 -0.94 22.42
CA PHE A 1496 -12.89 -1.73 21.36
C PHE A 1496 -11.44 -2.06 21.67
N LYS A 1497 -10.70 -2.48 20.65
CA LYS A 1497 -9.31 -2.90 20.77
C LYS A 1497 -8.45 -2.05 19.85
N TRP A 1498 -7.16 -1.91 20.20
CA TRP A 1498 -6.25 -1.08 19.44
C TRP A 1498 -5.89 -1.72 18.10
N ASP A 1499 -5.35 -0.89 17.21
CA ASP A 1499 -4.92 -1.30 15.88
C ASP A 1499 -3.58 -0.66 15.56
N LEU A 1500 -2.70 -1.42 14.90
CA LEU A 1500 -1.36 -0.96 14.56
C LEU A 1500 -0.92 -1.38 13.16
N THR A 1501 -1.84 -1.48 12.21
CA THR A 1501 -1.47 -1.87 10.85
C THR A 1501 -0.57 -0.82 10.20
N ALA A 1502 -0.88 0.46 10.42
CA ALA A 1502 -0.10 1.53 9.81
C ALA A 1502 1.34 1.51 10.28
N PHE A 1503 1.55 1.26 11.58
CA PHE A 1503 2.90 1.16 12.12
C PHE A 1503 3.65 0.00 11.46
N GLY A 1504 2.97 -1.13 11.25
CA GLY A 1504 3.60 -2.25 10.58
C GLY A 1504 4.00 -1.92 9.16
N LEU A 1505 3.12 -1.25 8.42
CA LEU A 1505 3.45 -0.84 7.05
C LEU A 1505 4.63 0.13 7.03
N VAL A 1506 4.65 1.06 7.99
CA VAL A 1506 5.76 2.01 8.08
C VAL A 1506 7.06 1.29 8.36
N ALA A 1507 7.02 0.30 9.26
CA ALA A 1507 8.22 -0.49 9.55
C ALA A 1507 8.68 -1.27 8.32
N GLU A 1508 7.74 -1.83 7.56
CA GLU A 1508 8.10 -2.54 6.34
C GLU A 1508 8.77 -1.60 5.34
N TRP A 1509 8.22 -0.39 5.17
CA TRP A 1509 8.82 0.57 4.27
C TRP A 1509 10.20 1.00 4.75
N PHE A 1510 10.37 1.18 6.07
CA PHE A 1510 11.66 1.56 6.61
C PHE A 1510 12.71 0.48 6.34
N LEU A 1511 12.34 -0.79 6.58
CA LEU A 1511 13.27 -1.88 6.32
C LEU A 1511 13.57 -2.01 4.83
N ALA A 1512 12.59 -1.72 3.98
CA ALA A 1512 12.85 -1.70 2.54
C ALA A 1512 13.85 -0.60 2.17
N TYR A 1513 13.71 0.58 2.77
CA TYR A 1513 14.63 1.67 2.50
C TYR A 1513 16.03 1.34 3.01
N ILE A 1514 16.12 0.60 4.12
CA ILE A 1514 17.42 0.19 4.63
C ILE A 1514 18.14 -0.70 3.63
N LEU A 1515 17.41 -1.67 3.06
CA LEU A 1515 17.97 -2.57 2.06
C LEU A 1515 17.85 -1.96 0.66
N PHE A 1516 18.62 -0.90 0.44
CA PHE A 1516 18.56 -0.15 -0.81
C PHE A 1516 19.21 -0.94 -1.95
N THR A 1517 18.53 -0.94 -3.09
CA THR A 1517 19.05 -1.56 -4.30
C THR A 1517 18.76 -0.63 -5.47
N ARG A 1518 19.06 -1.11 -6.68
CA ARG A 1518 18.80 -0.33 -7.87
C ARG A 1518 17.31 -0.29 -8.22
N PHE A 1519 16.55 -1.29 -7.78
CA PHE A 1519 15.16 -1.45 -8.21
C PHE A 1519 14.15 -0.89 -7.22
N PHE A 1520 14.59 -0.12 -6.22
CA PHE A 1520 13.64 0.51 -5.32
C PHE A 1520 12.88 1.63 -6.01
N TYR A 1521 13.51 2.29 -6.98
CA TYR A 1521 12.90 3.43 -7.65
C TYR A 1521 11.68 3.01 -8.46
N VAL A 1522 11.73 1.85 -9.11
CA VAL A 1522 10.59 1.40 -9.89
C VAL A 1522 9.40 1.08 -8.99
N LEU A 1523 9.66 0.58 -7.77
CA LEU A 1523 8.58 0.34 -6.83
C LEU A 1523 8.00 1.65 -6.29
N GLY A 1524 8.88 2.62 -6.00
CA GLY A 1524 8.38 3.93 -5.59
C GLY A 1524 7.55 4.60 -6.67
N LEU A 1525 7.97 4.44 -7.93
CA LEU A 1525 7.21 4.98 -9.05
C LEU A 1525 5.83 4.33 -9.13
N ALA A 1526 5.77 3.01 -8.96
CA ALA A 1526 4.47 2.33 -8.98
C ALA A 1526 3.58 2.83 -7.86
N ALA A 1527 4.14 2.99 -6.66
CA ALA A 1527 3.35 3.46 -5.52
C ALA A 1527 2.81 4.87 -5.76
N ILE A 1528 3.68 5.77 -6.24
CA ILE A 1528 3.24 7.15 -6.46
C ILE A 1528 2.23 7.24 -7.59
N MET A 1529 2.41 6.42 -8.63
CA MET A 1529 1.42 6.38 -9.71
C MET A 1529 0.08 5.87 -9.22
N GLN A 1530 0.08 4.84 -8.38
CA GLN A 1530 -1.16 4.34 -7.80
C GLN A 1530 -1.85 5.43 -6.98
N LEU A 1531 -1.08 6.14 -6.15
CA LEU A 1531 -1.66 7.19 -5.33
C LEU A 1531 -2.25 8.29 -6.20
N PHE A 1532 -1.51 8.71 -7.24
CA PHE A 1532 -1.97 9.78 -8.12
C PHE A 1532 -3.24 9.38 -8.86
N PHE A 1533 -3.28 8.14 -9.37
CA PHE A 1533 -4.46 7.69 -10.10
C PHE A 1533 -5.66 7.53 -9.18
N SER A 1534 -5.43 7.09 -7.93
CA SER A 1534 -6.55 6.96 -7.00
C SER A 1534 -7.07 8.32 -6.57
N TYR A 1535 -6.20 9.32 -6.52
CA TYR A 1535 -6.60 10.62 -5.99
C TYR A 1535 -7.51 11.41 -6.91
N PHE A 1536 -7.23 11.45 -8.22
CA PHE A 1536 -8.00 12.31 -9.12
C PHE A 1536 -8.80 11.41 -10.05
N ALA A 1537 -8.15 10.49 -10.77
CA ALA A 1537 -8.81 9.60 -11.73
C ALA A 1537 -9.75 10.35 -12.67
N VAL A 1538 -10.78 9.65 -13.16
CA VAL A 1538 -11.97 10.18 -13.83
C VAL A 1538 -11.70 11.24 -14.89
N HIS A 1539 -10.88 12.26 -14.58
CA HIS A 1539 -10.82 13.46 -15.40
C HIS A 1539 -10.29 13.17 -16.80
N PHE A 1540 -9.21 12.39 -16.91
CA PHE A 1540 -8.52 12.23 -18.18
C PHE A 1540 -8.62 10.81 -18.72
N ILE A 1541 -9.68 10.08 -18.35
CA ILE A 1541 -9.93 8.74 -18.87
C ILE A 1541 -11.20 8.80 -19.70
N SER A 1542 -11.05 8.59 -21.02
CA SER A 1542 -12.18 8.58 -21.92
C SER A 1542 -11.77 7.83 -23.18
N ASN A 1543 -12.69 6.99 -23.67
CA ASN A 1543 -12.42 6.15 -24.83
C ASN A 1543 -11.17 5.31 -24.60
N SER A 1544 -10.56 4.83 -25.68
CA SER A 1544 -9.26 4.17 -25.61
C SER A 1544 -9.26 3.05 -24.58
N TRP A 1545 -10.03 1.99 -24.83
CA TRP A 1545 -10.16 0.89 -23.88
C TRP A 1545 -8.79 0.36 -23.45
N LEU A 1546 -7.78 0.48 -24.32
CA LEU A 1546 -6.42 0.13 -23.93
C LEU A 1546 -5.94 0.99 -22.77
N MET A 1547 -6.23 2.30 -22.81
CA MET A 1547 -5.86 3.18 -21.70
C MET A 1547 -6.62 2.80 -20.43
N TRP A 1548 -7.90 2.46 -20.56
CA TRP A 1548 -8.69 2.05 -19.40
C TRP A 1548 -8.12 0.79 -18.76
N LEU A 1549 -7.71 -0.17 -19.59
CA LEU A 1549 -7.10 -1.39 -19.06
C LEU A 1549 -5.83 -1.08 -18.29
N ILE A 1550 -4.99 -0.19 -18.83
CA ILE A 1550 -3.75 0.18 -18.15
C ILE A 1550 -4.05 0.85 -16.83
N ILE A 1551 -5.03 1.76 -16.82
CA ILE A 1551 -5.39 2.47 -15.59
C ILE A 1551 -5.88 1.50 -14.54
N ASN A 1552 -6.73 0.56 -14.94
CA ASN A 1552 -7.25 -0.43 -13.99
C ASN A 1552 -6.13 -1.33 -13.47
N LEU A 1553 -5.22 -1.74 -14.34
CA LEU A 1553 -4.10 -2.59 -13.91
C LEU A 1553 -3.21 -1.86 -12.91
N VAL A 1554 -2.95 -0.57 -13.16
CA VAL A 1554 -2.13 0.20 -12.22
C VAL A 1554 -2.85 0.38 -10.89
N GLN A 1555 -4.14 0.68 -10.93
CA GLN A 1555 -4.87 0.93 -9.69
C GLN A 1555 -5.03 -0.34 -8.86
N MET A 1556 -5.20 -1.49 -9.51
CA MET A 1556 -5.46 -2.73 -8.79
C MET A 1556 -4.21 -3.41 -8.29
N ALA A 1557 -3.03 -2.86 -8.56
CA ALA A 1557 -1.80 -3.51 -8.12
C ALA A 1557 -1.70 -3.46 -6.59
N PRO A 1558 -1.41 -4.59 -5.94
CA PRO A 1558 -1.28 -4.62 -4.47
C PRO A 1558 0.09 -4.13 -4.00
N ILE A 1559 0.24 -2.81 -3.91
CA ILE A 1559 1.51 -2.22 -3.48
C ILE A 1559 1.81 -2.61 -2.03
N SER A 1560 0.78 -2.57 -1.17
CA SER A 1560 0.98 -2.81 0.25
C SER A 1560 1.50 -4.21 0.56
N ALA A 1561 1.30 -5.18 -0.34
CA ALA A 1561 1.77 -6.53 -0.12
C ALA A 1561 2.88 -6.92 -1.10
N MET A 1562 3.53 -5.95 -1.72
CA MET A 1562 4.59 -6.21 -2.69
C MET A 1562 5.97 -5.88 -2.15
N VAL A 1563 6.06 -5.01 -1.13
CA VAL A 1563 7.35 -4.65 -0.56
C VAL A 1563 8.02 -5.87 0.06
N ARG A 1564 7.23 -6.70 0.75
CA ARG A 1564 7.77 -7.90 1.40
C ARG A 1564 8.42 -8.85 0.40
N MET A 1565 7.88 -8.97 -0.81
CA MET A 1565 8.53 -9.77 -1.85
C MET A 1565 9.88 -9.18 -2.23
N TYR A 1566 9.95 -7.85 -2.33
CA TYR A 1566 11.22 -7.19 -2.63
C TYR A 1566 12.24 -7.43 -1.53
N ILE A 1567 11.80 -7.47 -0.28
CA ILE A 1567 12.71 -7.74 0.85
C ILE A 1567 13.37 -9.10 0.66
N PHE A 1568 12.56 -10.13 0.39
CA PHE A 1568 13.10 -11.47 0.22
C PHE A 1568 13.97 -11.57 -1.03
N PHE A 1569 13.61 -10.87 -2.10
CA PHE A 1569 14.44 -10.87 -3.29
C PHE A 1569 15.80 -10.25 -3.03
N ALA A 1570 15.83 -9.15 -2.28
CA ALA A 1570 17.09 -8.44 -2.03
C ALA A 1570 17.95 -9.14 -0.99
N SER A 1571 17.34 -9.88 -0.06
CA SER A 1571 18.12 -10.52 0.99
C SER A 1571 19.12 -11.53 0.42
N PHE A 1572 18.65 -12.39 -0.49
CA PHE A 1572 19.55 -13.38 -1.09
C PHE A 1572 20.66 -12.72 -1.91
N TYR A 1573 20.32 -11.67 -2.64
CA TYR A 1573 21.33 -10.96 -3.43
C TYR A 1573 22.40 -10.36 -2.52
N TYR A 1574 21.98 -9.75 -1.41
CA TYR A 1574 22.96 -9.18 -0.49
C TYR A 1574 23.80 -10.25 0.17
N VAL A 1575 23.20 -11.39 0.53
CA VAL A 1575 23.97 -12.49 1.12
C VAL A 1575 25.00 -13.00 0.12
N TRP A 1576 24.60 -13.15 -1.14
CA TRP A 1576 25.52 -13.60 -2.18
C TRP A 1576 26.67 -12.61 -2.37
N LYS A 1577 26.36 -11.32 -2.38
CA LYS A 1577 27.40 -10.31 -2.56
C LYS A 1577 28.37 -10.33 -1.38
N SER A 1578 27.84 -10.47 -0.16
CA SER A 1578 28.71 -10.56 1.01
C SER A 1578 29.59 -11.80 0.95
N TYR A 1579 29.03 -12.93 0.51
CA TYR A 1579 29.83 -14.15 0.39
C TYR A 1579 30.94 -13.98 -0.64
N VAL A 1580 30.64 -13.34 -1.77
CA VAL A 1580 31.66 -13.09 -2.79
C VAL A 1580 32.74 -12.17 -2.23
N HIS A 1581 32.34 -11.13 -1.50
CA HIS A 1581 33.32 -10.21 -0.93
C HIS A 1581 34.22 -10.91 0.08
N VAL A 1582 33.66 -11.76 0.93
CA VAL A 1582 34.44 -12.38 1.99
C VAL A 1582 35.34 -13.50 1.44
N VAL A 1583 34.75 -14.47 0.74
CA VAL A 1583 35.49 -15.63 0.26
C VAL A 1583 36.36 -15.31 -0.95
N ASP A 1584 35.84 -14.58 -1.95
CA ASP A 1584 36.40 -14.66 -3.32
C ASP A 1584 37.10 -13.37 -3.76
N GLY A 1585 36.58 -12.22 -3.32
CA GLY A 1585 37.18 -10.95 -3.63
C GLY A 1585 36.69 -10.39 -4.96
N CYS A 1586 37.02 -9.13 -5.19
CA CYS A 1586 36.62 -8.42 -6.40
C CYS A 1586 37.81 -7.66 -6.97
N ASN A 1587 37.82 -7.51 -8.28
CA ASN A 1587 38.91 -6.81 -8.98
C ASN A 1587 38.48 -5.45 -9.50
N SER A 1588 37.20 -5.26 -9.80
CA SER A 1588 36.73 -4.00 -10.36
C SER A 1588 36.80 -2.89 -9.30
N SER A 1589 37.36 -1.75 -9.69
CA SER A 1589 37.45 -0.61 -8.78
C SER A 1589 36.15 0.17 -8.72
N THR A 1590 35.18 -0.12 -9.60
CA THR A 1590 33.92 0.59 -9.61
C THR A 1590 33.01 0.17 -8.46
N CYS A 1591 33.35 -0.89 -7.74
CA CYS A 1591 32.53 -1.34 -6.62
C CYS A 1591 32.52 -0.30 -5.51
N MET A 1592 31.41 -0.27 -4.76
CA MET A 1592 31.26 0.70 -3.68
C MET A 1592 31.87 0.18 -2.40
N MET A 1593 32.77 -0.80 -2.51
CA MET A 1593 33.50 -1.30 -1.35
C MET A 1593 34.66 -0.41 -0.97
N CYS A 1594 34.77 0.77 -1.58
CA CYS A 1594 35.90 1.67 -1.32
C CYS A 1594 35.93 2.13 0.13
N TYR A 1595 34.82 1.97 0.85
CA TYR A 1595 34.78 2.35 2.26
C TYR A 1595 35.84 1.62 3.08
N LYS A 1596 36.22 0.41 2.67
CA LYS A 1596 37.17 -0.39 3.43
C LYS A 1596 38.22 -1.02 2.53
N ARG A 1597 38.05 -0.90 1.22
CA ARG A 1597 38.97 -1.53 0.28
C ARG A 1597 40.38 -0.97 0.41
N ASN A 1598 40.51 0.36 0.45
CA ASN A 1598 41.81 1.01 0.46
C ASN A 1598 42.02 1.74 1.78
N ARG A 1599 43.17 1.48 2.41
CA ARG A 1599 43.56 2.15 3.65
C ARG A 1599 44.69 3.15 3.43
N ALA A 1600 44.96 3.52 2.18
CA ALA A 1600 46.06 4.42 1.88
C ALA A 1600 45.82 5.80 2.47
N THR A 1601 46.90 6.45 2.92
CA THR A 1601 46.81 7.78 3.50
C THR A 1601 47.10 8.88 2.50
N ARG A 1602 47.99 8.66 1.53
CA ARG A 1602 48.37 9.66 0.56
C ARG A 1602 48.06 9.17 -0.84
N VAL A 1603 47.69 10.11 -1.72
CA VAL A 1603 47.41 9.84 -3.12
C VAL A 1603 48.32 10.72 -3.97
N GLU A 1604 49.00 10.10 -4.93
CA GLU A 1604 49.94 10.82 -5.76
C GLU A 1604 49.26 11.40 -7.01
N CYS A 1605 49.81 12.52 -7.48
CA CYS A 1605 49.34 13.19 -8.68
C CYS A 1605 50.46 14.12 -9.14
N THR A 1606 50.30 14.69 -10.34
CA THR A 1606 51.35 15.50 -10.94
C THR A 1606 50.76 16.79 -11.50
N THR A 1607 51.62 17.80 -11.63
CA THR A 1607 51.25 19.07 -12.22
C THR A 1607 52.48 19.65 -12.90
N ILE A 1608 52.25 20.58 -13.82
CA ILE A 1608 53.31 21.19 -14.61
C ILE A 1608 53.46 22.65 -14.21
N VAL A 1609 54.66 23.03 -13.81
CA VAL A 1609 55.00 24.42 -13.50
C VAL A 1609 56.37 24.73 -14.09
N ASN A 1610 56.46 25.86 -14.80
CA ASN A 1610 57.72 26.29 -15.43
C ASN A 1610 58.27 25.24 -16.39
N GLY A 1611 57.38 24.50 -17.05
CA GLY A 1611 57.81 23.55 -18.05
C GLY A 1611 58.32 22.23 -17.52
N VAL A 1612 58.20 21.98 -16.22
CA VAL A 1612 58.63 20.71 -15.63
C VAL A 1612 57.47 20.13 -14.84
N ARG A 1613 57.52 18.82 -14.62
CA ARG A 1613 56.43 18.10 -13.95
C ARG A 1613 56.86 17.79 -12.52
N ARG A 1614 56.16 18.39 -11.56
CA ARG A 1614 56.39 18.11 -10.16
C ARG A 1614 55.31 17.18 -9.60
N SER A 1615 55.53 16.72 -8.38
CA SER A 1615 54.62 15.79 -7.73
C SER A 1615 54.32 16.27 -6.31
N PHE A 1616 53.11 15.95 -5.85
CA PHE A 1616 52.69 16.30 -4.50
C PHE A 1616 51.66 15.29 -4.04
N TYR A 1617 51.49 15.19 -2.72
CA TYR A 1617 50.58 14.21 -2.13
C TYR A 1617 49.27 14.85 -1.71
N VAL A 1618 48.21 14.04 -1.73
CA VAL A 1618 46.89 14.43 -1.24
C VAL A 1618 46.53 13.48 -0.11
N TYR A 1619 46.24 14.03 1.07
CA TYR A 1619 45.99 13.22 2.24
C TYR A 1619 44.56 12.69 2.25
N ALA A 1620 44.38 11.53 2.87
CA ALA A 1620 43.08 10.88 2.96
C ALA A 1620 42.88 10.38 4.38
N ASN A 1621 41.62 10.06 4.70
CA ASN A 1621 41.30 9.60 6.05
C ASN A 1621 41.94 8.26 6.35
N GLY A 1622 41.79 7.28 5.45
CA GLY A 1622 42.37 5.98 5.64
C GLY A 1622 41.41 4.87 6.05
N GLY A 1623 40.11 5.13 6.06
CA GLY A 1623 39.16 4.05 6.34
C GLY A 1623 37.97 4.40 7.20
N LYS A 1624 37.88 5.64 7.66
CA LYS A 1624 36.75 6.07 8.49
C LYS A 1624 35.97 7.16 7.76
N GLY A 1625 34.64 7.01 7.74
CA GLY A 1625 33.78 8.00 7.14
C GLY A 1625 33.76 7.98 5.63
N PHE A 1626 32.85 8.73 5.03
CA PHE A 1626 32.79 8.81 3.57
C PHE A 1626 32.64 10.23 3.04
N CYS A 1627 32.13 11.18 3.83
CA CYS A 1627 31.97 12.57 3.43
C CYS A 1627 31.23 12.68 2.09
N LYS A 1628 29.93 12.38 2.13
CA LYS A 1628 29.11 12.37 0.93
C LYS A 1628 28.99 13.72 0.27
N LEU A 1629 29.42 14.80 0.94
CA LEU A 1629 29.43 16.11 0.30
C LEU A 1629 30.36 16.12 -0.91
N HIS A 1630 31.54 15.51 -0.78
CA HIS A 1630 32.45 15.37 -1.91
C HIS A 1630 33.02 13.95 -2.02
N ASN A 1631 32.27 12.95 -1.54
CA ASN A 1631 32.50 11.52 -1.72
C ASN A 1631 33.97 11.12 -1.69
N TRP A 1632 34.74 11.71 -0.77
CA TRP A 1632 36.15 11.39 -0.60
C TRP A 1632 36.44 11.16 0.87
N ASN A 1633 37.38 10.24 1.15
CA ASN A 1633 37.75 9.94 2.52
C ASN A 1633 38.59 11.07 3.10
N CYS A 1634 37.95 12.06 3.70
CA CYS A 1634 38.66 13.22 4.21
C CYS A 1634 38.81 13.15 5.73
N VAL A 1635 39.86 13.80 6.22
CA VAL A 1635 40.09 13.97 7.66
C VAL A 1635 39.84 15.43 7.99
N ASN A 1636 38.81 15.69 8.81
CA ASN A 1636 38.46 17.03 9.30
C ASN A 1636 38.57 18.09 8.21
N CYS A 1637 37.81 17.92 7.11
CA CYS A 1637 37.94 18.79 5.96
C CYS A 1637 37.16 20.08 6.16
N ASP A 1638 37.43 20.76 7.25
CA ASP A 1638 36.87 22.08 7.50
C ASP A 1638 37.88 23.05 8.10
N THR A 1639 39.16 22.68 8.18
CA THR A 1639 40.19 23.49 8.80
C THR A 1639 41.39 23.55 7.87
N PHE A 1640 42.02 24.72 7.80
CA PHE A 1640 43.17 24.94 6.95
C PHE A 1640 44.49 24.56 7.64
N CYS A 1641 44.43 23.77 8.71
CA CYS A 1641 45.64 23.32 9.37
C CYS A 1641 46.36 22.28 8.52
N ALA A 1642 47.62 22.02 8.88
CA ALA A 1642 48.43 21.07 8.14
C ALA A 1642 47.87 19.66 8.27
N GLY A 1643 47.95 18.90 7.17
CA GLY A 1643 47.47 17.53 7.15
C GLY A 1643 46.02 17.36 6.76
N SER A 1644 45.27 18.44 6.60
CA SER A 1644 43.87 18.34 6.22
C SER A 1644 43.73 18.13 4.72
N THR A 1645 42.63 17.47 4.34
CA THR A 1645 42.34 17.23 2.94
C THR A 1645 42.01 18.54 2.23
N PHE A 1646 42.57 18.73 1.04
CA PHE A 1646 42.35 19.95 0.26
C PHE A 1646 42.30 19.56 -1.22
N ILE A 1647 41.09 19.48 -1.75
CA ILE A 1647 40.88 19.14 -3.16
C ILE A 1647 40.61 20.41 -3.95
N SER A 1648 41.60 20.86 -4.72
CA SER A 1648 41.44 22.04 -5.55
C SER A 1648 40.68 21.69 -6.84
N ASP A 1649 40.07 22.71 -7.44
CA ASP A 1649 39.27 22.50 -8.64
C ASP A 1649 40.12 21.98 -9.80
N GLU A 1650 41.33 22.55 -9.96
CA GLU A 1650 42.18 22.19 -11.09
C GLU A 1650 42.60 20.72 -11.06
N VAL A 1651 42.80 20.15 -9.89
CA VAL A 1651 43.19 18.74 -9.79
C VAL A 1651 41.99 17.82 -9.53
N ALA A 1652 40.82 18.39 -9.20
CA ALA A 1652 39.66 17.56 -8.91
C ALA A 1652 39.25 16.76 -10.14
N ARG A 1653 39.22 17.40 -11.31
CA ARG A 1653 38.85 16.69 -12.52
C ARG A 1653 39.89 15.66 -12.96
N ASP A 1654 41.17 15.93 -12.72
CA ASP A 1654 42.20 14.95 -13.02
C ASP A 1654 42.07 13.73 -12.10
N LEU A 1655 41.77 13.98 -10.83
CA LEU A 1655 41.57 12.87 -9.89
C LEU A 1655 40.31 12.07 -10.25
N SER A 1656 39.25 12.76 -10.66
CA SER A 1656 38.03 12.10 -11.09
C SER A 1656 38.16 11.45 -12.46
N LEU A 1657 39.26 11.70 -13.17
CA LEU A 1657 39.56 11.00 -14.41
C LEU A 1657 40.46 9.79 -14.19
N GLN A 1658 41.42 9.88 -13.27
CA GLN A 1658 42.20 8.71 -12.88
C GLN A 1658 41.31 7.71 -12.16
N PHE A 1659 40.54 8.17 -11.17
CA PHE A 1659 39.54 7.34 -10.53
C PHE A 1659 38.20 7.52 -11.23
N LYS A 1660 37.73 6.48 -11.89
CA LYS A 1660 36.54 6.57 -12.75
C LYS A 1660 35.28 6.69 -11.89
N ARG A 1661 35.14 7.86 -11.27
CA ARG A 1661 33.95 8.22 -10.52
C ARG A 1661 33.94 9.72 -10.33
N PRO A 1662 32.76 10.35 -10.30
CA PRO A 1662 32.71 11.80 -10.14
C PRO A 1662 33.23 12.24 -8.78
N ILE A 1663 33.94 13.37 -8.76
CA ILE A 1663 34.50 13.94 -7.55
C ILE A 1663 34.20 15.43 -7.55
N ASN A 1664 33.70 15.93 -6.43
CA ASN A 1664 33.36 17.35 -6.33
C ASN A 1664 34.46 18.13 -5.64
N PRO A 1665 34.91 19.23 -6.24
CA PRO A 1665 35.96 20.05 -5.60
C PRO A 1665 35.40 20.80 -4.40
N THR A 1666 36.33 21.30 -3.58
CA THR A 1666 35.97 22.02 -2.37
C THR A 1666 36.20 23.52 -2.45
N ASP A 1667 37.38 23.94 -2.91
CA ASP A 1667 37.71 25.36 -2.96
C ASP A 1667 38.39 25.67 -4.28
N GLN A 1668 38.24 26.92 -4.75
CA GLN A 1668 38.92 27.35 -5.96
C GLN A 1668 40.41 27.54 -5.70
N SER A 1669 41.20 27.45 -6.76
CA SER A 1669 42.66 27.50 -6.63
C SER A 1669 43.12 28.84 -6.10
N SER A 1670 42.64 29.93 -6.68
CA SER A 1670 43.15 31.25 -6.33
C SER A 1670 42.11 32.31 -6.64
N TYR A 1671 42.30 33.50 -6.07
CA TYR A 1671 41.42 34.63 -6.28
C TYR A 1671 42.26 35.88 -6.51
N ILE A 1672 41.65 36.88 -7.14
CA ILE A 1672 42.34 38.12 -7.48
C ILE A 1672 41.96 39.20 -6.50
N VAL A 1673 42.97 39.90 -5.97
CA VAL A 1673 42.72 40.99 -5.03
C VAL A 1673 42.14 42.19 -5.76
N ASP A 1674 41.45 43.06 -5.01
CA ASP A 1674 40.86 44.26 -5.58
C ASP A 1674 41.22 45.53 -4.83
N SER A 1675 41.45 45.49 -3.53
CA SER A 1675 41.76 46.68 -2.76
C SER A 1675 42.57 46.29 -1.52
N VAL A 1676 43.44 47.21 -1.10
CA VAL A 1676 44.28 47.01 0.08
C VAL A 1676 44.27 48.29 0.90
N THR A 1677 44.20 48.13 2.22
CA THR A 1677 44.22 49.27 3.15
C THR A 1677 45.13 48.93 4.32
N VAL A 1678 46.03 49.87 4.66
CA VAL A 1678 46.91 49.67 5.79
C VAL A 1678 46.30 50.32 7.03
N LYS A 1679 46.58 49.73 8.19
CA LYS A 1679 46.04 50.25 9.45
C LYS A 1679 46.88 49.70 10.60
N ASN A 1680 47.42 50.61 11.42
CA ASN A 1680 48.23 50.31 12.61
C ASN A 1680 49.20 49.16 12.40
N GLY A 1681 49.95 49.18 11.31
CA GLY A 1681 50.92 48.14 11.04
C GLY A 1681 50.36 46.86 10.47
N SER A 1682 49.09 46.85 10.04
CA SER A 1682 48.48 45.67 9.46
C SER A 1682 47.90 46.05 8.10
N ILE A 1683 47.84 45.06 7.22
CA ILE A 1683 47.36 45.26 5.85
C ILE A 1683 46.21 44.30 5.59
N HIS A 1684 45.13 44.83 5.02
CA HIS A 1684 43.95 44.04 4.68
C HIS A 1684 43.87 43.85 3.18
N LEU A 1685 43.61 42.62 2.76
CA LEU A 1685 43.48 42.27 1.34
C LEU A 1685 42.04 41.88 1.06
N TYR A 1686 41.40 42.59 0.13
CA TYR A 1686 40.00 42.37 -0.20
C TYR A 1686 39.87 41.58 -1.49
N PHE A 1687 39.02 40.55 -1.45
CA PHE A 1687 38.76 39.74 -2.63
C PHE A 1687 37.35 39.18 -2.53
N ASP A 1688 36.80 38.81 -3.68
CA ASP A 1688 35.45 38.27 -3.73
C ASP A 1688 35.45 36.78 -3.40
N LYS A 1689 34.32 36.31 -2.87
CA LYS A 1689 34.17 34.91 -2.50
C LYS A 1689 32.72 34.51 -2.73
N ALA A 1690 32.45 33.84 -3.86
CA ALA A 1690 31.12 33.35 -4.21
C ALA A 1690 30.08 34.47 -4.21
N GLY A 1691 30.48 35.65 -4.65
CA GLY A 1691 29.59 36.79 -4.71
C GLY A 1691 29.54 37.65 -3.47
N GLN A 1692 30.27 37.30 -2.42
CA GLN A 1692 30.33 38.09 -1.20
C GLN A 1692 31.69 38.74 -1.06
N LYS A 1693 31.68 40.01 -0.67
CA LYS A 1693 32.93 40.76 -0.52
C LYS A 1693 33.55 40.47 0.84
N THR A 1694 34.75 39.91 0.84
CA THR A 1694 35.43 39.54 2.07
C THR A 1694 36.81 40.20 2.08
N TYR A 1695 37.56 39.94 3.15
CA TYR A 1695 38.90 40.50 3.31
C TYR A 1695 39.77 39.52 4.09
N GLU A 1696 41.06 39.81 4.14
CA GLU A 1696 42.01 39.02 4.90
C GLU A 1696 43.16 39.92 5.33
N ARG A 1697 43.71 39.65 6.52
CA ARG A 1697 44.72 40.50 7.13
C ARG A 1697 46.02 39.72 7.31
N HIS A 1698 47.14 40.44 7.18
CA HIS A 1698 48.46 39.86 7.37
C HIS A 1698 49.39 40.93 7.91
N SER A 1699 50.57 40.49 8.35
CA SER A 1699 51.57 41.40 8.89
C SER A 1699 52.31 42.10 7.76
N LEU A 1700 52.72 43.36 8.02
CA LEU A 1700 53.43 44.14 7.01
C LEU A 1700 54.90 43.77 6.91
N SER A 1701 55.42 42.96 7.85
CA SER A 1701 56.85 42.64 7.84
C SER A 1701 57.22 41.77 6.65
N HIS A 1702 56.27 41.01 6.10
CA HIS A 1702 56.59 40.11 5.00
C HIS A 1702 56.75 40.86 3.68
N PHE A 1703 56.27 42.09 3.60
CA PHE A 1703 56.30 42.86 2.36
C PHE A 1703 57.55 43.72 2.22
N VAL A 1704 58.52 43.60 3.13
CA VAL A 1704 59.72 44.42 3.03
C VAL A 1704 60.54 44.10 1.78
N ASN A 1705 60.55 42.83 1.35
CA ASN A 1705 61.31 42.44 0.16
C ASN A 1705 60.40 41.60 -0.74
N LEU A 1706 60.01 42.18 -1.87
CA LEU A 1706 59.11 41.48 -2.80
C LEU A 1706 59.83 40.40 -3.61
N ASP A 1707 61.14 40.55 -3.84
CA ASP A 1707 61.85 39.65 -4.74
C ASP A 1707 61.91 38.21 -4.25
N ASN A 1708 61.96 37.98 -2.93
CA ASN A 1708 62.01 36.60 -2.44
C ASN A 1708 60.62 35.96 -2.43
N LEU A 1709 59.58 36.74 -2.72
CA LEU A 1709 58.21 36.23 -2.71
C LEU A 1709 57.62 36.09 -4.11
N ARG A 1710 58.11 36.88 -5.08
CA ARG A 1710 57.48 36.90 -6.39
C ARG A 1710 57.72 35.61 -7.15
N ALA A 1711 56.66 35.14 -7.83
CA ALA A 1711 56.69 34.01 -8.75
C ALA A 1711 57.47 32.82 -8.24
N ASN A 1712 58.23 32.17 -9.12
CA ASN A 1712 59.02 30.98 -8.78
C ASN A 1712 60.39 31.43 -8.28
N ASN A 1713 60.51 31.48 -6.96
CA ASN A 1713 61.76 31.87 -6.33
C ASN A 1713 62.76 30.72 -6.38
N THR A 1714 64.02 31.04 -6.07
CA THR A 1714 65.07 30.03 -6.05
C THR A 1714 64.85 28.99 -4.94
N LYS A 1715 64.34 29.44 -3.78
CA LYS A 1715 64.11 28.51 -2.68
C LYS A 1715 63.02 27.49 -3.03
N GLY A 1716 61.99 27.91 -3.75
CA GLY A 1716 60.90 27.03 -4.11
C GLY A 1716 59.79 26.93 -3.10
N SER A 1717 59.80 27.78 -2.07
CA SER A 1717 58.76 27.78 -1.05
C SER A 1717 58.30 29.21 -0.79
N LEU A 1718 57.06 29.35 -0.35
CA LEU A 1718 56.49 30.66 -0.07
C LEU A 1718 56.39 30.89 1.43
N PRO A 1719 56.77 32.06 1.92
CA PRO A 1719 56.70 32.33 3.37
C PRO A 1719 55.30 32.73 3.83
N ILE A 1720 54.51 33.28 2.91
CA ILE A 1720 53.17 33.77 3.24
C ILE A 1720 52.22 33.35 2.12
N ASN A 1721 50.94 33.63 2.30
CA ASN A 1721 49.89 33.09 1.44
C ASN A 1721 49.66 33.91 0.17
N VAL A 1722 50.38 35.02 0.01
CA VAL A 1722 50.16 35.94 -1.10
C VAL A 1722 51.29 35.79 -2.12
N ILE A 1723 51.02 36.27 -3.33
CA ILE A 1723 51.99 36.25 -4.42
C ILE A 1723 51.87 37.56 -5.18
N VAL A 1724 52.99 38.00 -5.75
CA VAL A 1724 53.07 39.28 -6.44
C VAL A 1724 53.52 39.04 -7.88
N PHE A 1725 52.85 39.70 -8.81
CA PHE A 1725 53.18 39.58 -10.23
C PHE A 1725 52.92 40.91 -10.93
N ASP A 1726 53.53 41.06 -12.10
CA ASP A 1726 53.31 42.25 -12.91
C ASP A 1726 52.09 42.06 -13.78
N GLY A 1727 51.14 43.00 -13.70
CA GLY A 1727 49.90 42.86 -14.45
C GLY A 1727 50.03 43.14 -15.94
N LYS A 1728 51.03 43.92 -16.35
CA LYS A 1728 51.21 44.24 -17.76
C LYS A 1728 51.77 43.05 -18.54
N SER A 1729 52.73 42.34 -17.96
CA SER A 1729 53.38 41.22 -18.63
C SER A 1729 52.45 40.02 -18.59
N LYS A 1730 52.06 39.53 -19.77
CA LYS A 1730 51.20 38.38 -19.90
C LYS A 1730 51.87 37.11 -19.37
N CYS A 1731 53.17 36.96 -19.67
CA CYS A 1731 53.89 35.76 -19.27
C CYS A 1731 53.98 35.63 -17.76
N GLU A 1732 54.23 36.73 -17.05
CA GLU A 1732 54.29 36.69 -15.60
C GLU A 1732 52.95 36.27 -15.00
N GLU A 1733 51.86 36.82 -15.53
CA GLU A 1733 50.53 36.45 -15.05
C GLU A 1733 50.24 34.98 -15.31
N SER A 1734 50.61 34.49 -16.50
CA SER A 1734 50.39 33.08 -16.82
C SER A 1734 51.20 32.17 -15.92
N SER A 1735 52.46 32.54 -15.65
CA SER A 1735 53.30 31.73 -14.77
C SER A 1735 52.74 31.72 -13.35
N ALA A 1736 52.27 32.88 -12.87
CA ALA A 1736 51.67 32.93 -11.54
C ALA A 1736 50.42 32.07 -11.47
N LYS A 1737 49.58 32.12 -12.51
CA LYS A 1737 48.37 31.30 -12.54
C LYS A 1737 48.73 29.81 -12.52
N SER A 1738 49.76 29.43 -13.29
CA SER A 1738 50.17 28.03 -13.33
C SER A 1738 50.72 27.57 -11.98
N ALA A 1739 51.52 28.42 -11.33
CA ALA A 1739 52.13 28.02 -10.06
C ALA A 1739 51.16 28.12 -8.90
N SER A 1740 50.03 28.80 -9.10
CA SER A 1740 49.07 28.98 -8.02
C SER A 1740 48.53 27.65 -7.52
N VAL A 1741 48.19 26.74 -8.44
CA VAL A 1741 47.62 25.45 -8.03
C VAL A 1741 48.67 24.63 -7.28
N TYR A 1742 49.91 24.63 -7.77
CA TYR A 1742 50.96 23.87 -7.09
C TYR A 1742 51.22 24.41 -5.69
N TYR A 1743 51.26 25.72 -5.54
CA TYR A 1743 51.54 26.29 -4.22
C TYR A 1743 50.33 26.22 -3.30
N SER A 1744 49.12 26.11 -3.87
CA SER A 1744 47.93 25.90 -3.04
C SER A 1744 47.70 24.44 -2.70
N GLN A 1745 48.39 23.52 -3.39
CA GLN A 1745 48.35 22.11 -3.03
C GLN A 1745 49.51 21.68 -2.14
N LEU A 1746 50.66 22.34 -2.24
CA LEU A 1746 51.76 22.04 -1.33
C LEU A 1746 51.39 22.38 0.11
N MET A 1747 50.74 23.51 0.33
CA MET A 1747 50.20 23.88 1.63
C MET A 1747 48.73 24.22 1.47
N CYS A 1748 47.95 23.97 2.52
CA CYS A 1748 46.50 24.13 2.46
C CYS A 1748 46.14 25.62 2.28
N GLN A 1749 44.85 25.86 2.07
CA GLN A 1749 44.21 27.16 1.93
C GLN A 1749 44.57 27.80 0.58
N PRO A 1750 43.67 28.58 0.00
CA PRO A 1750 43.94 29.15 -1.34
C PRO A 1750 45.01 30.23 -1.30
N ILE A 1751 45.47 30.62 -2.48
CA ILE A 1751 46.51 31.62 -2.67
C ILE A 1751 45.89 32.90 -3.20
N LEU A 1752 46.27 34.02 -2.62
CA LEU A 1752 45.79 35.33 -3.03
C LEU A 1752 46.81 35.99 -3.94
N LEU A 1753 46.35 36.52 -5.07
CA LEU A 1753 47.22 37.15 -6.06
C LEU A 1753 47.22 38.67 -5.85
N LEU A 1754 48.40 39.25 -5.81
CA LEU A 1754 48.58 40.69 -5.64
C LEU A 1754 49.24 41.29 -6.86
N ASP A 1755 48.69 42.42 -7.32
CA ASP A 1755 49.30 43.17 -8.40
C ASP A 1755 50.41 44.06 -7.85
N GLN A 1756 51.55 44.06 -8.53
CA GLN A 1756 52.71 44.82 -8.06
C GLN A 1756 52.47 46.32 -8.06
N ALA A 1757 51.76 46.84 -9.08
CA ALA A 1757 51.51 48.28 -9.16
C ALA A 1757 50.64 48.76 -8.01
N LEU A 1758 49.65 47.96 -7.61
CA LEU A 1758 48.73 48.33 -6.54
C LEU A 1758 49.46 48.52 -5.22
N VAL A 1759 50.38 47.60 -4.89
CA VAL A 1759 51.06 47.64 -3.60
C VAL A 1759 52.37 48.42 -3.67
N SER A 1760 52.81 48.80 -4.87
CA SER A 1760 54.06 49.54 -5.02
C SER A 1760 54.00 50.91 -4.35
N ASP A 1761 52.87 51.60 -4.50
CA ASP A 1761 52.73 52.98 -4.02
C ASP A 1761 52.43 53.07 -2.53
N VAL A 1762 52.03 51.97 -1.89
CA VAL A 1762 51.71 52.05 -0.46
C VAL A 1762 52.97 51.98 0.39
N GLY A 1763 54.10 51.59 -0.20
CA GLY A 1763 55.35 51.51 0.52
C GLY A 1763 56.38 52.50 0.06
N PRO B 1403 21.98 3.79 93.45
CA PRO B 1403 21.58 3.29 92.13
C PRO B 1403 20.93 1.91 92.20
N ASN B 1404 20.34 1.48 91.09
CA ASN B 1404 19.68 0.18 91.02
C ASN B 1404 20.56 -0.91 90.41
N PHE B 1405 21.85 -0.63 90.20
CA PHE B 1405 22.74 -1.62 89.59
C PHE B 1405 22.86 -2.86 90.46
N SER B 1406 23.01 -2.68 91.78
CA SER B 1406 23.14 -3.81 92.68
C SER B 1406 21.88 -4.66 92.68
N LYS B 1407 20.71 -4.02 92.69
CA LYS B 1407 19.45 -4.75 92.72
C LYS B 1407 19.26 -5.57 91.44
N LEU B 1408 19.54 -4.98 90.28
CA LEU B 1408 19.38 -5.72 89.04
C LEU B 1408 20.42 -6.84 88.91
N ILE B 1409 21.64 -6.61 89.40
CA ILE B 1409 22.64 -7.67 89.41
C ILE B 1409 22.19 -8.83 90.29
N ASN B 1410 21.62 -8.52 91.46
CA ASN B 1410 21.12 -9.56 92.35
C ASN B 1410 19.96 -10.31 91.70
N ILE B 1411 19.08 -9.60 91.00
CA ILE B 1411 17.96 -10.25 90.32
C ILE B 1411 18.46 -11.18 89.22
N ILE B 1412 19.46 -10.74 88.45
CA ILE B 1412 20.04 -11.59 87.40
C ILE B 1412 20.69 -12.82 88.03
N ILE B 1413 21.40 -12.64 89.14
CA ILE B 1413 22.02 -13.77 89.83
C ILE B 1413 20.96 -14.75 90.32
N TRP B 1414 19.85 -14.24 90.84
CA TRP B 1414 18.77 -15.10 91.30
C TRP B 1414 18.16 -15.89 90.14
N PHE B 1415 17.95 -15.23 89.00
CA PHE B 1415 17.43 -15.92 87.82
C PHE B 1415 18.38 -17.01 87.36
N LEU B 1416 19.67 -16.70 87.30
CA LEU B 1416 20.66 -17.70 86.89
C LEU B 1416 20.68 -18.87 87.87
N LEU B 1417 20.62 -18.57 89.17
CA LEU B 1417 20.65 -19.62 90.18
C LEU B 1417 19.44 -20.54 90.06
N LEU B 1418 18.25 -19.96 89.89
CA LEU B 1418 17.05 -20.79 89.77
C LEU B 1418 17.08 -21.63 88.50
N SER B 1419 17.52 -21.03 87.38
CA SER B 1419 17.60 -21.80 86.14
C SER B 1419 18.60 -22.95 86.26
N VAL B 1420 19.77 -22.68 86.84
CA VAL B 1420 20.78 -23.72 86.99
C VAL B 1420 20.29 -24.82 87.92
N CYS B 1421 19.66 -24.44 89.03
CA CYS B 1421 19.17 -25.44 89.97
C CYS B 1421 18.09 -26.32 89.35
N LEU B 1422 17.15 -25.71 88.62
CA LEU B 1422 16.10 -26.49 87.97
C LEU B 1422 16.70 -27.43 86.91
N GLY B 1423 17.62 -26.92 86.10
CA GLY B 1423 18.25 -27.77 85.10
C GLY B 1423 19.03 -28.91 85.72
N SER B 1424 19.77 -28.64 86.79
CA SER B 1424 20.53 -29.69 87.47
C SER B 1424 19.60 -30.73 88.08
N LEU B 1425 18.49 -30.29 88.69
CA LEU B 1425 17.53 -31.24 89.24
C LEU B 1425 16.93 -32.12 88.15
N ILE B 1426 16.56 -31.53 87.01
CA ILE B 1426 16.00 -32.31 85.92
C ILE B 1426 17.01 -33.32 85.40
N TYR B 1427 18.26 -32.87 85.20
CA TYR B 1427 19.32 -33.76 84.71
C TYR B 1427 19.58 -34.89 85.69
N SER B 1428 19.62 -34.58 86.99
CA SER B 1428 19.85 -35.61 87.99
C SER B 1428 18.72 -36.61 88.03
N THR B 1429 17.47 -36.14 87.93
CA THR B 1429 16.33 -37.06 87.90
C THR B 1429 16.39 -37.97 86.68
N ALA B 1430 16.71 -37.40 85.51
CA ALA B 1430 16.80 -38.22 84.30
C ALA B 1430 17.93 -39.26 84.41
N ALA B 1431 19.08 -38.85 84.93
CA ALA B 1431 20.20 -39.77 85.09
C ALA B 1431 19.85 -40.89 86.07
N LEU B 1432 19.21 -40.53 87.19
CA LEU B 1432 18.79 -41.54 88.16
C LEU B 1432 17.78 -42.51 87.54
N GLY B 1433 16.84 -41.98 86.77
CA GLY B 1433 15.84 -42.83 86.13
C GLY B 1433 16.47 -43.81 85.15
N VAL B 1434 17.37 -43.33 84.30
CA VAL B 1434 17.99 -44.21 83.31
C VAL B 1434 18.90 -45.22 83.99
N LEU B 1435 19.62 -44.80 85.04
CA LEU B 1435 20.48 -45.74 85.76
C LEU B 1435 19.68 -46.83 86.45
N MET B 1436 18.55 -46.46 87.06
CA MET B 1436 17.71 -47.46 87.71
C MET B 1436 17.03 -48.36 86.69
N SER B 1437 16.67 -47.83 85.53
CA SER B 1437 16.13 -48.68 84.46
C SER B 1437 17.17 -49.68 83.99
N ASN B 1438 18.43 -49.26 83.86
CA ASN B 1438 19.50 -50.20 83.54
C ASN B 1438 19.71 -51.23 84.65
N LEU B 1439 19.61 -50.81 85.91
CA LEU B 1439 19.75 -51.70 87.05
C LEU B 1439 18.45 -52.40 87.42
N GLY B 1440 17.35 -52.13 86.71
CA GLY B 1440 16.09 -52.75 87.04
C GLY B 1440 15.49 -52.32 88.37
N MET B 1441 15.53 -51.03 88.67
CA MET B 1441 14.97 -50.50 89.91
C MET B 1441 13.89 -49.48 89.61
N PRO B 1442 12.86 -49.38 90.46
CA PRO B 1442 11.81 -48.39 90.23
C PRO B 1442 12.35 -46.97 90.34
N SER B 1443 11.79 -46.08 89.52
CA SER B 1443 12.23 -44.69 89.46
C SER B 1443 11.01 -43.78 89.38
N TYR B 1444 11.28 -42.47 89.37
CA TYR B 1444 10.21 -41.48 89.31
C TYR B 1444 9.43 -41.58 88.00
N CYS B 1445 10.14 -41.77 86.89
CA CYS B 1445 9.50 -41.80 85.58
C CYS B 1445 9.13 -43.21 85.13
N THR B 1446 9.35 -44.24 85.96
CA THR B 1446 8.95 -45.59 85.58
C THR B 1446 7.44 -45.67 85.41
N GLY B 1447 6.69 -45.08 86.35
CA GLY B 1447 5.24 -45.04 86.21
C GLY B 1447 4.78 -44.25 85.00
N TYR B 1448 5.46 -43.14 84.70
CA TYR B 1448 5.13 -42.38 83.50
C TYR B 1448 5.36 -43.20 82.24
N ARG B 1449 6.48 -43.94 82.18
CA ARG B 1449 6.75 -44.78 81.02
C ARG B 1449 5.69 -45.87 80.89
N GLU B 1450 5.32 -46.51 82.00
CA GLU B 1450 4.29 -47.55 81.95
C GLU B 1450 2.96 -46.97 81.49
N GLY B 1451 2.58 -45.79 82.00
CA GLY B 1451 1.35 -45.17 81.56
C GLY B 1451 1.38 -44.81 80.08
N TYR B 1452 2.48 -44.24 79.60
CA TYR B 1452 2.60 -43.90 78.19
C TYR B 1452 2.52 -45.16 77.32
N LEU B 1453 3.06 -46.27 77.82
CA LEU B 1453 2.88 -47.55 77.12
C LEU B 1453 1.42 -47.97 77.12
N ASN B 1454 0.70 -47.70 78.21
CA ASN B 1454 -0.69 -48.15 78.32
C ASN B 1454 -1.71 -47.11 77.89
N SER B 1455 -1.41 -45.83 78.05
CA SER B 1455 -2.39 -44.80 77.75
C SER B 1455 -2.58 -44.65 76.24
N THR B 1456 -3.70 -44.04 75.86
CA THR B 1456 -4.02 -43.81 74.46
C THR B 1456 -3.39 -42.54 73.92
N ASN B 1457 -2.76 -41.71 74.77
CA ASN B 1457 -2.11 -40.48 74.33
C ASN B 1457 -0.77 -40.86 73.68
N VAL B 1458 -0.83 -41.09 72.37
CA VAL B 1458 0.37 -41.47 71.62
C VAL B 1458 1.37 -40.32 71.61
N THR B 1459 0.90 -39.08 71.54
CA THR B 1459 1.75 -37.90 71.53
C THR B 1459 2.30 -37.67 72.93
N ILE B 1460 3.62 -37.51 73.03
CA ILE B 1460 4.25 -37.28 74.33
C ILE B 1460 3.86 -35.91 74.88
N ALA B 1461 3.71 -34.92 74.00
CA ALA B 1461 3.39 -33.57 74.44
C ALA B 1461 2.04 -33.51 75.15
N THR B 1462 1.04 -34.23 74.63
CA THR B 1462 -0.27 -34.22 75.28
C THR B 1462 -0.31 -35.17 76.47
N TYR B 1463 0.70 -36.02 76.62
CA TYR B 1463 0.71 -36.97 77.72
C TYR B 1463 0.89 -36.29 79.07
N CYS B 1464 1.84 -35.35 79.16
CA CYS B 1464 2.10 -34.62 80.40
C CYS B 1464 1.81 -33.13 80.22
N THR B 1465 1.07 -32.77 79.18
CA THR B 1465 0.75 -31.37 78.87
C THR B 1465 2.03 -30.53 78.74
N GLY B 1466 3.06 -31.12 78.13
CA GLY B 1466 4.28 -30.39 77.87
C GLY B 1466 5.19 -30.17 79.06
N SER B 1467 5.11 -31.01 80.09
CA SER B 1467 5.96 -30.84 81.25
C SER B 1467 7.42 -31.15 80.91
N ILE B 1468 8.33 -30.46 81.59
CA ILE B 1468 9.76 -30.61 81.40
C ILE B 1468 10.23 -32.04 81.74
N PRO B 1469 9.84 -32.63 82.90
CA PRO B 1469 10.36 -33.97 83.23
C PRO B 1469 10.03 -35.03 82.18
N CYS B 1470 8.78 -35.04 81.70
CA CYS B 1470 8.40 -36.01 80.69
C CYS B 1470 9.12 -35.73 79.37
N SER B 1471 9.32 -34.45 79.05
CA SER B 1471 10.07 -34.09 77.85
C SER B 1471 11.52 -34.53 77.94
N VAL B 1472 12.08 -34.61 79.14
CA VAL B 1472 13.47 -35.05 79.34
C VAL B 1472 13.55 -36.54 79.62
N CYS B 1473 12.75 -37.03 80.55
CA CYS B 1473 12.73 -38.46 80.88
C CYS B 1473 11.78 -39.21 79.95
N LEU B 1474 11.41 -40.44 80.35
CA LEU B 1474 10.49 -41.27 79.58
C LEU B 1474 11.11 -41.70 78.25
N SER B 1475 12.38 -42.12 78.31
CA SER B 1475 13.10 -42.68 77.17
C SER B 1475 13.00 -41.81 75.93
N GLY B 1476 12.14 -42.21 75.00
CA GLY B 1476 12.00 -41.54 73.73
C GLY B 1476 12.45 -42.34 72.52
N LEU B 1477 12.42 -43.67 72.58
CA LEU B 1477 12.86 -44.49 71.45
C LEU B 1477 12.00 -44.26 70.21
N ASP B 1478 10.68 -44.23 70.39
CA ASP B 1478 9.76 -44.02 69.29
C ASP B 1478 8.66 -43.07 69.73
N SER B 1479 8.36 -42.09 68.88
CA SER B 1479 7.32 -41.11 69.19
C SER B 1479 6.85 -40.47 67.89
N LEU B 1480 5.55 -40.21 67.79
CA LEU B 1480 4.99 -39.56 66.60
C LEU B 1480 5.39 -38.08 66.56
N ASP B 1481 5.90 -37.57 67.68
CA ASP B 1481 6.37 -36.20 67.74
C ASP B 1481 7.62 -35.95 66.90
N THR B 1482 8.32 -37.02 66.51
CA THR B 1482 9.57 -36.91 65.77
C THR B 1482 9.34 -37.31 64.30
N TYR B 1483 10.46 -37.41 63.56
CA TYR B 1483 10.52 -37.78 62.16
C TYR B 1483 9.97 -36.66 61.28
N PRO B 1484 10.74 -36.20 60.28
CA PRO B 1484 10.21 -35.17 59.38
C PRO B 1484 9.03 -35.64 58.55
N SER B 1485 8.85 -36.95 58.40
CA SER B 1485 7.77 -37.48 57.59
C SER B 1485 6.43 -37.34 58.32
N LEU B 1486 5.39 -37.94 57.75
CA LEU B 1486 4.03 -37.91 58.28
C LEU B 1486 3.48 -36.50 58.39
N GLU B 1487 3.98 -35.58 57.56
CA GLU B 1487 3.52 -34.20 57.55
C GLU B 1487 3.64 -33.66 56.13
N THR B 1488 2.77 -32.72 55.80
CA THR B 1488 2.74 -32.13 54.48
C THR B 1488 2.68 -30.61 54.59
N ILE B 1489 3.17 -29.94 53.55
CA ILE B 1489 3.19 -28.48 53.48
C ILE B 1489 2.50 -28.07 52.18
N GLN B 1490 1.52 -27.19 52.30
CA GLN B 1490 0.79 -26.74 51.12
C GLN B 1490 1.64 -25.78 50.29
N ILE B 1491 1.59 -25.96 48.98
CA ILE B 1491 2.32 -25.13 48.04
C ILE B 1491 1.35 -24.62 46.98
N THR B 1492 1.48 -23.34 46.65
CA THR B 1492 0.58 -22.71 45.69
C THR B 1492 1.35 -21.91 44.65
N ILE B 1493 1.22 -22.33 43.38
CA ILE B 1493 1.75 -21.64 42.20
C ILE B 1493 3.22 -21.27 42.37
N SER B 1494 3.71 -20.37 41.51
CA SER B 1494 5.11 -19.98 41.44
C SER B 1494 5.39 -18.78 42.34
N SER B 1495 6.54 -18.16 42.10
CA SER B 1495 7.01 -17.00 42.85
C SER B 1495 7.20 -17.33 44.32
N PHE B 1496 8.12 -18.25 44.61
CA PHE B 1496 8.44 -18.60 46.00
C PHE B 1496 9.21 -17.50 46.71
N LYS B 1497 10.03 -16.73 45.99
CA LYS B 1497 10.88 -15.70 46.57
C LYS B 1497 11.78 -16.28 47.67
N TRP B 1498 12.61 -17.24 47.28
CA TRP B 1498 13.52 -17.91 48.19
C TRP B 1498 14.95 -17.73 47.71
N ASP B 1499 15.90 -17.98 48.62
CA ASP B 1499 17.31 -17.73 48.35
C ASP B 1499 17.81 -18.55 47.17
N LEU B 1500 17.79 -19.88 47.31
CA LEU B 1500 18.38 -20.74 46.29
C LEU B 1500 17.65 -20.65 44.96
N THR B 1501 16.35 -20.33 44.99
CA THR B 1501 15.57 -20.28 43.75
C THR B 1501 15.65 -18.93 43.06
N ALA B 1502 16.26 -17.92 43.66
CA ALA B 1502 16.31 -16.59 43.05
C ALA B 1502 17.74 -16.06 42.96
N PHE B 1503 18.57 -16.37 43.96
CA PHE B 1503 19.94 -15.86 43.97
C PHE B 1503 20.75 -16.43 42.82
N GLY B 1504 20.42 -17.64 42.37
CA GLY B 1504 21.14 -18.22 41.24
C GLY B 1504 20.98 -17.43 39.96
N LEU B 1505 19.75 -16.99 39.67
CA LEU B 1505 19.52 -16.21 38.47
C LEU B 1505 20.24 -14.86 38.54
N VAL B 1506 20.22 -14.22 39.71
CA VAL B 1506 20.93 -12.95 39.87
C VAL B 1506 22.43 -13.15 39.71
N ALA B 1507 22.97 -14.23 40.27
CA ALA B 1507 24.39 -14.51 40.12
C ALA B 1507 24.76 -14.76 38.67
N GLU B 1508 23.91 -15.49 37.93
CA GLU B 1508 24.15 -15.72 36.51
C GLU B 1508 24.11 -14.41 35.72
N TRP B 1509 23.15 -13.54 36.04
CA TRP B 1509 23.08 -12.24 35.38
C TRP B 1509 24.32 -11.41 35.65
N PHE B 1510 24.80 -11.41 36.90
CA PHE B 1510 26.00 -10.66 37.24
C PHE B 1510 27.22 -11.23 36.52
N LEU B 1511 27.32 -12.56 36.46
CA LEU B 1511 28.44 -13.19 35.77
C LEU B 1511 28.40 -12.90 34.27
N ALA B 1512 27.20 -12.72 33.73
CA ALA B 1512 27.08 -12.42 32.30
C ALA B 1512 27.77 -11.12 31.93
N TYR B 1513 27.80 -10.16 32.86
CA TYR B 1513 28.46 -8.89 32.56
C TYR B 1513 29.97 -9.03 32.53
N ILE B 1514 30.51 -10.04 33.23
CA ILE B 1514 31.96 -10.25 33.24
C ILE B 1514 32.46 -10.58 31.84
N LEU B 1515 31.75 -11.48 31.15
CA LEU B 1515 32.08 -11.84 29.77
C LEU B 1515 31.37 -10.90 28.79
N PHE B 1516 31.74 -9.63 28.89
CA PHE B 1516 31.08 -8.60 28.08
C PHE B 1516 31.45 -8.74 26.61
N THR B 1517 30.50 -8.40 25.74
CA THR B 1517 30.71 -8.41 24.31
C THR B 1517 29.75 -7.42 23.67
N ARG B 1518 29.92 -7.21 22.36
CA ARG B 1518 29.08 -6.26 21.65
C ARG B 1518 27.64 -6.74 21.54
N PHE B 1519 27.41 -8.04 21.68
CA PHE B 1519 26.06 -8.59 21.57
C PHE B 1519 25.31 -8.58 22.90
N PHE B 1520 25.91 -8.06 23.97
CA PHE B 1520 25.22 -8.01 25.26
C PHE B 1520 23.97 -7.13 25.19
N TYR B 1521 24.01 -6.07 24.39
CA TYR B 1521 22.84 -5.20 24.24
C TYR B 1521 21.67 -5.92 23.60
N VAL B 1522 21.93 -6.91 22.74
CA VAL B 1522 20.83 -7.69 22.15
C VAL B 1522 20.08 -8.44 23.24
N LEU B 1523 20.81 -9.10 24.14
CA LEU B 1523 20.17 -9.79 25.26
C LEU B 1523 19.50 -8.81 26.19
N GLY B 1524 20.11 -7.64 26.40
CA GLY B 1524 19.49 -6.63 27.25
C GLY B 1524 18.15 -6.15 26.71
N LEU B 1525 18.07 -5.94 25.39
CA LEU B 1525 16.82 -5.55 24.77
C LEU B 1525 15.81 -6.70 24.77
N ALA B 1526 16.29 -7.94 24.57
CA ALA B 1526 15.39 -9.09 24.59
C ALA B 1526 14.76 -9.27 25.97
N ALA B 1527 15.54 -9.01 27.03
CA ALA B 1527 15.00 -9.11 28.38
C ALA B 1527 13.89 -8.09 28.60
N ILE B 1528 14.06 -6.87 28.11
CA ILE B 1528 13.01 -5.86 28.22
C ILE B 1528 11.78 -6.27 27.41
N MET B 1529 12.01 -6.79 26.21
CA MET B 1529 10.91 -7.21 25.35
C MET B 1529 10.10 -8.33 25.99
N GLN B 1530 10.79 -9.29 26.62
CA GLN B 1530 10.09 -10.42 27.22
C GLN B 1530 9.12 -9.95 28.32
N LEU B 1531 9.55 -9.02 29.16
CA LEU B 1531 8.71 -8.53 30.23
C LEU B 1531 7.63 -7.57 29.71
N PHE B 1532 7.95 -6.82 28.66
CA PHE B 1532 7.01 -5.81 28.16
C PHE B 1532 5.74 -6.46 27.63
N PHE B 1533 5.87 -7.50 26.82
CA PHE B 1533 4.70 -8.18 26.29
C PHE B 1533 4.26 -9.31 27.21
N SER B 1534 4.10 -9.00 28.50
CA SER B 1534 3.54 -9.95 29.46
C SER B 1534 2.40 -9.29 30.22
N TYR B 1535 2.57 -8.01 30.54
CA TYR B 1535 1.53 -7.19 31.16
C TYR B 1535 0.79 -6.33 30.16
N PHE B 1536 1.06 -6.52 28.87
CA PHE B 1536 0.51 -5.69 27.81
C PHE B 1536 0.37 -6.58 26.58
N ALA B 1537 0.28 -5.93 25.41
CA ALA B 1537 0.26 -6.62 24.12
C ALA B 1537 -1.02 -7.46 24.04
N VAL B 1538 -0.89 -8.72 23.61
CA VAL B 1538 -1.98 -9.65 23.30
C VAL B 1538 -3.09 -8.91 22.54
N HIS B 1539 -2.69 -7.96 21.71
CA HIS B 1539 -3.60 -7.08 21.00
C HIS B 1539 -3.01 -6.69 19.64
N PHE B 1540 -3.54 -5.62 19.05
CA PHE B 1540 -3.02 -4.99 17.83
C PHE B 1540 -3.42 -5.78 16.60
N ILE B 1541 -4.32 -6.75 16.78
CA ILE B 1541 -4.97 -7.52 15.72
C ILE B 1541 -4.01 -8.04 14.65
N SER B 1542 -4.55 -8.38 13.49
CA SER B 1542 -3.82 -9.07 12.43
C SER B 1542 -3.09 -8.08 11.54
N ASN B 1543 -2.69 -8.56 10.35
CA ASN B 1543 -2.00 -7.81 9.30
C ASN B 1543 -0.54 -7.58 9.65
N SER B 1544 0.28 -7.29 8.62
CA SER B 1544 1.73 -7.16 8.72
C SER B 1544 2.38 -8.48 9.16
N TRP B 1545 3.69 -8.59 8.97
CA TRP B 1545 4.40 -9.81 9.37
C TRP B 1545 5.70 -9.55 10.14
N LEU B 1546 6.31 -8.37 10.02
CA LEU B 1546 7.54 -8.10 10.76
C LEU B 1546 7.28 -8.02 12.26
N MET B 1547 6.18 -7.37 12.64
CA MET B 1547 5.85 -7.23 14.06
C MET B 1547 5.61 -8.60 14.70
N TRP B 1548 4.84 -9.44 14.02
CA TRP B 1548 4.58 -10.78 14.55
C TRP B 1548 5.84 -11.63 14.57
N LEU B 1549 6.71 -11.48 13.58
CA LEU B 1549 7.99 -12.20 13.60
C LEU B 1549 8.83 -11.79 14.79
N ILE B 1550 8.90 -10.48 15.07
CA ILE B 1550 9.65 -10.00 16.22
C ILE B 1550 9.03 -10.52 17.52
N ILE B 1551 7.70 -10.52 17.60
CA ILE B 1551 7.02 -11.00 18.80
C ILE B 1551 7.31 -12.47 19.02
N ASN B 1552 7.29 -13.27 17.96
CA ASN B 1552 7.62 -14.68 18.09
C ASN B 1552 9.08 -14.87 18.50
N LEU B 1553 9.99 -14.07 17.94
CA LEU B 1553 11.41 -14.22 18.26
C LEU B 1553 11.69 -13.88 19.71
N VAL B 1554 11.09 -12.79 20.22
CA VAL B 1554 11.41 -12.37 21.58
C VAL B 1554 10.82 -13.34 22.60
N GLN B 1555 9.68 -13.96 22.30
CA GLN B 1555 9.04 -14.91 23.20
C GLN B 1555 9.45 -16.35 22.93
N MET B 1556 10.63 -16.57 22.34
CA MET B 1556 11.03 -17.94 21.98
C MET B 1556 11.32 -18.77 23.21
N ALA B 1557 12.09 -18.25 24.15
CA ALA B 1557 12.56 -19.01 25.29
C ALA B 1557 12.52 -18.14 26.54
N PRO B 1558 12.49 -18.74 27.73
CA PRO B 1558 12.56 -17.93 28.96
C PRO B 1558 13.90 -17.23 29.09
N ILE B 1559 13.95 -16.25 30.00
CA ILE B 1559 15.11 -15.39 30.11
C ILE B 1559 16.33 -16.18 30.57
N SER B 1560 16.13 -17.15 31.48
CA SER B 1560 17.27 -17.93 31.99
C SER B 1560 17.93 -18.74 30.89
N ALA B 1561 17.14 -19.35 30.01
CA ALA B 1561 17.71 -20.10 28.90
C ALA B 1561 18.50 -19.18 27.97
N MET B 1562 17.97 -17.98 27.70
CA MET B 1562 18.68 -17.02 26.87
C MET B 1562 20.01 -16.62 27.51
N VAL B 1563 20.01 -16.39 28.83
CA VAL B 1563 21.23 -16.01 29.52
C VAL B 1563 22.26 -17.14 29.45
N ARG B 1564 21.82 -18.37 29.67
CA ARG B 1564 22.75 -19.50 29.63
C ARG B 1564 23.32 -19.71 28.23
N MET B 1565 22.47 -19.58 27.20
CA MET B 1565 22.95 -19.70 25.83
C MET B 1565 23.92 -18.60 25.46
N TYR B 1566 23.67 -17.36 25.91
CA TYR B 1566 24.64 -16.29 25.70
C TYR B 1566 25.94 -16.56 26.42
N ILE B 1567 25.87 -17.10 27.64
CA ILE B 1567 27.07 -17.42 28.40
C ILE B 1567 27.91 -18.46 27.67
N PHE B 1568 27.26 -19.47 27.09
CA PHE B 1568 27.97 -20.52 26.36
C PHE B 1568 28.79 -19.91 25.21
N PHE B 1569 28.14 -19.09 24.37
CA PHE B 1569 28.83 -18.50 23.24
C PHE B 1569 29.90 -17.51 23.69
N ALA B 1570 29.64 -16.74 24.74
CA ALA B 1570 30.64 -15.81 25.24
C ALA B 1570 31.88 -16.55 25.75
N SER B 1571 31.67 -17.66 26.46
CA SER B 1571 32.79 -18.46 26.96
C SER B 1571 33.58 -19.04 25.80
N PHE B 1572 32.90 -19.56 24.78
CA PHE B 1572 33.62 -20.10 23.63
C PHE B 1572 34.41 -19.01 22.90
N TYR B 1573 33.81 -17.83 22.73
CA TYR B 1573 34.50 -16.74 22.05
C TYR B 1573 35.74 -16.30 22.83
N TYR B 1574 35.61 -16.19 24.15
CA TYR B 1574 36.75 -15.78 24.97
C TYR B 1574 37.84 -16.85 24.98
N VAL B 1575 37.46 -18.12 24.98
CA VAL B 1575 38.45 -19.20 24.90
C VAL B 1575 39.20 -19.13 23.57
N TRP B 1576 38.47 -18.89 22.48
CA TRP B 1576 39.11 -18.77 21.17
C TRP B 1576 40.06 -17.58 21.14
N LYS B 1577 39.64 -16.45 21.71
CA LYS B 1577 40.50 -15.27 21.73
C LYS B 1577 41.74 -15.50 22.58
N SER B 1578 41.60 -16.19 23.71
CA SER B 1578 42.77 -16.53 24.53
C SER B 1578 43.71 -17.44 23.78
N TYR B 1579 43.16 -18.43 23.05
CA TYR B 1579 44.00 -19.32 22.25
C TYR B 1579 44.76 -18.55 21.18
N VAL B 1580 44.09 -17.60 20.52
CA VAL B 1580 44.77 -16.73 19.56
C VAL B 1580 45.86 -15.90 20.22
N HIS B 1581 45.60 -15.32 21.39
CA HIS B 1581 46.57 -14.54 22.12
C HIS B 1581 47.76 -15.36 22.63
N VAL B 1582 47.60 -16.66 22.82
CA VAL B 1582 48.69 -17.49 23.33
C VAL B 1582 49.75 -17.70 22.26
N VAL B 1583 49.35 -18.17 21.07
CA VAL B 1583 50.29 -18.53 20.03
C VAL B 1583 50.87 -17.29 19.39
N ASP B 1584 50.02 -16.43 18.79
CA ASP B 1584 50.50 -15.49 17.75
C ASP B 1584 51.24 -14.28 18.30
N GLY B 1585 50.96 -13.89 19.54
CA GLY B 1585 51.60 -12.74 20.14
C GLY B 1585 50.67 -11.53 20.20
N CYS B 1586 50.95 -10.65 21.15
CA CYS B 1586 50.13 -9.46 21.35
C CYS B 1586 50.73 -8.25 20.63
N ASN B 1587 49.89 -7.25 20.40
CA ASN B 1587 50.34 -6.02 19.76
C ASN B 1587 51.28 -5.25 20.68
N SER B 1588 50.97 -5.20 21.96
CA SER B 1588 51.77 -4.43 22.92
C SER B 1588 53.01 -5.20 23.33
N SER B 1589 54.04 -5.21 22.48
CA SER B 1589 55.29 -5.87 22.82
C SER B 1589 56.15 -5.04 23.76
N THR B 1590 55.81 -3.77 23.95
CA THR B 1590 56.60 -2.93 24.85
C THR B 1590 56.56 -3.42 26.28
N CYS B 1591 55.39 -3.85 26.77
CA CYS B 1591 55.27 -4.39 28.12
C CYS B 1591 55.98 -5.73 28.27
N MET B 1592 56.32 -6.39 27.16
CA MET B 1592 57.09 -7.63 27.12
C MET B 1592 56.26 -8.83 27.58
N MET B 1593 55.06 -8.56 28.10
CA MET B 1593 54.06 -9.56 28.51
C MET B 1593 54.77 -10.74 29.17
N CYS B 1594 54.54 -11.98 28.72
CA CYS B 1594 55.30 -13.13 29.17
C CYS B 1594 55.86 -13.97 28.03
N TYR B 1595 55.44 -13.73 26.79
CA TYR B 1595 55.92 -14.48 25.64
C TYR B 1595 57.28 -13.99 25.14
N LYS B 1596 57.79 -12.89 25.66
CA LYS B 1596 59.06 -12.35 25.21
C LYS B 1596 60.15 -12.58 26.25
N ARG B 1597 61.39 -12.62 25.77
CA ARG B 1597 62.56 -12.74 26.63
C ARG B 1597 63.05 -11.34 27.02
N ASN B 1598 64.32 -11.24 27.44
CA ASN B 1598 64.94 -10.04 27.98
C ASN B 1598 64.51 -9.85 29.43
N ARG B 1599 63.86 -10.87 29.99
CA ARG B 1599 63.66 -10.96 31.43
C ARG B 1599 64.80 -11.71 32.11
N ALA B 1600 65.76 -12.22 31.35
CA ALA B 1600 66.82 -13.05 31.89
C ALA B 1600 67.76 -12.23 32.78
N THR B 1601 68.57 -12.95 33.55
CA THR B 1601 69.48 -12.31 34.49
C THR B 1601 70.61 -11.55 33.81
N ARG B 1602 71.14 -12.07 32.70
CA ARG B 1602 72.34 -11.52 32.09
C ARG B 1602 72.02 -10.88 30.75
N VAL B 1603 72.71 -9.78 30.45
CA VAL B 1603 72.61 -9.08 29.18
C VAL B 1603 74.02 -8.78 28.70
N GLU B 1604 74.27 -9.03 27.41
CA GLU B 1604 75.60 -8.90 26.84
C GLU B 1604 75.70 -7.65 25.97
N CYS B 1605 76.77 -6.88 26.17
CA CYS B 1605 77.02 -5.67 25.40
C CYS B 1605 78.50 -5.59 25.07
N THR B 1606 78.84 -4.68 24.17
CA THR B 1606 80.22 -4.52 23.71
C THR B 1606 80.62 -3.06 23.79
N THR B 1607 81.92 -2.84 23.93
CA THR B 1607 82.49 -1.50 23.99
C THR B 1607 83.87 -1.53 23.37
N ILE B 1608 84.32 -0.37 22.89
CA ILE B 1608 85.61 -0.23 22.23
C ILE B 1608 86.62 0.33 23.22
N VAL B 1609 87.75 -0.37 23.36
CA VAL B 1609 88.87 0.08 24.18
C VAL B 1609 90.13 -0.03 23.35
N ASN B 1610 90.99 1.00 23.42
CA ASN B 1610 92.20 1.13 22.63
C ASN B 1610 92.03 0.62 21.20
N GLY B 1611 92.47 -0.61 20.93
CA GLY B 1611 92.36 -1.20 19.62
C GLY B 1611 91.59 -2.49 19.53
N VAL B 1612 91.01 -2.95 20.65
CA VAL B 1612 90.31 -4.23 20.69
C VAL B 1612 88.89 -4.01 21.20
N ARG B 1613 87.94 -4.70 20.58
CA ARG B 1613 86.54 -4.68 20.99
C ARG B 1613 86.32 -5.75 22.04
N ARG B 1614 85.74 -5.37 23.18
CA ARG B 1614 85.57 -6.25 24.32
C ARG B 1614 84.09 -6.36 24.67
N SER B 1615 83.72 -7.49 25.26
CA SER B 1615 82.35 -7.75 25.67
C SER B 1615 82.25 -7.89 27.19
N PHE B 1616 81.06 -7.61 27.72
CA PHE B 1616 80.83 -7.69 29.15
C PHE B 1616 79.36 -7.99 29.41
N TYR B 1617 79.07 -8.42 30.62
CA TYR B 1617 77.72 -8.79 31.01
C TYR B 1617 77.06 -7.69 31.85
N VAL B 1618 75.73 -7.65 31.80
CA VAL B 1618 74.92 -6.76 32.62
C VAL B 1618 73.89 -7.62 33.35
N TYR B 1619 73.79 -7.43 34.67
CA TYR B 1619 72.97 -8.28 35.50
C TYR B 1619 71.57 -7.71 35.67
N ALA B 1620 70.64 -8.57 36.09
CA ALA B 1620 69.25 -8.21 36.30
C ALA B 1620 68.65 -9.11 37.37
N ASN B 1621 67.42 -8.79 37.76
CA ASN B 1621 66.75 -9.54 38.82
C ASN B 1621 66.13 -10.84 38.34
N GLY B 1622 66.00 -11.04 37.03
CA GLY B 1622 65.39 -12.23 36.50
C GLY B 1622 63.88 -12.18 36.37
N GLY B 1623 63.24 -11.08 36.75
CA GLY B 1623 61.81 -10.95 36.59
C GLY B 1623 61.09 -10.48 37.84
N LYS B 1624 61.69 -10.68 39.01
CA LYS B 1624 61.08 -10.32 40.27
C LYS B 1624 61.36 -8.86 40.57
N GLY B 1625 60.29 -8.05 40.63
CA GLY B 1625 60.42 -6.65 40.98
C GLY B 1625 60.76 -5.77 39.79
N PHE B 1626 60.55 -4.47 39.98
CA PHE B 1626 60.85 -3.47 38.97
C PHE B 1626 61.09 -2.14 39.66
N CYS B 1627 62.02 -1.36 39.09
CA CYS B 1627 62.41 -0.07 39.65
C CYS B 1627 61.81 1.04 38.79
N LYS B 1628 61.01 1.91 39.41
CA LYS B 1628 60.42 3.03 38.70
C LYS B 1628 61.42 4.15 38.46
N LEU B 1629 62.33 4.40 39.41
CA LEU B 1629 63.30 5.47 39.27
C LEU B 1629 64.28 5.21 38.12
N HIS B 1630 64.73 3.97 37.97
CA HIS B 1630 65.73 3.63 36.97
C HIS B 1630 65.15 3.00 35.72
N ASN B 1631 63.88 2.57 35.75
CA ASN B 1631 63.22 1.92 34.62
C ASN B 1631 63.99 0.68 34.15
N TRP B 1632 64.59 -0.04 35.09
CA TRP B 1632 65.37 -1.22 34.78
C TRP B 1632 65.27 -2.21 35.93
N ASN B 1633 65.52 -3.48 35.61
CA ASN B 1633 65.49 -4.56 36.59
C ASN B 1633 66.81 -4.61 37.37
N CYS B 1634 67.00 -3.59 38.22
CA CYS B 1634 68.23 -3.48 38.97
C CYS B 1634 68.13 -4.21 40.31
N VAL B 1635 69.27 -4.70 40.79
CA VAL B 1635 69.36 -5.38 42.08
C VAL B 1635 70.43 -4.69 42.91
N ASN B 1636 70.04 -4.23 44.10
CA ASN B 1636 70.91 -3.55 45.07
C ASN B 1636 71.88 -2.58 44.39
N CYS B 1637 71.36 -1.73 43.50
CA CYS B 1637 72.20 -0.81 42.76
C CYS B 1637 72.82 0.28 43.63
N ASP B 1638 72.35 0.44 44.88
CA ASP B 1638 72.90 1.43 45.78
C ASP B 1638 74.17 0.97 46.48
N THR B 1639 74.58 -0.28 46.29
CA THR B 1639 75.80 -0.80 46.87
C THR B 1639 76.62 -1.50 45.80
N PHE B 1640 77.93 -1.55 46.03
CA PHE B 1640 78.87 -2.12 45.06
C PHE B 1640 79.34 -3.48 45.57
N CYS B 1641 79.13 -4.51 44.76
CA CYS B 1641 79.53 -5.86 45.12
C CYS B 1641 79.49 -6.72 43.86
N ALA B 1642 79.99 -7.96 44.00
CA ALA B 1642 79.98 -8.89 42.88
C ALA B 1642 78.54 -9.25 42.53
N GLY B 1643 78.23 -9.23 41.23
CA GLY B 1643 76.89 -9.51 40.76
C GLY B 1643 75.96 -8.31 40.72
N SER B 1644 76.41 -7.15 41.19
CA SER B 1644 75.57 -5.96 41.18
C SER B 1644 75.47 -5.40 39.77
N THR B 1645 74.57 -4.44 39.61
CA THR B 1645 74.33 -3.80 38.32
C THR B 1645 74.82 -2.36 38.36
N PHE B 1646 75.42 -1.91 37.26
CA PHE B 1646 75.94 -0.55 37.17
C PHE B 1646 75.79 -0.09 35.73
N ILE B 1647 75.05 1.01 35.53
CA ILE B 1647 74.76 1.54 34.21
C ILE B 1647 75.30 2.96 34.12
N SER B 1648 76.04 3.24 33.05
CA SER B 1648 76.59 4.56 32.80
C SER B 1648 76.08 5.07 31.47
N ASP B 1649 76.29 6.38 31.25
CA ASP B 1649 75.78 7.02 30.04
C ASP B 1649 76.36 6.40 28.77
N GLU B 1650 77.58 5.87 28.84
CA GLU B 1650 78.21 5.26 27.69
C GLU B 1650 77.55 3.94 27.28
N VAL B 1651 76.76 3.33 28.16
CA VAL B 1651 76.12 2.06 27.86
C VAL B 1651 74.60 2.24 27.95
N ALA B 1652 74.16 3.26 28.68
CA ALA B 1652 72.73 3.49 28.86
C ALA B 1652 72.04 3.77 27.53
N ARG B 1653 72.66 4.59 26.68
CA ARG B 1653 72.05 4.90 25.39
C ARG B 1653 71.96 3.66 24.50
N ASP B 1654 73.01 2.84 24.49
CA ASP B 1654 72.97 1.61 23.69
C ASP B 1654 71.90 0.66 24.20
N LEU B 1655 71.77 0.53 25.53
CA LEU B 1655 70.75 -0.34 26.09
C LEU B 1655 69.35 0.18 25.81
N SER B 1656 69.17 1.51 25.85
CA SER B 1656 67.88 2.09 25.50
C SER B 1656 67.54 1.84 24.04
N LEU B 1657 68.52 1.97 23.15
CA LEU B 1657 68.31 1.66 21.75
C LEU B 1657 67.96 0.19 21.54
N GLN B 1658 68.62 -0.71 22.25
CA GLN B 1658 68.32 -2.14 22.13
C GLN B 1658 66.94 -2.49 22.68
N PHE B 1659 66.54 -1.92 23.80
CA PHE B 1659 65.25 -2.19 24.42
C PHE B 1659 64.13 -1.30 23.90
N LYS B 1660 64.46 -0.32 23.05
CA LYS B 1660 63.47 0.54 22.40
C LYS B 1660 62.64 1.33 23.41
N ARG B 1661 63.23 1.67 24.55
CA ARG B 1661 62.58 2.51 25.55
C ARG B 1661 63.65 3.23 26.36
N PRO B 1662 63.37 4.45 26.82
CA PRO B 1662 64.37 5.20 27.58
C PRO B 1662 64.66 4.55 28.93
N ILE B 1663 65.91 4.70 29.37
CA ILE B 1663 66.35 4.25 30.68
C ILE B 1663 67.17 5.36 31.32
N ASN B 1664 67.31 5.29 32.65
CA ASN B 1664 68.00 6.33 33.40
C ASN B 1664 69.31 5.79 33.97
N PRO B 1665 70.45 6.36 33.59
CA PRO B 1665 71.71 5.93 34.21
C PRO B 1665 71.77 6.35 35.68
N THR B 1666 72.58 5.61 36.45
CA THR B 1666 72.63 5.80 37.90
C THR B 1666 73.80 6.66 38.36
N ASP B 1667 74.95 6.59 37.69
CA ASP B 1667 76.12 7.34 38.15
C ASP B 1667 77.06 7.56 36.97
N GLN B 1668 77.99 8.51 37.16
CA GLN B 1668 78.97 8.83 36.15
C GLN B 1668 80.04 7.74 36.07
N SER B 1669 80.78 7.75 34.96
CA SER B 1669 81.77 6.71 34.72
C SER B 1669 83.03 6.90 35.59
N SER B 1670 83.50 8.13 35.73
CA SER B 1670 84.78 8.36 36.39
C SER B 1670 84.80 9.72 37.06
N TYR B 1671 85.75 9.89 37.98
CA TYR B 1671 85.96 11.15 38.68
C TYR B 1671 87.45 11.41 38.79
N ILE B 1672 87.79 12.65 39.14
CA ILE B 1672 89.18 13.12 39.16
C ILE B 1672 89.58 13.40 40.60
N VAL B 1673 90.70 12.81 41.03
CA VAL B 1673 91.22 13.03 42.37
C VAL B 1673 92.02 14.34 42.39
N ASP B 1674 91.86 15.11 43.48
CA ASP B 1674 92.50 16.40 43.59
C ASP B 1674 93.57 16.49 44.67
N SER B 1675 93.51 15.67 45.71
CA SER B 1675 94.50 15.75 46.79
C SER B 1675 94.75 14.34 47.33
N VAL B 1676 95.93 14.17 47.94
CA VAL B 1676 96.37 12.89 48.48
C VAL B 1676 96.91 13.10 49.89
N THR B 1677 96.49 12.22 50.79
CA THR B 1677 96.99 12.22 52.17
C THR B 1677 97.42 10.80 52.51
N VAL B 1678 98.58 10.68 53.17
CA VAL B 1678 99.16 9.40 53.52
C VAL B 1678 99.30 9.33 55.04
N LYS B 1679 98.72 8.29 55.63
CA LYS B 1679 98.80 8.07 57.08
C LYS B 1679 98.83 6.58 57.36
N ASN B 1680 99.71 6.19 58.28
CA ASN B 1680 99.80 4.83 58.80
C ASN B 1680 99.95 3.81 57.67
N GLY B 1681 100.84 4.11 56.73
CA GLY B 1681 101.07 3.21 55.62
C GLY B 1681 99.91 3.07 54.66
N SER B 1682 98.98 4.02 54.67
CA SER B 1682 97.83 3.99 53.77
C SER B 1682 97.71 5.36 53.11
N ILE B 1683 97.09 5.37 51.93
CA ILE B 1683 96.98 6.56 51.11
C ILE B 1683 95.50 6.92 50.97
N HIS B 1684 95.19 8.20 51.16
CA HIS B 1684 93.82 8.70 51.07
C HIS B 1684 93.68 9.55 49.81
N LEU B 1685 92.59 9.31 49.07
CA LEU B 1685 92.30 10.05 47.85
C LEU B 1685 91.02 10.87 48.05
N TYR B 1686 91.07 12.12 47.61
CA TYR B 1686 89.94 13.03 47.77
C TYR B 1686 89.47 13.48 46.39
N PHE B 1687 88.16 13.67 46.26
CA PHE B 1687 87.58 14.16 45.02
C PHE B 1687 86.22 14.77 45.32
N ASP B 1688 85.75 15.60 44.38
CA ASP B 1688 84.48 16.28 44.51
C ASP B 1688 83.42 15.57 43.67
N LYS B 1689 82.27 15.28 44.27
CA LYS B 1689 81.16 14.62 43.60
C LYS B 1689 79.89 15.43 43.82
N ALA B 1690 79.32 15.95 42.74
CA ALA B 1690 78.07 16.72 42.79
C ALA B 1690 78.18 17.91 43.74
N GLY B 1691 79.33 18.56 43.76
CA GLY B 1691 79.53 19.73 44.59
C GLY B 1691 79.83 19.44 46.05
N GLN B 1692 80.07 18.19 46.41
CA GLN B 1692 80.33 17.81 47.79
C GLN B 1692 81.64 17.04 47.86
N LYS B 1693 82.37 17.22 48.96
CA LYS B 1693 83.66 16.58 49.13
C LYS B 1693 83.49 15.11 49.50
N THR B 1694 84.29 14.25 48.86
CA THR B 1694 84.28 12.82 49.13
C THR B 1694 85.71 12.31 49.16
N TYR B 1695 85.90 11.18 49.84
CA TYR B 1695 87.24 10.62 49.99
C TYR B 1695 87.16 9.11 50.13
N GLU B 1696 88.28 8.45 49.85
CA GLU B 1696 88.42 7.01 50.00
C GLU B 1696 89.79 6.71 50.57
N ARG B 1697 89.94 5.49 51.10
CA ARG B 1697 91.18 5.04 51.72
C ARG B 1697 91.66 3.78 51.03
N HIS B 1698 92.96 3.70 50.76
CA HIS B 1698 93.55 2.55 50.09
C HIS B 1698 94.94 2.29 50.66
N SER B 1699 95.40 1.05 50.48
CA SER B 1699 96.73 0.68 50.95
C SER B 1699 97.80 1.28 50.04
N LEU B 1700 98.90 1.71 50.65
CA LEU B 1700 99.99 2.32 49.88
C LEU B 1700 100.87 1.26 49.21
N SER B 1701 100.74 -0.01 49.63
CA SER B 1701 101.61 -1.06 49.10
C SER B 1701 101.45 -1.24 47.60
N HIS B 1702 100.21 -1.16 47.11
CA HIS B 1702 99.94 -1.37 45.69
C HIS B 1702 100.40 -0.20 44.82
N PHE B 1703 100.76 0.93 45.43
CA PHE B 1703 101.15 2.11 44.67
C PHE B 1703 102.65 2.17 44.39
N VAL B 1704 103.42 1.15 44.80
CA VAL B 1704 104.86 1.17 44.55
C VAL B 1704 105.14 1.10 43.05
N ASN B 1705 104.44 0.21 42.33
CA ASN B 1705 104.65 0.01 40.91
C ASN B 1705 103.55 0.78 40.16
N LEU B 1706 103.94 1.90 39.54
CA LEU B 1706 102.97 2.71 38.82
C LEU B 1706 102.59 2.09 37.49
N ASP B 1707 103.48 1.32 36.88
CA ASP B 1707 103.21 0.74 35.57
C ASP B 1707 102.07 -0.28 35.63
N ASN B 1708 101.87 -0.92 36.78
CA ASN B 1708 100.80 -1.90 36.91
C ASN B 1708 99.42 -1.27 36.90
N LEU B 1709 99.30 0.02 37.23
CA LEU B 1709 98.02 0.71 37.26
C LEU B 1709 97.75 1.50 35.98
N ARG B 1710 98.60 1.37 34.97
CA ARG B 1710 98.39 2.09 33.72
C ARG B 1710 97.23 1.49 32.94
N ALA B 1711 96.62 2.32 32.10
CA ALA B 1711 95.48 1.87 31.30
C ALA B 1711 95.89 0.83 30.27
N ASN B 1712 97.14 0.89 29.80
CA ASN B 1712 97.64 -0.04 28.80
C ASN B 1712 98.19 -1.33 29.41
N ASN B 1713 97.80 -1.67 30.63
CA ASN B 1713 98.27 -2.90 31.27
C ASN B 1713 97.73 -4.11 30.52
N THR B 1714 98.59 -5.10 30.28
CA THR B 1714 98.18 -6.30 29.58
C THR B 1714 97.58 -7.35 30.51
N LYS B 1715 97.54 -7.07 31.82
CA LYS B 1715 96.99 -8.03 32.77
C LYS B 1715 95.49 -8.20 32.60
N GLY B 1716 94.78 -7.15 32.18
CA GLY B 1716 93.35 -7.23 31.96
C GLY B 1716 92.49 -7.02 33.18
N SER B 1717 93.08 -6.77 34.34
CA SER B 1717 92.30 -6.54 35.56
C SER B 1717 93.00 -5.48 36.39
N LEU B 1718 92.20 -4.75 37.18
CA LEU B 1718 92.70 -3.71 38.05
C LEU B 1718 92.52 -4.09 39.51
N PRO B 1719 93.62 -4.27 40.26
CA PRO B 1719 93.46 -4.53 41.71
C PRO B 1719 92.74 -3.43 42.44
N ILE B 1720 92.90 -2.18 42.01
CA ILE B 1720 92.24 -1.04 42.63
C ILE B 1720 91.52 -0.26 41.53
N ASN B 1721 90.57 0.58 41.94
CA ASN B 1721 89.75 1.34 41.00
C ASN B 1721 90.41 2.67 40.66
N VAL B 1722 91.73 2.74 40.80
CA VAL B 1722 92.48 3.97 40.55
C VAL B 1722 93.30 3.78 39.27
N ILE B 1723 93.19 4.74 38.37
CA ILE B 1723 93.93 4.74 37.10
C ILE B 1723 94.91 5.91 37.12
N VAL B 1724 96.17 5.62 36.83
CA VAL B 1724 97.23 6.62 36.83
C VAL B 1724 97.49 7.06 35.39
N PHE B 1725 97.46 8.37 35.16
CA PHE B 1725 97.68 8.91 33.82
C PHE B 1725 98.44 10.22 33.95
N ASP B 1726 99.15 10.57 32.89
CA ASP B 1726 99.93 11.81 32.85
C ASP B 1726 99.00 12.97 32.55
N GLY B 1727 98.91 13.92 33.48
CA GLY B 1727 98.05 15.08 33.30
C GLY B 1727 98.47 16.00 32.17
N LYS B 1728 99.78 16.21 32.00
CA LYS B 1728 100.29 17.08 30.95
C LYS B 1728 100.21 16.45 29.57
N SER B 1729 100.00 15.13 29.48
CA SER B 1729 99.87 14.44 28.20
C SER B 1729 98.40 14.47 27.78
N LYS B 1730 98.08 15.43 26.91
CA LYS B 1730 96.71 15.60 26.46
C LYS B 1730 96.25 14.42 25.60
N CYS B 1731 97.19 13.68 25.02
CA CYS B 1731 96.86 12.56 24.13
C CYS B 1731 96.21 11.41 24.90
N GLU B 1732 96.93 10.87 25.88
CA GLU B 1732 96.44 9.69 26.59
C GLU B 1732 95.39 10.01 27.64
N GLU B 1733 95.35 11.25 28.15
CA GLU B 1733 94.35 11.60 29.16
C GLU B 1733 92.94 11.60 28.57
N SER B 1734 92.82 11.89 27.27
CA SER B 1734 91.53 11.81 26.61
C SER B 1734 91.09 10.37 26.36
N SER B 1735 92.02 9.49 26.01
CA SER B 1735 91.69 8.09 25.79
C SER B 1735 91.43 7.35 27.08
N ALA B 1736 92.00 7.80 28.20
CA ALA B 1736 91.75 7.17 29.48
C ALA B 1736 90.29 7.25 29.88
N LYS B 1737 89.65 8.39 29.59
CA LYS B 1737 88.24 8.57 29.92
C LYS B 1737 87.38 7.53 29.20
N SER B 1738 87.67 7.29 27.92
CA SER B 1738 86.91 6.30 27.17
C SER B 1738 87.24 4.88 27.62
N ALA B 1739 88.51 4.61 27.94
CA ALA B 1739 88.93 3.27 28.31
C ALA B 1739 88.47 2.88 29.71
N SER B 1740 88.16 3.86 30.57
CA SER B 1740 87.76 3.55 31.93
C SER B 1740 86.40 2.86 31.99
N VAL B 1741 85.61 2.95 30.92
CA VAL B 1741 84.25 2.41 30.93
C VAL B 1741 84.27 0.90 31.10
N TYR B 1742 85.16 0.22 30.36
CA TYR B 1742 85.24 -1.24 30.43
C TYR B 1742 85.60 -1.71 31.83
N TYR B 1743 86.59 -1.07 32.45
CA TYR B 1743 87.00 -1.47 33.79
C TYR B 1743 85.95 -1.11 34.83
N SER B 1744 85.24 0.00 34.63
CA SER B 1744 84.14 0.34 35.53
C SER B 1744 83.03 -0.69 35.46
N GLN B 1745 82.70 -1.16 34.25
CA GLN B 1745 81.71 -2.20 34.10
C GLN B 1745 82.19 -3.52 34.72
N LEU B 1746 83.46 -3.85 34.55
CA LEU B 1746 83.99 -5.06 35.16
C LEU B 1746 83.93 -5.00 36.69
N MET B 1747 84.30 -3.86 37.26
CA MET B 1747 84.31 -3.70 38.71
C MET B 1747 82.98 -3.21 39.27
N CYS B 1748 82.01 -2.88 38.40
CA CYS B 1748 80.68 -2.46 38.81
C CYS B 1748 80.70 -1.23 39.71
N GLN B 1749 81.67 -0.34 39.53
CA GLN B 1749 81.77 0.87 40.32
C GLN B 1749 82.60 1.89 39.54
N PRO B 1750 82.43 3.17 39.82
CA PRO B 1750 83.20 4.20 39.10
C PRO B 1750 84.69 4.07 39.35
N ILE B 1751 85.48 4.47 38.35
CA ILE B 1751 86.93 4.40 38.39
C ILE B 1751 87.48 5.80 38.68
N LEU B 1752 88.43 5.88 39.60
CA LEU B 1752 89.02 7.15 40.01
C LEU B 1752 90.22 7.46 39.13
N LEU B 1753 90.24 8.68 38.58
CA LEU B 1753 91.35 9.16 37.77
C LEU B 1753 92.30 9.97 38.63
N LEU B 1754 93.59 9.65 38.56
CA LEU B 1754 94.61 10.27 39.39
C LEU B 1754 95.77 10.72 38.51
N ASP B 1755 96.22 11.96 38.69
CA ASP B 1755 97.33 12.51 37.93
C ASP B 1755 98.62 11.81 38.34
N GLN B 1756 99.46 11.49 37.34
CA GLN B 1756 100.67 10.72 37.57
C GLN B 1756 101.69 11.45 38.43
N ALA B 1757 101.79 12.76 38.26
CA ALA B 1757 102.76 13.58 38.99
C ALA B 1757 102.59 13.46 40.50
N LEU B 1758 101.35 13.53 40.98
CA LEU B 1758 101.09 13.42 42.41
C LEU B 1758 101.49 12.05 42.95
N VAL B 1759 101.19 10.99 42.20
CA VAL B 1759 101.57 9.64 42.62
C VAL B 1759 103.09 9.52 42.67
N SER B 1760 103.77 10.08 41.67
CA SER B 1760 105.22 10.09 41.66
C SER B 1760 105.78 10.82 42.87
N ASP B 1761 105.14 11.93 43.25
CA ASP B 1761 105.54 12.65 44.46
C ASP B 1761 105.33 11.78 45.70
N VAL B 1762 104.23 11.02 45.74
CA VAL B 1762 103.93 10.14 46.86
C VAL B 1762 105.04 9.09 47.00
N GLY B 1763 105.45 8.50 45.89
CA GLY B 1763 106.49 7.49 45.89
C GLY B 1763 107.88 8.02 46.10
N HIS C 31 -30.92 2.80 63.14
CA HIS C 31 -31.76 1.60 63.11
C HIS C 31 -30.92 0.34 62.99
N VAL C 32 -31.32 -0.70 63.72
CA VAL C 32 -30.63 -1.98 63.73
C VAL C 32 -31.60 -3.05 63.26
N MET C 33 -31.17 -3.88 62.32
CA MET C 33 -32.02 -4.92 61.77
C MET C 33 -32.33 -5.97 62.83
N SER C 34 -33.51 -6.58 62.71
CA SER C 34 -33.95 -7.61 63.63
C SER C 34 -34.38 -8.85 62.84
N LYS C 35 -34.54 -9.95 63.57
CA LYS C 35 -34.91 -11.23 62.97
C LYS C 35 -36.37 -11.55 63.25
N HIS C 36 -37.06 -12.07 62.24
CA HIS C 36 -38.45 -12.45 62.34
C HIS C 36 -38.64 -13.85 61.79
N THR C 37 -39.66 -14.54 62.29
CA THR C 37 -39.92 -15.91 61.89
C THR C 37 -41.32 -16.12 61.32
N ASP C 38 -42.00 -15.06 60.89
CA ASP C 38 -43.33 -15.20 60.31
C ASP C 38 -43.25 -15.89 58.95
N PHE C 39 -44.30 -16.67 58.64
CA PHE C 39 -44.42 -17.41 57.39
C PHE C 39 -43.27 -18.38 57.18
N SER C 40 -42.74 -18.96 58.26
CA SER C 40 -41.60 -19.87 58.15
C SER C 40 -41.98 -21.20 57.49
N SER C 41 -43.22 -21.68 57.70
CA SER C 41 -43.63 -22.97 57.17
C SER C 41 -43.92 -22.92 55.67
N GLU C 42 -44.00 -21.73 55.08
CA GLU C 42 -44.30 -21.59 53.67
C GLU C 42 -43.07 -21.38 52.80
N ILE C 43 -41.88 -21.50 53.36
CA ILE C 43 -40.63 -21.17 52.68
C ILE C 43 -39.95 -22.47 52.27
N ILE C 44 -39.56 -22.55 50.99
CA ILE C 44 -38.79 -23.68 50.50
C ILE C 44 -37.29 -23.41 50.58
N GLY C 45 -36.84 -22.21 50.21
CA GLY C 45 -35.43 -21.90 50.23
C GLY C 45 -35.21 -20.41 50.26
N TYR C 46 -33.95 -20.01 50.07
CA TYR C 46 -33.57 -18.61 50.15
C TYR C 46 -32.75 -18.23 48.92
N LYS C 47 -32.86 -16.95 48.55
CA LYS C 47 -32.13 -16.40 47.42
C LYS C 47 -31.53 -15.06 47.83
N ALA C 48 -30.47 -14.67 47.12
CA ALA C 48 -29.74 -13.44 47.41
C ALA C 48 -29.96 -12.43 46.29
N ILE C 49 -30.07 -11.16 46.69
CA ILE C 49 -30.25 -10.05 45.75
C ILE C 49 -28.99 -9.20 45.80
N ASP C 50 -28.30 -9.09 44.67
CA ASP C 50 -27.06 -8.32 44.60
C ASP C 50 -27.17 -7.34 43.44
N GLY C 51 -26.93 -6.06 43.74
CA GLY C 51 -26.99 -5.03 42.72
C GLY C 51 -28.35 -4.87 42.07
N GLY C 52 -29.43 -5.12 42.81
CA GLY C 52 -30.76 -5.00 42.27
C GLY C 52 -31.22 -6.19 41.44
N VAL C 53 -30.39 -7.22 41.30
CA VAL C 53 -30.74 -8.41 40.53
C VAL C 53 -30.52 -9.64 41.40
N THR C 54 -31.51 -10.51 41.43
CA THR C 54 -31.43 -11.73 42.21
C THR C 54 -30.39 -12.68 41.62
N ARG C 55 -29.67 -13.38 42.50
CA ARG C 55 -28.66 -14.33 42.07
C ARG C 55 -28.59 -15.46 43.08
N ASP C 56 -28.00 -16.57 42.66
CA ASP C 56 -27.85 -17.73 43.52
C ASP C 56 -26.82 -17.46 44.62
N ILE C 57 -26.86 -18.30 45.65
CA ILE C 57 -26.02 -18.13 46.83
C ILE C 57 -24.95 -19.21 46.84
N ALA C 58 -23.72 -18.79 47.13
CA ALA C 58 -22.58 -19.68 47.25
C ALA C 58 -22.02 -19.61 48.65
N SER C 59 -21.39 -20.71 49.07
CA SER C 59 -20.86 -20.79 50.42
C SER C 59 -19.66 -19.87 50.64
N THR C 60 -19.01 -19.42 49.56
CA THR C 60 -17.83 -18.58 49.69
C THR C 60 -18.15 -17.14 50.09
N ASP C 61 -19.40 -16.71 49.94
CA ASP C 61 -19.79 -15.37 50.33
C ASP C 61 -19.69 -15.21 51.84
N THR C 62 -19.29 -14.01 52.28
CA THR C 62 -18.95 -13.80 53.68
C THR C 62 -19.83 -12.80 54.41
N CYS C 63 -20.64 -12.00 53.69
CA CYS C 63 -21.44 -10.98 54.35
C CYS C 63 -22.79 -10.86 53.65
N PHE C 64 -23.83 -10.67 54.47
CA PHE C 64 -25.19 -10.54 53.95
C PHE C 64 -25.97 -9.57 54.83
N ALA C 65 -27.10 -9.11 54.29
CA ALA C 65 -28.11 -8.42 55.07
C ALA C 65 -29.30 -9.34 55.25
N ASN C 66 -29.65 -9.63 56.49
CA ASN C 66 -30.64 -10.67 56.77
C ASN C 66 -31.72 -10.12 57.71
N LYS C 67 -32.92 -10.66 57.54
CA LYS C 67 -34.06 -10.32 58.40
C LYS C 67 -34.74 -11.57 58.96
N HIS C 68 -34.16 -12.75 58.76
CA HIS C 68 -34.77 -14.00 59.16
C HIS C 68 -33.83 -14.77 60.09
N ALA C 69 -34.41 -15.55 61.00
CA ALA C 69 -33.61 -16.34 61.92
C ALA C 69 -33.38 -17.75 61.39
N ASP C 70 -34.33 -18.29 60.61
CA ASP C 70 -34.17 -19.63 60.06
C ASP C 70 -33.05 -19.68 59.02
N PHE C 71 -32.67 -18.53 58.47
CA PHE C 71 -31.55 -18.50 57.53
C PHE C 71 -30.25 -18.92 58.22
N ASP C 72 -30.13 -18.69 59.52
CA ASP C 72 -28.96 -19.17 60.25
C ASP C 72 -28.88 -20.69 60.23
N THR C 73 -30.02 -21.37 60.44
CA THR C 73 -30.02 -22.83 60.34
C THR C 73 -29.82 -23.29 58.90
N TRP C 74 -30.35 -22.53 57.93
CA TRP C 74 -30.18 -22.89 56.52
C TRP C 74 -28.71 -22.83 56.12
N PHE C 75 -27.98 -21.82 56.60
CA PHE C 75 -26.60 -21.62 56.19
C PHE C 75 -25.63 -22.43 57.04
N SER C 76 -25.97 -22.68 58.30
CA SER C 76 -25.10 -23.45 59.17
C SER C 76 -25.03 -24.91 58.77
N GLN C 77 -26.14 -25.47 58.27
CA GLN C 77 -26.15 -26.86 57.82
C GLN C 77 -25.18 -27.09 56.67
N ARG C 78 -24.89 -26.05 55.88
CA ARG C 78 -23.93 -26.13 54.80
C ARG C 78 -22.52 -25.71 55.23
N GLY C 79 -22.32 -25.44 56.52
CA GLY C 79 -21.00 -25.10 57.02
C GLY C 79 -20.55 -23.68 56.77
N GLY C 80 -21.47 -22.75 56.52
CA GLY C 80 -21.09 -21.38 56.24
C GLY C 80 -21.23 -20.46 57.44
N SER C 81 -20.45 -19.39 57.42
CA SER C 81 -20.53 -18.34 58.43
C SER C 81 -20.51 -16.99 57.73
N TYR C 82 -21.09 -15.99 58.38
CA TYR C 82 -21.23 -14.68 57.76
C TYR C 82 -21.31 -13.61 58.83
N THR C 83 -21.12 -12.36 58.40
CA THR C 83 -21.25 -11.19 59.26
C THR C 83 -22.34 -10.29 58.68
N ASN C 84 -23.20 -9.76 59.57
CA ASN C 84 -24.33 -8.95 59.14
C ASN C 84 -23.90 -7.50 58.92
N ASP C 85 -24.23 -6.96 57.76
CA ASP C 85 -23.96 -5.56 57.45
C ASP C 85 -24.95 -5.09 56.40
N LYS C 86 -25.17 -3.78 56.35
CA LYS C 86 -26.15 -3.21 55.41
C LYS C 86 -25.56 -3.01 54.01
N ALA C 87 -24.25 -3.10 53.86
CA ALA C 87 -23.59 -2.92 52.56
C ALA C 87 -23.35 -4.24 51.84
N CYS C 88 -24.18 -5.25 52.09
CA CYS C 88 -24.00 -6.58 51.56
C CYS C 88 -25.32 -7.06 50.97
N PRO C 89 -25.28 -8.03 50.05
CA PRO C 89 -26.52 -8.47 49.39
C PRO C 89 -27.58 -8.94 50.39
N LEU C 90 -28.83 -8.62 50.08
CA LEU C 90 -29.96 -8.94 50.94
C LEU C 90 -30.37 -10.39 50.75
N ILE C 91 -30.93 -10.98 51.80
CA ILE C 91 -31.45 -12.34 51.71
C ILE C 91 -32.96 -12.31 51.53
N ALA C 92 -33.46 -13.07 50.56
CA ALA C 92 -34.89 -13.18 50.31
C ALA C 92 -35.27 -14.64 50.26
N ALA C 93 -36.48 -14.94 50.74
CA ALA C 93 -36.94 -16.31 50.90
C ALA C 93 -37.94 -16.65 49.81
N VAL C 94 -37.75 -17.80 49.17
CA VAL C 94 -38.71 -18.31 48.18
C VAL C 94 -39.90 -18.88 48.95
N ILE C 95 -41.09 -18.39 48.63
CA ILE C 95 -42.31 -18.74 49.36
C ILE C 95 -43.34 -19.27 48.37
N THR C 96 -44.18 -20.18 48.84
CA THR C 96 -45.25 -20.77 48.03
C THR C 96 -46.58 -20.05 48.21
N ARG C 97 -46.60 -18.95 48.95
CA ARG C 97 -47.83 -18.24 49.26
C ARG C 97 -47.70 -16.79 48.82
N GLU C 98 -48.76 -16.26 48.22
CA GLU C 98 -48.78 -14.87 47.78
C GLU C 98 -48.77 -13.95 48.99
N VAL C 99 -47.63 -13.33 49.26
CA VAL C 99 -47.45 -12.48 50.43
C VAL C 99 -46.87 -11.14 49.99
N GLY C 100 -47.44 -10.06 50.51
CA GLY C 100 -46.94 -8.73 50.21
C GLY C 100 -47.59 -8.14 48.97
N PHE C 101 -46.97 -7.08 48.46
CA PHE C 101 -47.49 -6.37 47.29
C PHE C 101 -46.32 -5.97 46.41
N VAL C 102 -46.63 -5.66 45.16
CA VAL C 102 -45.61 -5.40 44.14
C VAL C 102 -45.31 -3.91 44.08
N VAL C 103 -44.02 -3.58 44.12
CA VAL C 103 -43.56 -2.20 43.97
C VAL C 103 -42.74 -2.11 42.69
N PRO C 104 -43.02 -1.16 41.80
CA PRO C 104 -42.24 -1.07 40.56
C PRO C 104 -40.77 -0.84 40.84
N GLY C 105 -39.92 -1.52 40.06
CA GLY C 105 -38.49 -1.42 40.19
C GLY C 105 -37.88 -2.37 41.21
N LEU C 106 -38.69 -3.13 41.95
CA LEU C 106 -38.16 -4.04 42.94
C LEU C 106 -38.54 -5.48 42.62
N PRO C 107 -37.59 -6.40 42.67
CA PRO C 107 -37.90 -7.81 42.42
C PRO C 107 -38.73 -8.43 43.54
N GLY C 108 -39.51 -9.44 43.15
CA GLY C 108 -40.32 -10.14 44.12
C GLY C 108 -41.40 -9.26 44.71
N THR C 109 -41.72 -9.50 45.98
CA THR C 109 -42.74 -8.74 46.69
C THR C 109 -42.16 -8.20 47.99
N ILE C 110 -42.77 -7.12 48.49
CA ILE C 110 -42.31 -6.44 49.68
C ILE C 110 -43.40 -6.49 50.73
N LEU C 111 -43.05 -6.94 51.93
CA LEU C 111 -43.96 -6.99 53.07
C LEU C 111 -43.32 -6.26 54.24
N ARG C 112 -44.15 -5.53 54.98
CA ARG C 112 -43.71 -4.80 56.17
C ARG C 112 -44.25 -5.48 57.41
N THR C 113 -43.38 -5.72 58.38
CA THR C 113 -43.78 -6.39 59.61
C THR C 113 -44.58 -5.46 60.51
N THR C 114 -45.13 -6.04 61.58
CA THR C 114 -45.89 -5.25 62.54
C THR C 114 -44.99 -4.29 63.30
N ASN C 115 -43.68 -4.58 63.36
CA ASN C 115 -42.73 -3.73 64.05
C ASN C 115 -42.12 -2.67 63.13
N GLY C 116 -42.53 -2.63 61.86
CA GLY C 116 -42.04 -1.66 60.91
C GLY C 116 -40.95 -2.17 59.98
N ASP C 117 -40.34 -3.30 60.29
CA ASP C 117 -39.30 -3.84 59.42
C ASP C 117 -39.91 -4.39 58.13
N PHE C 118 -39.17 -4.24 57.04
CA PHE C 118 -39.61 -4.71 55.73
C PHE C 118 -39.04 -6.09 55.45
N LEU C 119 -39.75 -6.83 54.58
CA LEU C 119 -39.36 -8.18 54.21
C LEU C 119 -39.45 -8.33 52.70
N HIS C 120 -38.72 -9.32 52.17
CA HIS C 120 -38.70 -9.60 50.75
C HIS C 120 -38.95 -11.09 50.53
N PHE C 121 -39.73 -11.41 49.50
CA PHE C 121 -40.09 -12.78 49.18
C PHE C 121 -40.13 -12.95 47.67
N LEU C 122 -40.03 -14.21 47.23
CA LEU C 122 -40.08 -14.57 45.81
C LEU C 122 -41.27 -15.48 45.60
N PRO C 123 -42.43 -14.94 45.21
CA PRO C 123 -43.58 -15.78 44.90
C PRO C 123 -43.37 -16.53 43.59
N ARG C 124 -44.13 -17.62 43.43
CA ARG C 124 -44.04 -18.44 42.24
C ARG C 124 -45.40 -19.03 41.92
N VAL C 125 -45.58 -19.42 40.66
CA VAL C 125 -46.81 -20.07 40.23
C VAL C 125 -46.62 -21.57 40.10
N PHE C 126 -45.45 -22.00 39.60
CA PHE C 126 -45.14 -23.41 39.43
C PHE C 126 -43.89 -23.75 40.24
N SER C 127 -43.76 -25.02 40.59
CA SER C 127 -42.66 -25.46 41.45
C SER C 127 -41.30 -25.27 40.81
N ALA C 128 -41.16 -25.54 39.51
CA ALA C 128 -39.88 -25.45 38.82
C ALA C 128 -39.57 -23.98 38.50
N VAL C 129 -39.23 -23.24 39.55
CA VAL C 129 -38.89 -21.82 39.44
C VAL C 129 -37.63 -21.56 40.25
N GLY C 130 -36.64 -20.93 39.63
CA GLY C 130 -35.47 -20.45 40.33
C GLY C 130 -35.52 -18.95 40.49
N ASN C 131 -34.75 -18.24 39.67
CA ASN C 131 -34.84 -16.79 39.58
C ASN C 131 -35.18 -16.40 38.16
N ILE C 132 -36.22 -15.58 38.02
CA ILE C 132 -36.81 -15.26 36.73
C ILE C 132 -36.58 -13.79 36.42
N CYS C 133 -36.16 -13.52 35.19
CA CYS C 133 -35.98 -12.17 34.70
C CYS C 133 -36.94 -11.93 33.54
N TYR C 134 -37.15 -10.66 33.21
CA TYR C 134 -38.17 -10.25 32.25
C TYR C 134 -37.52 -9.79 30.96
N THR C 135 -37.85 -10.45 29.86
CA THR C 135 -37.58 -9.94 28.53
C THR C 135 -38.76 -9.08 28.08
N PRO C 136 -38.58 -8.24 27.05
CA PRO C 136 -39.70 -7.40 26.60
C PRO C 136 -40.91 -8.19 26.14
N SER C 137 -40.75 -9.45 25.76
CA SER C 137 -41.87 -10.25 25.27
C SER C 137 -42.23 -11.42 26.18
N LYS C 138 -41.26 -12.16 26.70
CA LYS C 138 -41.53 -13.37 27.45
C LYS C 138 -40.70 -13.41 28.72
N LEU C 139 -40.94 -14.42 29.54
CA LEU C 139 -40.19 -14.64 30.77
C LEU C 139 -39.32 -15.89 30.63
N ILE C 140 -38.03 -15.73 30.90
CA ILE C 140 -37.07 -16.82 30.77
C ILE C 140 -36.22 -16.89 32.02
N GLU C 141 -36.03 -18.10 32.54
CA GLU C 141 -35.16 -18.30 33.69
C GLU C 141 -33.70 -18.10 33.28
N TYR C 142 -32.86 -17.86 34.29
CA TYR C 142 -31.44 -17.63 34.04
C TYR C 142 -30.64 -18.11 35.24
N THR C 143 -29.37 -18.43 34.99
CA THR C 143 -28.45 -18.80 36.05
C THR C 143 -27.48 -17.67 36.39
N ASP C 144 -27.15 -16.82 35.42
CA ASP C 144 -26.29 -15.67 35.66
C ASP C 144 -26.83 -14.51 34.83
N PHE C 145 -27.00 -13.35 35.47
CA PHE C 145 -27.54 -12.19 34.77
C PHE C 145 -26.60 -11.70 33.67
N ALA C 146 -25.29 -11.74 33.91
CA ALA C 146 -24.33 -11.18 32.96
C ALA C 146 -24.28 -11.97 31.65
N THR C 147 -24.71 -13.22 31.64
CA THR C 147 -24.64 -14.07 30.45
C THR C 147 -26.00 -14.65 30.11
N SER C 148 -27.03 -13.81 30.13
CA SER C 148 -28.38 -14.25 29.84
C SER C 148 -29.10 -13.19 29.02
N ALA C 149 -30.24 -13.58 28.45
CA ALA C 149 -31.07 -12.67 27.66
C ALA C 149 -31.89 -11.71 28.52
N CYS C 150 -31.55 -11.56 29.79
CA CYS C 150 -32.33 -10.72 30.69
C CYS C 150 -32.24 -9.25 30.27
N VAL C 151 -33.38 -8.57 30.32
CA VAL C 151 -33.44 -7.14 30.07
C VAL C 151 -33.89 -6.37 31.31
N LEU C 152 -34.92 -6.85 32.00
CA LEU C 152 -35.38 -6.26 33.24
C LEU C 152 -35.66 -7.36 34.25
N ALA C 153 -35.54 -7.00 35.54
CA ALA C 153 -35.74 -7.96 36.62
C ALA C 153 -36.96 -7.64 37.48
N ALA C 154 -37.76 -6.64 37.11
CA ALA C 154 -38.93 -6.23 37.88
C ALA C 154 -40.19 -6.45 37.08
N GLU C 155 -41.26 -6.83 37.79
CA GLU C 155 -42.57 -6.99 37.15
C GLU C 155 -43.07 -5.67 36.59
N CYS C 156 -42.91 -4.57 37.32
CA CYS C 156 -43.37 -3.27 36.89
C CYS C 156 -42.19 -2.31 36.84
N THR C 157 -42.19 -1.45 35.81
CA THR C 157 -41.18 -0.42 35.67
C THR C 157 -41.86 0.86 35.21
N ILE C 158 -41.26 2.00 35.54
CA ILE C 158 -41.84 3.29 35.24
C ILE C 158 -40.86 4.08 34.39
N PHE C 159 -41.37 4.69 33.31
CA PHE C 159 -40.55 5.38 32.32
C PHE C 159 -40.96 6.84 32.22
N LYS C 160 -40.01 7.66 31.77
CA LYS C 160 -40.28 9.07 31.50
C LYS C 160 -40.86 9.20 30.09
N ASP C 161 -42.00 9.87 29.98
CA ASP C 161 -42.67 10.03 28.69
C ASP C 161 -42.00 11.12 27.86
N ALA C 162 -42.62 11.44 26.72
CA ALA C 162 -42.10 12.50 25.87
C ALA C 162 -42.24 13.87 26.52
N SER C 163 -43.16 14.05 27.45
CA SER C 163 -43.36 15.33 28.11
C SER C 163 -42.56 15.48 29.39
N GLY C 164 -41.73 14.48 29.73
CA GLY C 164 -40.93 14.56 30.93
C GLY C 164 -41.62 14.16 32.21
N LYS C 165 -42.64 13.30 32.13
CA LYS C 165 -43.38 12.87 33.30
C LYS C 165 -43.37 11.34 33.41
N PRO C 166 -43.41 10.80 34.63
CA PRO C 166 -43.32 9.35 34.80
C PRO C 166 -44.59 8.66 34.32
N VAL C 167 -44.43 7.51 33.67
CA VAL C 167 -45.54 6.70 33.19
C VAL C 167 -45.28 5.25 33.57
N PRO C 168 -46.20 4.59 34.27
CA PRO C 168 -45.96 3.22 34.71
C PRO C 168 -46.11 2.20 33.59
N TYR C 169 -45.32 1.13 33.70
CA TYR C 169 -45.39 -0.01 32.80
C TYR C 169 -45.30 -1.30 33.62
N CYS C 170 -45.99 -2.33 33.16
CA CYS C 170 -45.96 -3.62 33.81
C CYS C 170 -46.10 -4.72 32.78
N TYR C 171 -45.64 -5.92 33.13
CA TYR C 171 -45.88 -7.09 32.29
C TYR C 171 -47.36 -7.44 32.25
N ASP C 172 -48.01 -7.43 33.42
CA ASP C 172 -49.44 -7.65 33.53
C ASP C 172 -50.09 -6.35 33.99
N THR C 173 -51.04 -5.84 33.20
CA THR C 173 -51.68 -4.58 33.51
C THR C 173 -52.62 -4.66 34.71
N ASN C 174 -52.98 -5.87 35.16
CA ASN C 174 -53.87 -6.00 36.29
C ASN C 174 -53.19 -5.72 37.63
N VAL C 175 -51.85 -5.72 37.66
CA VAL C 175 -51.15 -5.46 38.90
C VAL C 175 -51.36 -4.02 39.37
N LEU C 176 -51.25 -3.05 38.46
CA LEU C 176 -51.43 -1.64 38.80
C LEU C 176 -52.29 -0.98 37.74
N GLU C 177 -53.26 -0.18 38.17
CA GLU C 177 -54.14 0.50 37.24
C GLU C 177 -53.37 1.55 36.44
N GLY C 178 -53.70 1.64 35.15
CA GLY C 178 -53.06 2.60 34.28
C GLY C 178 -51.73 2.18 33.69
N SER C 179 -51.24 0.99 34.03
CA SER C 179 -49.97 0.53 33.51
C SER C 179 -50.12 0.08 32.05
N VAL C 180 -48.99 0.10 31.34
CA VAL C 180 -48.94 -0.30 29.93
C VAL C 180 -48.17 -1.61 29.83
N ALA C 181 -48.68 -2.53 29.00
CA ALA C 181 -48.09 -3.85 28.88
C ALA C 181 -46.69 -3.77 28.29
N TYR C 182 -45.81 -4.67 28.75
CA TYR C 182 -44.44 -4.71 28.23
C TYR C 182 -44.40 -5.10 26.77
N GLU C 183 -45.38 -5.90 26.33
CA GLU C 183 -45.39 -6.38 24.95
C GLU C 183 -45.59 -5.25 23.94
N SER C 184 -46.13 -4.11 24.39
CA SER C 184 -46.34 -2.99 23.48
C SER C 184 -45.06 -2.26 23.12
N LEU C 185 -43.96 -2.55 23.82
CA LEU C 185 -42.69 -1.89 23.53
C LEU C 185 -42.14 -2.36 22.18
N ARG C 186 -41.30 -1.51 21.59
CA ARG C 186 -40.75 -1.79 20.27
C ARG C 186 -39.23 -1.73 20.29
N PRO C 187 -38.55 -2.53 19.47
CA PRO C 187 -37.09 -2.50 19.43
C PRO C 187 -36.57 -1.26 18.72
N ASP C 188 -35.28 -1.00 18.93
CA ASP C 188 -34.56 0.09 18.29
C ASP C 188 -35.18 1.44 18.63
N THR C 189 -35.83 1.53 19.78
CA THR C 189 -36.45 2.76 20.26
C THR C 189 -35.85 3.14 21.61
N ARG C 190 -35.50 4.41 21.77
CA ARG C 190 -34.90 4.89 23.00
C ARG C 190 -35.96 5.04 24.09
N TYR C 191 -35.67 4.50 25.28
CA TYR C 191 -36.55 4.63 26.43
C TYR C 191 -35.72 5.03 27.64
N VAL C 192 -36.28 5.92 28.45
CA VAL C 192 -35.60 6.47 29.63
C VAL C 192 -36.48 6.21 30.85
N LEU C 193 -35.87 5.67 31.90
CA LEU C 193 -36.57 5.41 33.14
C LEU C 193 -36.68 6.68 33.97
N MET C 194 -37.20 6.53 35.18
CA MET C 194 -37.32 7.68 36.09
C MET C 194 -35.97 8.16 36.59
N ASP C 195 -35.00 7.24 36.72
CA ASP C 195 -33.69 7.58 37.23
C ASP C 195 -32.69 7.96 36.13
N GLY C 196 -33.14 7.99 34.87
CA GLY C 196 -32.27 8.38 33.78
C GLY C 196 -31.60 7.24 33.03
N SER C 197 -31.82 5.99 33.45
CA SER C 197 -31.24 4.87 32.74
C SER C 197 -31.87 4.71 31.36
N ILE C 198 -31.09 4.14 30.45
CA ILE C 198 -31.49 4.00 29.05
C ILE C 198 -31.56 2.52 28.68
N ILE C 199 -32.65 2.15 28.02
CA ILE C 199 -32.87 0.78 27.57
C ILE C 199 -32.98 0.76 26.05
N GLN C 200 -32.20 -0.11 25.41
CA GLN C 200 -32.22 -0.26 23.97
C GLN C 200 -31.93 -1.71 23.63
N PHE C 201 -32.92 -2.40 23.08
CA PHE C 201 -32.76 -3.80 22.71
C PHE C 201 -32.99 -3.98 21.22
N PRO C 202 -32.19 -4.83 20.58
CA PRO C 202 -32.33 -5.03 19.13
C PRO C 202 -33.49 -5.94 18.79
N ASN C 203 -33.88 -5.91 17.51
CA ASN C 203 -34.96 -6.76 17.02
C ASN C 203 -34.48 -8.20 16.93
N THR C 204 -35.39 -9.13 17.25
CA THR C 204 -35.08 -10.56 17.21
C THR C 204 -36.13 -11.28 16.39
N TYR C 205 -35.75 -12.45 15.87
CA TYR C 205 -36.66 -13.28 15.08
C TYR C 205 -36.85 -14.68 15.64
N LEU C 206 -36.05 -15.09 16.61
CA LEU C 206 -36.19 -16.41 17.21
C LEU C 206 -35.66 -16.36 18.63
N GLU C 207 -36.42 -16.90 19.58
CA GLU C 207 -36.04 -16.90 20.98
C GLU C 207 -36.15 -18.31 21.54
N GLY C 208 -35.25 -18.64 22.45
CA GLY C 208 -35.24 -19.95 23.06
C GLY C 208 -33.80 -20.43 23.24
N SER C 209 -33.61 -21.73 22.99
CA SER C 209 -32.25 -22.30 23.07
C SER C 209 -31.34 -21.70 22.01
N VAL C 210 -31.88 -21.34 20.85
CA VAL C 210 -31.11 -20.72 19.77
C VAL C 210 -31.76 -19.39 19.43
N ARG C 211 -30.92 -18.39 19.18
CA ARG C 211 -31.39 -17.04 18.95
C ARG C 211 -30.75 -16.47 17.70
N VAL C 212 -31.50 -15.63 16.98
CA VAL C 212 -31.00 -14.86 15.85
C VAL C 212 -31.38 -13.40 16.07
N VAL C 213 -30.42 -12.50 15.87
CA VAL C 213 -30.61 -11.09 16.16
C VAL C 213 -30.15 -10.26 14.97
N THR C 214 -30.66 -9.03 14.90
CA THR C 214 -30.24 -8.05 13.91
C THR C 214 -29.85 -6.77 14.62
N THR C 215 -28.85 -6.08 14.08
CA THR C 215 -28.30 -4.91 14.74
C THR C 215 -28.14 -3.78 13.73
N PHE C 216 -28.03 -2.57 14.26
CA PHE C 216 -27.79 -1.37 13.47
C PHE C 216 -26.53 -0.69 13.98
N ASP C 217 -26.13 0.39 13.30
CA ASP C 217 -24.93 1.12 13.69
C ASP C 217 -25.22 2.09 14.82
N SER C 218 -25.67 1.57 15.96
CA SER C 218 -25.93 2.39 17.13
C SER C 218 -25.76 1.53 18.38
N GLU C 219 -25.41 2.19 19.48
CA GLU C 219 -25.20 1.49 20.74
C GLU C 219 -26.53 1.04 21.34
N TYR C 220 -26.52 -0.15 21.92
CA TYR C 220 -27.68 -0.69 22.61
C TYR C 220 -27.35 -0.84 24.09
N CYS C 221 -28.36 -0.64 24.94
CA CYS C 221 -28.13 -0.69 26.38
C CYS C 221 -29.17 -1.57 27.03
N ARG C 222 -28.76 -2.30 28.06
CA ARG C 222 -29.66 -3.09 28.89
C ARG C 222 -29.45 -2.69 30.35
N HIS C 223 -30.09 -3.45 31.25
CA HIS C 223 -30.10 -3.09 32.66
C HIS C 223 -28.70 -3.02 33.24
N GLY C 224 -28.22 -1.79 33.46
CA GLY C 224 -26.93 -1.54 34.06
C GLY C 224 -25.74 -1.67 33.15
N THR C 225 -25.94 -2.03 31.87
CA THR C 225 -24.83 -2.20 30.95
C THR C 225 -25.24 -1.70 29.58
N CYS C 226 -24.47 -0.75 29.04
CA CYS C 226 -24.62 -0.27 27.68
C CYS C 226 -23.44 -0.72 26.84
N GLU C 227 -23.71 -1.14 25.62
CA GLU C 227 -22.66 -1.68 24.76
C GLU C 227 -22.79 -1.08 23.36
N ARG C 228 -21.66 -1.04 22.65
CA ARG C 228 -21.62 -0.56 21.28
C ARG C 228 -21.50 -1.74 20.31
N SER C 229 -22.29 -1.68 19.25
CA SER C 229 -22.32 -2.76 18.27
C SER C 229 -22.50 -2.18 16.87
N GLU C 230 -22.08 -2.96 15.89
CA GLU C 230 -22.20 -2.59 14.48
C GLU C 230 -23.37 -3.32 13.84
N ALA C 231 -23.82 -2.78 12.71
CA ALA C 231 -24.95 -3.39 12.00
C ALA C 231 -24.56 -4.75 11.44
N GLY C 232 -25.48 -5.69 11.52
CA GLY C 232 -25.25 -7.03 10.99
C GLY C 232 -26.27 -8.01 11.56
N VAL C 233 -25.97 -9.29 11.36
CA VAL C 233 -26.81 -10.39 11.83
C VAL C 233 -25.94 -11.40 12.55
N CYS C 234 -26.43 -11.88 13.70
CA CYS C 234 -25.69 -12.83 14.50
C CYS C 234 -26.57 -14.02 14.83
N VAL C 235 -25.94 -15.19 14.95
CA VAL C 235 -26.61 -16.43 15.31
C VAL C 235 -25.85 -17.08 16.46
N SER C 236 -26.58 -17.50 17.49
CA SER C 236 -26.00 -18.11 18.67
C SER C 236 -26.66 -19.45 18.94
N THR C 237 -25.86 -20.43 19.37
CA THR C 237 -26.37 -21.74 19.74
C THR C 237 -26.91 -21.78 21.17
N SER C 238 -26.71 -20.71 21.95
CA SER C 238 -27.17 -20.65 23.33
C SER C 238 -27.94 -19.34 23.54
N GLY C 239 -28.73 -19.30 24.61
CA GLY C 239 -29.55 -18.15 24.90
C GLY C 239 -28.81 -17.00 25.55
N ARG C 240 -27.48 -16.98 25.43
CA ARG C 240 -26.69 -15.91 26.01
C ARG C 240 -26.88 -14.62 25.21
N TRP C 241 -26.54 -13.50 25.86
CA TRP C 241 -26.64 -12.21 25.21
C TRP C 241 -25.64 -12.10 24.06
N VAL C 242 -26.11 -11.55 22.93
CA VAL C 242 -25.33 -11.52 21.71
C VAL C 242 -25.37 -10.11 21.13
N LEU C 243 -24.20 -9.60 20.76
CA LEU C 243 -24.08 -8.34 20.03
C LEU C 243 -22.96 -8.48 19.00
N ASN C 244 -23.00 -7.62 17.99
CA ASN C 244 -22.06 -7.70 16.87
C ASN C 244 -20.82 -6.87 17.21
N ASN C 245 -19.76 -7.56 17.64
CA ASN C 245 -18.47 -6.93 17.88
C ASN C 245 -17.41 -8.02 17.93
N ASP C 246 -16.14 -7.59 18.04
CA ASP C 246 -15.05 -8.55 18.09
C ASP C 246 -15.11 -9.39 19.36
N TYR C 247 -15.54 -8.79 20.47
CA TYR C 247 -15.57 -9.51 21.75
C TYR C 247 -16.50 -10.70 21.68
N TYR C 248 -17.73 -10.50 21.18
CA TYR C 248 -18.65 -11.62 21.05
C TYR C 248 -18.29 -12.54 19.89
N ARG C 249 -17.66 -11.98 18.84
CA ARG C 249 -17.23 -12.81 17.72
C ARG C 249 -16.15 -13.80 18.14
N SER C 250 -15.29 -13.43 19.08
CA SER C 250 -14.25 -14.34 19.56
C SER C 250 -14.81 -15.43 20.48
N LEU C 251 -15.94 -15.17 21.13
CA LEU C 251 -16.55 -16.13 22.04
C LEU C 251 -17.04 -17.36 21.27
N PRO C 252 -16.90 -18.55 21.86
CA PRO C 252 -17.36 -19.76 21.17
C PRO C 252 -18.86 -19.83 21.07
N GLY C 253 -19.34 -20.52 20.05
CA GLY C 253 -20.76 -20.71 19.86
C GLY C 253 -21.50 -19.50 19.32
N VAL C 254 -20.78 -18.48 18.85
CA VAL C 254 -21.39 -17.26 18.33
C VAL C 254 -20.90 -17.05 16.90
N PHE C 255 -21.87 -16.83 16.01
CA PHE C 255 -21.57 -16.54 14.61
C PHE C 255 -22.21 -15.21 14.23
N CYS C 256 -21.45 -14.40 13.49
CA CYS C 256 -21.92 -13.10 13.06
C CYS C 256 -21.44 -12.83 11.64
N GLY C 257 -22.12 -11.92 10.96
CA GLY C 257 -21.74 -11.53 9.61
C GLY C 257 -22.40 -10.23 9.23
N VAL C 258 -21.83 -9.61 8.18
CA VAL C 258 -22.38 -8.36 7.68
C VAL C 258 -23.68 -8.59 6.92
N ASP C 259 -23.93 -9.82 6.46
CA ASP C 259 -25.14 -10.14 5.72
C ASP C 259 -25.39 -11.63 5.86
N ALA C 260 -26.59 -12.06 5.44
CA ALA C 260 -26.96 -13.47 5.56
C ALA C 260 -26.06 -14.36 4.73
N VAL C 261 -25.71 -13.94 3.51
CA VAL C 261 -24.83 -14.74 2.67
C VAL C 261 -23.42 -14.76 3.25
N ASN C 262 -22.95 -13.63 3.76
CA ASN C 262 -21.59 -13.56 4.31
C ASN C 262 -21.46 -14.43 5.54
N LEU C 263 -22.56 -14.68 6.25
CA LEU C 263 -22.51 -15.50 7.46
C LEU C 263 -22.07 -16.93 7.15
N LEU C 264 -22.59 -17.50 6.06
CA LEU C 264 -22.21 -18.85 5.67
C LEU C 264 -20.72 -18.93 5.33
N THR C 265 -20.21 -17.94 4.59
CA THR C 265 -18.79 -17.92 4.27
C THR C 265 -17.94 -17.79 5.53
N ASN C 266 -18.36 -16.93 6.46
CA ASN C 266 -17.61 -16.76 7.70
C ASN C 266 -17.59 -18.04 8.52
N MET C 267 -18.72 -18.75 8.59
CA MET C 267 -18.77 -19.95 9.40
C MET C 267 -18.06 -21.12 8.73
N PHE C 268 -17.98 -21.14 7.40
CA PHE C 268 -17.26 -22.20 6.70
C PHE C 268 -15.79 -21.90 6.51
N THR C 269 -15.35 -20.66 6.76
CA THR C 269 -13.94 -20.32 6.62
C THR C 269 -13.02 -21.12 7.54
N PRO C 270 -13.31 -21.29 8.85
CA PRO C 270 -12.35 -21.98 9.71
C PRO C 270 -12.09 -23.43 9.34
N LEU C 271 -12.98 -24.06 8.58
CA LEU C 271 -12.79 -25.47 8.22
C LEU C 271 -11.61 -25.67 7.27
N ILE C 272 -11.13 -24.60 6.63
CA ILE C 272 -9.98 -24.68 5.72
C ILE C 272 -8.90 -23.67 6.08
N GLN C 273 -8.89 -23.17 7.33
CA GLN C 273 -7.94 -22.17 7.76
C GLN C 273 -7.38 -22.55 9.12
N PRO C 274 -6.11 -22.28 9.40
CA PRO C 274 -5.57 -22.54 10.75
C PRO C 274 -6.27 -21.70 11.80
N ILE C 275 -6.02 -22.05 13.05
CA ILE C 275 -6.73 -21.45 14.18
C ILE C 275 -5.88 -20.41 14.89
N GLY C 276 -4.88 -19.88 14.20
CA GLY C 276 -4.02 -18.89 14.82
C GLY C 276 -3.13 -18.22 13.80
N ALA C 277 -2.22 -17.40 14.31
CA ALA C 277 -1.27 -16.68 13.47
C ALA C 277 0.05 -17.44 13.36
N LEU C 278 0.00 -18.75 13.51
CA LEU C 278 1.21 -19.58 13.45
C LEU C 278 1.79 -19.65 12.05
N ASP C 279 1.09 -19.17 11.03
CA ASP C 279 1.54 -19.22 9.65
C ASP C 279 2.70 -18.25 9.42
N ILE C 280 3.88 -18.66 9.87
CA ILE C 280 5.09 -17.87 9.67
C ILE C 280 5.61 -18.14 8.25
N SER C 281 5.79 -17.08 7.47
CA SER C 281 6.24 -17.22 6.08
C SER C 281 7.75 -17.34 5.95
N ALA C 282 8.45 -17.84 6.97
CA ALA C 282 9.90 -17.94 6.91
C ALA C 282 10.36 -19.28 6.32
N SER C 283 9.42 -20.06 5.78
CA SER C 283 9.79 -21.32 5.14
C SER C 283 10.21 -21.12 3.70
N ILE C 284 10.10 -19.89 3.19
CA ILE C 284 10.44 -19.62 1.80
C ILE C 284 11.93 -19.79 1.51
N VAL C 285 12.80 -19.52 2.48
CA VAL C 285 14.23 -19.72 2.27
C VAL C 285 14.51 -21.20 2.03
N ALA C 286 13.94 -22.07 2.87
CA ALA C 286 14.07 -23.51 2.67
C ALA C 286 13.41 -23.98 1.38
N GLY C 287 12.30 -23.37 0.99
CA GLY C 287 11.66 -23.71 -0.27
C GLY C 287 12.51 -23.37 -1.47
N GLY C 288 13.14 -22.20 -1.44
CA GLY C 288 13.98 -21.77 -2.55
C GLY C 288 15.34 -22.43 -2.57
N ILE C 289 15.77 -22.98 -1.42
CA ILE C 289 17.03 -23.73 -1.39
C ILE C 289 16.97 -24.90 -2.34
N VAL C 290 15.85 -25.61 -2.39
CA VAL C 290 15.71 -26.75 -3.29
C VAL C 290 15.81 -26.30 -4.74
N ALA C 291 15.15 -25.19 -5.08
CA ALA C 291 15.20 -24.69 -6.46
C ALA C 291 16.62 -24.30 -6.84
N ILE C 292 17.32 -23.61 -5.95
CA ILE C 292 18.70 -23.21 -6.24
C ILE C 292 19.58 -24.44 -6.41
N VAL C 293 19.41 -25.43 -5.54
CA VAL C 293 20.23 -26.63 -5.60
C VAL C 293 20.01 -27.38 -6.90
N VAL C 294 18.74 -27.54 -7.30
CA VAL C 294 18.47 -28.28 -8.53
C VAL C 294 18.93 -27.49 -9.76
N THR C 295 18.78 -26.16 -9.74
CA THR C 295 19.24 -25.36 -10.86
C THR C 295 20.76 -25.44 -11.03
N CYS C 296 21.50 -25.37 -9.92
CA CYS C 296 22.95 -25.52 -10.00
C CYS C 296 23.35 -26.92 -10.41
N LEU C 297 22.67 -27.93 -9.87
CA LEU C 297 23.03 -29.32 -10.13
C LEU C 297 22.78 -29.70 -11.59
N ALA C 298 21.70 -29.21 -12.19
CA ALA C 298 21.46 -29.51 -13.59
C ALA C 298 22.56 -28.97 -14.48
N TYR C 299 22.98 -27.72 -14.25
CA TYR C 299 24.05 -27.13 -15.06
C TYR C 299 25.36 -27.86 -14.85
N TYR C 300 25.69 -28.19 -13.59
CA TYR C 300 26.95 -28.88 -13.33
C TYR C 300 26.94 -30.29 -13.93
N PHE C 301 25.80 -30.98 -13.87
CA PHE C 301 25.70 -32.30 -14.46
C PHE C 301 25.81 -32.23 -15.98
N MET C 302 25.22 -31.20 -16.59
CA MET C 302 25.38 -31.01 -18.03
C MET C 302 26.85 -30.78 -18.40
N ARG C 303 27.54 -29.95 -17.60
CA ARG C 303 28.96 -29.72 -17.85
C ARG C 303 29.76 -31.01 -17.70
N PHE C 304 29.42 -31.83 -16.70
CA PHE C 304 30.10 -33.11 -16.53
C PHE C 304 29.84 -34.03 -17.72
N ARG C 305 28.59 -34.08 -18.20
CA ARG C 305 28.25 -34.87 -19.37
C ARG C 305 28.90 -34.36 -20.64
N ARG C 306 29.30 -33.09 -20.67
CA ARG C 306 29.99 -32.56 -21.84
C ARG C 306 31.32 -33.29 -22.05
N ALA C 307 32.03 -33.61 -20.98
CA ALA C 307 33.29 -34.32 -21.08
C ALA C 307 33.08 -35.80 -20.76
N PHE C 308 34.18 -36.55 -20.78
CA PHE C 308 34.23 -37.97 -20.41
C PHE C 308 33.50 -38.85 -21.43
N GLY C 309 32.93 -38.23 -22.46
CA GLY C 309 32.39 -39.00 -23.59
C GLY C 309 31.32 -39.99 -23.18
N GLU C 310 31.47 -41.23 -23.65
CA GLU C 310 30.50 -42.28 -23.34
C GLU C 310 30.73 -42.87 -21.94
N TYR C 311 31.91 -42.67 -21.38
CA TYR C 311 32.31 -43.37 -20.15
C TYR C 311 31.87 -42.65 -18.87
N SER C 312 31.12 -41.56 -18.98
CA SER C 312 30.62 -40.87 -17.80
C SER C 312 29.73 -41.77 -16.96
N HIS C 313 28.92 -42.61 -17.62
CA HIS C 313 28.06 -43.55 -16.90
C HIS C 313 28.88 -44.54 -16.09
N VAL C 314 29.98 -45.04 -16.65
CA VAL C 314 30.84 -45.97 -15.91
C VAL C 314 31.54 -45.24 -14.77
N VAL C 315 31.97 -44.00 -15.00
CA VAL C 315 32.70 -43.25 -13.99
C VAL C 315 31.81 -42.93 -12.79
N ALA C 316 30.55 -42.57 -13.05
CA ALA C 316 29.67 -42.10 -11.98
C ALA C 316 29.43 -43.19 -10.93
N PHE C 317 29.01 -44.38 -11.39
CA PHE C 317 28.74 -45.47 -10.45
C PHE C 317 30.01 -45.94 -9.76
N ASN C 318 31.13 -45.96 -10.48
CA ASN C 318 32.40 -46.34 -9.86
C ASN C 318 32.77 -45.38 -8.74
N THR C 319 32.54 -44.08 -8.94
CA THR C 319 32.83 -43.12 -7.88
C THR C 319 31.85 -43.26 -6.71
N LEU C 320 30.57 -43.49 -7.02
CA LEU C 320 29.57 -43.60 -5.96
C LEU C 320 29.82 -44.82 -5.08
N LEU C 321 30.14 -45.97 -5.69
CA LEU C 321 30.43 -47.16 -4.91
C LEU C 321 31.68 -46.98 -4.06
N PHE C 322 32.71 -46.33 -4.62
CA PHE C 322 33.92 -46.06 -3.85
C PHE C 322 33.61 -45.17 -2.64
N LEU C 323 32.78 -44.14 -2.85
CA LEU C 323 32.40 -43.26 -1.74
C LEU C 323 31.62 -44.02 -0.67
N MET C 324 30.69 -44.87 -1.08
CA MET C 324 29.92 -45.65 -0.11
C MET C 324 30.82 -46.59 0.68
N SER C 325 31.76 -47.25 -0.01
CA SER C 325 32.69 -48.14 0.68
C SER C 325 33.60 -47.37 1.63
N PHE C 326 34.02 -46.17 1.22
CA PHE C 326 34.83 -45.32 2.11
C PHE C 326 34.06 -44.93 3.35
N THR C 327 32.77 -44.58 3.21
CA THR C 327 31.96 -44.26 4.38
C THR C 327 31.81 -45.47 5.29
N VAL C 328 31.58 -46.64 4.71
CA VAL C 328 31.42 -47.85 5.53
C VAL C 328 32.71 -48.16 6.28
N LEU C 329 33.86 -48.04 5.60
CA LEU C 329 35.13 -48.25 6.27
C LEU C 329 35.37 -47.24 7.37
N CYS C 330 34.93 -45.99 7.17
CA CYS C 330 35.06 -44.98 8.21
C CYS C 330 34.19 -45.28 9.42
N LEU C 331 33.01 -45.89 9.21
CA LEU C 331 32.15 -46.22 10.34
C LEU C 331 32.52 -47.55 10.98
N THR C 332 33.52 -48.25 10.46
CA THR C 332 33.90 -49.57 10.99
C THR C 332 34.36 -49.56 12.45
N PRO C 333 35.24 -48.67 12.92
CA PRO C 333 35.84 -48.87 14.24
C PRO C 333 34.87 -48.92 15.41
N VAL C 334 33.66 -48.36 15.27
CA VAL C 334 32.72 -48.36 16.37
C VAL C 334 31.65 -49.43 16.14
N TYR C 335 31.11 -49.49 14.92
CA TYR C 335 30.07 -50.46 14.57
C TYR C 335 30.73 -51.65 13.86
N SER C 336 30.88 -52.74 14.62
CA SER C 336 31.53 -53.94 14.12
C SER C 336 30.60 -54.80 13.29
N PHE C 337 29.31 -54.46 13.26
CA PHE C 337 28.35 -55.24 12.50
C PHE C 337 28.50 -55.02 11.00
N LEU C 338 29.01 -53.85 10.61
CA LEU C 338 28.98 -53.43 9.21
C LEU C 338 29.74 -54.36 8.26
N PRO C 339 30.96 -54.81 8.54
CA PRO C 339 31.73 -55.52 7.51
C PRO C 339 31.03 -56.73 6.90
N GLY C 340 30.21 -57.43 7.68
CA GLY C 340 29.51 -58.59 7.15
C GLY C 340 28.20 -58.26 6.45
N VAL C 341 27.31 -57.56 7.16
CA VAL C 341 25.99 -57.27 6.60
C VAL C 341 26.10 -56.34 5.39
N TYR C 342 26.99 -55.36 5.44
CA TYR C 342 27.16 -54.47 4.29
C TYR C 342 27.72 -55.24 3.09
N SER C 343 28.64 -56.17 3.33
CA SER C 343 29.15 -56.98 2.22
C SER C 343 28.04 -57.84 1.62
N VAL C 344 27.19 -58.41 2.46
CA VAL C 344 26.07 -59.22 1.97
C VAL C 344 25.13 -58.36 1.14
N ILE C 345 24.81 -57.16 1.64
CA ILE C 345 23.91 -56.26 0.92
C ILE C 345 24.52 -55.84 -0.40
N TYR C 346 25.83 -55.60 -0.41
CA TYR C 346 26.53 -55.23 -1.64
C TYR C 346 26.48 -56.35 -2.66
N LEU C 347 26.70 -57.60 -2.20
CA LEU C 347 26.61 -58.74 -3.09
C LEU C 347 25.21 -58.89 -3.67
N TYR C 348 24.19 -58.67 -2.83
CA TYR C 348 22.82 -58.73 -3.32
C TYR C 348 22.54 -57.63 -4.34
N LEU C 349 23.04 -56.43 -4.09
CA LEU C 349 22.72 -55.28 -4.93
C LEU C 349 23.48 -55.31 -6.24
N THR C 350 24.65 -55.95 -6.29
CA THR C 350 25.47 -55.89 -7.49
C THR C 350 24.81 -56.56 -8.68
N PHE C 351 23.76 -57.34 -8.47
CA PHE C 351 23.06 -57.98 -9.58
C PHE C 351 22.37 -56.96 -10.48
N TYR C 352 21.83 -55.89 -9.91
CA TYR C 352 21.07 -54.90 -10.69
C TYR C 352 21.99 -53.83 -11.28
N LEU C 353 23.01 -54.26 -12.00
CA LEU C 353 23.94 -53.35 -12.66
C LEU C 353 24.42 -53.97 -13.96
N THR C 354 24.93 -53.12 -14.84
CA THR C 354 25.50 -53.58 -16.10
C THR C 354 26.85 -54.23 -15.86
N ASN C 355 27.21 -55.16 -16.75
CA ASN C 355 28.47 -55.89 -16.59
C ASN C 355 29.68 -54.97 -16.62
N ASP C 356 29.59 -53.88 -17.40
CA ASP C 356 30.72 -52.96 -17.53
C ASP C 356 31.10 -52.36 -16.18
N VAL C 357 30.10 -51.94 -15.40
CA VAL C 357 30.39 -51.46 -14.05
C VAL C 357 30.42 -52.61 -13.05
N SER C 358 29.81 -53.75 -13.38
CA SER C 358 29.84 -54.89 -12.46
C SER C 358 31.26 -55.41 -12.27
N PHE C 359 32.05 -55.46 -13.35
CA PHE C 359 33.42 -55.93 -13.26
C PHE C 359 34.24 -55.01 -12.34
N LEU C 360 34.10 -53.69 -12.53
CA LEU C 360 34.80 -52.74 -11.67
C LEU C 360 34.35 -52.87 -10.22
N ALA C 361 33.05 -53.05 -10.00
CA ALA C 361 32.54 -53.21 -8.65
C ALA C 361 33.11 -54.46 -7.99
N HIS C 362 33.16 -55.57 -8.71
CA HIS C 362 33.73 -56.79 -8.15
C HIS C 362 35.20 -56.62 -7.83
N ILE C 363 35.96 -55.99 -8.74
CA ILE C 363 37.38 -55.77 -8.50
C ILE C 363 37.59 -54.90 -7.26
N GLN C 364 36.82 -53.82 -7.15
CA GLN C 364 36.96 -52.93 -6.01
C GLN C 364 36.59 -53.63 -4.70
N TRP C 365 35.50 -54.40 -4.71
CA TRP C 365 35.10 -55.11 -3.50
C TRP C 365 36.15 -56.13 -3.08
N MET C 366 36.71 -56.87 -4.05
CA MET C 366 37.74 -57.85 -3.73
C MET C 366 39.03 -57.19 -3.25
N VAL C 367 39.38 -56.02 -3.80
CA VAL C 367 40.60 -55.34 -3.35
C VAL C 367 40.43 -54.78 -1.95
N MET C 368 39.24 -54.21 -1.66
CA MET C 368 39.11 -53.41 -0.44
C MET C 368 38.70 -54.27 0.76
N PHE C 369 37.64 -55.05 0.64
CA PHE C 369 37.03 -55.69 1.81
C PHE C 369 37.64 -57.03 2.17
N THR C 370 38.55 -57.55 1.34
CA THR C 370 39.12 -58.89 1.55
C THR C 370 39.86 -59.05 2.88
N PRO C 371 40.77 -58.14 3.27
CA PRO C 371 41.58 -58.41 4.47
C PRO C 371 40.82 -58.35 5.78
N LEU C 372 39.55 -57.91 5.79
CA LEU C 372 38.80 -57.78 7.03
C LEU C 372 37.45 -58.48 6.97
N VAL C 373 37.37 -59.62 6.29
CA VAL C 373 36.11 -60.36 6.17
C VAL C 373 36.40 -61.85 6.44
N PRO C 374 35.46 -62.59 7.04
CA PRO C 374 35.69 -64.03 7.24
C PRO C 374 35.83 -64.77 5.92
N PHE C 375 36.52 -65.91 5.99
CA PHE C 375 36.85 -66.67 4.78
C PHE C 375 35.61 -67.21 4.09
N TRP C 376 34.64 -67.71 4.87
CA TRP C 376 33.46 -68.31 4.28
C TRP C 376 32.62 -67.31 3.49
N ILE C 377 32.58 -66.05 3.92
CA ILE C 377 31.89 -65.03 3.13
C ILE C 377 32.54 -64.89 1.77
N THR C 378 33.88 -64.84 1.73
CA THR C 378 34.58 -64.73 0.46
C THR C 378 34.35 -65.95 -0.42
N ILE C 379 34.37 -67.15 0.17
CA ILE C 379 34.18 -68.34 -0.64
C ILE C 379 32.75 -68.40 -1.19
N ALA C 380 31.77 -67.96 -0.39
CA ALA C 380 30.40 -67.90 -0.89
C ALA C 380 30.26 -66.88 -2.01
N TYR C 381 30.93 -65.73 -1.86
CA TYR C 381 30.93 -64.72 -2.93
C TYR C 381 31.52 -65.28 -4.22
N ILE C 382 32.64 -66.00 -4.11
CA ILE C 382 33.30 -66.57 -5.29
C ILE C 382 32.39 -67.61 -5.93
N ILE C 383 31.77 -68.47 -5.11
CA ILE C 383 30.90 -69.52 -5.66
C ILE C 383 29.71 -68.89 -6.38
N CYS C 384 29.08 -67.89 -5.76
CA CYS C 384 27.95 -67.22 -6.40
C CYS C 384 28.34 -66.49 -7.67
N ILE C 385 29.55 -65.93 -7.74
CA ILE C 385 29.98 -65.28 -8.96
C ILE C 385 30.28 -66.31 -10.06
N SER C 386 30.89 -67.44 -9.69
CA SER C 386 31.39 -68.39 -10.67
C SER C 386 30.42 -69.50 -11.03
N THR C 387 29.24 -69.57 -10.40
CA THR C 387 28.26 -70.59 -10.79
C THR C 387 27.80 -70.42 -12.23
N LYS C 388 27.64 -69.17 -12.69
CA LYS C 388 27.18 -68.91 -14.05
C LYS C 388 28.14 -69.44 -15.11
N HIS C 389 29.43 -69.56 -14.80
CA HIS C 389 30.40 -70.15 -15.71
C HIS C 389 30.62 -71.63 -15.44
N PHE C 390 30.46 -72.07 -14.18
CA PHE C 390 30.53 -73.49 -13.88
C PHE C 390 29.43 -74.26 -14.60
N TYR C 391 28.23 -73.70 -14.65
CA TYR C 391 27.14 -74.34 -15.39
C TYR C 391 27.51 -74.52 -16.86
N TRP C 392 28.03 -73.46 -17.50
CA TRP C 392 28.39 -73.55 -18.91
C TRP C 392 29.49 -74.57 -19.14
N PHE C 393 30.52 -74.56 -18.27
CA PHE C 393 31.63 -75.51 -18.44
C PHE C 393 31.16 -76.94 -18.28
N PHE C 394 30.32 -77.20 -17.26
CA PHE C 394 29.82 -78.55 -17.03
C PHE C 394 28.95 -79.01 -18.18
N SER C 395 28.10 -78.11 -18.70
CA SER C 395 27.23 -78.46 -19.81
C SER C 395 28.02 -78.77 -21.07
N ASN C 396 29.06 -77.99 -21.33
CA ASN C 396 29.76 -78.08 -22.61
C ASN C 396 30.93 -79.05 -22.62
N TYR C 397 31.43 -79.49 -21.47
CA TYR C 397 32.59 -80.38 -21.49
C TYR C 397 32.49 -81.57 -20.55
N LEU C 398 31.43 -81.69 -19.75
CA LEU C 398 31.35 -82.81 -18.81
C LEU C 398 30.04 -83.57 -18.90
N LYS C 399 28.94 -82.86 -19.20
CA LYS C 399 27.62 -83.44 -19.07
C LYS C 399 27.35 -84.54 -20.11
N ARG C 400 27.44 -85.79 -19.68
CA ARG C 400 27.02 -86.95 -20.45
C ARG C 400 27.62 -86.99 -21.85
N ARG C 401 28.91 -86.64 -21.96
CA ARG C 401 29.66 -86.59 -23.22
C ARG C 401 28.83 -86.08 -24.40
N SER C 410 23.53 -87.47 -31.40
CA SER C 410 24.63 -87.61 -30.44
C SER C 410 24.11 -88.11 -29.09
N THR C 411 22.87 -87.77 -28.77
CA THR C 411 22.25 -88.22 -27.53
C THR C 411 20.91 -88.86 -27.84
N PHE C 412 20.35 -89.53 -26.83
CA PHE C 412 19.13 -90.31 -26.99
C PHE C 412 17.94 -89.46 -27.43
N GLU C 413 17.55 -88.49 -26.60
CA GLU C 413 16.34 -87.73 -26.88
C GLU C 413 16.51 -86.76 -28.03
N GLU C 414 17.73 -86.25 -28.27
CA GLU C 414 17.99 -85.40 -29.41
C GLU C 414 17.78 -86.17 -30.71
N ALA C 415 18.31 -87.39 -30.78
CA ALA C 415 18.17 -88.20 -31.99
C ALA C 415 16.79 -88.84 -32.07
N ALA C 416 16.05 -88.87 -30.97
CA ALA C 416 14.71 -89.45 -30.97
C ALA C 416 13.73 -88.64 -31.80
N LEU C 417 14.03 -87.37 -32.09
CA LEU C 417 13.15 -86.50 -32.84
C LEU C 417 13.71 -86.15 -34.21
N CYS C 418 14.38 -87.10 -34.87
CA CYS C 418 14.98 -86.88 -36.17
C CYS C 418 14.67 -88.04 -37.10
N THR C 419 14.68 -87.76 -38.40
CA THR C 419 14.47 -88.79 -39.41
C THR C 419 15.78 -89.48 -39.77
N PHE C 420 15.79 -90.80 -39.66
CA PHE C 420 16.99 -91.58 -39.96
C PHE C 420 16.59 -92.98 -40.38
N LEU C 421 17.53 -93.66 -41.02
CA LEU C 421 17.32 -95.05 -41.42
C LEU C 421 17.83 -95.98 -40.32
N LEU C 422 17.06 -97.02 -40.04
CA LEU C 422 17.36 -97.96 -38.96
C LEU C 422 17.95 -99.25 -39.52
N ASN C 423 19.04 -99.70 -38.92
CA ASN C 423 19.68 -100.94 -39.30
C ASN C 423 20.09 -101.70 -38.03
N LYS C 424 20.66 -102.88 -38.23
CA LYS C 424 21.02 -103.74 -37.11
C LYS C 424 22.08 -103.09 -36.22
N GLU C 425 23.09 -102.48 -36.84
CA GLU C 425 24.20 -101.91 -36.07
C GLU C 425 23.72 -100.76 -35.17
N MET C 426 22.95 -99.82 -35.72
CA MET C 426 22.46 -98.71 -34.92
C MET C 426 21.45 -99.19 -33.88
N TYR C 427 20.67 -100.22 -34.20
CA TYR C 427 19.76 -100.79 -33.22
C TYR C 427 20.52 -101.38 -32.04
N LEU C 428 21.61 -102.11 -32.32
CA LEU C 428 22.43 -102.66 -31.25
C LEU C 428 23.07 -101.56 -30.43
N LYS C 429 23.56 -100.50 -31.09
CA LYS C 429 24.18 -99.39 -30.37
C LYS C 429 23.17 -98.69 -29.46
N LEU C 430 21.96 -98.46 -29.96
CA LEU C 430 20.95 -97.76 -29.16
C LEU C 430 20.43 -98.62 -28.02
N ARG C 431 20.36 -99.93 -28.23
CA ARG C 431 19.77 -100.84 -27.26
C ARG C 431 20.66 -101.06 -26.03
N SER C 432 21.79 -100.37 -25.94
CA SER C 432 22.61 -100.44 -24.73
C SER C 432 21.81 -99.94 -23.54
N ASP C 433 21.83 -100.71 -22.45
CA ASP C 433 20.99 -100.39 -21.30
C ASP C 433 21.42 -99.11 -20.59
N VAL C 434 22.66 -98.66 -20.82
CA VAL C 434 23.10 -97.41 -20.23
C VAL C 434 22.30 -96.24 -20.77
N LEU C 435 22.06 -96.22 -22.08
CA LEU C 435 21.27 -95.15 -22.69
C LEU C 435 19.81 -95.21 -22.25
N LEU C 436 19.26 -96.42 -22.13
CA LEU C 436 17.87 -96.59 -21.75
C LEU C 436 17.71 -97.79 -20.83
N PRO C 437 17.30 -97.59 -19.58
CA PRO C 437 17.12 -98.73 -18.67
C PRO C 437 16.00 -99.65 -19.15
N LEU C 438 16.13 -100.92 -18.77
CA LEU C 438 15.12 -101.91 -19.16
C LEU C 438 13.74 -101.56 -18.59
N THR C 439 13.71 -101.07 -17.35
CA THR C 439 12.44 -100.68 -16.75
C THR C 439 11.81 -99.51 -17.50
N GLN C 440 12.63 -98.54 -17.92
CA GLN C 440 12.10 -97.41 -18.68
C GLN C 440 11.62 -97.86 -20.05
N TYR C 441 12.32 -98.80 -20.68
CA TYR C 441 11.87 -99.35 -21.95
C TYR C 441 10.53 -100.05 -21.79
N ASN C 442 10.37 -100.84 -20.72
CA ASN C 442 9.12 -101.53 -20.47
C ASN C 442 7.98 -100.56 -20.19
N ARG C 443 8.25 -99.50 -19.42
CA ARG C 443 7.20 -98.52 -19.15
C ARG C 443 6.83 -97.74 -20.40
N TYR C 444 7.79 -97.47 -21.29
CA TYR C 444 7.47 -96.86 -22.58
C TYR C 444 6.58 -97.78 -23.41
N LEU C 445 6.91 -99.07 -23.44
CA LEU C 445 6.07 -100.02 -24.17
C LEU C 445 4.66 -100.07 -23.60
N ALA C 446 4.54 -100.05 -22.27
CA ALA C 446 3.23 -100.07 -21.64
C ALA C 446 2.45 -98.80 -21.93
N LEU C 447 3.12 -97.64 -21.87
CA LEU C 447 2.43 -96.36 -22.04
C LEU C 447 2.21 -96.01 -23.50
N TYR C 448 2.75 -96.79 -24.43
CA TYR C 448 2.40 -96.61 -25.84
C TYR C 448 0.89 -96.74 -26.03
N ASN C 449 0.29 -97.74 -25.38
CA ASN C 449 -1.15 -97.94 -25.45
C ASN C 449 -1.95 -96.82 -24.80
N LYS C 450 -1.34 -96.07 -23.88
CA LYS C 450 -2.03 -94.93 -23.28
C LYS C 450 -1.88 -93.69 -24.14
N TYR C 451 -0.70 -93.48 -24.72
CA TYR C 451 -0.45 -92.30 -25.54
C TYR C 451 -1.01 -92.42 -26.94
N LYS C 452 -1.40 -93.62 -27.37
CA LYS C 452 -2.06 -93.75 -28.68
C LYS C 452 -3.42 -93.08 -28.70
N TYR C 453 -4.00 -92.74 -27.55
CA TYR C 453 -5.26 -92.00 -27.49
C TYR C 453 -5.08 -90.59 -26.95
N PHE C 454 -3.85 -90.09 -26.87
CA PHE C 454 -3.59 -88.79 -26.29
C PHE C 454 -4.05 -87.67 -27.22
N SER C 455 -4.55 -86.58 -26.61
CA SER C 455 -5.07 -85.45 -27.38
C SER C 455 -4.60 -84.11 -26.82
N GLY C 456 -3.35 -84.02 -26.39
CA GLY C 456 -2.85 -82.80 -25.77
C GLY C 456 -2.07 -81.90 -26.69
N ALA C 457 -0.92 -81.42 -26.22
CA ALA C 457 -0.10 -80.45 -26.96
C ALA C 457 1.30 -81.02 -27.16
N MET C 458 2.04 -80.37 -28.07
CA MET C 458 3.38 -80.84 -28.42
C MET C 458 4.41 -80.48 -27.36
N ASP C 459 4.29 -79.31 -26.73
CA ASP C 459 5.30 -78.89 -25.77
C ASP C 459 5.27 -79.73 -24.50
N THR C 460 4.15 -80.40 -24.24
CA THR C 460 4.03 -81.18 -23.01
C THR C 460 5.01 -82.36 -23.03
N THR C 461 5.43 -82.77 -21.83
CA THR C 461 6.28 -83.95 -21.70
C THR C 461 5.57 -85.20 -22.20
N SER C 462 4.23 -85.16 -22.26
CA SER C 462 3.48 -86.29 -22.79
C SER C 462 3.81 -86.55 -24.25
N TYR C 463 3.98 -85.48 -25.04
CA TYR C 463 4.36 -85.65 -26.45
C TYR C 463 5.73 -86.29 -26.58
N ARG C 464 6.69 -85.84 -25.77
CA ARG C 464 8.02 -86.44 -25.79
C ARG C 464 7.97 -87.91 -25.41
N GLU C 465 7.19 -88.23 -24.37
CA GLU C 465 7.07 -89.62 -23.94
C GLU C 465 6.38 -90.47 -25.00
N ALA C 466 5.41 -89.90 -25.71
CA ALA C 466 4.76 -90.63 -26.79
C ALA C 466 5.72 -90.88 -27.94
N ALA C 467 6.58 -89.91 -28.26
CA ALA C 467 7.61 -90.12 -29.26
C ALA C 467 8.56 -91.24 -28.83
N CYS C 468 8.94 -91.24 -27.55
CA CYS C 468 9.80 -92.31 -27.03
C CYS C 468 9.10 -93.66 -27.12
N CYS C 469 7.79 -93.70 -26.83
CA CYS C 469 7.03 -94.93 -26.93
C CYS C 469 6.99 -95.45 -28.36
N HIS C 470 6.78 -94.53 -29.32
CA HIS C 470 6.79 -94.92 -30.73
C HIS C 470 8.16 -95.47 -31.15
N LEU C 471 9.23 -94.82 -30.70
CA LEU C 471 10.57 -95.30 -31.01
C LEU C 471 10.81 -96.68 -30.42
N ALA C 472 10.37 -96.88 -29.17
CA ALA C 472 10.56 -98.18 -28.51
C ALA C 472 9.75 -99.27 -29.22
N LYS C 473 8.52 -98.95 -29.63
CA LYS C 473 7.71 -99.92 -30.35
C LYS C 473 8.35 -100.28 -31.69
N ALA C 474 8.88 -99.27 -32.39
CA ALA C 474 9.56 -99.54 -33.66
C ALA C 474 10.78 -100.41 -33.46
N LEU C 475 11.57 -100.14 -32.41
CA LEU C 475 12.74 -100.98 -32.13
C LEU C 475 12.33 -102.40 -31.78
N ASN C 476 11.27 -102.56 -30.99
CA ASN C 476 10.80 -103.89 -30.62
C ASN C 476 10.34 -104.67 -31.85
N ASP C 477 9.62 -104.00 -32.75
CA ASP C 477 9.19 -104.65 -33.99
C ASP C 477 10.39 -105.00 -34.87
N PHE C 478 11.40 -104.14 -34.89
CA PHE C 478 12.62 -104.44 -35.64
C PHE C 478 13.32 -105.67 -35.08
N SER C 479 13.34 -105.79 -33.75
CA SER C 479 13.97 -106.94 -33.13
C SER C 479 13.26 -108.25 -33.50
N ASN C 480 11.96 -108.19 -33.73
CA ASN C 480 11.18 -109.36 -34.12
C ASN C 480 11.07 -109.52 -35.63
N SER C 481 11.65 -108.60 -36.40
CA SER C 481 11.61 -108.68 -37.86
C SER C 481 12.99 -108.66 -38.51
N GLY C 482 13.92 -107.86 -38.01
CA GLY C 482 15.26 -107.81 -38.59
C GLY C 482 15.30 -107.28 -40.01
N SER C 483 14.52 -106.23 -40.31
CA SER C 483 14.50 -105.63 -41.64
C SER C 483 14.63 -104.13 -41.50
N ASP C 484 15.42 -103.52 -42.40
CA ASP C 484 15.61 -102.09 -42.37
C ASP C 484 14.30 -101.37 -42.64
N VAL C 485 14.01 -100.34 -41.83
CA VAL C 485 12.76 -99.61 -41.93
C VAL C 485 13.05 -98.13 -41.73
N LEU C 486 12.32 -97.29 -42.46
CA LEU C 486 12.48 -95.84 -42.32
C LEU C 486 11.73 -95.35 -41.09
N TYR C 487 12.34 -94.42 -40.36
CA TYR C 487 11.75 -93.83 -39.17
C TYR C 487 11.59 -92.33 -39.36
N GLN C 488 10.44 -91.81 -38.92
CA GLN C 488 10.13 -90.39 -38.95
C GLN C 488 9.51 -89.97 -37.62
N PRO C 489 9.53 -88.68 -37.30
CA PRO C 489 8.87 -88.21 -36.06
C PRO C 489 7.40 -88.58 -36.07
N PRO C 490 6.84 -88.92 -34.91
CA PRO C 490 5.47 -89.42 -34.87
C PRO C 490 4.47 -88.42 -35.44
N GLN C 491 3.50 -88.94 -36.19
CA GLN C 491 2.47 -88.09 -36.77
C GLN C 491 1.44 -87.70 -35.73
N THR C 492 0.71 -86.63 -36.02
CA THR C 492 -0.34 -86.17 -35.12
C THR C 492 -1.47 -87.18 -35.05
N SER C 493 -1.99 -87.37 -33.84
CA SER C 493 -3.08 -88.32 -33.62
C SER C 493 -4.33 -87.60 -33.14
N HIS D 31 18.40 -42.22 71.39
CA HIS D 31 17.51 -43.29 70.92
C HIS D 31 17.99 -43.86 69.60
N VAL D 32 17.98 -45.18 69.50
CA VAL D 32 18.47 -45.89 68.33
C VAL D 32 17.37 -46.78 67.79
N MET D 33 17.32 -46.92 66.46
CA MET D 33 16.31 -47.74 65.82
C MET D 33 16.51 -49.21 66.15
N SER D 34 15.41 -49.97 66.09
CA SER D 34 15.45 -51.40 66.39
C SER D 34 14.56 -52.14 65.41
N LYS D 35 14.84 -53.44 65.27
CA LYS D 35 14.10 -54.29 64.34
C LYS D 35 13.38 -55.39 65.11
N HIS D 36 12.24 -55.81 64.57
CA HIS D 36 11.43 -56.85 65.19
C HIS D 36 10.91 -57.80 64.11
N THR D 37 10.56 -59.01 64.54
CA THR D 37 10.10 -60.04 63.62
C THR D 37 8.70 -60.54 63.93
N ASP D 38 7.90 -59.77 64.65
CA ASP D 38 6.55 -60.21 65.01
C ASP D 38 5.65 -60.26 63.77
N PHE D 39 4.79 -61.28 63.74
CA PHE D 39 3.83 -61.53 62.66
C PHE D 39 4.50 -61.65 61.30
N SER D 40 5.65 -62.31 61.23
CA SER D 40 6.36 -62.42 59.95
C SER D 40 5.68 -63.39 59.00
N SER D 41 5.00 -64.41 59.53
CA SER D 41 4.40 -65.43 58.68
C SER D 41 3.24 -64.90 57.85
N GLU D 42 2.58 -63.83 58.29
CA GLU D 42 1.45 -63.26 57.58
C GLU D 42 1.83 -62.11 56.66
N ILE D 43 3.11 -61.78 56.56
CA ILE D 43 3.54 -60.67 55.71
C ILE D 43 3.48 -61.09 54.24
N ILE D 44 2.85 -60.26 53.43
CA ILE D 44 2.73 -60.52 51.99
C ILE D 44 3.47 -59.49 51.14
N GLY D 45 3.60 -58.26 51.59
CA GLY D 45 4.28 -57.25 50.79
C GLY D 45 4.67 -56.06 51.65
N TYR D 46 5.26 -55.07 50.99
CA TYR D 46 5.75 -53.87 51.66
C TYR D 46 5.42 -52.64 50.84
N LYS D 47 5.25 -51.52 51.54
CA LYS D 47 5.00 -50.23 50.92
C LYS D 47 5.70 -49.15 51.73
N ALA D 48 5.94 -48.02 51.08
CA ALA D 48 6.62 -46.89 51.70
C ALA D 48 5.66 -45.70 51.84
N ILE D 49 5.82 -44.97 52.94
CA ILE D 49 5.01 -43.79 53.23
C ILE D 49 5.91 -42.56 53.10
N ASP D 50 5.53 -41.65 52.21
CA ASP D 50 6.32 -40.46 51.95
C ASP D 50 5.43 -39.23 52.06
N GLY D 51 5.78 -38.32 52.97
CA GLY D 51 5.02 -37.09 53.14
C GLY D 51 3.58 -37.30 53.51
N GLY D 52 3.28 -38.28 54.36
CA GLY D 52 1.91 -38.60 54.71
C GLY D 52 1.16 -39.38 53.65
N VAL D 53 1.83 -39.80 52.59
CA VAL D 53 1.20 -40.53 51.49
C VAL D 53 1.99 -41.81 51.24
N THR D 54 1.25 -42.92 51.10
CA THR D 54 1.83 -44.22 50.80
C THR D 54 2.05 -44.34 49.29
N ARG D 55 3.20 -44.89 48.92
CA ARG D 55 3.56 -45.04 47.51
C ARG D 55 4.27 -46.37 47.31
N ASP D 56 4.41 -46.75 46.05
CA ASP D 56 5.10 -47.98 45.69
C ASP D 56 6.61 -47.81 45.88
N ILE D 57 7.32 -48.94 45.88
CA ILE D 57 8.76 -48.97 46.11
C ILE D 57 9.46 -49.37 44.82
N ALA D 58 10.61 -48.74 44.58
CA ALA D 58 11.42 -49.04 43.41
C ALA D 58 12.87 -49.18 43.84
N SER D 59 13.65 -49.87 43.01
CA SER D 59 15.05 -50.14 43.33
C SER D 59 15.93 -48.89 43.28
N THR D 60 15.43 -47.78 42.74
CA THR D 60 16.22 -46.57 42.65
C THR D 60 16.43 -45.89 43.99
N ASP D 61 15.48 -46.02 44.93
CA ASP D 61 15.60 -45.39 46.22
C ASP D 61 16.78 -45.96 47.01
N THR D 62 17.35 -45.12 47.88
CA THR D 62 18.60 -45.49 48.55
C THR D 62 18.59 -45.35 50.06
N CYS D 63 17.50 -44.91 50.70
CA CYS D 63 17.47 -44.82 52.14
C CYS D 63 16.04 -44.94 52.65
N PHE D 64 15.89 -45.63 53.78
CA PHE D 64 14.58 -45.85 54.38
C PHE D 64 14.73 -45.92 55.89
N ALA D 65 13.60 -45.76 56.59
CA ALA D 65 13.54 -45.98 58.03
C ALA D 65 12.97 -47.37 58.26
N ASN D 66 13.84 -48.35 58.44
CA ASN D 66 13.40 -49.74 58.52
C ASN D 66 12.98 -50.11 59.93
N LYS D 67 11.85 -50.82 60.01
CA LYS D 67 11.35 -51.35 61.27
C LYS D 67 11.30 -52.87 61.22
N HIS D 68 10.80 -53.42 60.11
CA HIS D 68 10.66 -54.86 59.97
C HIS D 68 11.99 -55.48 59.53
N ALA D 69 12.32 -56.64 60.11
CA ALA D 69 13.59 -57.29 59.79
C ALA D 69 13.54 -57.96 58.42
N ASP D 70 12.40 -58.55 58.06
CA ASP D 70 12.29 -59.26 56.80
C ASP D 70 12.37 -58.32 55.59
N PHE D 71 12.17 -57.01 55.80
CA PHE D 71 12.34 -56.07 54.70
C PHE D 71 13.78 -56.07 54.20
N ASP D 72 14.74 -56.29 55.09
CA ASP D 72 16.14 -56.34 54.68
C ASP D 72 16.39 -57.47 53.68
N THR D 73 15.69 -58.59 53.83
CA THR D 73 15.83 -59.69 52.88
C THR D 73 14.99 -59.46 51.63
N TRP D 74 13.80 -58.88 51.80
CA TRP D 74 12.93 -58.64 50.64
C TRP D 74 13.55 -57.63 49.68
N PHE D 75 14.11 -56.55 50.20
CA PHE D 75 14.65 -55.50 49.35
C PHE D 75 15.94 -55.93 48.66
N SER D 76 16.67 -56.88 49.26
CA SER D 76 17.91 -57.35 48.66
C SER D 76 17.64 -58.15 47.39
N GLN D 77 16.50 -58.86 47.33
CA GLN D 77 16.17 -59.67 46.17
C GLN D 77 15.91 -58.85 44.91
N ARG D 78 15.64 -57.55 45.06
CA ARG D 78 15.44 -56.67 43.92
C ARG D 78 16.73 -55.98 43.49
N GLY D 79 17.87 -56.32 44.10
CA GLY D 79 19.13 -55.72 43.75
C GLY D 79 19.39 -54.35 44.33
N GLY D 80 18.59 -53.91 45.30
CA GLY D 80 18.79 -52.60 45.87
C GLY D 80 19.63 -52.63 47.13
N SER D 81 20.27 -51.50 47.43
CA SER D 81 21.01 -51.32 48.66
C SER D 81 20.62 -49.97 49.27
N TYR D 82 20.57 -49.91 50.59
CA TYR D 82 20.09 -48.72 51.26
C TYR D 82 20.90 -48.47 52.52
N THR D 83 20.87 -47.23 52.99
CA THR D 83 21.47 -46.82 54.25
C THR D 83 20.36 -46.35 55.19
N ASN D 84 20.39 -46.83 56.42
CA ASN D 84 19.32 -46.55 57.37
C ASN D 84 19.45 -45.13 57.92
N ASP D 85 18.47 -44.29 57.64
CA ASP D 85 18.39 -42.95 58.20
C ASP D 85 16.92 -42.66 58.52
N LYS D 86 16.67 -42.14 59.74
CA LYS D 86 15.30 -41.91 60.17
C LYS D 86 14.62 -40.77 59.41
N ALA D 87 15.39 -39.89 58.75
CA ALA D 87 14.79 -38.80 58.01
C ALA D 87 14.17 -39.26 56.69
N CYS D 88 14.51 -40.45 56.22
CA CYS D 88 14.00 -40.99 54.98
C CYS D 88 12.63 -41.62 55.21
N PRO D 89 11.84 -41.80 54.15
CA PRO D 89 10.47 -42.31 54.31
C PRO D 89 10.43 -43.67 55.00
N LEU D 90 9.38 -43.88 55.78
CA LEU D 90 9.22 -45.10 56.57
C LEU D 90 8.73 -46.25 55.69
N ILE D 91 8.56 -47.40 56.31
CA ILE D 91 8.18 -48.64 55.63
C ILE D 91 6.98 -49.24 56.35
N ALA D 92 6.06 -49.81 55.56
CA ALA D 92 4.90 -50.50 56.11
C ALA D 92 4.77 -51.87 55.45
N ALA D 93 4.18 -52.80 56.18
CA ALA D 93 4.03 -54.18 55.72
C ALA D 93 2.55 -54.51 55.54
N VAL D 94 2.26 -55.30 54.51
CA VAL D 94 0.89 -55.71 54.24
C VAL D 94 0.63 -57.05 54.93
N ILE D 95 -0.36 -57.07 55.82
CA ILE D 95 -0.73 -58.27 56.57
C ILE D 95 -2.23 -58.47 56.49
N THR D 96 -2.65 -59.68 56.11
CA THR D 96 -4.06 -59.99 56.05
C THR D 96 -4.71 -59.97 57.44
N ARG D 97 -4.00 -60.48 58.44
CA ARG D 97 -4.55 -60.56 59.79
C ARG D 97 -4.77 -59.16 60.36
N GLU D 98 -5.90 -58.99 61.06
CA GLU D 98 -6.21 -57.71 61.67
C GLU D 98 -5.35 -57.49 62.90
N VAL D 99 -4.43 -56.53 62.81
CA VAL D 99 -3.49 -56.24 63.89
C VAL D 99 -3.43 -54.73 64.09
N GLY D 100 -3.47 -54.30 65.34
CA GLY D 100 -3.30 -52.90 65.68
C GLY D 100 -4.61 -52.12 65.68
N PHE D 101 -4.46 -50.81 65.86
CA PHE D 101 -5.59 -49.89 65.95
C PHE D 101 -5.36 -48.73 65.00
N VAL D 102 -6.42 -47.98 64.74
CA VAL D 102 -6.39 -46.88 63.78
C VAL D 102 -5.99 -45.59 64.49
N VAL D 103 -5.35 -44.69 63.75
CA VAL D 103 -4.96 -43.38 64.23
C VAL D 103 -5.43 -42.33 63.22
N PRO D 104 -6.10 -41.27 63.67
CA PRO D 104 -6.56 -40.25 62.72
C PRO D 104 -5.40 -39.61 61.96
N GLY D 105 -5.62 -39.36 60.68
CA GLY D 105 -4.62 -38.74 59.84
C GLY D 105 -3.48 -39.64 59.43
N LEU D 106 -3.56 -40.94 59.70
CA LEU D 106 -2.50 -41.87 59.38
C LEU D 106 -3.09 -43.15 58.81
N PRO D 107 -2.69 -43.57 57.62
CA PRO D 107 -3.26 -44.78 57.03
C PRO D 107 -2.76 -46.05 57.72
N GLY D 108 -3.53 -47.12 57.57
CA GLY D 108 -3.17 -48.39 58.15
C GLY D 108 -3.40 -48.42 59.65
N THR D 109 -2.82 -49.43 60.30
CA THR D 109 -2.94 -49.63 61.73
C THR D 109 -1.55 -49.65 62.36
N ILE D 110 -1.45 -49.14 63.58
CA ILE D 110 -0.18 -49.00 64.28
C ILE D 110 -0.23 -49.82 65.57
N LEU D 111 0.81 -50.64 65.76
CA LEU D 111 0.98 -51.40 66.98
C LEU D 111 2.40 -51.20 67.49
N ARG D 112 2.55 -51.22 68.81
CA ARG D 112 3.85 -51.05 69.45
C ARG D 112 4.21 -52.32 70.21
N THR D 113 5.50 -52.66 70.17
CA THR D 113 5.98 -53.87 70.83
C THR D 113 6.13 -53.65 72.33
N THR D 114 6.61 -54.69 73.01
CA THR D 114 6.82 -54.60 74.45
C THR D 114 7.92 -53.60 74.79
N ASN D 115 8.91 -53.45 73.91
CA ASN D 115 10.00 -52.51 74.14
C ASN D 115 9.59 -51.06 73.92
N GLY D 116 8.40 -50.82 73.36
CA GLY D 116 7.90 -49.48 73.14
C GLY D 116 8.01 -48.98 71.71
N ASP D 117 8.72 -49.69 70.85
CA ASP D 117 8.87 -49.25 69.47
C ASP D 117 7.59 -49.49 68.69
N PHE D 118 7.12 -48.45 68.00
CA PHE D 118 5.91 -48.55 67.19
C PHE D 118 6.19 -49.26 65.87
N LEU D 119 5.15 -49.89 65.33
CA LEU D 119 5.23 -50.60 64.06
C LEU D 119 4.02 -50.23 63.21
N HIS D 120 4.17 -50.35 61.90
CA HIS D 120 3.13 -50.01 60.95
C HIS D 120 2.75 -51.24 60.14
N PHE D 121 1.45 -51.45 59.94
CA PHE D 121 0.96 -52.58 59.18
C PHE D 121 -0.15 -52.12 58.26
N LEU D 122 -0.33 -52.86 57.16
CA LEU D 122 -1.32 -52.54 56.13
C LEU D 122 -2.33 -53.66 56.02
N PRO D 123 -3.51 -53.52 56.62
CA PRO D 123 -4.55 -54.54 56.47
C PRO D 123 -5.28 -54.42 55.14
N ARG D 124 -6.09 -55.42 54.85
CA ARG D 124 -6.89 -55.43 53.63
C ARG D 124 -8.18 -56.21 53.90
N VAL D 125 -9.18 -55.94 53.08
CA VAL D 125 -10.48 -56.59 53.20
C VAL D 125 -10.74 -57.56 52.04
N PHE D 126 -10.73 -57.04 50.81
CA PHE D 126 -11.01 -57.84 49.63
C PHE D 126 -9.71 -58.45 49.09
N SER D 127 -9.79 -59.04 47.89
CA SER D 127 -8.62 -59.63 47.26
C SER D 127 -7.64 -58.59 46.73
N ALA D 128 -8.04 -57.32 46.65
CA ALA D 128 -7.14 -56.29 46.16
C ALA D 128 -6.00 -56.07 47.14
N VAL D 129 -4.78 -55.94 46.61
CA VAL D 129 -3.58 -55.78 47.42
C VAL D 129 -2.85 -54.52 46.96
N GLY D 130 -2.42 -53.72 47.92
CA GLY D 130 -1.69 -52.50 47.65
C GLY D 130 -2.30 -51.29 48.32
N ASN D 131 -1.71 -50.13 48.04
CA ASN D 131 -2.16 -48.88 48.61
C ASN D 131 -3.55 -48.51 48.09
N ILE D 132 -4.36 -47.94 48.97
CA ILE D 132 -5.72 -47.53 48.64
C ILE D 132 -5.94 -46.10 49.14
N CYS D 133 -6.90 -45.41 48.53
CA CYS D 133 -7.26 -44.06 48.91
C CYS D 133 -8.77 -43.92 48.91
N TYR D 134 -9.26 -42.92 49.62
CA TYR D 134 -10.69 -42.71 49.82
C TYR D 134 -11.14 -41.43 49.14
N THR D 135 -12.14 -41.55 48.27
CA THR D 135 -12.89 -40.39 47.81
C THR D 135 -14.03 -40.11 48.79
N PRO D 136 -14.65 -38.93 48.73
CA PRO D 136 -15.72 -38.61 49.68
C PRO D 136 -16.89 -39.60 49.65
N SER D 137 -16.99 -40.42 48.61
CA SER D 137 -18.09 -41.38 48.51
C SER D 137 -17.66 -42.80 48.15
N LYS D 138 -16.51 -43.02 47.53
CA LYS D 138 -16.14 -44.35 47.05
C LYS D 138 -14.67 -44.62 47.31
N LEU D 139 -14.32 -45.90 47.38
CA LEU D 139 -12.93 -46.30 47.51
C LEU D 139 -12.28 -46.42 46.12
N ILE D 140 -11.02 -46.04 46.03
CA ILE D 140 -10.28 -46.07 44.77
C ILE D 140 -8.89 -46.65 45.03
N GLU D 141 -8.50 -47.63 44.23
CA GLU D 141 -7.14 -48.14 44.21
C GLU D 141 -6.37 -47.45 43.09
N TYR D 142 -5.07 -47.24 43.32
CA TYR D 142 -4.26 -46.45 42.41
C TYR D 142 -2.86 -47.04 42.32
N THR D 143 -2.20 -46.77 41.19
CA THR D 143 -0.79 -47.13 41.04
C THR D 143 0.12 -46.01 41.52
N ASP D 144 -0.22 -44.77 41.20
CA ASP D 144 0.52 -43.61 41.68
C ASP D 144 -0.48 -42.61 42.25
N PHE D 145 -0.10 -41.99 43.37
CA PHE D 145 -1.02 -41.11 44.09
C PHE D 145 -1.19 -39.78 43.37
N ALA D 146 -0.10 -39.22 42.85
CA ALA D 146 -0.16 -37.89 42.26
C ALA D 146 -1.07 -37.85 41.04
N THR D 147 -0.98 -38.83 40.16
CA THR D 147 -1.81 -38.81 38.95
C THR D 147 -3.25 -39.20 39.24
N SER D 148 -3.49 -40.01 40.28
CA SER D 148 -4.82 -40.49 40.57
C SER D 148 -5.70 -39.36 41.11
N ALA D 149 -7.01 -39.63 41.13
CA ALA D 149 -7.98 -38.66 41.62
C ALA D 149 -8.19 -38.72 43.13
N CYS D 150 -7.23 -39.25 43.86
CA CYS D 150 -7.34 -39.33 45.32
C CYS D 150 -7.38 -37.93 45.93
N VAL D 151 -8.19 -37.77 46.98
CA VAL D 151 -8.37 -36.49 47.63
C VAL D 151 -8.06 -36.62 49.12
N LEU D 152 -8.69 -37.58 49.79
CA LEU D 152 -8.55 -37.77 51.23
C LEU D 152 -7.30 -38.57 51.52
N ALA D 153 -6.52 -38.10 52.50
CA ALA D 153 -5.23 -38.72 52.78
C ALA D 153 -5.38 -40.07 53.48
N ALA D 154 -6.30 -40.15 54.44
CA ALA D 154 -6.42 -41.35 55.28
C ALA D 154 -7.87 -41.72 55.42
N GLU D 155 -8.10 -42.94 55.96
CA GLU D 155 -9.46 -43.42 56.16
C GLU D 155 -10.23 -42.56 57.16
N CYS D 156 -9.58 -42.19 58.26
CA CYS D 156 -10.18 -41.31 59.25
C CYS D 156 -9.38 -40.01 59.30
N THR D 157 -10.10 -38.90 59.52
CA THR D 157 -9.48 -37.59 59.60
C THR D 157 -10.14 -36.80 60.72
N ILE D 158 -9.75 -35.53 60.84
CA ILE D 158 -10.31 -34.63 61.83
C ILE D 158 -10.46 -33.26 61.20
N PHE D 159 -11.56 -32.57 61.51
CA PHE D 159 -11.87 -31.28 60.93
C PHE D 159 -12.33 -30.32 62.02
N LYS D 160 -12.17 -29.02 61.74
CA LYS D 160 -12.69 -27.97 62.61
C LYS D 160 -14.11 -27.61 62.18
N ASP D 161 -14.94 -27.28 63.16
CA ASP D 161 -16.31 -26.86 62.88
C ASP D 161 -16.33 -25.35 62.58
N ALA D 162 -17.55 -24.80 62.56
CA ALA D 162 -17.68 -23.36 62.32
C ALA D 162 -17.11 -22.53 63.45
N SER D 163 -17.14 -23.04 64.69
CA SER D 163 -16.60 -22.32 65.83
C SER D 163 -15.14 -22.65 66.13
N GLY D 164 -14.54 -23.57 65.38
CA GLY D 164 -13.15 -23.93 65.57
C GLY D 164 -12.90 -25.18 66.40
N LYS D 165 -13.94 -25.77 67.00
CA LYS D 165 -13.76 -26.97 67.80
C LYS D 165 -13.45 -28.16 66.88
N PRO D 166 -12.58 -29.07 67.31
CA PRO D 166 -12.25 -30.22 66.47
C PRO D 166 -13.39 -31.23 66.43
N VAL D 167 -13.64 -31.76 65.24
CA VAL D 167 -14.68 -32.78 65.04
C VAL D 167 -14.08 -33.95 64.27
N PRO D 168 -14.14 -35.17 64.80
CA PRO D 168 -13.57 -36.31 64.08
C PRO D 168 -14.41 -36.70 62.87
N TYR D 169 -13.74 -37.21 61.85
CA TYR D 169 -14.40 -37.69 60.64
C TYR D 169 -13.75 -38.99 60.19
N CYS D 170 -14.53 -39.84 59.55
CA CYS D 170 -14.00 -41.08 58.98
C CYS D 170 -14.97 -41.61 57.94
N TYR D 171 -14.49 -42.60 57.18
CA TYR D 171 -15.34 -43.24 56.17
C TYR D 171 -16.51 -43.96 56.82
N ASP D 172 -16.28 -44.63 57.94
CA ASP D 172 -17.34 -45.35 58.64
C ASP D 172 -17.37 -44.90 60.09
N THR D 173 -18.58 -44.69 60.60
CA THR D 173 -18.74 -44.24 61.99
C THR D 173 -18.50 -45.38 62.99
N ASN D 174 -18.64 -46.62 62.54
CA ASN D 174 -18.54 -47.76 63.46
C ASN D 174 -17.14 -47.91 64.04
N VAL D 175 -16.12 -47.45 63.31
CA VAL D 175 -14.74 -47.61 63.79
C VAL D 175 -14.36 -46.58 64.85
N LEU D 176 -15.13 -45.51 65.00
CA LEU D 176 -14.83 -44.49 65.99
C LEU D 176 -16.14 -43.86 66.46
N GLU D 177 -16.50 -44.11 67.72
CA GLU D 177 -17.75 -43.58 68.25
C GLU D 177 -17.71 -42.06 68.30
N GLY D 178 -18.85 -41.44 67.97
CA GLY D 178 -18.96 -40.00 67.97
C GLY D 178 -18.50 -39.32 66.70
N SER D 179 -18.06 -40.06 65.70
CA SER D 179 -17.60 -39.48 64.46
C SER D 179 -18.75 -39.26 63.50
N VAL D 180 -18.45 -38.63 62.36
CA VAL D 180 -19.43 -38.36 61.31
C VAL D 180 -18.86 -38.85 59.99
N ALA D 181 -19.67 -39.57 59.22
CA ALA D 181 -19.20 -40.22 58.00
C ALA D 181 -18.84 -39.18 56.93
N TYR D 182 -17.93 -39.58 56.04
CA TYR D 182 -17.53 -38.70 54.94
C TYR D 182 -18.69 -38.43 53.99
N GLU D 183 -19.58 -39.42 53.81
CA GLU D 183 -20.65 -39.31 52.83
C GLU D 183 -21.57 -38.13 53.09
N SER D 184 -21.66 -37.67 54.33
CA SER D 184 -22.51 -36.52 54.65
C SER D 184 -21.93 -35.19 54.20
N LEU D 185 -20.66 -35.17 53.82
CA LEU D 185 -20.01 -33.92 53.41
C LEU D 185 -20.55 -33.48 52.05
N ARG D 186 -20.93 -32.21 51.95
CA ARG D 186 -21.43 -31.67 50.69
C ARG D 186 -20.26 -31.23 49.80
N PRO D 187 -20.42 -31.32 48.50
CA PRO D 187 -19.37 -30.84 47.59
C PRO D 187 -19.38 -29.31 47.49
N ASP D 188 -18.30 -28.79 46.91
CA ASP D 188 -18.12 -27.35 46.72
C ASP D 188 -18.24 -26.58 48.04
N THR D 189 -17.64 -27.12 49.11
CA THR D 189 -17.68 -26.49 50.41
C THR D 189 -16.27 -26.51 51.00
N ARG D 190 -15.89 -25.40 51.62
CA ARG D 190 -14.56 -25.29 52.21
C ARG D 190 -14.52 -25.97 53.57
N TYR D 191 -13.45 -26.73 53.83
CA TYR D 191 -13.24 -27.38 55.11
C TYR D 191 -11.79 -27.17 55.53
N VAL D 192 -11.57 -27.18 56.85
CA VAL D 192 -10.26 -26.92 57.42
C VAL D 192 -9.96 -27.98 58.48
N LEU D 193 -8.67 -28.28 58.63
CA LEU D 193 -8.18 -29.28 59.58
C LEU D 193 -7.46 -28.58 60.73
N MET D 194 -6.80 -29.39 61.56
CA MET D 194 -6.09 -28.86 62.72
C MET D 194 -4.97 -27.91 62.30
N ASP D 195 -4.21 -28.29 61.27
CA ASP D 195 -3.05 -27.52 60.83
C ASP D 195 -3.40 -26.47 59.78
N GLY D 196 -4.68 -26.25 59.51
CA GLY D 196 -5.08 -25.24 58.55
C GLY D 196 -5.14 -25.68 57.11
N SER D 197 -4.97 -26.97 56.84
CA SER D 197 -5.09 -27.46 55.47
C SER D 197 -6.52 -27.32 54.97
N ILE D 198 -6.66 -26.94 53.71
CA ILE D 198 -7.96 -26.64 53.11
C ILE D 198 -8.23 -27.64 52.00
N ILE D 199 -9.41 -28.26 52.05
CA ILE D 199 -9.84 -29.22 51.05
C ILE D 199 -11.22 -28.81 50.53
N GLN D 200 -11.34 -28.70 49.21
CA GLN D 200 -12.63 -28.44 48.58
C GLN D 200 -12.61 -29.10 47.20
N PHE D 201 -13.61 -29.94 46.95
CA PHE D 201 -13.64 -30.75 45.74
C PHE D 201 -14.89 -30.44 44.91
N PRO D 202 -14.78 -30.50 43.59
CA PRO D 202 -15.94 -30.25 42.73
C PRO D 202 -16.86 -31.47 42.68
N ASN D 203 -18.08 -31.21 42.19
CA ASN D 203 -19.06 -32.28 42.03
C ASN D 203 -18.64 -33.23 40.91
N THR D 204 -18.91 -34.52 41.10
CA THR D 204 -18.57 -35.55 40.14
C THR D 204 -19.85 -36.15 39.56
N TYR D 205 -19.96 -36.16 38.23
CA TYR D 205 -21.12 -36.74 37.57
C TYR D 205 -21.01 -38.25 37.39
N LEU D 206 -19.82 -38.76 37.13
CA LEU D 206 -19.59 -40.20 37.06
C LEU D 206 -18.28 -40.52 37.75
N GLU D 207 -18.16 -41.77 38.21
CA GLU D 207 -16.95 -42.22 38.90
C GLU D 207 -16.57 -43.59 38.38
N GLY D 208 -15.27 -43.85 38.34
CA GLY D 208 -14.75 -45.11 37.85
C GLY D 208 -13.63 -44.94 36.84
N SER D 209 -13.56 -45.85 35.87
CA SER D 209 -12.54 -45.73 34.83
C SER D 209 -12.74 -44.47 33.99
N VAL D 210 -13.99 -44.14 33.67
CA VAL D 210 -14.34 -42.93 32.94
C VAL D 210 -14.91 -41.94 33.95
N ARG D 211 -14.35 -40.73 33.97
CA ARG D 211 -14.69 -39.73 34.97
C ARG D 211 -15.15 -38.45 34.30
N VAL D 212 -16.27 -37.91 34.79
CA VAL D 212 -16.83 -36.66 34.29
C VAL D 212 -16.98 -35.72 35.48
N VAL D 213 -16.42 -34.51 35.35
CA VAL D 213 -16.40 -33.54 36.43
C VAL D 213 -16.88 -32.20 35.92
N THR D 214 -17.76 -31.56 36.71
CA THR D 214 -18.22 -30.21 36.43
C THR D 214 -17.78 -29.30 37.56
N THR D 215 -17.21 -28.15 37.20
CA THR D 215 -16.58 -27.27 38.16
C THR D 215 -17.10 -25.84 37.99
N PHE D 216 -17.16 -25.12 39.10
CA PHE D 216 -17.42 -23.68 39.05
C PHE D 216 -16.10 -22.92 39.00
N ASP D 217 -16.15 -21.60 39.17
CA ASP D 217 -14.96 -20.77 39.18
C ASP D 217 -14.49 -20.61 40.62
N SER D 218 -13.61 -21.51 41.05
CA SER D 218 -13.09 -21.49 42.43
C SER D 218 -11.78 -22.26 42.45
N GLU D 219 -11.00 -22.03 43.50
CA GLU D 219 -9.72 -22.70 43.69
C GLU D 219 -9.94 -24.04 44.39
N TYR D 220 -10.46 -24.99 43.62
CA TYR D 220 -10.65 -26.34 44.14
C TYR D 220 -9.30 -26.95 44.50
N CYS D 221 -9.23 -27.57 45.69
CA CYS D 221 -7.96 -28.10 46.17
C CYS D 221 -8.21 -29.30 47.07
N ARG D 222 -7.18 -30.13 47.19
CA ARG D 222 -7.20 -31.29 48.07
C ARG D 222 -5.82 -31.41 48.72
N HIS D 223 -5.57 -32.55 49.35
CA HIS D 223 -4.29 -32.80 50.00
C HIS D 223 -3.14 -32.67 49.00
N GLY D 224 -2.33 -31.64 49.18
CA GLY D 224 -1.23 -31.35 48.26
C GLY D 224 -1.14 -29.90 47.86
N THR D 225 -1.28 -29.61 46.56
CA THR D 225 -1.15 -28.26 46.03
C THR D 225 -2.49 -27.79 45.51
N CYS D 226 -2.62 -26.47 45.36
CA CYS D 226 -3.86 -25.84 44.96
C CYS D 226 -3.65 -25.02 43.70
N GLU D 227 -4.66 -25.04 42.83
CA GLU D 227 -4.66 -24.24 41.61
C GLU D 227 -6.07 -23.74 41.34
N ARG D 228 -6.16 -22.64 40.62
CA ARG D 228 -7.45 -22.07 40.24
C ARG D 228 -7.91 -22.62 38.91
N SER D 229 -9.21 -22.89 38.81
CA SER D 229 -9.81 -23.49 37.62
C SER D 229 -11.04 -22.71 37.21
N GLU D 230 -11.22 -22.54 35.91
CA GLU D 230 -12.39 -21.87 35.38
C GLU D 230 -13.61 -22.78 35.44
N ALA D 231 -14.79 -22.15 35.39
CA ALA D 231 -16.04 -22.91 35.39
C ALA D 231 -16.23 -23.62 34.05
N GLY D 232 -16.76 -24.83 34.11
CA GLY D 232 -17.01 -25.60 32.90
C GLY D 232 -17.21 -27.07 33.22
N VAL D 233 -17.07 -27.90 32.20
CA VAL D 233 -17.25 -29.34 32.31
C VAL D 233 -16.04 -30.03 31.70
N CYS D 234 -15.53 -31.05 32.41
CA CYS D 234 -14.36 -31.77 31.97
C CYS D 234 -14.64 -33.26 32.01
N VAL D 235 -13.98 -33.99 31.10
CA VAL D 235 -14.11 -35.44 31.02
C VAL D 235 -12.77 -36.02 30.61
N SER D 236 -12.41 -37.15 31.22
CA SER D 236 -11.15 -37.82 30.94
C SER D 236 -11.40 -39.31 30.73
N THR D 237 -10.63 -39.90 29.82
CA THR D 237 -10.73 -41.33 29.55
C THR D 237 -10.11 -42.18 30.65
N SER D 238 -9.38 -41.57 31.58
CA SER D 238 -8.76 -42.28 32.69
C SER D 238 -9.22 -41.65 34.00
N GLY D 239 -9.05 -42.39 35.09
CA GLY D 239 -9.47 -41.93 36.39
C GLY D 239 -8.55 -40.90 37.02
N ARG D 240 -7.71 -40.26 36.19
CA ARG D 240 -6.78 -39.27 36.70
C ARG D 240 -7.50 -37.94 36.97
N TRP D 241 -6.85 -37.11 37.78
CA TRP D 241 -7.40 -35.81 38.13
C TRP D 241 -7.48 -34.91 36.90
N VAL D 242 -8.53 -34.10 36.85
CA VAL D 242 -8.80 -33.24 35.70
C VAL D 242 -9.26 -31.88 36.20
N LEU D 243 -8.88 -30.83 35.46
CA LEU D 243 -9.26 -29.47 35.79
C LEU D 243 -9.40 -28.67 34.50
N ASN D 244 -10.10 -27.54 34.60
CA ASN D 244 -10.27 -26.61 33.48
C ASN D 244 -9.11 -25.63 33.37
N ASN D 245 -8.15 -25.67 34.30
CA ASN D 245 -7.02 -24.77 34.26
C ASN D 245 -6.08 -25.14 33.10
N ASP D 246 -5.19 -24.21 32.77
CA ASP D 246 -4.18 -24.44 31.76
C ASP D 246 -3.24 -25.55 32.21
N TYR D 247 -2.51 -26.15 31.26
CA TYR D 247 -1.62 -27.28 31.47
C TYR D 247 -2.42 -28.55 31.74
N TYR D 248 -3.73 -28.42 31.93
CA TYR D 248 -4.59 -29.59 32.03
C TYR D 248 -5.22 -29.94 30.70
N ARG D 249 -5.53 -28.92 29.88
CA ARG D 249 -6.06 -29.17 28.55
C ARG D 249 -4.93 -29.30 27.54
N SER D 250 -3.95 -30.15 27.85
CA SER D 250 -2.87 -30.47 26.93
C SER D 250 -2.55 -31.96 26.96
N LEU D 251 -2.88 -32.61 28.07
CA LEU D 251 -2.53 -34.01 28.25
C LEU D 251 -3.43 -34.90 27.41
N PRO D 252 -2.90 -36.02 26.91
CA PRO D 252 -3.73 -36.94 26.13
C PRO D 252 -4.80 -37.59 26.98
N GLY D 253 -5.92 -37.90 26.34
CA GLY D 253 -7.03 -38.53 27.01
C GLY D 253 -7.89 -37.61 27.86
N VAL D 254 -7.66 -36.31 27.79
CA VAL D 254 -8.40 -35.33 28.58
C VAL D 254 -9.15 -34.40 27.63
N PHE D 255 -10.47 -34.28 27.83
CA PHE D 255 -11.31 -33.43 27.03
C PHE D 255 -11.98 -32.39 27.93
N CYS D 256 -12.16 -31.19 27.39
CA CYS D 256 -12.73 -30.09 28.15
C CYS D 256 -13.51 -29.17 27.23
N GLY D 257 -14.40 -28.39 27.83
CA GLY D 257 -15.20 -27.44 27.07
C GLY D 257 -16.01 -26.58 28.02
N VAL D 258 -16.57 -25.52 27.46
CA VAL D 258 -17.38 -24.60 28.26
C VAL D 258 -18.69 -25.25 28.69
N ASP D 259 -19.34 -25.99 27.79
CA ASP D 259 -20.59 -26.66 28.09
C ASP D 259 -20.56 -28.03 27.42
N ALA D 260 -21.70 -28.73 27.52
CA ALA D 260 -21.78 -30.07 26.94
C ALA D 260 -21.61 -30.05 25.42
N VAL D 261 -22.29 -29.13 24.74
CA VAL D 261 -22.15 -28.99 23.30
C VAL D 261 -20.79 -28.43 22.93
N ASN D 262 -20.29 -27.48 23.73
CA ASN D 262 -18.98 -26.88 23.45
C ASN D 262 -17.87 -27.92 23.56
N LEU D 263 -17.95 -28.80 24.56
CA LEU D 263 -16.95 -29.86 24.69
C LEU D 263 -16.99 -30.80 23.50
N LEU D 264 -18.20 -31.18 23.06
CA LEU D 264 -18.33 -32.07 21.91
C LEU D 264 -17.76 -31.42 20.65
N THR D 265 -18.03 -30.14 20.44
CA THR D 265 -17.47 -29.43 19.29
C THR D 265 -15.95 -29.31 19.38
N ASN D 266 -15.42 -29.04 20.58
CA ASN D 266 -13.99 -28.87 20.75
C ASN D 266 -13.24 -30.19 20.71
N MET D 267 -13.95 -31.32 20.85
CA MET D 267 -13.30 -32.62 20.73
C MET D 267 -12.60 -32.79 19.39
N PHE D 268 -13.07 -32.09 18.35
CA PHE D 268 -12.46 -32.21 17.03
C PHE D 268 -11.44 -31.11 16.75
N THR D 269 -11.05 -30.33 17.76
CA THR D 269 -10.10 -29.25 17.54
C THR D 269 -8.75 -29.70 16.98
N PRO D 270 -8.12 -30.78 17.46
CA PRO D 270 -6.82 -31.17 16.87
C PRO D 270 -6.91 -31.56 15.40
N LEU D 271 -8.10 -31.87 14.91
CA LEU D 271 -8.27 -32.29 13.52
C LEU D 271 -7.97 -31.18 12.52
N ILE D 272 -8.06 -29.91 12.92
CA ILE D 272 -7.82 -28.80 12.00
C ILE D 272 -6.47 -28.17 12.33
N GLN D 273 -5.78 -28.74 13.30
CA GLN D 273 -4.44 -28.30 13.65
C GLN D 273 -3.45 -28.69 12.56
N PRO D 274 -2.47 -27.83 12.27
CA PRO D 274 -1.45 -28.20 11.28
C PRO D 274 -0.66 -29.42 11.73
N ILE D 275 -0.18 -30.18 10.73
CA ILE D 275 0.52 -31.43 11.02
C ILE D 275 1.74 -31.16 11.88
N GLY D 276 1.99 -32.05 12.84
CA GLY D 276 3.06 -31.87 13.80
C GLY D 276 2.56 -31.55 15.19
N ALA D 277 1.42 -32.14 15.55
CA ALA D 277 0.83 -31.94 16.87
C ALA D 277 0.70 -33.23 17.67
N LEU D 278 0.58 -34.38 17.01
CA LEU D 278 0.50 -35.66 17.71
C LEU D 278 1.69 -36.53 17.30
N ASP D 279 2.09 -37.45 18.19
CA ASP D 279 3.26 -38.28 17.93
C ASP D 279 2.87 -39.74 17.75
N ILE D 280 2.12 -40.28 18.70
CA ILE D 280 1.77 -41.71 18.64
C ILE D 280 0.36 -41.90 18.08
N SER D 281 -0.59 -41.10 18.55
CA SER D 281 -1.98 -41.26 18.16
C SER D 281 -2.30 -40.66 16.80
N ALA D 282 -1.30 -40.30 16.00
CA ALA D 282 -1.56 -39.71 14.70
C ALA D 282 -2.16 -40.72 13.73
N SER D 283 -1.85 -42.00 13.91
CA SER D 283 -2.30 -43.02 12.96
C SER D 283 -3.82 -43.16 12.96
N ILE D 284 -4.44 -43.21 14.13
CA ILE D 284 -5.89 -43.37 14.19
C ILE D 284 -6.59 -42.12 13.68
N VAL D 285 -6.05 -40.93 13.98
CA VAL D 285 -6.62 -39.70 13.47
C VAL D 285 -6.54 -39.66 11.94
N ALA D 286 -5.40 -40.08 11.38
CA ALA D 286 -5.27 -40.12 9.94
C ALA D 286 -6.24 -41.12 9.32
N GLY D 287 -6.39 -42.30 9.93
CA GLY D 287 -7.29 -43.31 9.40
C GLY D 287 -8.75 -42.88 9.44
N GLY D 288 -9.14 -42.22 10.53
CA GLY D 288 -10.51 -41.74 10.64
C GLY D 288 -10.90 -40.73 9.58
N ILE D 289 -9.93 -40.03 9.00
CA ILE D 289 -10.21 -39.14 7.88
C ILE D 289 -10.07 -39.86 6.55
N VAL D 290 -9.09 -40.76 6.45
CA VAL D 290 -8.85 -41.47 5.20
C VAL D 290 -10.06 -42.33 4.82
N ALA D 291 -10.61 -43.05 5.79
CA ALA D 291 -11.77 -43.90 5.50
C ALA D 291 -12.96 -43.07 5.02
N ILE D 292 -13.26 -41.98 5.73
CA ILE D 292 -14.39 -41.14 5.35
C ILE D 292 -14.18 -40.56 3.96
N VAL D 293 -12.98 -40.05 3.68
CA VAL D 293 -12.70 -39.45 2.39
C VAL D 293 -12.84 -40.48 1.27
N VAL D 294 -12.21 -41.65 1.45
CA VAL D 294 -12.21 -42.64 0.39
C VAL D 294 -13.62 -43.14 0.11
N THR D 295 -14.41 -43.39 1.17
CA THR D 295 -15.78 -43.82 0.95
C THR D 295 -16.59 -42.73 0.24
N CYS D 296 -16.68 -41.54 0.87
CA CYS D 296 -17.53 -40.48 0.37
C CYS D 296 -17.17 -40.08 -1.05
N LEU D 297 -15.89 -40.19 -1.43
CA LEU D 297 -15.54 -39.89 -2.82
C LEU D 297 -15.84 -41.09 -3.71
N ALA D 298 -15.13 -42.20 -3.50
CA ALA D 298 -15.12 -43.30 -4.46
C ALA D 298 -16.49 -43.92 -4.69
N TYR D 299 -17.39 -43.87 -3.70
CA TYR D 299 -18.73 -44.44 -3.92
C TYR D 299 -19.69 -43.35 -4.38
N TYR D 300 -19.92 -42.35 -3.52
CA TYR D 300 -21.00 -41.41 -3.75
C TYR D 300 -20.67 -40.42 -4.87
N PHE D 301 -19.45 -39.88 -4.90
CA PHE D 301 -19.14 -38.91 -5.94
C PHE D 301 -19.07 -39.57 -7.31
N MET D 302 -18.58 -40.80 -7.38
CA MET D 302 -18.59 -41.53 -8.64
C MET D 302 -20.01 -41.85 -9.09
N ARG D 303 -20.89 -42.25 -8.16
CA ARG D 303 -22.27 -42.51 -8.53
C ARG D 303 -22.95 -41.23 -9.03
N PHE D 304 -22.70 -40.11 -8.36
CA PHE D 304 -23.27 -38.84 -8.79
C PHE D 304 -22.73 -38.42 -10.15
N ARG D 305 -21.44 -38.63 -10.38
CA ARG D 305 -20.85 -38.31 -11.67
C ARG D 305 -21.47 -39.14 -12.78
N ARG D 306 -21.69 -40.43 -12.53
CA ARG D 306 -22.31 -41.28 -13.55
C ARG D 306 -23.76 -40.88 -13.79
N ALA D 307 -24.47 -40.46 -12.73
CA ALA D 307 -25.88 -40.10 -12.88
C ALA D 307 -26.05 -38.73 -13.54
N PHE D 308 -25.04 -37.85 -13.39
CA PHE D 308 -25.20 -36.47 -13.83
C PHE D 308 -25.36 -36.35 -15.34
N GLY D 309 -24.74 -37.25 -16.10
CA GLY D 309 -24.75 -37.14 -17.55
C GLY D 309 -26.13 -37.16 -18.18
N GLU D 310 -27.12 -37.75 -17.50
CA GLU D 310 -28.47 -37.78 -18.03
C GLU D 310 -29.08 -36.38 -18.06
N TYR D 311 -28.85 -35.58 -17.02
CA TYR D 311 -29.40 -34.24 -16.94
C TYR D 311 -28.43 -33.16 -17.38
N SER D 312 -27.18 -33.53 -17.70
CA SER D 312 -26.20 -32.54 -18.14
C SER D 312 -26.67 -31.82 -19.40
N HIS D 313 -27.40 -32.52 -20.28
CA HIS D 313 -27.88 -31.91 -21.51
C HIS D 313 -28.84 -30.76 -21.26
N VAL D 314 -29.54 -30.77 -20.12
CA VAL D 314 -30.41 -29.65 -19.77
C VAL D 314 -29.66 -28.63 -18.92
N VAL D 315 -28.75 -29.13 -18.07
CA VAL D 315 -27.98 -28.23 -17.20
C VAL D 315 -27.13 -27.28 -18.02
N ALA D 316 -26.48 -27.78 -19.07
CA ALA D 316 -25.66 -26.93 -19.92
C ALA D 316 -26.51 -25.88 -20.63
N PHE D 317 -27.69 -26.28 -21.10
CA PHE D 317 -28.53 -25.34 -21.86
C PHE D 317 -29.14 -24.28 -20.96
N ASN D 318 -29.36 -24.62 -19.68
CA ASN D 318 -29.99 -23.67 -18.77
C ASN D 318 -29.12 -22.44 -18.53
N THR D 319 -27.80 -22.60 -18.65
CA THR D 319 -26.88 -21.51 -18.31
C THR D 319 -27.04 -20.31 -19.24
N LEU D 320 -27.16 -20.55 -20.55
CA LEU D 320 -27.30 -19.45 -21.50
C LEU D 320 -28.60 -18.69 -21.26
N LEU D 321 -29.69 -19.42 -21.02
CA LEU D 321 -30.97 -18.78 -20.72
C LEU D 321 -30.88 -17.95 -19.44
N PHE D 322 -30.24 -18.49 -18.41
CA PHE D 322 -30.09 -17.73 -17.16
C PHE D 322 -29.28 -16.47 -17.38
N LEU D 323 -28.19 -16.56 -18.16
CA LEU D 323 -27.37 -15.40 -18.43
C LEU D 323 -28.16 -14.34 -19.19
N MET D 324 -28.92 -14.76 -20.20
CA MET D 324 -29.73 -13.81 -20.96
C MET D 324 -30.77 -13.13 -20.08
N SER D 325 -31.44 -13.91 -19.22
CA SER D 325 -32.44 -13.34 -18.32
C SER D 325 -31.80 -12.35 -17.36
N PHE D 326 -30.62 -12.69 -16.83
CA PHE D 326 -29.93 -11.78 -15.92
C PHE D 326 -29.53 -10.49 -16.62
N THR D 327 -29.05 -10.59 -17.86
CA THR D 327 -28.70 -9.39 -18.62
C THR D 327 -29.92 -8.52 -18.87
N VAL D 328 -31.04 -9.13 -19.23
CA VAL D 328 -32.28 -8.38 -19.47
C VAL D 328 -32.73 -7.69 -18.18
N LEU D 329 -32.66 -8.40 -17.06
CA LEU D 329 -33.02 -7.80 -15.78
C LEU D 329 -32.11 -6.62 -15.43
N CYS D 330 -30.82 -6.77 -15.72
CA CYS D 330 -29.87 -5.69 -15.46
C CYS D 330 -30.16 -4.46 -16.33
N LEU D 331 -30.60 -4.70 -17.57
CA LEU D 331 -30.88 -3.60 -18.49
C LEU D 331 -32.27 -2.98 -18.28
N THR D 332 -33.05 -3.49 -17.34
CA THR D 332 -34.40 -2.98 -17.13
C THR D 332 -34.48 -1.51 -16.73
N PRO D 333 -33.69 -0.98 -15.77
CA PRO D 333 -33.97 0.35 -15.23
C PRO D 333 -33.83 1.50 -16.23
N VAL D 334 -33.34 1.22 -17.45
CA VAL D 334 -33.16 2.28 -18.44
C VAL D 334 -34.21 2.13 -19.54
N TYR D 335 -34.32 0.93 -20.10
CA TYR D 335 -35.30 0.64 -21.14
C TYR D 335 -36.48 -0.11 -20.53
N SER D 336 -37.43 0.67 -20.01
CA SER D 336 -38.57 0.08 -19.32
C SER D 336 -39.67 -0.34 -20.29
N PHE D 337 -39.30 -1.08 -21.33
CA PHE D 337 -40.27 -1.74 -22.20
C PHE D 337 -39.75 -3.13 -22.53
N LEU D 338 -38.48 -3.38 -22.21
CA LEU D 338 -37.85 -4.65 -22.52
C LEU D 338 -38.53 -5.87 -21.89
N PRO D 339 -38.96 -5.86 -20.62
CA PRO D 339 -39.55 -7.08 -20.05
C PRO D 339 -40.78 -7.60 -20.80
N GLY D 340 -41.59 -6.72 -21.38
CA GLY D 340 -42.76 -7.15 -22.12
C GLY D 340 -42.43 -7.94 -23.38
N VAL D 341 -41.56 -7.37 -24.22
CA VAL D 341 -41.18 -8.03 -25.47
C VAL D 341 -40.30 -9.24 -25.18
N TYR D 342 -39.50 -9.16 -24.13
CA TYR D 342 -38.62 -10.27 -23.78
C TYR D 342 -39.42 -11.51 -23.40
N SER D 343 -40.52 -11.33 -22.67
CA SER D 343 -41.39 -12.46 -22.35
C SER D 343 -41.98 -13.09 -23.61
N VAL D 344 -42.40 -12.27 -24.57
CA VAL D 344 -42.98 -12.79 -25.80
C VAL D 344 -41.95 -13.59 -26.59
N ILE D 345 -40.75 -13.03 -26.74
CA ILE D 345 -39.71 -13.74 -27.51
C ILE D 345 -39.25 -14.98 -26.75
N TYR D 346 -39.25 -14.93 -25.41
CA TYR D 346 -38.94 -16.10 -24.60
C TYR D 346 -39.95 -17.21 -24.85
N LEU D 347 -41.23 -16.87 -24.84
CA LEU D 347 -42.26 -17.88 -25.11
C LEU D 347 -42.15 -18.41 -26.53
N TYR D 348 -41.82 -17.54 -27.48
CA TYR D 348 -41.66 -17.97 -28.87
C TYR D 348 -40.52 -18.96 -29.01
N LEU D 349 -39.39 -18.69 -28.33
CA LEU D 349 -38.25 -19.59 -28.41
C LEU D 349 -38.47 -20.85 -27.58
N THR D 350 -39.40 -20.81 -26.63
CA THR D 350 -39.65 -21.99 -25.78
C THR D 350 -40.16 -23.17 -26.60
N PHE D 351 -40.97 -22.91 -27.64
CA PHE D 351 -41.57 -23.99 -28.41
C PHE D 351 -40.55 -24.85 -29.16
N TYR D 352 -39.31 -24.37 -29.30
CA TYR D 352 -38.26 -25.13 -29.98
C TYR D 352 -37.45 -25.99 -29.02
N LEU D 353 -37.90 -26.14 -27.77
CA LEU D 353 -37.21 -26.93 -26.77
C LEU D 353 -38.11 -28.04 -26.26
N THR D 354 -37.50 -29.10 -25.75
CA THR D 354 -38.25 -30.23 -25.22
C THR D 354 -38.93 -29.85 -23.91
N ASN D 355 -39.85 -30.70 -23.47
CA ASN D 355 -40.65 -30.41 -22.28
C ASN D 355 -39.77 -30.35 -21.03
N ASP D 356 -38.75 -31.22 -20.96
CA ASP D 356 -37.88 -31.23 -19.78
C ASP D 356 -37.16 -29.91 -19.59
N VAL D 357 -36.64 -29.32 -20.67
CA VAL D 357 -36.04 -27.99 -20.59
C VAL D 357 -37.12 -26.93 -20.43
N SER D 358 -38.29 -27.16 -21.04
CA SER D 358 -39.34 -26.14 -21.05
C SER D 358 -39.87 -25.87 -19.65
N PHE D 359 -40.08 -26.92 -18.85
CA PHE D 359 -40.61 -26.73 -17.51
C PHE D 359 -39.64 -25.94 -16.63
N LEU D 360 -38.35 -26.29 -16.68
CA LEU D 360 -37.35 -25.56 -15.92
C LEU D 360 -37.25 -24.12 -16.39
N ALA D 361 -37.33 -23.91 -17.72
CA ALA D 361 -37.28 -22.55 -18.25
C ALA D 361 -38.47 -21.73 -17.78
N HIS D 362 -39.66 -22.34 -17.75
CA HIS D 362 -40.85 -21.64 -17.26
C HIS D 362 -40.72 -21.27 -15.79
N ILE D 363 -40.21 -22.21 -14.98
CA ILE D 363 -40.02 -21.92 -13.56
C ILE D 363 -39.01 -20.78 -13.38
N GLN D 364 -37.91 -20.83 -14.13
CA GLN D 364 -36.90 -19.78 -14.01
C GLN D 364 -37.44 -18.43 -14.43
N TRP D 365 -38.21 -18.39 -15.52
CA TRP D 365 -38.81 -17.12 -15.95
C TRP D 365 -39.79 -16.59 -14.93
N MET D 366 -40.63 -17.45 -14.36
CA MET D 366 -41.62 -17.00 -13.40
C MET D 366 -40.95 -16.46 -12.15
N VAL D 367 -40.03 -17.23 -11.56
CA VAL D 367 -39.42 -16.84 -10.30
C VAL D 367 -38.61 -15.55 -10.43
N MET D 368 -38.22 -15.19 -11.64
CA MET D 368 -37.43 -13.98 -11.85
C MET D 368 -38.28 -12.78 -12.27
N PHE D 369 -39.34 -13.00 -13.04
CA PHE D 369 -40.12 -11.90 -13.58
C PHE D 369 -41.48 -11.70 -12.90
N THR D 370 -41.79 -12.46 -11.86
CA THR D 370 -43.06 -12.27 -11.16
C THR D 370 -43.27 -10.87 -10.61
N PRO D 371 -42.33 -10.24 -9.88
CA PRO D 371 -42.66 -8.98 -9.21
C PRO D 371 -42.58 -7.74 -10.09
N LEU D 372 -42.30 -7.87 -11.39
CA LEU D 372 -42.14 -6.68 -12.23
C LEU D 372 -42.86 -6.82 -13.57
N VAL D 373 -44.00 -7.50 -13.60
CA VAL D 373 -44.79 -7.61 -14.82
C VAL D 373 -46.25 -7.28 -14.49
N PRO D 374 -46.99 -6.77 -15.46
CA PRO D 374 -48.42 -6.53 -15.25
C PRO D 374 -49.20 -7.83 -15.16
N PHE D 375 -50.41 -7.71 -14.61
CA PHE D 375 -51.23 -8.89 -14.38
C PHE D 375 -51.66 -9.56 -15.68
N TRP D 376 -52.00 -8.75 -16.70
CA TRP D 376 -52.55 -9.32 -17.92
C TRP D 376 -51.50 -10.15 -18.67
N ILE D 377 -50.24 -9.71 -18.67
CA ILE D 377 -49.22 -10.50 -19.33
C ILE D 377 -48.96 -11.80 -18.59
N THR D 378 -49.08 -11.78 -17.25
CA THR D 378 -48.96 -13.02 -16.48
C THR D 378 -50.10 -13.97 -16.80
N ILE D 379 -51.32 -13.43 -16.94
CA ILE D 379 -52.46 -14.25 -17.31
C ILE D 379 -52.26 -14.85 -18.70
N ALA D 380 -51.72 -14.06 -19.63
CA ALA D 380 -51.43 -14.56 -20.97
C ALA D 380 -50.37 -15.66 -20.93
N TYR D 381 -49.36 -15.50 -20.09
CA TYR D 381 -48.32 -16.51 -19.94
C TYR D 381 -48.92 -17.82 -19.39
N ILE D 382 -49.79 -17.70 -18.39
CA ILE D 382 -50.45 -18.88 -17.83
C ILE D 382 -51.33 -19.54 -18.89
N ILE D 383 -52.02 -18.74 -19.70
CA ILE D 383 -52.84 -19.30 -20.77
C ILE D 383 -51.97 -20.03 -21.78
N CYS D 384 -50.81 -19.46 -22.10
CA CYS D 384 -49.91 -20.09 -23.07
C CYS D 384 -49.40 -21.43 -22.57
N ILE D 385 -48.95 -21.49 -21.32
CA ILE D 385 -48.48 -22.77 -20.79
C ILE D 385 -49.63 -23.76 -20.67
N SER D 386 -50.82 -23.28 -20.29
CA SER D 386 -51.97 -24.15 -20.15
C SER D 386 -52.37 -24.75 -21.50
N THR D 387 -52.34 -23.94 -22.57
CA THR D 387 -52.68 -24.49 -23.88
C THR D 387 -51.56 -25.35 -24.45
N LYS D 388 -50.31 -25.08 -24.07
CA LYS D 388 -49.22 -25.99 -24.45
C LYS D 388 -49.42 -27.37 -23.85
N HIS D 389 -49.86 -27.44 -22.59
CA HIS D 389 -50.24 -28.72 -22.01
C HIS D 389 -51.56 -29.24 -22.60
N PHE D 390 -52.46 -28.34 -22.97
CA PHE D 390 -53.75 -28.75 -23.52
C PHE D 390 -53.60 -29.41 -24.88
N TYR D 391 -52.52 -29.09 -25.61
CA TYR D 391 -52.23 -29.79 -26.86
C TYR D 391 -52.24 -31.30 -26.64
N TRP D 392 -51.57 -31.78 -25.60
CA TRP D 392 -51.60 -33.19 -25.25
C TRP D 392 -52.92 -33.56 -24.56
N PHE D 393 -53.41 -32.68 -23.67
CA PHE D 393 -54.60 -33.00 -22.89
C PHE D 393 -55.79 -33.33 -23.77
N PHE D 394 -56.14 -32.44 -24.70
CA PHE D 394 -57.31 -32.64 -25.55
C PHE D 394 -57.16 -33.89 -26.39
N SER D 395 -56.04 -34.00 -27.11
CA SER D 395 -55.84 -35.10 -28.06
C SER D 395 -55.88 -36.45 -27.36
N ASN D 396 -55.35 -36.53 -26.14
CA ASN D 396 -55.31 -37.82 -25.46
C ASN D 396 -56.58 -38.14 -24.67
N TYR D 397 -57.23 -37.15 -24.06
CA TYR D 397 -58.36 -37.46 -23.20
C TYR D 397 -59.66 -36.82 -23.67
N LEU D 398 -59.63 -35.52 -24.00
CA LEU D 398 -60.87 -34.78 -24.15
C LEU D 398 -61.63 -35.20 -25.41
N LYS D 399 -60.92 -35.61 -26.47
CA LYS D 399 -61.61 -35.88 -27.73
C LYS D 399 -62.32 -37.23 -27.72
N ARG D 400 -61.78 -38.23 -27.03
CA ARG D 400 -62.27 -39.59 -27.20
C ARG D 400 -62.81 -40.21 -25.92
N ARG D 401 -62.22 -39.90 -24.77
CA ARG D 401 -62.65 -40.49 -23.50
C ARG D 401 -64.09 -40.10 -23.18
N ILE E 1411 -24.82 88.61 -53.82
CA ILE E 1411 -25.56 88.05 -54.96
C ILE E 1411 -26.36 86.84 -54.49
N ILE E 1412 -25.79 86.05 -53.57
CA ILE E 1412 -26.48 84.88 -53.07
C ILE E 1412 -27.57 85.27 -52.08
N ILE E 1413 -27.53 86.51 -51.57
CA ILE E 1413 -28.52 86.94 -50.60
C ILE E 1413 -29.90 87.04 -51.23
N TRP E 1414 -29.98 87.47 -52.49
CA TRP E 1414 -31.27 87.53 -53.17
C TRP E 1414 -31.87 86.14 -53.35
N PHE E 1415 -31.06 85.16 -53.74
CA PHE E 1415 -31.54 83.80 -53.88
C PHE E 1415 -31.95 83.22 -52.53
N LEU E 1416 -31.19 83.53 -51.48
CA LEU E 1416 -31.56 83.06 -50.14
C LEU E 1416 -32.91 83.65 -49.72
N LEU E 1417 -33.12 84.93 -49.98
CA LEU E 1417 -34.40 85.56 -49.65
C LEU E 1417 -35.53 84.95 -50.47
N LEU E 1418 -35.28 84.67 -51.75
CA LEU E 1418 -36.29 84.01 -52.58
C LEU E 1418 -36.65 82.64 -52.03
N SER E 1419 -35.64 81.87 -51.62
CA SER E 1419 -35.90 80.55 -51.05
C SER E 1419 -36.68 80.67 -49.75
N VAL E 1420 -36.33 81.64 -48.91
CA VAL E 1420 -37.04 81.84 -47.64
C VAL E 1420 -38.50 82.20 -47.91
N CYS E 1421 -38.75 83.09 -48.87
CA CYS E 1421 -40.12 83.50 -49.16
C CYS E 1421 -40.92 82.34 -49.74
N LEU E 1422 -40.30 81.52 -50.61
CA LEU E 1422 -41.01 80.35 -51.13
C LEU E 1422 -41.32 79.35 -50.03
N GLY E 1423 -40.37 79.13 -49.11
CA GLY E 1423 -40.65 78.26 -47.98
C GLY E 1423 -41.75 78.78 -47.09
N SER E 1424 -41.78 80.11 -46.87
CA SER E 1424 -42.87 80.70 -46.10
C SER E 1424 -44.21 80.53 -46.79
N LEU E 1425 -44.26 80.69 -48.11
CA LEU E 1425 -45.51 80.47 -48.83
C LEU E 1425 -45.95 79.02 -48.75
N ILE E 1426 -45.00 78.08 -48.84
CA ILE E 1426 -45.33 76.66 -48.71
C ILE E 1426 -45.87 76.36 -47.31
N TYR E 1427 -45.25 76.96 -46.28
CA TYR E 1427 -45.73 76.79 -44.93
C TYR E 1427 -47.12 77.38 -44.75
N SER E 1428 -47.39 78.53 -45.39
CA SER E 1428 -48.71 79.13 -45.33
C SER E 1428 -49.75 78.23 -45.98
N THR E 1429 -49.41 77.62 -47.11
CA THR E 1429 -50.32 76.66 -47.75
C THR E 1429 -50.56 75.44 -46.87
N ALA E 1430 -49.51 74.95 -46.19
CA ALA E 1430 -49.68 73.83 -45.28
C ALA E 1430 -50.58 74.20 -44.11
N ALA E 1431 -50.41 75.41 -43.58
CA ALA E 1431 -51.28 75.86 -42.49
C ALA E 1431 -52.72 76.00 -42.95
N LEU E 1432 -52.92 76.48 -44.20
CA LEU E 1432 -54.27 76.55 -44.75
C LEU E 1432 -54.88 75.15 -44.88
N GLY E 1433 -54.08 74.18 -45.32
CA GLY E 1433 -54.56 72.81 -45.38
C GLY E 1433 -54.92 72.24 -44.02
N VAL E 1434 -54.11 72.56 -43.01
CA VAL E 1434 -54.41 72.10 -41.64
C VAL E 1434 -55.71 72.73 -41.15
N LEU E 1435 -55.90 74.03 -41.41
CA LEU E 1435 -57.13 74.70 -41.03
C LEU E 1435 -58.33 74.10 -41.75
N MET E 1436 -58.15 73.74 -43.03
CA MET E 1436 -59.20 73.05 -43.77
C MET E 1436 -59.56 71.73 -43.10
N SER E 1437 -58.55 70.92 -42.81
CA SER E 1437 -58.81 69.63 -42.17
C SER E 1437 -59.50 69.80 -40.82
N ASN E 1438 -59.19 70.90 -40.13
CA ASN E 1438 -59.80 71.13 -38.81
C ASN E 1438 -61.25 71.58 -38.94
N LEU E 1439 -61.55 72.47 -39.89
CA LEU E 1439 -62.84 73.15 -39.93
C LEU E 1439 -63.61 73.02 -41.23
N GLY E 1440 -63.32 72.02 -42.05
CA GLY E 1440 -63.97 71.92 -43.35
C GLY E 1440 -63.17 71.12 -44.35
N MET E 1441 -62.85 71.68 -45.53
CA MET E 1441 -63.20 73.04 -45.95
C MET E 1441 -62.88 73.17 -47.44
N PRO E 1442 -63.75 73.84 -48.21
CA PRO E 1442 -63.38 74.15 -49.59
C PRO E 1442 -62.20 75.12 -49.64
N SER E 1443 -61.06 74.65 -50.13
CA SER E 1443 -59.84 75.45 -50.05
C SER E 1443 -58.83 74.94 -51.07
N TYR E 1444 -57.58 75.38 -50.89
CA TYR E 1444 -56.51 75.14 -51.86
C TYR E 1444 -56.17 73.65 -52.00
N CYS E 1445 -56.07 72.94 -50.88
CA CYS E 1445 -55.53 71.59 -50.89
C CYS E 1445 -56.57 70.51 -51.10
N THR E 1446 -57.83 70.87 -51.41
CA THR E 1446 -58.88 69.86 -51.50
C THR E 1446 -58.72 68.99 -52.74
N GLY E 1447 -58.11 69.51 -53.81
CA GLY E 1447 -58.04 68.77 -55.05
C GLY E 1447 -57.21 67.51 -54.99
N TYR E 1448 -56.09 67.54 -54.27
CA TYR E 1448 -55.17 66.41 -54.28
C TYR E 1448 -55.67 65.25 -53.42
N ARG E 1449 -56.35 65.56 -52.32
CA ARG E 1449 -56.69 64.52 -51.35
C ARG E 1449 -57.69 63.51 -51.91
N GLU E 1450 -58.74 63.99 -52.58
CA GLU E 1450 -59.73 63.07 -53.13
C GLU E 1450 -59.12 62.16 -54.20
N GLY E 1451 -58.30 62.73 -55.08
CA GLY E 1451 -57.63 61.92 -56.08
C GLY E 1451 -56.65 60.92 -55.49
N TYR E 1452 -55.93 61.32 -54.45
CA TYR E 1452 -55.00 60.40 -53.80
C TYR E 1452 -55.74 59.26 -53.11
N LEU E 1453 -56.87 59.55 -52.46
CA LEU E 1453 -57.63 58.49 -51.82
C LEU E 1453 -58.27 57.56 -52.84
N ASN E 1454 -58.82 58.12 -53.92
CA ASN E 1454 -59.54 57.29 -54.89
C ASN E 1454 -58.59 56.47 -55.77
N SER E 1455 -57.48 57.05 -56.21
CA SER E 1455 -56.59 56.36 -57.13
C SER E 1455 -55.81 55.25 -56.43
N THR E 1456 -55.22 54.37 -57.23
CA THR E 1456 -54.44 53.26 -56.71
C THR E 1456 -52.98 53.64 -56.45
N ASN E 1457 -52.57 54.87 -56.78
CA ASN E 1457 -51.21 55.33 -56.52
C ASN E 1457 -51.06 55.58 -55.03
N VAL E 1458 -50.45 54.63 -54.35
CA VAL E 1458 -50.34 54.64 -52.89
C VAL E 1458 -49.06 55.36 -52.46
N THR E 1459 -48.34 55.94 -53.42
CA THR E 1459 -47.08 56.61 -53.10
C THR E 1459 -47.06 57.97 -53.77
N ILE E 1460 -46.31 58.90 -53.16
CA ILE E 1460 -46.20 60.25 -53.69
C ILE E 1460 -45.43 60.24 -55.01
N ALA E 1461 -44.44 59.35 -55.13
CA ALA E 1461 -43.57 59.33 -56.30
C ALA E 1461 -44.29 59.01 -57.60
N THR E 1462 -45.50 58.45 -57.53
CA THR E 1462 -46.25 58.14 -58.73
C THR E 1462 -47.48 59.03 -58.86
N TYR E 1463 -48.04 59.46 -57.74
CA TYR E 1463 -49.21 60.32 -57.77
C TYR E 1463 -48.83 61.78 -58.00
N CYS E 1464 -48.04 62.34 -57.09
CA CYS E 1464 -47.58 63.72 -57.21
C CYS E 1464 -46.41 63.89 -58.16
N THR E 1465 -45.75 62.80 -58.55
CA THR E 1465 -44.58 62.83 -59.42
C THR E 1465 -43.48 63.73 -58.86
N GLY E 1466 -43.32 63.73 -57.53
CA GLY E 1466 -42.28 64.49 -56.89
C GLY E 1466 -42.56 65.97 -56.73
N SER E 1467 -43.75 66.44 -57.11
CA SER E 1467 -44.08 67.85 -56.98
C SER E 1467 -44.19 68.24 -55.51
N ILE E 1468 -43.74 69.46 -55.19
CA ILE E 1468 -43.72 69.90 -53.79
C ILE E 1468 -45.11 70.22 -53.26
N PRO E 1469 -45.91 71.12 -53.86
CA PRO E 1469 -47.20 71.45 -53.25
C PRO E 1469 -48.15 70.27 -53.15
N CYS E 1470 -48.11 69.35 -54.11
CA CYS E 1470 -48.96 68.17 -54.06
C CYS E 1470 -48.61 67.30 -52.85
N SER E 1471 -47.32 67.12 -52.59
CA SER E 1471 -46.89 66.37 -51.41
C SER E 1471 -47.23 67.11 -50.13
N VAL E 1472 -47.10 68.43 -50.12
CA VAL E 1472 -47.39 69.21 -48.93
C VAL E 1472 -48.87 69.12 -48.57
N CYS E 1473 -49.74 69.21 -49.58
CA CYS E 1473 -51.18 69.11 -49.31
C CYS E 1473 -51.57 67.75 -48.74
N LEU E 1474 -50.80 66.71 -49.05
CA LEU E 1474 -51.12 65.36 -48.60
C LEU E 1474 -50.45 65.00 -47.27
N SER E 1475 -49.79 65.96 -46.62
CA SER E 1475 -49.13 65.67 -45.35
C SER E 1475 -50.16 65.29 -44.29
N GLY E 1476 -49.76 64.37 -43.40
CA GLY E 1476 -50.61 63.89 -42.35
C GLY E 1476 -51.41 62.65 -42.67
N LEU E 1477 -51.41 62.20 -43.92
CA LEU E 1477 -52.13 60.99 -44.29
C LEU E 1477 -51.22 59.77 -44.22
N ASP E 1478 -51.84 58.61 -44.04
CA ASP E 1478 -51.11 57.35 -44.03
C ASP E 1478 -50.57 57.05 -45.43
N SER E 1479 -49.35 56.51 -45.48
CA SER E 1479 -48.71 56.21 -46.75
C SER E 1479 -48.21 54.78 -46.73
N LEU E 1480 -48.42 54.08 -47.84
CA LEU E 1480 -47.94 52.69 -47.95
C LEU E 1480 -46.42 52.65 -47.96
N ASP E 1481 -45.78 53.63 -48.61
CA ASP E 1481 -44.32 53.68 -48.69
C ASP E 1481 -43.67 54.29 -47.45
N THR E 1482 -44.02 53.78 -46.27
CA THR E 1482 -43.41 54.25 -45.02
C THR E 1482 -42.96 53.14 -44.08
N TYR E 1483 -43.45 51.91 -44.24
CA TYR E 1483 -43.14 50.86 -43.29
C TYR E 1483 -41.70 50.40 -43.43
N PRO E 1484 -40.88 50.46 -42.38
CA PRO E 1484 -39.51 49.93 -42.47
C PRO E 1484 -39.47 48.41 -42.47
N SER E 1485 -40.54 47.75 -42.02
CA SER E 1485 -40.58 46.29 -41.98
C SER E 1485 -40.68 45.67 -43.37
N LEU E 1486 -41.11 46.44 -44.38
CA LEU E 1486 -41.19 45.93 -45.75
C LEU E 1486 -39.87 46.03 -46.49
N GLU E 1487 -38.84 46.62 -45.88
CA GLU E 1487 -37.54 46.73 -46.52
C GLU E 1487 -36.84 45.38 -46.56
N THR E 1488 -35.89 45.25 -47.48
CA THR E 1488 -35.12 44.03 -47.63
C THR E 1488 -33.70 44.40 -48.02
N ILE E 1489 -32.73 43.87 -47.29
CA ILE E 1489 -31.31 44.12 -47.54
C ILE E 1489 -30.67 42.81 -47.96
N GLN E 1490 -30.04 42.80 -49.13
CA GLN E 1490 -29.35 41.61 -49.62
C GLN E 1490 -28.13 41.34 -48.76
N ILE E 1491 -28.12 40.18 -48.10
CA ILE E 1491 -27.02 39.79 -47.22
C ILE E 1491 -26.23 38.69 -47.91
N THR E 1492 -24.96 38.96 -48.18
CA THR E 1492 -24.07 37.99 -48.81
C THR E 1492 -23.26 37.24 -47.74
N ILE E 1493 -23.94 36.34 -47.04
CA ILE E 1493 -23.27 35.52 -46.04
C ILE E 1493 -22.26 34.62 -46.75
N SER E 1494 -21.01 34.72 -46.34
CA SER E 1494 -19.90 34.06 -47.02
C SER E 1494 -18.81 33.82 -45.99
N SER E 1495 -17.59 33.56 -46.47
CA SER E 1495 -16.42 33.22 -45.66
C SER E 1495 -16.56 31.82 -45.08
N PHE E 1496 -15.46 31.09 -44.98
CA PHE E 1496 -15.50 29.70 -44.57
C PHE E 1496 -14.33 29.42 -43.64
N LYS E 1497 -14.20 28.16 -43.25
CA LYS E 1497 -13.11 27.73 -42.39
C LYS E 1497 -11.76 27.89 -43.10
N TRP E 1498 -10.75 28.31 -42.35
CA TRP E 1498 -9.44 28.53 -42.94
C TRP E 1498 -8.73 27.19 -43.20
N ASP E 1499 -7.62 27.27 -43.92
CA ASP E 1499 -6.81 26.11 -44.27
C ASP E 1499 -5.43 26.27 -43.65
N LEU E 1500 -4.99 25.25 -42.91
CA LEU E 1500 -3.68 25.25 -42.26
C LEU E 1500 -2.91 23.97 -42.51
N THR E 1501 -3.17 23.28 -43.62
CA THR E 1501 -2.41 22.07 -43.95
C THR E 1501 -0.93 22.39 -44.17
N ALA E 1502 -0.65 23.51 -44.86
CA ALA E 1502 0.72 23.90 -45.10
C ALA E 1502 1.46 24.18 -43.79
N PHE E 1503 0.79 24.83 -42.84
CA PHE E 1503 1.40 25.08 -41.54
C PHE E 1503 1.72 23.78 -40.82
N GLY E 1504 0.81 22.81 -40.89
CA GLY E 1504 1.08 21.52 -40.26
C GLY E 1504 2.26 20.80 -40.91
N LEU E 1505 2.33 20.84 -42.25
CA LEU E 1505 3.46 20.23 -42.94
C LEU E 1505 4.77 20.91 -42.56
N VAL E 1506 4.75 22.25 -42.45
CA VAL E 1506 5.95 22.98 -42.07
C VAL E 1506 6.37 22.60 -40.65
N ALA E 1507 5.41 22.50 -39.74
CA ALA E 1507 5.73 22.10 -38.36
C ALA E 1507 6.30 20.70 -38.31
N GLU E 1508 5.73 19.77 -39.09
CA GLU E 1508 6.27 18.41 -39.12
C GLU E 1508 7.68 18.38 -39.70
N TRP E 1509 7.95 19.18 -40.73
CA TRP E 1509 9.29 19.25 -41.28
C TRP E 1509 10.27 19.85 -40.26
N PHE E 1510 9.83 20.87 -39.53
CA PHE E 1510 10.69 21.48 -38.51
C PHE E 1510 11.02 20.49 -37.41
N LEU E 1511 10.02 19.73 -36.95
CA LEU E 1511 10.27 18.72 -35.92
C LEU E 1511 11.19 17.62 -36.44
N ALA E 1512 11.05 17.26 -37.72
CA ALA E 1512 11.97 16.29 -38.31
C ALA E 1512 13.39 16.82 -38.35
N TYR E 1513 13.54 18.11 -38.68
CA TYR E 1513 14.86 18.72 -38.67
C TYR E 1513 15.45 18.76 -37.26
N ILE E 1514 14.60 18.95 -36.25
CA ILE E 1514 15.09 18.91 -34.86
C ILE E 1514 15.65 17.54 -34.55
N LEU E 1515 14.96 16.47 -34.95
CA LEU E 1515 15.44 15.11 -34.75
C LEU E 1515 16.41 14.72 -35.86
N PHE E 1516 17.58 15.33 -35.86
CA PHE E 1516 18.54 15.13 -36.94
C PHE E 1516 19.25 13.78 -36.79
N THR E 1517 19.33 13.04 -37.89
CA THR E 1517 20.05 11.78 -37.94
C THR E 1517 20.80 11.71 -39.26
N ARG E 1518 21.58 10.65 -39.42
CA ARG E 1518 22.35 10.48 -40.66
C ARG E 1518 21.44 10.18 -41.85
N PHE E 1519 20.23 9.70 -41.59
CA PHE E 1519 19.31 9.30 -42.66
C PHE E 1519 18.37 10.41 -43.11
N PHE E 1520 18.57 11.65 -42.62
CA PHE E 1520 17.75 12.76 -43.07
C PHE E 1520 18.15 13.21 -44.47
N TYR E 1521 19.41 13.02 -44.84
CA TYR E 1521 19.89 13.52 -46.13
C TYR E 1521 19.27 12.77 -47.29
N VAL E 1522 19.07 11.45 -47.16
CA VAL E 1522 18.45 10.70 -48.24
C VAL E 1522 16.99 11.10 -48.41
N LEU E 1523 16.28 11.35 -47.31
CA LEU E 1523 14.90 11.83 -47.40
C LEU E 1523 14.85 13.20 -48.06
N GLY E 1524 15.78 14.09 -47.70
CA GLY E 1524 15.83 15.39 -48.35
C GLY E 1524 16.12 15.28 -49.83
N LEU E 1525 17.03 14.39 -50.20
CA LEU E 1525 17.35 14.17 -51.61
C LEU E 1525 16.13 13.65 -52.37
N ALA E 1526 15.40 12.70 -51.77
CA ALA E 1526 14.20 12.19 -52.40
C ALA E 1526 13.16 13.29 -52.59
N ALA E 1527 12.97 14.13 -51.57
CA ALA E 1527 11.99 15.21 -51.66
C ALA E 1527 12.38 16.21 -52.74
N ILE E 1528 13.67 16.59 -52.79
CA ILE E 1528 14.09 17.58 -53.77
C ILE E 1528 14.03 17.00 -55.18
N MET E 1529 14.34 15.70 -55.34
CA MET E 1529 14.22 15.08 -56.65
C MET E 1529 12.75 15.01 -57.10
N GLN E 1530 11.84 14.69 -56.17
CA GLN E 1530 10.43 14.69 -56.50
C GLN E 1530 9.93 16.07 -56.88
N LEU E 1531 10.38 17.12 -56.19
CA LEU E 1531 10.02 18.48 -56.58
C LEU E 1531 10.59 18.85 -57.94
N PHE E 1532 11.84 18.44 -58.19
CA PHE E 1532 12.51 18.81 -59.44
C PHE E 1532 11.87 18.15 -60.65
N PHE E 1533 11.48 16.87 -60.51
CA PHE E 1533 10.94 16.14 -61.66
C PHE E 1533 9.59 16.67 -62.10
N SER E 1534 8.93 17.50 -61.29
CA SER E 1534 7.61 18.01 -61.65
C SER E 1534 7.72 19.09 -62.72
N TYR E 1535 8.83 19.82 -62.76
CA TYR E 1535 8.93 20.97 -63.65
C TYR E 1535 9.41 20.59 -65.05
N PHE E 1536 10.47 19.81 -65.16
CA PHE E 1536 11.01 19.48 -66.48
C PHE E 1536 10.31 18.24 -67.04
N ALA E 1537 10.47 17.12 -66.35
CA ALA E 1537 9.76 15.87 -66.65
C ALA E 1537 9.89 15.45 -68.12
N VAL E 1538 9.10 16.07 -69.00
CA VAL E 1538 8.93 15.57 -70.36
C VAL E 1538 10.16 15.81 -71.22
N HIS E 1539 11.07 16.66 -70.77
CA HIS E 1539 12.19 17.06 -71.62
C HIS E 1539 13.19 15.94 -71.88
N PHE E 1540 13.35 15.00 -70.95
CA PHE E 1540 14.37 13.97 -71.11
C PHE E 1540 13.82 12.59 -70.74
N ILE E 1541 12.61 12.29 -71.20
CA ILE E 1541 12.02 10.97 -71.02
C ILE E 1541 11.61 10.46 -72.40
N SER E 1542 12.38 9.54 -72.96
CA SER E 1542 12.08 8.95 -74.25
C SER E 1542 12.71 7.56 -74.29
N ASN E 1543 11.93 6.58 -74.79
CA ASN E 1543 12.36 5.19 -74.84
C ASN E 1543 12.77 4.71 -73.46
N SER E 1544 13.50 3.59 -73.40
CA SER E 1544 14.07 3.08 -72.15
C SER E 1544 13.01 2.95 -71.07
N TRP E 1545 12.04 2.04 -71.28
CA TRP E 1545 10.92 1.89 -70.36
C TRP E 1545 11.36 1.76 -68.90
N LEU E 1546 12.58 1.28 -68.66
CA LEU E 1546 13.12 1.28 -67.31
C LEU E 1546 13.22 2.69 -66.75
N MET E 1547 13.68 3.64 -67.58
CA MET E 1547 13.75 5.04 -67.15
C MET E 1547 12.37 5.58 -66.82
N TRP E 1548 11.37 5.26 -67.64
CA TRP E 1548 10.00 5.69 -67.37
C TRP E 1548 9.48 5.09 -66.07
N LEU E 1549 9.77 3.82 -65.82
CA LEU E 1549 9.36 3.19 -64.57
C LEU E 1549 10.02 3.87 -63.38
N ILE E 1550 11.31 4.19 -63.49
CA ILE E 1550 12.02 4.85 -62.40
C ILE E 1550 11.42 6.23 -62.13
N ILE E 1551 11.14 6.99 -63.20
CA ILE E 1551 10.57 8.32 -63.04
C ILE E 1551 9.20 8.24 -62.38
N ASN E 1552 8.37 7.29 -62.82
CA ASN E 1552 7.05 7.13 -62.23
C ASN E 1552 7.13 6.73 -60.77
N LEU E 1553 8.05 5.83 -60.43
CA LEU E 1553 8.24 5.45 -59.03
C LEU E 1553 8.70 6.62 -58.18
N VAL E 1554 9.61 7.45 -58.69
CA VAL E 1554 10.09 8.60 -57.93
C VAL E 1554 8.97 9.62 -57.73
N GLN E 1555 8.20 9.90 -58.77
CA GLN E 1555 7.19 10.96 -58.69
C GLN E 1555 6.06 10.60 -57.73
N MET E 1556 5.71 9.31 -57.64
CA MET E 1556 4.56 8.91 -56.85
C MET E 1556 4.86 8.73 -55.37
N ALA E 1557 6.10 8.96 -54.93
CA ALA E 1557 6.45 8.75 -53.55
C ALA E 1557 5.77 9.80 -52.66
N PRO E 1558 5.02 9.39 -51.63
CA PRO E 1558 4.39 10.34 -50.70
C PRO E 1558 5.32 10.73 -49.55
N ILE E 1559 6.24 11.67 -49.84
CA ILE E 1559 7.19 12.12 -48.83
C ILE E 1559 6.46 12.76 -47.66
N SER E 1560 5.44 13.57 -47.96
CA SER E 1560 4.66 14.25 -46.92
C SER E 1560 4.01 13.28 -45.95
N ALA E 1561 3.67 12.06 -46.40
CA ALA E 1561 3.14 11.03 -45.51
C ALA E 1561 4.23 10.06 -45.06
N MET E 1562 5.47 10.29 -45.48
CA MET E 1562 6.57 9.41 -45.11
C MET E 1562 7.42 10.02 -44.00
N VAL E 1563 7.41 11.35 -43.87
CA VAL E 1563 8.20 12.02 -42.84
C VAL E 1563 7.77 11.59 -41.45
N ARG E 1564 6.45 11.42 -41.25
CA ARG E 1564 5.94 11.02 -39.94
C ARG E 1564 6.38 9.64 -39.53
N MET E 1565 6.66 8.74 -40.47
CA MET E 1565 7.20 7.43 -40.12
C MET E 1565 8.66 7.54 -39.70
N TYR E 1566 9.43 8.38 -40.39
CA TYR E 1566 10.80 8.64 -39.97
C TYR E 1566 10.83 9.26 -38.57
N ILE E 1567 9.82 10.06 -38.24
CA ILE E 1567 9.73 10.63 -36.90
C ILE E 1567 9.70 9.52 -35.85
N PHE E 1568 8.79 8.56 -36.04
CA PHE E 1568 8.66 7.46 -35.09
C PHE E 1568 9.90 6.59 -35.07
N PHE E 1569 10.52 6.37 -36.25
CA PHE E 1569 11.74 5.58 -36.30
C PHE E 1569 12.87 6.23 -35.52
N ALA E 1570 13.01 7.56 -35.63
CA ALA E 1570 14.08 8.26 -34.93
C ALA E 1570 13.80 8.40 -33.44
N SER E 1571 12.53 8.49 -33.05
CA SER E 1571 12.19 8.66 -31.64
C SER E 1571 12.69 7.48 -30.81
N PHE E 1572 12.43 6.26 -31.26
CA PHE E 1572 12.88 5.09 -30.53
C PHE E 1572 14.39 4.99 -30.47
N TYR E 1573 15.07 5.32 -31.58
CA TYR E 1573 16.53 5.30 -31.59
C TYR E 1573 17.10 6.28 -30.57
N TYR E 1574 16.54 7.49 -30.53
CA TYR E 1574 17.02 8.48 -29.56
C TYR E 1574 16.71 8.05 -28.13
N VAL E 1575 15.55 7.44 -27.89
CA VAL E 1575 15.23 6.95 -26.55
C VAL E 1575 16.22 5.88 -26.13
N TRP E 1576 16.54 4.96 -27.04
CA TRP E 1576 17.51 3.91 -26.73
C TRP E 1576 18.89 4.49 -26.45
N LYS E 1577 19.31 5.47 -27.25
CA LYS E 1577 20.61 6.10 -27.03
C LYS E 1577 20.66 6.81 -25.68
N SER E 1578 19.59 7.51 -25.33
CA SER E 1578 19.53 8.19 -24.03
C SER E 1578 19.57 7.19 -22.88
N TYR E 1579 18.84 6.07 -23.03
CA TYR E 1579 18.86 5.05 -21.99
C TYR E 1579 20.24 4.43 -21.82
N VAL E 1580 20.94 4.20 -22.93
CA VAL E 1580 22.30 3.68 -22.84
C VAL E 1580 23.22 4.68 -22.17
N HIS E 1581 23.10 5.96 -22.54
CA HIS E 1581 23.99 6.97 -22.00
C HIS E 1581 23.78 7.20 -20.51
N VAL E 1582 22.52 7.25 -20.08
CA VAL E 1582 22.24 7.59 -18.68
C VAL E 1582 22.69 6.51 -17.71
N VAL E 1583 22.38 5.24 -17.98
CA VAL E 1583 22.70 4.16 -17.05
C VAL E 1583 24.04 3.50 -17.32
N ASP E 1584 24.56 3.38 -18.56
CA ASP E 1584 25.63 2.40 -18.84
C ASP E 1584 26.92 3.08 -19.31
N GLY E 1585 26.79 4.16 -20.08
CA GLY E 1585 27.95 4.90 -20.54
C GLY E 1585 28.58 4.27 -21.77
N CYS E 1586 29.62 4.94 -22.26
CA CYS E 1586 30.34 4.48 -23.43
C CYS E 1586 31.80 4.86 -23.30
N ASN E 1587 32.66 4.14 -24.02
CA ASN E 1587 34.09 4.38 -23.96
C ASN E 1587 34.63 5.07 -25.21
N SER E 1588 33.90 5.03 -26.32
CA SER E 1588 34.36 5.62 -27.56
C SER E 1588 34.38 7.14 -27.44
N SER E 1589 35.50 7.76 -27.83
CA SER E 1589 35.62 9.21 -27.79
C SER E 1589 35.00 9.89 -29.01
N THR E 1590 34.61 9.13 -30.03
CA THR E 1590 34.04 9.73 -31.22
C THR E 1590 32.61 10.22 -30.99
N CYS E 1591 31.97 9.75 -29.92
CA CYS E 1591 30.60 10.15 -29.60
C CYS E 1591 30.56 11.63 -29.23
N MET E 1592 29.39 12.24 -29.44
CA MET E 1592 29.21 13.65 -29.17
C MET E 1592 28.74 13.88 -27.74
N MET E 1593 28.98 12.90 -26.87
CA MET E 1593 28.66 13.05 -25.46
C MET E 1593 29.69 13.90 -24.71
N CYS E 1594 30.77 14.27 -25.38
CA CYS E 1594 31.89 14.97 -24.76
C CYS E 1594 31.49 16.26 -24.06
N TYR E 1595 30.98 17.23 -24.82
CA TYR E 1595 30.85 18.60 -24.33
C TYR E 1595 29.90 18.74 -23.13
N LYS E 1596 29.31 17.65 -22.64
CA LYS E 1596 28.39 17.76 -21.51
C LYS E 1596 29.06 17.35 -20.21
N ARG E 1597 29.97 16.36 -20.25
CA ARG E 1597 30.48 15.74 -19.03
C ARG E 1597 31.90 16.17 -18.68
N ASN E 1598 32.86 16.02 -19.59
CA ASN E 1598 34.27 16.24 -19.25
C ASN E 1598 34.61 17.73 -19.36
N ARG E 1599 34.41 18.43 -18.24
CA ARG E 1599 34.79 19.84 -18.17
C ARG E 1599 36.26 20.01 -17.81
N ALA E 1600 37.14 19.41 -18.59
CA ALA E 1600 38.57 19.52 -18.34
C ALA E 1600 39.05 20.93 -18.65
N THR E 1601 39.47 21.65 -17.62
CA THR E 1601 39.92 23.03 -17.77
C THR E 1601 41.18 23.16 -18.62
N ARG E 1602 42.14 22.26 -18.45
CA ARG E 1602 43.42 22.34 -19.15
C ARG E 1602 43.68 21.03 -19.87
N VAL E 1603 44.39 21.13 -21.00
CA VAL E 1603 44.79 19.98 -21.80
C VAL E 1603 46.29 20.04 -21.99
N GLU E 1604 46.97 18.93 -21.71
CA GLU E 1604 48.42 18.87 -21.81
C GLU E 1604 48.85 18.63 -23.26
N CYS E 1605 50.00 19.19 -23.60
CA CYS E 1605 50.59 19.03 -24.93
C CYS E 1605 52.07 19.39 -24.82
N THR E 1606 52.85 18.98 -25.81
CA THR E 1606 54.29 19.16 -25.80
C THR E 1606 54.75 19.83 -27.09
N THR E 1607 55.93 20.45 -27.02
CA THR E 1607 56.53 21.10 -28.16
C THR E 1607 58.05 20.95 -28.07
N ILE E 1608 58.71 21.15 -29.20
CA ILE E 1608 60.16 20.99 -29.31
C ILE E 1608 60.78 22.36 -29.51
N VAL E 1609 61.78 22.67 -28.69
CA VAL E 1609 62.52 23.93 -28.78
C VAL E 1609 63.93 23.71 -28.22
N ASN E 1610 64.94 24.10 -29.00
CA ASN E 1610 66.34 23.99 -28.58
C ASN E 1610 66.72 22.56 -28.21
N GLY E 1611 66.13 21.59 -28.89
CA GLY E 1611 66.48 20.19 -28.66
C GLY E 1611 65.90 19.58 -27.41
N VAL E 1612 65.00 20.28 -26.71
CA VAL E 1612 64.37 19.75 -25.51
C VAL E 1612 62.85 19.87 -25.68
N ARG E 1613 62.13 19.05 -24.91
CA ARG E 1613 60.68 18.95 -25.01
C ARG E 1613 60.07 19.65 -23.79
N ARG E 1614 59.43 20.79 -24.03
CA ARG E 1614 58.72 21.51 -22.98
C ARG E 1614 57.23 21.20 -23.05
N SER E 1615 56.50 21.67 -22.04
CA SER E 1615 55.07 21.42 -21.93
C SER E 1615 54.34 22.73 -21.65
N PHE E 1616 53.11 22.83 -22.14
CA PHE E 1616 52.27 24.00 -21.91
C PHE E 1616 50.81 23.58 -21.92
N TYR E 1617 49.97 24.40 -21.31
CA TYR E 1617 48.56 24.09 -21.16
C TYR E 1617 47.71 24.86 -22.16
N VAL E 1618 46.55 24.30 -22.48
CA VAL E 1618 45.53 24.95 -23.28
C VAL E 1618 44.23 24.95 -22.49
N TYR E 1619 43.63 26.13 -22.35
CA TYR E 1619 42.48 26.30 -21.47
C TYR E 1619 41.17 26.00 -22.20
N ALA E 1620 40.18 25.54 -21.43
CA ALA E 1620 38.87 25.24 -21.97
C ALA E 1620 37.82 25.50 -20.90
N ASN E 1621 36.59 25.75 -21.34
CA ASN E 1621 35.51 26.08 -20.42
C ASN E 1621 34.90 24.82 -19.81
N GLY E 1622 34.35 23.94 -20.66
CA GLY E 1622 33.67 22.76 -20.19
C GLY E 1622 32.26 22.59 -20.72
N GLY E 1623 31.28 22.65 -19.83
CA GLY E 1623 29.89 22.36 -20.17
C GLY E 1623 29.09 23.50 -20.74
N LYS E 1624 29.69 24.66 -21.00
CA LYS E 1624 28.98 25.81 -21.55
C LYS E 1624 29.43 26.02 -22.98
N GLY E 1625 28.48 25.98 -23.91
CA GLY E 1625 28.74 26.30 -25.30
C GLY E 1625 29.46 25.21 -26.07
N PHE E 1626 29.55 25.38 -27.39
CA PHE E 1626 30.29 24.45 -28.22
C PHE E 1626 31.23 25.13 -29.20
N CYS E 1627 31.01 26.41 -29.53
CA CYS E 1627 31.84 27.15 -30.48
C CYS E 1627 32.05 26.37 -31.78
N LYS E 1628 30.96 26.20 -32.53
CA LYS E 1628 30.98 25.43 -33.76
C LYS E 1628 31.93 26.00 -34.81
N LEU E 1629 32.46 27.21 -34.59
CA LEU E 1629 33.42 27.77 -35.54
C LEU E 1629 34.68 26.91 -35.61
N HIS E 1630 35.16 26.43 -34.47
CA HIS E 1630 36.33 25.55 -34.44
C HIS E 1630 36.09 24.35 -33.52
N ASN E 1631 34.82 24.04 -33.25
CA ASN E 1631 34.38 22.88 -32.46
C ASN E 1631 35.25 22.61 -31.23
N TRP E 1632 35.40 23.60 -30.36
CA TRP E 1632 36.16 23.44 -29.13
C TRP E 1632 35.43 24.17 -28.01
N ASN E 1633 35.60 23.67 -26.78
CA ASN E 1633 35.00 24.27 -25.59
C ASN E 1633 35.79 25.52 -25.18
N CYS E 1634 35.73 26.53 -26.05
CA CYS E 1634 36.53 27.73 -25.85
C CYS E 1634 35.88 28.67 -24.83
N VAL E 1635 36.70 29.52 -24.24
CA VAL E 1635 36.26 30.58 -23.35
C VAL E 1635 36.67 31.90 -23.96
N ASN E 1636 35.67 32.70 -24.37
CA ASN E 1636 35.86 34.00 -25.03
C ASN E 1636 37.04 33.98 -25.98
N CYS E 1637 36.97 33.13 -27.01
CA CYS E 1637 38.10 32.92 -27.91
C CYS E 1637 38.27 34.04 -28.91
N ASP E 1638 37.53 35.14 -28.72
CA ASP E 1638 37.65 36.30 -29.58
C ASP E 1638 38.42 37.45 -28.93
N THR E 1639 39.00 37.23 -27.76
CA THR E 1639 39.74 38.26 -27.04
C THR E 1639 41.07 37.68 -26.60
N PHE E 1640 42.10 38.54 -26.53
CA PHE E 1640 43.44 38.10 -26.19
C PHE E 1640 43.70 38.22 -24.68
N CYS E 1641 42.65 38.14 -23.88
CA CYS E 1641 42.81 38.16 -22.44
C CYS E 1641 43.47 36.88 -21.95
N ALA E 1642 44.08 36.95 -20.76
CA ALA E 1642 44.75 35.80 -20.20
C ALA E 1642 43.77 34.67 -19.92
N GLY E 1643 44.20 33.45 -20.23
CA GLY E 1643 43.37 32.28 -20.03
C GLY E 1643 42.45 31.93 -21.18
N SER E 1644 42.42 32.75 -22.24
CA SER E 1644 41.56 32.47 -23.38
C SER E 1644 42.16 31.38 -24.26
N THR E 1645 41.29 30.66 -24.96
CA THR E 1645 41.75 29.63 -25.87
C THR E 1645 42.48 30.25 -27.05
N PHE E 1646 43.70 29.73 -27.32
CA PHE E 1646 44.58 30.28 -28.35
C PHE E 1646 45.13 29.13 -29.18
N ILE E 1647 44.24 28.25 -29.65
CA ILE E 1647 44.64 27.15 -30.51
C ILE E 1647 45.30 27.70 -31.77
N SER E 1648 46.59 27.41 -31.94
CA SER E 1648 47.36 27.93 -33.06
C SER E 1648 47.45 26.90 -34.18
N ASP E 1649 47.89 27.36 -35.35
CA ASP E 1649 47.99 26.49 -36.51
C ASP E 1649 48.99 25.36 -36.29
N GLU E 1650 50.15 25.69 -35.71
CA GLU E 1650 51.20 24.68 -35.52
C GLU E 1650 50.78 23.59 -34.54
N VAL E 1651 49.86 23.88 -33.62
CA VAL E 1651 49.40 22.89 -32.66
C VAL E 1651 48.04 22.29 -33.01
N ALA E 1652 47.32 22.88 -33.96
CA ALA E 1652 46.01 22.34 -34.35
C ALA E 1652 46.16 20.95 -34.95
N ARG E 1653 47.13 20.78 -35.86
CA ARG E 1653 47.37 19.48 -36.47
C ARG E 1653 47.80 18.43 -35.45
N ASP E 1654 48.63 18.82 -34.47
CA ASP E 1654 49.05 17.89 -33.43
C ASP E 1654 47.88 17.50 -32.53
N LEU E 1655 47.05 18.48 -32.15
CA LEU E 1655 45.91 18.17 -31.29
C LEU E 1655 44.85 17.37 -32.03
N SER E 1656 44.80 17.49 -33.35
CA SER E 1656 43.86 16.69 -34.13
C SER E 1656 44.25 15.22 -34.21
N LEU E 1657 45.44 14.86 -33.72
CA LEU E 1657 45.88 13.47 -33.71
C LEU E 1657 45.76 12.80 -32.35
N GLN E 1658 45.97 13.54 -31.25
CA GLN E 1658 45.69 12.99 -29.94
C GLN E 1658 44.20 12.66 -29.79
N PHE E 1659 43.34 13.57 -30.23
CA PHE E 1659 41.93 13.25 -30.44
C PHE E 1659 41.74 12.73 -31.87
N LYS E 1660 40.50 12.35 -32.18
CA LYS E 1660 40.17 11.78 -33.49
C LYS E 1660 38.98 12.53 -34.10
N ARG E 1661 39.02 13.86 -34.00
CA ARG E 1661 38.02 14.70 -34.64
C ARG E 1661 38.73 15.92 -35.22
N PRO E 1662 38.24 16.44 -36.35
CA PRO E 1662 38.90 17.60 -36.96
C PRO E 1662 38.81 18.84 -36.06
N ILE E 1663 39.87 19.65 -36.09
CA ILE E 1663 39.95 20.87 -35.31
C ILE E 1663 40.42 21.99 -36.22
N ASN E 1664 39.73 23.13 -36.15
CA ASN E 1664 40.08 24.28 -36.98
C ASN E 1664 40.96 25.26 -36.21
N PRO E 1665 42.09 25.66 -36.79
CA PRO E 1665 42.96 26.62 -36.11
C PRO E 1665 42.34 28.01 -36.07
N THR E 1666 42.87 28.84 -35.17
CA THR E 1666 42.37 30.19 -34.99
C THR E 1666 43.30 31.26 -35.56
N ASP E 1667 44.58 31.26 -35.20
CA ASP E 1667 45.51 32.26 -35.67
C ASP E 1667 46.84 31.61 -36.00
N GLN E 1668 47.59 32.24 -36.91
CA GLN E 1668 48.90 31.74 -37.27
C GLN E 1668 49.89 32.01 -36.14
N SER E 1669 50.95 31.17 -36.09
CA SER E 1669 51.90 31.25 -34.99
C SER E 1669 52.63 32.58 -34.96
N SER E 1670 53.11 33.05 -36.11
CA SER E 1670 53.92 34.26 -36.14
C SER E 1670 53.85 34.89 -37.52
N TYR E 1671 54.29 36.15 -37.60
CA TYR E 1671 54.33 36.90 -38.85
C TYR E 1671 55.66 37.61 -38.95
N ILE E 1672 55.98 38.06 -40.17
CA ILE E 1672 57.25 38.71 -40.47
C ILE E 1672 57.01 40.20 -40.69
N VAL E 1673 57.80 41.03 -40.01
CA VAL E 1673 57.66 42.48 -40.14
C VAL E 1673 58.19 42.93 -41.49
N ASP E 1674 57.73 44.09 -41.94
CA ASP E 1674 58.16 44.68 -43.20
C ASP E 1674 58.85 46.03 -43.05
N SER E 1675 58.26 46.96 -42.30
CA SER E 1675 58.84 48.28 -42.12
C SER E 1675 58.34 48.86 -40.80
N VAL E 1676 59.18 49.72 -40.20
CA VAL E 1676 58.85 50.35 -38.93
C VAL E 1676 59.12 51.84 -39.05
N THR E 1677 58.40 52.62 -38.25
CA THR E 1677 58.55 54.08 -38.21
C THR E 1677 58.44 54.55 -36.77
N VAL E 1678 59.35 55.43 -36.36
CA VAL E 1678 59.34 55.99 -35.01
C VAL E 1678 58.63 57.34 -35.03
N LYS E 1679 57.92 57.63 -33.95
CA LYS E 1679 57.20 58.89 -33.82
C LYS E 1679 56.85 59.13 -32.36
N ASN E 1680 57.20 60.32 -31.85
CA ASN E 1680 56.86 60.77 -30.50
C ASN E 1680 57.11 59.69 -29.45
N GLY E 1681 58.25 59.01 -29.55
CA GLY E 1681 58.61 57.99 -28.60
C GLY E 1681 57.88 56.68 -28.75
N SER E 1682 57.20 56.46 -29.87
CA SER E 1682 56.47 55.23 -30.11
C SER E 1682 56.93 54.65 -31.44
N ILE E 1683 56.82 53.32 -31.56
CA ILE E 1683 57.27 52.59 -32.73
C ILE E 1683 56.10 51.78 -33.28
N HIS E 1684 55.91 51.85 -34.59
CA HIS E 1684 54.85 51.12 -35.28
C HIS E 1684 55.46 49.99 -36.10
N LEU E 1685 54.90 48.80 -35.97
CA LEU E 1685 55.35 47.62 -36.69
C LEU E 1685 54.30 47.22 -37.72
N TYR E 1686 54.72 47.14 -38.98
CA TYR E 1686 53.82 46.82 -40.08
C TYR E 1686 54.04 45.39 -40.56
N PHE E 1687 52.94 44.67 -40.76
CA PHE E 1687 53.01 43.30 -41.25
C PHE E 1687 51.69 42.97 -41.93
N ASP E 1688 51.72 41.94 -42.77
CA ASP E 1688 50.54 41.52 -43.50
C ASP E 1688 49.67 40.61 -42.63
N LYS E 1689 48.35 40.70 -42.83
CA LYS E 1689 47.40 39.90 -42.07
C LYS E 1689 46.29 39.45 -43.03
N ALA E 1690 46.42 38.24 -43.56
CA ALA E 1690 45.43 37.65 -44.47
C ALA E 1690 45.18 38.54 -45.69
N GLY E 1691 46.24 39.18 -46.18
CA GLY E 1691 46.13 40.05 -47.33
C GLY E 1691 45.86 41.50 -47.03
N GLN E 1692 45.62 41.85 -45.77
CA GLN E 1692 45.37 43.24 -45.38
C GLN E 1692 46.59 43.79 -44.63
N LYS E 1693 46.99 45.00 -45.00
CA LYS E 1693 48.15 45.64 -44.38
C LYS E 1693 47.74 46.30 -43.07
N THR E 1694 48.25 45.78 -41.96
CA THR E 1694 47.92 46.29 -40.64
C THR E 1694 49.20 46.68 -39.93
N TYR E 1695 49.04 47.29 -38.75
CA TYR E 1695 50.18 47.75 -37.97
C TYR E 1695 49.89 47.59 -36.49
N GLU E 1696 50.96 47.51 -35.70
CA GLU E 1696 50.88 47.43 -34.26
C GLU E 1696 51.92 48.37 -33.65
N ARG E 1697 51.62 48.87 -32.46
CA ARG E 1697 52.44 49.89 -31.83
C ARG E 1697 52.91 49.43 -30.46
N HIS E 1698 54.10 49.89 -30.07
CA HIS E 1698 54.68 49.54 -28.78
C HIS E 1698 55.56 50.71 -28.33
N SER E 1699 55.91 50.69 -27.05
CA SER E 1699 56.78 51.72 -26.50
C SER E 1699 58.23 51.47 -26.88
N LEU E 1700 59.00 52.55 -26.99
CA LEU E 1700 60.41 52.45 -27.36
C LEU E 1700 61.31 52.10 -26.18
N SER E 1701 60.77 52.07 -24.96
CA SER E 1701 61.61 51.80 -23.80
C SER E 1701 62.13 50.36 -23.79
N HIS E 1702 61.39 49.44 -24.41
CA HIS E 1702 61.78 48.04 -24.38
C HIS E 1702 62.97 47.77 -25.29
N PHE E 1703 63.18 48.62 -26.30
CA PHE E 1703 64.23 48.40 -27.28
C PHE E 1703 65.59 48.95 -26.86
N VAL E 1704 65.75 49.35 -25.59
CA VAL E 1704 67.04 49.86 -25.14
C VAL E 1704 68.11 48.77 -25.14
N ASN E 1705 67.72 47.54 -24.81
CA ASN E 1705 68.67 46.43 -24.76
C ASN E 1705 68.07 45.26 -25.52
N LEU E 1706 68.82 44.71 -26.47
CA LEU E 1706 68.30 43.63 -27.31
C LEU E 1706 68.70 42.26 -26.79
N ASP E 1707 69.82 42.18 -26.05
CA ASP E 1707 70.35 40.90 -25.59
C ASP E 1707 69.43 40.16 -24.63
N ASN E 1708 68.59 40.87 -23.88
CA ASN E 1708 67.65 40.24 -22.96
C ASN E 1708 66.35 39.82 -23.64
N LEU E 1709 66.20 40.11 -24.93
CA LEU E 1709 64.99 39.81 -25.66
C LEU E 1709 65.20 38.82 -26.81
N ARG E 1710 66.41 38.75 -27.35
CA ARG E 1710 66.66 37.94 -28.53
C ARG E 1710 66.63 36.45 -28.21
N ALA E 1711 65.94 35.69 -29.05
CA ALA E 1711 65.91 34.23 -29.05
C ALA E 1711 65.67 33.70 -27.63
N ASN E 1712 66.30 32.57 -27.30
CA ASN E 1712 66.15 31.93 -26.00
C ASN E 1712 67.08 32.62 -25.00
N ASN E 1713 66.50 33.52 -24.21
CA ASN E 1713 67.25 34.22 -23.18
C ASN E 1713 67.44 33.33 -21.95
N THR E 1714 68.26 33.82 -21.02
CA THR E 1714 68.52 33.06 -19.80
C THR E 1714 67.29 32.98 -18.91
N LYS E 1715 66.49 34.04 -18.85
CA LYS E 1715 65.29 34.03 -18.02
C LYS E 1715 64.28 33.02 -18.54
N GLY E 1716 64.15 32.88 -19.86
CA GLY E 1716 63.16 32.02 -20.44
C GLY E 1716 61.80 32.65 -20.63
N SER E 1717 61.68 33.96 -20.41
CA SER E 1717 60.42 34.67 -20.58
C SER E 1717 60.66 35.91 -21.42
N LEU E 1718 59.62 36.32 -22.16
CA LEU E 1718 59.72 37.49 -23.01
C LEU E 1718 58.96 38.66 -22.41
N PRO E 1719 59.59 39.84 -22.35
CA PRO E 1719 58.89 40.98 -21.74
C PRO E 1719 57.86 41.62 -22.67
N ILE E 1720 58.05 41.52 -23.98
CA ILE E 1720 57.16 42.15 -24.95
C ILE E 1720 56.84 41.15 -26.04
N ASN E 1721 55.94 41.53 -26.95
CA ASN E 1721 55.36 40.63 -27.92
C ASN E 1721 56.26 40.38 -29.12
N VAL E 1722 57.39 41.10 -29.21
CA VAL E 1722 58.25 41.03 -30.39
C VAL E 1722 59.52 40.27 -30.05
N ILE E 1723 60.18 39.77 -31.10
CA ILE E 1723 61.42 39.03 -30.98
C ILE E 1723 62.37 39.50 -32.08
N VAL E 1724 63.66 39.53 -31.75
CA VAL E 1724 64.69 40.03 -32.66
C VAL E 1724 65.68 38.92 -32.96
N PHE E 1725 65.99 38.74 -34.24
CA PHE E 1725 66.94 37.72 -34.67
C PHE E 1725 67.79 38.29 -35.80
N ASP E 1726 68.97 37.69 -35.98
CA ASP E 1726 69.88 38.09 -37.06
C ASP E 1726 69.49 37.31 -38.30
N GLY E 1727 69.07 38.04 -39.34
CA GLY E 1727 68.57 37.42 -40.55
C GLY E 1727 69.65 36.87 -41.47
N LYS E 1728 70.91 37.24 -41.26
CA LYS E 1728 71.97 36.75 -42.13
C LYS E 1728 72.34 35.30 -41.86
N SER E 1729 71.92 34.73 -40.74
CA SER E 1729 72.22 33.35 -40.38
C SER E 1729 70.95 32.53 -40.49
N LYS E 1730 71.03 31.43 -41.25
CA LYS E 1730 69.88 30.54 -41.38
C LYS E 1730 69.55 29.86 -40.06
N CYS E 1731 70.59 29.50 -39.29
CA CYS E 1731 70.36 28.79 -38.02
C CYS E 1731 69.59 29.67 -37.04
N GLU E 1732 69.93 30.95 -36.96
CA GLU E 1732 69.21 31.84 -36.05
C GLU E 1732 67.75 31.98 -36.44
N GLU E 1733 67.48 32.13 -37.74
CA GLU E 1733 66.10 32.24 -38.21
C GLU E 1733 65.31 30.97 -37.91
N SER E 1734 65.93 29.80 -38.16
CA SER E 1734 65.26 28.54 -37.87
C SER E 1734 64.98 28.37 -36.38
N SER E 1735 65.95 28.73 -35.53
CA SER E 1735 65.75 28.63 -34.08
C SER E 1735 64.63 29.56 -33.63
N ALA E 1736 64.60 30.78 -34.15
CA ALA E 1736 63.54 31.72 -33.79
C ALA E 1736 62.18 31.20 -34.25
N LYS E 1737 62.11 30.64 -35.46
CA LYS E 1737 60.86 30.10 -35.97
C LYS E 1737 60.37 28.94 -35.10
N SER E 1738 61.29 28.07 -34.69
CA SER E 1738 60.93 26.94 -33.85
C SER E 1738 60.49 27.39 -32.47
N ALA E 1739 61.16 28.39 -31.90
CA ALA E 1739 60.87 28.81 -30.53
C ALA E 1739 59.70 29.78 -30.46
N SER E 1740 59.24 30.29 -31.60
CA SER E 1740 58.13 31.24 -31.59
C SER E 1740 56.85 30.61 -31.05
N VAL E 1741 56.59 29.35 -31.40
CA VAL E 1741 55.30 28.73 -31.04
C VAL E 1741 55.16 28.57 -29.54
N TYR E 1742 56.24 28.22 -28.84
CA TYR E 1742 56.17 28.02 -27.40
C TYR E 1742 55.80 29.31 -26.67
N TYR E 1743 56.40 30.43 -27.07
CA TYR E 1743 56.04 31.71 -26.46
C TYR E 1743 54.69 32.20 -26.96
N SER E 1744 54.25 31.70 -28.12
CA SER E 1744 52.93 32.04 -28.63
C SER E 1744 51.85 31.34 -27.82
N GLN E 1745 52.24 30.33 -27.02
CA GLN E 1745 51.32 29.61 -26.16
C GLN E 1745 51.48 29.93 -24.70
N LEU E 1746 52.68 30.33 -24.25
CA LEU E 1746 52.83 30.83 -22.89
C LEU E 1746 52.00 32.09 -22.69
N MET E 1747 52.02 33.00 -23.66
CA MET E 1747 51.19 34.18 -23.67
C MET E 1747 50.38 34.22 -24.95
N CYS E 1748 49.15 34.72 -24.86
CA CYS E 1748 48.25 34.75 -26.00
C CYS E 1748 48.76 35.78 -27.03
N GLN E 1749 48.03 35.87 -28.15
CA GLN E 1749 48.25 36.79 -29.26
C GLN E 1749 49.49 36.40 -30.06
N PRO E 1750 49.51 36.66 -31.36
CA PRO E 1750 50.65 36.23 -32.18
C PRO E 1750 51.94 36.97 -31.84
N ILE E 1751 53.05 36.36 -32.21
CA ILE E 1751 54.39 36.91 -31.97
C ILE E 1751 54.90 37.51 -33.27
N LEU E 1752 55.43 38.72 -33.19
CA LEU E 1752 55.99 39.42 -34.35
C LEU E 1752 57.50 39.25 -34.37
N LEU E 1753 58.04 38.96 -35.55
CA LEU E 1753 59.47 38.76 -35.73
C LEU E 1753 60.09 40.02 -36.32
N LEU E 1754 61.19 40.46 -35.73
CA LEU E 1754 61.88 41.68 -36.15
C LEU E 1754 63.29 41.34 -36.63
N ASP E 1755 63.66 41.91 -37.78
CA ASP E 1755 65.02 41.79 -38.27
C ASP E 1755 65.92 42.79 -37.55
N GLN E 1756 67.13 42.35 -37.21
CA GLN E 1756 68.06 43.16 -36.42
C GLN E 1756 68.45 44.45 -37.14
N ALA E 1757 68.69 44.36 -38.45
CA ALA E 1757 69.28 45.46 -39.22
C ALA E 1757 68.47 46.74 -39.12
N LEU E 1758 67.16 46.67 -39.39
CA LEU E 1758 66.32 47.86 -39.46
C LEU E 1758 66.21 48.54 -38.09
N VAL E 1759 65.91 47.76 -37.05
CA VAL E 1759 65.74 48.34 -35.72
C VAL E 1759 67.07 48.88 -35.20
N SER E 1760 68.18 48.19 -35.48
CA SER E 1760 69.49 48.66 -35.08
C SER E 1760 69.83 49.98 -35.77
N ASP E 1761 69.50 50.09 -37.06
CA ASP E 1761 69.80 51.30 -37.80
C ASP E 1761 68.96 52.48 -37.29
N VAL E 1762 67.67 52.25 -37.06
CA VAL E 1762 66.79 53.33 -36.64
C VAL E 1762 67.03 53.65 -35.18
N GLY E 1763 67.73 52.77 -34.46
CA GLY E 1763 68.04 52.99 -33.07
C GLY E 1763 69.11 54.04 -32.84
N PRO F 1403 -25.58 81.20 14.14
CA PRO F 1403 -25.44 79.96 13.37
C PRO F 1403 -26.61 79.01 13.57
N ASN F 1404 -26.67 77.96 12.76
CA ASN F 1404 -27.75 76.98 12.83
C ASN F 1404 -27.37 75.73 13.63
N PHE F 1405 -26.21 75.75 14.31
CA PHE F 1405 -25.79 74.57 15.06
C PHE F 1405 -26.78 74.24 16.18
N SER F 1406 -27.24 75.25 16.90
CA SER F 1406 -28.19 75.01 17.99
C SER F 1406 -29.50 74.44 17.46
N LYS F 1407 -29.99 74.96 16.34
CA LYS F 1407 -31.25 74.48 15.78
C LYS F 1407 -31.14 73.03 15.33
N LEU F 1408 -30.05 72.67 14.65
CA LEU F 1408 -29.90 71.28 14.21
C LEU F 1408 -29.67 70.35 15.39
N ILE F 1409 -28.95 70.80 16.42
CA ILE F 1409 -28.79 69.98 17.62
C ILE F 1409 -30.15 69.74 18.28
N ASN F 1410 -30.98 70.78 18.37
CA ASN F 1410 -32.31 70.61 18.95
C ASN F 1410 -33.17 69.67 18.11
N ILE F 1411 -33.05 69.75 16.78
CA ILE F 1411 -33.81 68.86 15.91
C ILE F 1411 -33.36 67.41 16.11
N ILE F 1412 -32.06 67.18 16.21
CA ILE F 1412 -31.55 65.83 16.46
C ILE F 1412 -32.02 65.32 17.81
N ILE F 1413 -32.02 66.18 18.83
CA ILE F 1413 -32.50 65.78 20.14
C ILE F 1413 -33.98 65.42 20.09
N TRP F 1414 -34.77 66.20 19.34
CA TRP F 1414 -36.19 65.90 19.20
C TRP F 1414 -36.41 64.56 18.49
N PHE F 1415 -35.64 64.29 17.44
CA PHE F 1415 -35.76 63.01 16.75
C PHE F 1415 -35.39 61.85 17.67
N LEU F 1416 -34.31 62.00 18.43
CA LEU F 1416 -33.91 60.95 19.37
C LEU F 1416 -34.98 60.74 20.43
N LEU F 1417 -35.55 61.84 20.95
CA LEU F 1417 -36.57 61.74 21.98
C LEU F 1417 -37.81 61.03 21.45
N LEU F 1418 -38.26 61.38 20.25
CA LEU F 1418 -39.45 60.73 19.71
C LEU F 1418 -39.19 59.26 19.42
N SER F 1419 -38.01 58.93 18.89
CA SER F 1419 -37.70 57.53 18.62
C SER F 1419 -37.65 56.72 19.91
N VAL F 1420 -37.00 57.27 20.95
CA VAL F 1420 -36.89 56.56 22.22
C VAL F 1420 -38.26 56.40 22.86
N CYS F 1421 -39.09 57.44 22.82
CA CYS F 1421 -40.41 57.34 23.43
C CYS F 1421 -41.28 56.33 22.71
N LEU F 1422 -41.25 56.31 21.37
CA LEU F 1422 -42.04 55.33 20.63
C LEU F 1422 -41.56 53.91 20.91
N GLY F 1423 -40.24 53.71 20.92
CA GLY F 1423 -39.71 52.38 21.22
C GLY F 1423 -40.07 51.92 22.62
N SER F 1424 -39.97 52.83 23.60
CA SER F 1424 -40.31 52.48 24.97
C SER F 1424 -41.80 52.16 25.11
N LEU F 1425 -42.65 52.92 24.43
CA LEU F 1425 -44.08 52.63 24.47
C LEU F 1425 -44.38 51.27 23.86
N ILE F 1426 -43.75 50.96 22.72
CA ILE F 1426 -43.98 49.67 22.08
C ILE F 1426 -43.51 48.53 22.99
N TYR F 1427 -42.32 48.69 23.57
CA TYR F 1427 -41.79 47.66 24.46
C TYR F 1427 -42.67 47.47 25.69
N SER F 1428 -43.14 48.57 26.27
CA SER F 1428 -44.02 48.48 27.44
C SER F 1428 -45.34 47.81 27.09
N THR F 1429 -45.91 48.13 25.94
CA THR F 1429 -47.15 47.48 25.53
C THR F 1429 -46.94 45.99 25.31
N ALA F 1430 -45.83 45.60 24.68
CA ALA F 1430 -45.56 44.19 24.46
C ALA F 1430 -45.35 43.45 25.79
N ALA F 1431 -44.60 44.06 26.71
CA ALA F 1431 -44.38 43.44 28.01
C ALA F 1431 -45.69 43.29 28.78
N LEU F 1432 -46.53 44.33 28.76
CA LEU F 1432 -47.82 44.24 29.43
C LEU F 1432 -48.69 43.16 28.81
N GLY F 1433 -48.68 43.06 27.48
CA GLY F 1433 -49.48 42.04 26.82
C GLY F 1433 -49.03 40.64 27.18
N VAL F 1434 -47.71 40.39 27.15
CA VAL F 1434 -47.23 39.05 27.47
C VAL F 1434 -47.45 38.71 28.94
N LEU F 1435 -47.28 39.70 29.83
CA LEU F 1435 -47.51 39.46 31.25
C LEU F 1435 -48.98 39.15 31.53
N MET F 1436 -49.89 39.88 30.88
CA MET F 1436 -51.31 39.61 31.08
C MET F 1436 -51.72 38.28 30.45
N SER F 1437 -51.10 37.91 29.33
CA SER F 1437 -51.35 36.59 28.76
C SER F 1437 -50.89 35.48 29.71
N ASN F 1438 -49.74 35.67 30.35
CA ASN F 1438 -49.30 34.72 31.37
C ASN F 1438 -50.24 34.69 32.56
N LEU F 1439 -50.75 35.85 32.97
CA LEU F 1439 -51.67 35.95 34.09
C LEU F 1439 -53.12 35.73 33.68
N GLY F 1440 -53.39 35.50 32.40
CA GLY F 1440 -54.75 35.31 31.94
C GLY F 1440 -55.63 36.54 32.02
N MET F 1441 -55.12 37.70 31.62
CA MET F 1441 -55.87 38.94 31.65
C MET F 1441 -55.96 39.54 30.26
N PRO F 1442 -57.06 40.22 29.93
CA PRO F 1442 -57.17 40.84 28.60
C PRO F 1442 -56.15 41.93 28.41
N SER F 1443 -55.67 42.07 27.17
CA SER F 1443 -54.64 43.03 26.83
C SER F 1443 -54.98 43.69 25.51
N TYR F 1444 -54.13 44.65 25.11
CA TYR F 1444 -54.36 45.38 23.86
C TYR F 1444 -54.28 44.44 22.65
N CYS F 1445 -53.30 43.54 22.65
CA CYS F 1445 -53.10 42.65 21.51
C CYS F 1445 -53.82 41.32 21.64
N THR F 1446 -54.60 41.11 22.70
CA THR F 1446 -55.37 39.88 22.82
C THR F 1446 -56.38 39.76 21.68
N GLY F 1447 -57.08 40.85 21.38
CA GLY F 1447 -58.00 40.84 20.25
C GLY F 1447 -57.30 40.62 18.92
N TYR F 1448 -56.12 41.21 18.75
CA TYR F 1448 -55.35 40.98 17.52
C TYR F 1448 -54.94 39.52 17.39
N ARG F 1449 -54.51 38.90 18.50
CA ARG F 1449 -54.15 37.49 18.46
C ARG F 1449 -55.37 36.62 18.12
N GLU F 1450 -56.52 36.92 18.72
CA GLU F 1450 -57.72 36.16 18.42
C GLU F 1450 -58.13 36.31 16.96
N GLY F 1451 -58.05 37.54 16.44
CA GLY F 1451 -58.36 37.75 15.04
C GLY F 1451 -57.42 37.01 14.12
N TYR F 1452 -56.11 37.08 14.40
CA TYR F 1452 -55.14 36.36 13.58
C TYR F 1452 -55.38 34.86 13.64
N LEU F 1453 -55.83 34.35 14.79
CA LEU F 1453 -56.25 32.96 14.87
C LEU F 1453 -57.46 32.69 13.98
N ASN F 1454 -58.39 33.64 13.93
CA ASN F 1454 -59.64 33.42 13.20
C ASN F 1454 -59.61 33.95 11.77
N SER F 1455 -58.84 35.00 11.49
CA SER F 1455 -58.84 35.60 10.16
C SER F 1455 -58.12 34.69 9.16
N THR F 1456 -58.41 34.92 7.87
CA THR F 1456 -57.79 34.17 6.80
C THR F 1456 -56.42 34.71 6.39
N ASN F 1457 -56.03 35.87 6.93
CA ASN F 1457 -54.72 36.46 6.61
C ASN F 1457 -53.65 35.71 7.39
N VAL F 1458 -53.13 34.65 6.76
CA VAL F 1458 -52.10 33.83 7.39
C VAL F 1458 -50.82 34.64 7.59
N THR F 1459 -50.49 35.53 6.65
CA THR F 1459 -49.31 36.37 6.73
C THR F 1459 -49.53 37.47 7.75
N ILE F 1460 -48.59 37.60 8.69
CA ILE F 1460 -48.69 38.61 9.73
C ILE F 1460 -48.56 40.01 9.12
N ALA F 1461 -47.72 40.15 8.11
CA ALA F 1461 -47.48 41.46 7.49
C ALA F 1461 -48.76 42.02 6.88
N THR F 1462 -49.54 41.19 6.21
CA THR F 1462 -50.79 41.66 5.61
C THR F 1462 -51.91 41.78 6.64
N TYR F 1463 -51.71 41.21 7.83
CA TYR F 1463 -52.75 41.25 8.85
C TYR F 1463 -52.97 42.66 9.39
N CYS F 1464 -51.88 43.37 9.70
CA CYS F 1464 -51.97 44.73 10.20
C CYS F 1464 -51.34 45.74 9.25
N THR F 1465 -51.14 45.32 7.99
CA THR F 1465 -50.48 46.15 6.98
C THR F 1465 -49.12 46.64 7.44
N GLY F 1466 -48.37 45.76 8.11
CA GLY F 1466 -47.03 46.08 8.53
C GLY F 1466 -46.91 47.01 9.71
N SER F 1467 -47.90 47.08 10.59
CA SER F 1467 -47.84 47.96 11.74
C SER F 1467 -46.80 47.45 12.74
N ILE F 1468 -46.17 48.39 13.43
CA ILE F 1468 -45.14 48.10 14.45
C ILE F 1468 -45.71 47.27 15.60
N PRO F 1469 -46.87 47.62 16.20
CA PRO F 1469 -47.35 46.83 17.35
C PRO F 1469 -47.58 45.36 17.02
N CYS F 1470 -48.21 45.07 15.89
CA CYS F 1470 -48.44 43.68 15.51
C CYS F 1470 -47.12 42.97 15.19
N SER F 1471 -46.17 43.71 14.59
CA SER F 1471 -44.86 43.13 14.33
C SER F 1471 -44.10 42.82 15.62
N VAL F 1472 -44.39 43.54 16.69
CA VAL F 1472 -43.73 43.30 17.99
C VAL F 1472 -44.57 42.39 18.88
N CYS F 1473 -45.86 42.68 19.01
CA CYS F 1473 -46.75 41.85 19.82
C CYS F 1473 -47.31 40.71 18.98
N LEU F 1474 -48.38 40.08 19.47
CA LEU F 1474 -49.05 38.97 18.79
C LEU F 1474 -48.15 37.74 18.72
N SER F 1475 -47.51 37.43 19.85
CA SER F 1475 -46.69 36.24 20.03
C SER F 1475 -45.67 36.06 18.92
N GLY F 1476 -45.97 35.17 17.96
CA GLY F 1476 -45.07 34.83 16.90
C GLY F 1476 -44.51 33.42 16.94
N LEU F 1477 -45.22 32.47 17.55
CA LEU F 1477 -44.71 31.10 17.65
C LEU F 1477 -44.54 30.46 16.28
N ASP F 1478 -45.53 30.61 15.40
CA ASP F 1478 -45.49 30.04 14.07
C ASP F 1478 -46.06 31.05 13.08
N SER F 1479 -45.36 31.24 11.96
CA SER F 1479 -45.81 32.19 10.94
C SER F 1479 -45.16 31.81 9.62
N LEU F 1480 -45.88 31.98 8.52
CA LEU F 1480 -45.35 31.71 7.19
C LEU F 1480 -44.32 32.74 6.79
N ASP F 1481 -44.28 33.87 7.51
CA ASP F 1481 -43.28 34.90 7.26
C ASP F 1481 -41.87 34.47 7.61
N THR F 1482 -41.71 33.39 8.38
CA THR F 1482 -40.41 32.93 8.83
C THR F 1482 -40.02 31.66 8.06
N TYR F 1483 -38.92 31.05 8.51
CA TYR F 1483 -38.33 29.82 7.97
C TYR F 1483 -37.70 30.08 6.61
N PRO F 1484 -36.43 29.71 6.41
CA PRO F 1484 -35.82 29.88 5.09
C PRO F 1484 -36.45 29.02 4.02
N SER F 1485 -37.16 27.96 4.41
CA SER F 1485 -37.78 27.07 3.43
C SER F 1485 -39.00 27.72 2.80
N LEU F 1486 -39.73 26.93 2.01
CA LEU F 1486 -40.93 27.36 1.31
C LEU F 1486 -40.65 28.50 0.33
N GLU F 1487 -39.41 28.59 -0.15
CA GLU F 1487 -39.03 29.62 -1.11
C GLU F 1487 -37.96 29.05 -2.02
N THR F 1488 -37.91 29.57 -3.24
CA THR F 1488 -36.95 29.11 -4.24
C THR F 1488 -36.29 30.31 -4.91
N ILE F 1489 -35.09 30.09 -5.41
CA ILE F 1489 -34.32 31.12 -6.11
C ILE F 1489 -33.93 30.57 -7.48
N GLN F 1490 -34.25 31.32 -8.53
CA GLN F 1490 -33.91 30.90 -9.87
C GLN F 1490 -32.42 30.99 -10.12
N ILE F 1491 -31.88 29.96 -10.77
CA ILE F 1491 -30.46 29.88 -11.10
C ILE F 1491 -30.34 29.54 -12.59
N THR F 1492 -29.44 30.27 -13.26
CA THR F 1492 -29.26 30.09 -14.70
C THR F 1492 -27.79 30.00 -15.06
N ILE F 1493 -27.39 28.86 -15.64
CA ILE F 1493 -26.08 28.60 -16.22
C ILE F 1493 -24.94 28.95 -15.25
N SER F 1494 -23.72 29.03 -15.75
CA SER F 1494 -22.51 29.23 -14.96
C SER F 1494 -22.19 30.71 -14.82
N SER F 1495 -20.95 30.97 -14.38
CA SER F 1495 -20.42 32.31 -14.16
C SER F 1495 -21.23 33.05 -13.09
N PHE F 1496 -21.21 32.54 -11.87
CA PHE F 1496 -21.86 33.21 -10.74
C PHE F 1496 -21.14 34.47 -10.30
N LYS F 1497 -19.81 34.52 -10.46
CA LYS F 1497 -19.00 35.65 -10.01
C LYS F 1497 -19.22 35.92 -8.52
N TRP F 1498 -18.95 34.92 -7.70
CA TRP F 1498 -19.12 35.00 -6.26
C TRP F 1498 -17.78 34.78 -5.58
N ASP F 1499 -17.70 35.17 -4.31
CA ASP F 1499 -16.46 35.13 -3.55
C ASP F 1499 -15.91 33.71 -3.43
N LEU F 1500 -16.66 32.82 -2.78
CA LEU F 1500 -16.15 31.48 -2.51
C LEU F 1500 -15.94 30.68 -3.79
N THR F 1501 -16.70 30.99 -4.85
CA THR F 1501 -16.58 30.21 -6.09
C THR F 1501 -15.48 30.74 -7.01
N ALA F 1502 -14.87 31.87 -6.70
CA ALA F 1502 -13.85 32.44 -7.58
C ALA F 1502 -12.54 32.71 -6.84
N PHE F 1503 -12.64 33.11 -5.56
CA PHE F 1503 -11.43 33.46 -4.81
C PHE F 1503 -10.56 32.23 -4.59
N GLY F 1504 -11.16 31.05 -4.53
CA GLY F 1504 -10.37 29.84 -4.34
C GLY F 1504 -9.43 29.57 -5.49
N LEU F 1505 -9.92 29.73 -6.72
CA LEU F 1505 -9.06 29.51 -7.89
C LEU F 1505 -7.92 30.53 -7.94
N VAL F 1506 -8.22 31.79 -7.61
CA VAL F 1506 -7.18 32.81 -7.59
C VAL F 1506 -6.14 32.51 -6.52
N ALA F 1507 -6.61 32.06 -5.35
CA ALA F 1507 -5.68 31.70 -4.27
C ALA F 1507 -4.80 30.53 -4.68
N GLU F 1508 -5.38 29.53 -5.35
CA GLU F 1508 -4.59 28.40 -5.82
C GLU F 1508 -3.56 28.84 -6.86
N TRP F 1509 -3.96 29.73 -7.77
CA TRP F 1509 -3.02 30.24 -8.76
C TRP F 1509 -1.87 31.01 -8.10
N PHE F 1510 -2.19 31.82 -7.09
CA PHE F 1510 -1.15 32.57 -6.37
C PHE F 1510 -0.22 31.63 -5.63
N LEU F 1511 -0.78 30.59 -5.00
CA LEU F 1511 0.05 29.63 -4.28
C LEU F 1511 0.94 28.84 -5.24
N ALA F 1512 0.47 28.65 -6.47
CA ALA F 1512 1.26 27.92 -7.47
C ALA F 1512 2.58 28.61 -7.75
N TYR F 1513 2.61 29.95 -7.67
CA TYR F 1513 3.85 30.67 -7.93
C TYR F 1513 4.85 30.50 -6.78
N ILE F 1514 4.36 30.21 -5.57
CA ILE F 1514 5.26 30.02 -4.44
C ILE F 1514 6.15 28.80 -4.68
N LEU F 1515 5.56 27.70 -5.14
CA LEU F 1515 6.31 26.49 -5.45
C LEU F 1515 6.80 26.54 -6.91
N PHE F 1516 7.65 27.52 -7.18
CA PHE F 1516 8.13 27.75 -8.55
C PHE F 1516 9.06 26.63 -9.00
N THR F 1517 9.00 26.34 -10.29
CA THR F 1517 9.88 25.35 -10.90
C THR F 1517 10.03 25.68 -12.38
N ARG F 1518 10.95 24.96 -13.04
CA ARG F 1518 11.21 25.22 -14.45
C ARG F 1518 10.02 24.83 -15.32
N PHE F 1519 9.12 23.97 -14.82
CA PHE F 1519 7.97 23.55 -15.60
C PHE F 1519 6.77 24.46 -15.44
N PHE F 1520 6.90 25.56 -14.68
CA PHE F 1520 5.78 26.49 -14.52
C PHE F 1520 5.38 27.13 -15.83
N TYR F 1521 6.36 27.37 -16.71
CA TYR F 1521 6.06 27.96 -18.01
C TYR F 1521 5.20 27.04 -18.88
N VAL F 1522 5.34 25.72 -18.71
CA VAL F 1522 4.49 24.80 -19.47
C VAL F 1522 3.03 25.00 -19.08
N LEU F 1523 2.74 25.08 -17.78
CA LEU F 1523 1.38 25.35 -17.34
C LEU F 1523 0.93 26.74 -17.77
N GLY F 1524 1.83 27.72 -17.73
CA GLY F 1524 1.47 29.05 -18.19
C GLY F 1524 1.05 29.09 -19.64
N LEU F 1525 1.78 28.36 -20.50
CA LEU F 1525 1.42 28.28 -21.91
C LEU F 1525 0.15 27.47 -22.10
N ALA F 1526 -0.04 26.40 -21.32
CA ALA F 1526 -1.26 25.61 -21.43
C ALA F 1526 -2.49 26.42 -21.06
N ALA F 1527 -2.37 27.29 -20.06
CA ALA F 1527 -3.48 28.16 -19.69
C ALA F 1527 -3.87 29.10 -20.82
N ILE F 1528 -2.88 29.66 -21.51
CA ILE F 1528 -3.16 30.52 -22.66
C ILE F 1528 -3.80 29.71 -23.78
N MET F 1529 -3.29 28.50 -24.02
CA MET F 1529 -3.82 27.66 -25.09
C MET F 1529 -5.28 27.28 -24.82
N GLN F 1530 -5.61 26.98 -23.56
CA GLN F 1530 -6.97 26.58 -23.23
C GLN F 1530 -7.97 27.69 -23.55
N LEU F 1531 -7.61 28.93 -23.22
CA LEU F 1531 -8.52 30.05 -23.47
C LEU F 1531 -8.51 30.45 -24.94
N PHE F 1532 -7.39 30.30 -25.62
CA PHE F 1532 -7.28 30.74 -27.01
C PHE F 1532 -8.23 29.96 -27.91
N PHE F 1533 -8.23 28.63 -27.79
CA PHE F 1533 -9.11 27.81 -28.60
C PHE F 1533 -10.46 27.61 -27.92
N SER F 1534 -11.08 28.70 -27.48
CA SER F 1534 -12.43 28.66 -26.95
C SER F 1534 -13.29 29.71 -27.65
N TYR F 1535 -12.69 30.86 -27.92
CA TYR F 1535 -13.33 31.92 -28.70
C TYR F 1535 -12.90 31.90 -30.16
N PHE F 1536 -12.13 30.90 -30.56
CA PHE F 1536 -11.58 30.79 -31.90
C PHE F 1536 -11.48 29.32 -32.24
N ALA F 1537 -10.64 29.00 -33.22
CA ALA F 1537 -10.34 27.62 -33.61
C ALA F 1537 -11.62 26.99 -34.18
N VAL F 1538 -11.93 25.77 -33.73
CA VAL F 1538 -13.00 24.91 -34.26
C VAL F 1538 -12.99 24.97 -35.78
N HIS F 1539 -11.81 25.10 -36.36
CA HIS F 1539 -11.61 25.31 -37.80
C HIS F 1539 -10.31 24.64 -38.24
N PHE F 1540 -9.82 25.06 -39.41
CA PHE F 1540 -8.51 24.67 -39.94
C PHE F 1540 -8.54 23.27 -40.54
N ILE F 1541 -9.74 22.72 -40.70
CA ILE F 1541 -10.05 21.49 -41.44
C ILE F 1541 -9.12 20.34 -41.06
N SER F 1542 -9.06 19.33 -41.93
CA SER F 1542 -8.38 18.08 -41.66
C SER F 1542 -6.90 18.17 -42.06
N ASN F 1543 -6.27 17.01 -42.18
CA ASN F 1543 -4.87 16.81 -42.58
C ASN F 1543 -3.91 17.19 -41.45
N SER F 1544 -2.67 16.69 -41.54
CA SER F 1544 -1.65 16.81 -40.51
C SER F 1544 -2.07 16.12 -39.22
N TRP F 1545 -1.12 15.84 -38.33
CA TRP F 1545 -1.43 15.21 -37.06
C TRP F 1545 -0.79 15.87 -35.86
N LEU F 1546 0.31 16.62 -36.02
CA LEU F 1546 0.93 17.28 -34.87
C LEU F 1546 0.02 18.37 -34.30
N MET F 1547 -0.61 19.16 -35.17
CA MET F 1547 -1.49 20.23 -34.72
C MET F 1547 -2.68 19.67 -33.94
N TRP F 1548 -3.30 18.62 -34.48
CA TRP F 1548 -4.43 18.00 -33.78
C TRP F 1548 -3.99 17.34 -32.48
N LEU F 1549 -2.79 16.75 -32.45
CA LEU F 1549 -2.29 16.18 -31.21
C LEU F 1549 -2.11 17.25 -30.15
N ILE F 1550 -1.54 18.41 -30.54
CA ILE F 1550 -1.39 19.51 -29.60
C ILE F 1550 -2.74 20.02 -29.12
N ILE F 1551 -3.70 20.12 -30.05
CA ILE F 1551 -5.03 20.61 -29.68
C ILE F 1551 -5.70 19.66 -28.68
N ASN F 1552 -5.56 18.35 -28.92
CA ASN F 1552 -6.10 17.38 -27.97
C ASN F 1552 -5.41 17.46 -26.62
N LEU F 1553 -4.08 17.65 -26.62
CA LEU F 1553 -3.34 17.70 -25.38
C LEU F 1553 -3.73 18.92 -24.54
N VAL F 1554 -3.86 20.09 -25.19
CA VAL F 1554 -4.14 21.30 -24.43
C VAL F 1554 -5.56 21.29 -23.87
N GLN F 1555 -6.50 20.67 -24.58
CA GLN F 1555 -7.89 20.59 -24.12
C GLN F 1555 -8.18 19.33 -23.33
N MET F 1556 -7.17 18.74 -22.69
CA MET F 1556 -7.38 17.48 -21.97
C MET F 1556 -8.24 17.68 -20.73
N ALA F 1557 -7.92 18.68 -19.92
CA ALA F 1557 -8.57 18.87 -18.63
C ALA F 1557 -8.79 20.35 -18.39
N PRO F 1558 -9.73 20.72 -17.52
CA PRO F 1558 -9.90 22.13 -17.18
C PRO F 1558 -8.68 22.70 -16.47
N ILE F 1559 -8.62 24.03 -16.39
CA ILE F 1559 -7.43 24.71 -15.88
C ILE F 1559 -7.22 24.38 -14.40
N SER F 1560 -8.30 24.28 -13.62
CA SER F 1560 -8.17 24.00 -12.20
C SER F 1560 -7.54 22.64 -11.94
N ALA F 1561 -7.94 21.62 -12.69
CA ALA F 1561 -7.34 20.30 -12.53
C ALA F 1561 -5.86 20.33 -12.88
N MET F 1562 -5.49 21.05 -13.95
CA MET F 1562 -4.09 21.18 -14.31
C MET F 1562 -3.29 21.86 -13.20
N VAL F 1563 -3.87 22.91 -12.60
CA VAL F 1563 -3.18 23.62 -11.52
C VAL F 1563 -2.98 22.70 -10.33
N ARG F 1564 -4.02 21.94 -9.97
CA ARG F 1564 -3.92 21.04 -8.81
C ARG F 1564 -2.90 19.93 -9.06
N MET F 1565 -2.90 19.37 -10.27
CA MET F 1565 -1.92 18.34 -10.61
C MET F 1565 -0.50 18.88 -10.61
N TYR F 1566 -0.30 20.11 -11.09
CA TYR F 1566 1.02 20.73 -10.99
C TYR F 1566 1.42 20.97 -9.54
N ILE F 1567 0.47 21.38 -8.72
CA ILE F 1567 0.74 21.63 -7.30
C ILE F 1567 1.18 20.35 -6.61
N PHE F 1568 0.51 19.23 -6.91
CA PHE F 1568 0.87 17.95 -6.31
C PHE F 1568 2.33 17.59 -6.60
N PHE F 1569 2.70 17.64 -7.89
CA PHE F 1569 4.06 17.28 -8.28
C PHE F 1569 5.08 18.27 -7.72
N ALA F 1570 4.76 19.56 -7.71
CA ALA F 1570 5.68 20.55 -7.16
C ALA F 1570 5.91 20.32 -5.67
N SER F 1571 4.84 20.03 -4.93
CA SER F 1571 4.96 19.76 -3.51
C SER F 1571 5.81 18.52 -3.25
N PHE F 1572 5.58 17.46 -4.03
CA PHE F 1572 6.39 16.25 -3.85
C PHE F 1572 7.85 16.49 -4.20
N TYR F 1573 8.11 17.24 -5.26
CA TYR F 1573 9.50 17.56 -5.63
C TYR F 1573 10.19 18.37 -4.54
N TYR F 1574 9.49 19.35 -3.99
CA TYR F 1574 10.08 20.16 -2.93
C TYR F 1574 10.29 19.34 -1.65
N VAL F 1575 9.38 18.41 -1.36
CA VAL F 1575 9.57 17.53 -0.21
C VAL F 1575 10.81 16.66 -0.41
N TRP F 1576 10.98 16.12 -1.62
CA TRP F 1576 12.16 15.31 -1.90
C TRP F 1576 13.44 16.14 -1.78
N LYS F 1577 13.41 17.38 -2.28
CA LYS F 1577 14.59 18.24 -2.17
C LYS F 1577 14.90 18.58 -0.73
N SER F 1578 13.88 18.83 0.09
CA SER F 1578 14.10 19.08 1.50
C SER F 1578 14.69 17.86 2.19
N TYR F 1579 14.19 16.66 1.84
CA TYR F 1579 14.73 15.44 2.41
C TYR F 1579 16.20 15.26 2.04
N VAL F 1580 16.55 15.56 0.78
CA VAL F 1580 17.95 15.53 0.38
C VAL F 1580 18.80 16.54 1.13
N HIS F 1581 18.29 17.76 1.31
CA HIS F 1581 18.99 18.81 2.05
C HIS F 1581 19.15 18.49 3.53
N VAL F 1582 18.28 17.67 4.11
CA VAL F 1582 18.37 17.36 5.54
C VAL F 1582 19.56 16.45 5.82
N VAL F 1583 19.65 15.33 5.10
CA VAL F 1583 20.65 14.31 5.38
C VAL F 1583 22.02 14.77 4.90
N ASP F 1584 22.16 15.05 3.59
CA ASP F 1584 23.50 15.00 2.95
C ASP F 1584 24.34 16.25 3.22
N GLY F 1585 23.72 17.37 3.57
CA GLY F 1585 24.43 18.60 3.81
C GLY F 1585 24.36 19.56 2.64
N CYS F 1586 24.52 20.84 2.95
CA CYS F 1586 24.43 21.88 1.93
C CYS F 1586 25.83 22.26 1.44
N ASN F 1587 25.87 22.88 0.26
CA ASN F 1587 27.13 23.35 -0.30
C ASN F 1587 27.70 24.51 0.52
N SER F 1588 26.83 25.42 0.94
CA SER F 1588 27.26 26.61 1.68
C SER F 1588 27.54 26.27 3.14
N SER F 1589 28.70 25.67 3.42
CA SER F 1589 29.06 25.35 4.80
C SER F 1589 29.61 26.56 5.54
N THR F 1590 29.91 27.65 4.83
CA THR F 1590 30.42 28.84 5.48
C THR F 1590 29.41 29.45 6.45
N CYS F 1591 28.13 29.49 6.06
CA CYS F 1591 27.08 30.01 6.94
C CYS F 1591 26.81 29.09 8.13
N MET F 1592 27.30 27.84 8.08
CA MET F 1592 27.24 26.87 9.17
C MET F 1592 25.83 26.32 9.35
N MET F 1593 24.86 26.91 8.64
CA MET F 1593 23.45 26.49 8.59
C MET F 1593 23.01 26.04 9.98
N CYS F 1594 22.46 24.83 10.13
CA CYS F 1594 22.17 24.25 11.43
C CYS F 1594 22.73 22.84 11.61
N TYR F 1595 23.19 22.19 10.54
CA TYR F 1595 23.74 20.85 10.61
C TYR F 1595 25.19 20.83 11.10
N LYS F 1596 25.83 21.99 11.23
CA LYS F 1596 27.22 22.04 11.66
C LYS F 1596 27.33 22.54 13.09
N ARG F 1597 28.40 22.12 13.76
CA ARG F 1597 28.71 22.57 15.11
C ARG F 1597 29.54 23.85 15.03
N ASN F 1598 30.26 24.17 16.11
CA ASN F 1598 31.01 25.41 16.30
C ASN F 1598 30.06 26.54 16.68
N ARG F 1599 28.81 26.19 16.97
CA ARG F 1599 27.89 27.09 17.64
C ARG F 1599 27.96 26.95 19.16
N ALA F 1600 28.79 26.03 19.66
CA ALA F 1600 28.84 25.74 21.08
C ALA F 1600 29.44 26.91 21.86
N THR F 1601 29.24 26.88 23.18
CA THR F 1601 29.69 27.96 24.04
C THR F 1601 31.21 28.01 24.14
N ARG F 1602 31.89 26.87 24.18
CA ARG F 1602 33.31 26.82 24.48
C ARG F 1602 34.11 26.40 23.25
N VAL F 1603 35.29 26.98 23.10
CA VAL F 1603 36.22 26.65 22.03
C VAL F 1603 37.61 26.49 22.64
N GLU F 1604 38.30 25.42 22.26
CA GLU F 1604 39.60 25.08 22.84
C GLU F 1604 40.73 25.44 21.88
N CYS F 1605 41.76 26.09 22.42
CA CYS F 1605 42.93 26.48 21.65
C CYS F 1605 44.17 26.25 22.51
N THR F 1606 45.33 26.32 21.86
CA THR F 1606 46.61 26.08 22.52
C THR F 1606 47.58 27.20 22.20
N THR F 1607 48.52 27.42 23.11
CA THR F 1607 49.56 28.43 22.94
C THR F 1607 50.82 27.93 23.62
N ILE F 1608 51.97 28.45 23.17
CA ILE F 1608 53.27 28.06 23.67
C ILE F 1608 53.76 29.09 24.67
N VAL F 1609 54.12 28.64 25.87
CA VAL F 1609 54.71 29.48 26.90
C VAL F 1609 55.96 28.79 27.41
N ASN F 1610 57.02 29.56 27.62
CA ASN F 1610 58.35 29.08 28.03
C ASN F 1610 58.70 27.76 27.36
N GLY F 1611 58.53 26.65 28.07
CA GLY F 1611 58.84 25.33 27.55
C GLY F 1611 57.68 24.35 27.52
N VAL F 1612 56.48 24.78 27.91
CA VAL F 1612 55.32 23.89 27.99
C VAL F 1612 54.19 24.45 27.15
N ARG F 1613 53.48 23.55 26.47
CA ARG F 1613 52.31 23.90 25.68
C ARG F 1613 51.07 23.83 26.55
N ARG F 1614 50.31 24.92 26.60
CA ARG F 1614 49.15 25.05 27.47
C ARG F 1614 47.89 25.26 26.65
N SER F 1615 46.77 24.80 27.18
CA SER F 1615 45.47 24.94 26.53
C SER F 1615 44.55 25.84 27.34
N PHE F 1616 43.60 26.45 26.65
CA PHE F 1616 42.65 27.36 27.28
C PHE F 1616 41.35 27.37 26.50
N TYR F 1617 40.29 27.87 27.14
CA TYR F 1617 38.97 27.91 26.53
C TYR F 1617 38.64 29.31 26.02
N VAL F 1618 37.77 29.36 25.02
CA VAL F 1618 37.22 30.60 24.48
C VAL F 1618 35.71 30.49 24.52
N TYR F 1619 35.06 31.51 25.07
CA TYR F 1619 33.62 31.46 25.30
C TYR F 1619 32.84 32.07 24.13
N ALA F 1620 31.55 31.74 24.09
CA ALA F 1620 30.66 32.23 23.03
C ALA F 1620 29.25 32.29 23.59
N ASN F 1621 28.33 32.82 22.77
CA ASN F 1621 26.95 32.99 23.19
C ASN F 1621 26.12 31.72 23.07
N GLY F 1622 26.62 30.70 22.37
CA GLY F 1622 25.86 29.48 22.17
C GLY F 1622 24.91 29.49 20.99
N GLY F 1623 24.83 30.59 20.23
CA GLY F 1623 23.98 30.64 19.07
C GLY F 1623 23.08 31.85 19.01
N LYS F 1624 22.77 32.44 20.16
CA LYS F 1624 21.87 33.58 20.23
C LYS F 1624 22.65 34.86 19.93
N GLY F 1625 22.28 35.53 18.83
CA GLY F 1625 22.88 36.80 18.48
C GLY F 1625 24.17 36.64 17.69
N PHE F 1626 24.58 37.74 17.07
CA PHE F 1626 25.81 37.79 16.30
C PHE F 1626 26.29 39.23 16.23
N CYS F 1627 27.61 39.39 16.26
CA CYS F 1627 28.24 40.70 16.25
C CYS F 1627 28.82 40.97 14.87
N LYS F 1628 28.39 42.06 14.23
CA LYS F 1628 28.92 42.43 12.93
C LYS F 1628 30.31 43.07 13.02
N LEU F 1629 30.57 43.85 14.07
CA LEU F 1629 31.86 44.52 14.21
C LEU F 1629 32.99 43.51 14.41
N HIS F 1630 32.76 42.47 15.21
CA HIS F 1630 33.81 41.51 15.55
C HIS F 1630 33.73 40.22 14.74
N ASN F 1631 32.61 39.98 14.05
CA ASN F 1631 32.40 38.77 13.25
C ASN F 1631 32.55 37.50 14.11
N TRP F 1632 32.11 37.58 15.37
CA TRP F 1632 32.24 36.48 16.30
C TRP F 1632 31.07 36.52 17.28
N ASN F 1633 30.78 35.36 17.86
CA ASN F 1633 29.70 35.23 18.85
C ASN F 1633 30.19 35.68 20.22
N CYS F 1634 30.42 36.98 20.36
CA CYS F 1634 30.94 37.52 21.60
C CYS F 1634 29.81 37.88 22.56
N VAL F 1635 30.12 37.80 23.85
CA VAL F 1635 29.20 38.16 24.92
C VAL F 1635 29.86 39.20 25.81
N ASN F 1636 29.20 40.35 25.97
CA ASN F 1636 29.66 41.46 26.80
C ASN F 1636 31.17 41.69 26.69
N CYS F 1637 31.68 41.74 25.47
CA CYS F 1637 33.12 41.90 25.25
C CYS F 1637 33.63 43.28 25.67
N ASP F 1638 32.74 44.24 25.92
CA ASP F 1638 33.15 45.57 26.35
C ASP F 1638 33.46 45.65 27.84
N THR F 1639 33.22 44.58 28.59
CA THR F 1639 33.51 44.55 30.02
C THR F 1639 34.28 43.28 30.34
N PHE F 1640 35.04 43.34 31.43
CA PHE F 1640 35.91 42.24 31.85
C PHE F 1640 35.30 41.56 33.07
N CYS F 1641 35.04 40.27 32.95
CA CYS F 1641 34.46 39.49 34.04
C CYS F 1641 34.66 38.01 33.74
N ALA F 1642 34.32 37.18 34.71
CA ALA F 1642 34.41 35.73 34.53
C ALA F 1642 33.42 35.27 33.48
N GLY F 1643 33.88 34.43 32.56
CA GLY F 1643 33.05 33.95 31.48
C GLY F 1643 33.01 34.84 30.26
N SER F 1644 33.66 36.00 30.29
CA SER F 1644 33.66 36.89 29.15
C SER F 1644 34.59 36.36 28.07
N THR F 1645 34.54 37.01 26.90
CA THR F 1645 35.36 36.63 25.76
C THR F 1645 36.40 37.71 25.50
N PHE F 1646 37.61 37.28 25.14
CA PHE F 1646 38.71 38.20 24.85
C PHE F 1646 39.56 37.58 23.76
N ILE F 1647 39.70 38.30 22.64
CA ILE F 1647 40.44 37.80 21.48
C ILE F 1647 41.57 38.77 21.18
N SER F 1648 42.78 38.22 21.02
CA SER F 1648 43.96 39.01 20.70
C SER F 1648 44.55 38.51 19.39
N ASP F 1649 45.46 39.32 18.82
CA ASP F 1649 46.05 39.00 17.53
C ASP F 1649 46.79 37.66 17.56
N GLU F 1650 47.34 37.27 18.71
CA GLU F 1650 48.06 36.02 18.82
C GLU F 1650 47.16 34.79 18.70
N VAL F 1651 45.85 34.95 18.87
CA VAL F 1651 44.92 33.83 18.81
C VAL F 1651 43.90 34.07 17.70
N ALA F 1652 43.74 35.34 17.31
CA ALA F 1652 42.75 35.68 16.29
C ALA F 1652 43.09 35.04 14.96
N ARG F 1653 44.38 35.05 14.58
CA ARG F 1653 44.77 34.46 13.31
C ARG F 1653 44.54 32.94 13.32
N ASP F 1654 44.87 32.28 14.42
CA ASP F 1654 44.65 30.85 14.52
C ASP F 1654 43.16 30.51 14.45
N LEU F 1655 42.33 31.30 15.14
CA LEU F 1655 40.89 31.06 15.09
C LEU F 1655 40.32 31.31 13.70
N SER F 1656 40.82 32.34 13.01
CA SER F 1656 40.39 32.60 11.64
C SER F 1656 40.78 31.46 10.71
N LEU F 1657 42.00 30.94 10.88
CA LEU F 1657 42.42 29.77 10.10
C LEU F 1657 41.55 28.54 10.39
N GLN F 1658 41.19 28.33 11.65
CA GLN F 1658 40.34 27.20 12.02
C GLN F 1658 38.92 27.33 11.48
N PHE F 1659 38.34 28.53 11.51
CA PHE F 1659 36.98 28.76 11.04
C PHE F 1659 36.92 29.12 9.56
N LYS F 1660 38.06 29.31 8.90
CA LYS F 1660 38.13 29.65 7.48
C LYS F 1660 37.35 30.92 7.16
N ARG F 1661 37.36 31.89 8.07
CA ARG F 1661 36.71 33.17 7.85
C ARG F 1661 37.39 34.21 8.72
N PRO F 1662 37.37 35.48 8.32
CA PRO F 1662 38.11 36.50 9.07
C PRO F 1662 37.37 36.94 10.33
N ILE F 1663 38.15 37.25 11.36
CA ILE F 1663 37.62 37.80 12.61
C ILE F 1663 38.47 39.00 13.00
N ASN F 1664 37.88 39.89 13.79
CA ASN F 1664 38.53 41.13 14.19
C ASN F 1664 38.90 41.08 15.67
N PRO F 1665 40.19 41.18 16.01
CA PRO F 1665 40.56 41.24 17.43
C PRO F 1665 40.06 42.52 18.06
N THR F 1666 39.82 42.46 19.38
CA THR F 1666 39.21 43.55 20.11
C THR F 1666 40.22 44.47 20.80
N ASP F 1667 41.34 43.93 21.27
CA ASP F 1667 42.31 44.74 22.01
C ASP F 1667 43.68 44.08 21.95
N GLN F 1668 44.71 44.86 22.26
CA GLN F 1668 46.06 44.36 22.28
C GLN F 1668 46.30 43.46 23.49
N SER F 1669 47.37 42.68 23.42
CA SER F 1669 47.67 41.71 24.48
C SER F 1669 48.19 42.38 25.73
N SER F 1670 49.08 43.38 25.61
CA SER F 1670 49.73 43.94 26.77
C SER F 1670 50.08 45.41 26.53
N TYR F 1671 50.37 46.10 27.62
CA TYR F 1671 50.77 47.51 27.58
C TYR F 1671 51.89 47.72 28.60
N ILE F 1672 52.58 48.85 28.46
CA ILE F 1672 53.77 49.17 29.26
C ILE F 1672 53.44 50.33 30.19
N VAL F 1673 53.71 50.14 31.48
CA VAL F 1673 53.49 51.19 32.47
C VAL F 1673 54.67 52.15 32.46
N ASP F 1674 54.39 53.45 32.59
CA ASP F 1674 55.42 54.47 32.51
C ASP F 1674 55.68 55.22 33.81
N SER F 1675 54.69 55.30 34.70
CA SER F 1675 54.86 56.04 35.95
C SER F 1675 54.06 55.37 37.05
N VAL F 1676 54.48 55.62 38.29
CA VAL F 1676 53.86 55.02 39.47
C VAL F 1676 53.61 56.10 40.52
N THR F 1677 52.42 56.07 41.09
CA THR F 1677 52.06 56.98 42.19
C THR F 1677 51.47 56.15 43.31
N VAL F 1678 51.88 56.46 44.54
CA VAL F 1678 51.45 55.73 45.73
C VAL F 1678 50.73 56.69 46.66
N LYS F 1679 49.50 56.34 47.04
CA LYS F 1679 48.71 57.15 47.96
C LYS F 1679 47.84 56.23 48.80
N ASN F 1680 47.79 56.54 50.10
CA ASN F 1680 46.90 55.86 51.06
C ASN F 1680 47.07 54.35 51.02
N GLY F 1681 48.34 53.91 51.00
CA GLY F 1681 48.62 52.49 50.99
C GLY F 1681 48.24 51.79 49.71
N SER F 1682 48.02 52.53 48.62
CA SER F 1682 47.68 51.95 47.34
C SER F 1682 48.62 52.51 46.28
N ILE F 1683 48.82 51.73 45.22
CA ILE F 1683 49.76 52.08 44.16
C ILE F 1683 48.98 52.30 42.87
N HIS F 1684 49.30 53.39 42.17
CA HIS F 1684 48.65 53.74 40.92
C HIS F 1684 49.63 53.53 39.77
N LEU F 1685 49.14 52.91 38.69
CA LEU F 1685 49.93 52.64 37.50
C LEU F 1685 49.36 53.42 36.34
N TYR F 1686 50.23 54.05 35.55
CA TYR F 1686 49.83 54.86 34.42
C TYR F 1686 50.43 54.28 33.14
N PHE F 1687 49.67 54.39 32.05
CA PHE F 1687 50.16 53.94 30.75
C PHE F 1687 49.36 54.64 29.67
N ASP F 1688 49.92 54.63 28.45
CA ASP F 1688 49.30 55.28 27.30
C ASP F 1688 48.66 54.24 26.40
N LYS F 1689 47.40 54.46 26.06
CA LYS F 1689 46.63 53.55 25.20
C LYS F 1689 46.04 54.36 24.06
N ALA F 1690 46.46 54.03 22.83
CA ALA F 1690 45.94 54.67 21.62
C ALA F 1690 46.12 56.20 21.66
N GLY F 1691 47.26 56.64 22.19
CA GLY F 1691 47.55 58.06 22.25
C GLY F 1691 46.88 58.82 23.38
N GLN F 1692 46.23 58.14 24.31
CA GLN F 1692 45.52 58.77 25.41
C GLN F 1692 46.01 58.20 26.73
N LYS F 1693 46.04 59.05 27.75
CA LYS F 1693 46.53 58.63 29.06
C LYS F 1693 45.49 57.80 29.79
N THR F 1694 45.93 56.70 30.39
CA THR F 1694 45.08 55.82 31.17
C THR F 1694 45.80 55.42 32.45
N TYR F 1695 45.02 55.02 33.45
CA TYR F 1695 45.60 54.66 34.74
C TYR F 1695 44.70 53.64 35.43
N GLU F 1696 45.30 52.94 36.39
CA GLU F 1696 44.60 51.98 37.22
C GLU F 1696 45.11 52.08 38.65
N ARG F 1697 44.33 51.54 39.58
CA ARG F 1697 44.65 51.58 41.00
C ARG F 1697 44.71 50.16 41.54
N HIS F 1698 45.71 49.87 42.37
CA HIS F 1698 45.88 48.55 42.95
C HIS F 1698 46.43 48.69 44.37
N SER F 1699 46.22 47.65 45.17
CA SER F 1699 46.72 47.63 46.53
C SER F 1699 48.23 47.43 46.55
N LEU F 1700 48.91 48.12 47.47
CA LEU F 1700 50.36 48.01 47.56
C LEU F 1700 50.79 46.75 48.31
N SER F 1701 49.86 46.10 49.03
CA SER F 1701 50.21 44.95 49.84
C SER F 1701 50.77 43.80 49.00
N HIS F 1702 50.19 43.58 47.82
CA HIS F 1702 50.62 42.48 46.97
C HIS F 1702 51.97 42.74 46.30
N PHE F 1703 52.49 43.96 46.38
CA PHE F 1703 53.75 44.29 45.73
C PHE F 1703 54.96 44.11 46.63
N VAL F 1704 54.78 43.60 47.85
CA VAL F 1704 55.91 43.38 48.74
C VAL F 1704 56.84 42.32 48.18
N ASN F 1705 56.28 41.21 47.70
CA ASN F 1705 57.05 40.10 47.17
C ASN F 1705 57.05 40.20 45.65
N LEU F 1706 58.21 40.60 45.09
CA LEU F 1706 58.32 40.76 43.65
C LEU F 1706 58.42 39.41 42.94
N ASP F 1707 58.97 38.40 43.62
CA ASP F 1707 59.16 37.10 42.98
C ASP F 1707 57.83 36.43 42.64
N ASN F 1708 56.78 36.74 43.40
CA ASN F 1708 55.48 36.14 43.14
C ASN F 1708 54.83 36.64 41.86
N LEU F 1709 55.23 37.82 41.37
CA LEU F 1709 54.67 38.40 40.16
C LEU F 1709 55.53 38.13 38.94
N ARG F 1710 56.58 37.33 39.06
CA ARG F 1710 57.44 37.02 37.93
C ARG F 1710 56.72 36.10 36.95
N ALA F 1711 57.15 36.16 35.68
CA ALA F 1711 56.54 35.33 34.65
C ALA F 1711 56.83 33.86 34.86
N ASN F 1712 57.97 33.54 35.48
CA ASN F 1712 58.36 32.15 35.72
C ASN F 1712 57.78 31.59 37.02
N ASN F 1713 56.73 32.19 37.55
CA ASN F 1713 56.11 31.70 38.78
C ASN F 1713 55.51 30.32 38.54
N THR F 1714 55.74 29.40 39.48
CA THR F 1714 55.21 28.05 39.35
C THR F 1714 53.78 27.93 39.88
N LYS F 1715 53.24 29.01 40.44
CA LYS F 1715 51.88 28.96 40.98
C LYS F 1715 50.83 28.76 39.88
N GLY F 1716 51.07 29.29 38.68
CA GLY F 1716 50.16 29.12 37.58
C GLY F 1716 49.04 30.13 37.50
N SER F 1717 48.97 31.08 38.44
CA SER F 1717 47.93 32.09 38.42
C SER F 1717 48.50 33.42 38.89
N LEU F 1718 47.91 34.50 38.40
CA LEU F 1718 48.34 35.84 38.75
C LEU F 1718 47.27 36.54 39.58
N PRO F 1719 47.56 36.89 40.84
CA PRO F 1719 46.57 37.67 41.62
C PRO F 1719 46.24 39.01 40.99
N ILE F 1720 47.20 39.63 40.32
CA ILE F 1720 46.99 40.92 39.66
C ILE F 1720 47.45 40.78 38.21
N ASN F 1721 47.00 41.72 37.37
CA ASN F 1721 47.31 41.68 35.94
C ASN F 1721 48.61 42.41 35.63
N VAL F 1722 49.49 42.51 36.62
CA VAL F 1722 50.75 43.21 36.48
C VAL F 1722 51.89 42.19 36.47
N ILE F 1723 52.76 42.30 35.48
CA ILE F 1723 53.93 41.42 35.33
C ILE F 1723 55.17 42.26 35.51
N VAL F 1724 56.06 41.82 36.40
CA VAL F 1724 57.30 42.52 36.71
C VAL F 1724 58.43 41.86 35.94
N PHE F 1725 59.20 42.67 35.21
CA PHE F 1725 60.30 42.16 34.41
C PHE F 1725 61.43 43.18 34.43
N ASP F 1726 62.65 42.70 34.22
CA ASP F 1726 63.82 43.57 34.21
C ASP F 1726 63.91 44.25 32.85
N GLY F 1727 63.85 45.59 32.85
CA GLY F 1727 63.92 46.34 31.62
C GLY F 1727 65.27 46.23 30.91
N LYS F 1728 66.37 46.27 31.65
CA LYS F 1728 67.69 46.17 31.07
C LYS F 1728 68.03 44.77 30.57
N SER F 1729 67.26 43.76 30.97
CA SER F 1729 67.47 42.38 30.52
C SER F 1729 66.68 42.17 29.23
N LYS F 1730 67.38 42.30 28.10
CA LYS F 1730 66.74 42.14 26.81
C LYS F 1730 66.29 40.71 26.56
N CYS F 1731 66.93 39.73 27.21
CA CYS F 1731 66.62 38.34 26.99
C CYS F 1731 65.21 37.98 27.47
N GLU F 1732 64.86 38.37 28.69
CA GLU F 1732 63.58 37.98 29.27
C GLU F 1732 62.45 38.94 28.94
N GLU F 1733 62.77 40.21 28.64
CA GLU F 1733 61.72 41.17 28.32
C GLU F 1733 61.05 40.82 26.99
N SER F 1734 61.78 40.17 26.09
CA SER F 1734 61.18 39.70 24.84
C SER F 1734 60.29 38.48 25.05
N SER F 1735 60.68 37.57 25.93
CA SER F 1735 59.87 36.38 26.19
C SER F 1735 58.64 36.71 27.03
N ALA F 1736 58.70 37.78 27.83
CA ALA F 1736 57.54 38.17 28.63
C ALA F 1736 56.37 38.56 27.75
N LYS F 1737 56.64 39.22 26.63
CA LYS F 1737 55.56 39.62 25.72
C LYS F 1737 54.82 38.41 25.19
N SER F 1738 55.56 37.36 24.81
CA SER F 1738 54.93 36.14 24.31
C SER F 1738 54.22 35.39 25.43
N ALA F 1739 54.82 35.35 26.63
CA ALA F 1739 54.23 34.59 27.73
C ALA F 1739 52.99 35.27 28.31
N SER F 1740 52.83 36.58 28.11
CA SER F 1740 51.69 37.28 28.69
C SER F 1740 50.37 36.85 28.06
N VAL F 1741 50.42 36.22 26.88
CA VAL F 1741 49.19 35.88 26.15
C VAL F 1741 48.37 34.87 26.94
N TYR F 1742 49.01 33.85 27.49
CA TYR F 1742 48.30 32.81 28.23
C TYR F 1742 47.59 33.40 29.45
N TYR F 1743 48.28 34.24 30.20
CA TYR F 1743 47.68 34.84 31.39
C TYR F 1743 46.60 35.84 31.03
N SER F 1744 46.77 36.56 29.91
CA SER F 1744 45.72 37.46 29.46
C SER F 1744 44.47 36.69 29.06
N GLN F 1745 44.62 35.55 28.41
CA GLN F 1745 43.48 34.71 28.08
C GLN F 1745 42.83 34.14 29.33
N LEU F 1746 43.64 33.73 30.32
CA LEU F 1746 43.08 33.22 31.57
C LEU F 1746 42.29 34.29 32.31
N MET F 1747 42.81 35.51 32.37
CA MET F 1747 42.16 36.61 33.07
C MET F 1747 41.19 37.39 32.19
N CYS F 1748 41.13 37.09 30.89
CA CYS F 1748 40.22 37.72 29.95
C CYS F 1748 40.38 39.24 29.89
N GLN F 1749 41.59 39.74 30.12
CA GLN F 1749 41.87 41.17 30.08
C GLN F 1749 43.35 41.37 29.80
N PRO F 1750 43.74 42.52 29.24
CA PRO F 1750 45.16 42.76 28.96
C PRO F 1750 45.99 42.78 30.22
N ILE F 1751 47.26 42.38 30.06
CA ILE F 1751 48.21 42.30 31.16
C ILE F 1751 49.15 43.49 31.07
N LEU F 1752 49.38 44.14 32.21
CA LEU F 1752 50.23 45.32 32.28
C LEU F 1752 51.68 44.93 32.52
N LEU F 1753 52.58 45.46 31.71
CA LEU F 1753 54.01 45.22 31.85
C LEU F 1753 54.63 46.38 32.63
N LEU F 1754 55.41 46.05 33.66
CA LEU F 1754 56.00 47.03 34.56
C LEU F 1754 57.49 46.72 34.72
N ASP F 1755 58.32 47.74 34.56
CA ASP F 1755 59.77 47.60 34.72
C ASP F 1755 60.11 47.31 36.17
N GLN F 1756 61.03 46.37 36.40
CA GLN F 1756 61.38 45.90 37.73
C GLN F 1756 62.00 46.99 38.59
N ALA F 1757 62.81 47.85 37.98
CA ALA F 1757 63.53 48.90 38.70
C ALA F 1757 62.57 49.85 39.44
N LEU F 1758 61.50 50.25 38.77
CA LEU F 1758 60.53 51.15 39.39
C LEU F 1758 59.84 50.48 40.58
N VAL F 1759 59.48 49.21 40.44
CA VAL F 1759 58.86 48.48 41.55
C VAL F 1759 59.83 48.37 42.71
N SER F 1760 61.09 48.09 42.42
CA SER F 1760 62.13 48.03 43.46
C SER F 1760 62.25 49.37 44.17
N ASP F 1761 62.16 50.47 43.41
CA ASP F 1761 62.18 51.79 44.02
C ASP F 1761 60.97 52.00 44.91
N VAL F 1762 59.80 51.50 44.50
CA VAL F 1762 58.58 51.62 45.28
C VAL F 1762 58.74 50.90 46.61
N GLY F 1763 59.32 49.70 46.57
CA GLY F 1763 59.52 48.91 47.78
C GLY F 1763 60.66 49.40 48.64
N HIS G 31 -49.12 60.77 -38.42
CA HIS G 31 -50.28 59.89 -38.49
C HIS G 31 -50.21 58.80 -37.42
N VAL G 32 -51.36 58.49 -36.83
CA VAL G 32 -51.46 57.47 -35.80
C VAL G 32 -52.43 56.39 -36.28
N MET G 33 -52.02 55.14 -36.16
CA MET G 33 -52.83 54.02 -36.63
C MET G 33 -54.12 53.92 -35.81
N SER G 34 -55.18 53.44 -36.46
CA SER G 34 -56.47 53.27 -35.83
C SER G 34 -56.94 51.84 -36.04
N LYS G 35 -57.98 51.46 -35.30
CA LYS G 35 -58.51 50.10 -35.31
C LYS G 35 -59.84 50.08 -36.05
N HIS G 36 -60.04 49.04 -36.86
CA HIS G 36 -61.27 48.86 -37.62
C HIS G 36 -61.76 47.43 -37.45
N THR G 37 -63.07 47.24 -37.62
CA THR G 37 -63.68 45.94 -37.43
C THR G 37 -64.44 45.44 -38.66
N ASP G 38 -64.23 46.03 -39.83
CA ASP G 38 -64.93 45.59 -41.03
C ASP G 38 -64.45 44.20 -41.44
N PHE G 39 -65.37 43.42 -42.01
CA PHE G 39 -65.13 42.06 -42.48
C PHE G 39 -64.65 41.13 -41.37
N SER G 40 -65.09 41.34 -40.13
CA SER G 40 -64.65 40.52 -39.02
C SER G 40 -65.21 39.10 -39.09
N SER G 41 -66.44 38.94 -39.58
CA SER G 41 -67.07 37.62 -39.61
C SER G 41 -66.47 36.71 -40.68
N GLU G 42 -65.71 37.26 -41.62
CA GLU G 42 -65.12 36.48 -42.70
C GLU G 42 -63.69 36.03 -42.40
N ILE G 43 -63.19 36.29 -41.19
CA ILE G 43 -61.80 36.05 -40.83
C ILE G 43 -61.71 34.78 -39.99
N ILE G 44 -60.82 33.87 -40.38
CA ILE G 44 -60.59 32.67 -39.58
C ILE G 44 -59.42 32.85 -38.61
N GLY G 45 -58.35 33.53 -39.03
CA GLY G 45 -57.19 33.69 -38.18
C GLY G 45 -56.35 34.86 -38.64
N TYR G 46 -55.17 34.99 -38.02
CA TYR G 46 -54.27 36.10 -38.29
C TYR G 46 -52.87 35.57 -38.52
N LYS G 47 -52.11 36.32 -39.34
CA LYS G 47 -50.72 36.00 -39.62
C LYS G 47 -49.90 37.29 -39.60
N ALA G 48 -48.62 37.14 -39.27
CA ALA G 48 -47.71 38.27 -39.17
C ALA G 48 -46.85 38.38 -40.43
N ILE G 49 -46.50 39.61 -40.79
CA ILE G 49 -45.65 39.90 -41.93
C ILE G 49 -44.38 40.54 -41.43
N ASP G 50 -43.25 39.85 -41.60
CA ASP G 50 -41.97 40.36 -41.14
C ASP G 50 -40.97 40.29 -42.29
N GLY G 51 -40.27 41.40 -42.53
CA GLY G 51 -39.31 41.45 -43.61
C GLY G 51 -39.91 41.23 -44.99
N GLY G 52 -41.18 41.58 -45.18
CA GLY G 52 -41.85 41.35 -46.44
C GLY G 52 -42.25 39.93 -46.69
N VAL G 53 -42.09 39.04 -45.71
CA VAL G 53 -42.42 37.63 -45.84
C VAL G 53 -43.35 37.25 -44.69
N THR G 54 -44.47 36.60 -45.02
CA THR G 54 -45.42 36.17 -44.00
C THR G 54 -44.81 35.05 -43.15
N ARG G 55 -45.06 35.12 -41.85
CA ARG G 55 -44.56 34.12 -40.91
C ARG G 55 -45.58 33.92 -39.80
N ASP G 56 -45.45 32.80 -39.10
CA ASP G 56 -46.33 32.50 -37.99
C ASP G 56 -46.08 33.44 -36.82
N ILE G 57 -47.09 33.58 -35.96
CA ILE G 57 -47.05 34.49 -34.83
C ILE G 57 -46.61 33.71 -33.59
N ALA G 58 -45.57 34.20 -32.92
CA ALA G 58 -45.10 33.61 -31.69
C ALA G 58 -45.78 34.25 -30.48
N SER G 59 -45.90 33.49 -29.40
CA SER G 59 -46.56 33.99 -28.20
C SER G 59 -45.69 34.99 -27.44
N THR G 60 -44.38 35.01 -27.68
CA THR G 60 -43.47 35.87 -26.94
C THR G 60 -43.06 37.12 -27.71
N ASP G 61 -43.62 37.35 -28.90
CA ASP G 61 -43.32 38.56 -29.64
C ASP G 61 -43.88 39.78 -28.92
N THR G 62 -43.13 40.87 -28.91
CA THR G 62 -43.42 41.99 -28.04
C THR G 62 -44.05 43.19 -28.73
N CYS G 63 -43.87 43.37 -30.04
CA CYS G 63 -44.35 44.57 -30.70
C CYS G 63 -44.89 44.23 -32.08
N PHE G 64 -45.98 44.90 -32.45
CA PHE G 64 -46.61 44.71 -33.75
C PHE G 64 -47.18 46.03 -34.25
N ALA G 65 -47.48 46.07 -35.53
CA ALA G 65 -48.30 47.14 -36.11
C ALA G 65 -49.68 46.56 -36.41
N ASN G 66 -50.71 47.11 -35.76
CA ASN G 66 -52.03 46.52 -35.79
C ASN G 66 -53.05 47.54 -36.29
N LYS G 67 -54.07 47.02 -36.97
CA LYS G 67 -55.17 47.84 -37.47
C LYS G 67 -56.53 47.26 -37.10
N HIS G 68 -56.57 46.21 -36.28
CA HIS G 68 -57.81 45.51 -35.95
C HIS G 68 -57.98 45.43 -34.45
N ALA G 69 -59.22 45.64 -33.99
CA ALA G 69 -59.50 45.53 -32.56
C ALA G 69 -59.72 44.09 -32.14
N ASP G 70 -60.18 43.23 -33.06
CA ASP G 70 -60.41 41.84 -32.73
C ASP G 70 -59.10 41.11 -32.47
N PHE G 71 -57.99 41.58 -33.05
CA PHE G 71 -56.70 40.97 -32.77
C PHE G 71 -56.31 41.12 -31.31
N ASP G 72 -56.80 42.17 -30.65
CA ASP G 72 -56.55 42.31 -29.21
C ASP G 72 -57.15 41.15 -28.44
N THR G 73 -58.39 40.78 -28.73
CA THR G 73 -59.00 39.61 -28.09
C THR G 73 -58.31 38.33 -28.51
N TRP G 74 -57.92 38.24 -29.79
CA TRP G 74 -57.23 37.06 -30.28
C TRP G 74 -55.92 36.83 -29.53
N PHE G 75 -55.21 37.91 -29.20
CA PHE G 75 -53.93 37.79 -28.51
C PHE G 75 -54.12 37.66 -27.00
N SER G 76 -55.19 38.25 -26.45
CA SER G 76 -55.45 38.13 -25.02
C SER G 76 -55.93 36.74 -24.64
N GLN G 77 -56.67 36.08 -25.54
CA GLN G 77 -57.10 34.71 -25.26
C GLN G 77 -55.91 33.77 -25.09
N ARG G 78 -54.79 34.09 -25.73
CA ARG G 78 -53.56 33.33 -25.59
C ARG G 78 -52.62 33.92 -24.54
N GLY G 79 -53.06 34.95 -23.82
CA GLY G 79 -52.25 35.52 -22.76
C GLY G 79 -51.10 36.38 -23.20
N GLY G 80 -51.21 37.02 -24.37
CA GLY G 80 -50.12 37.85 -24.86
C GLY G 80 -50.37 39.33 -24.67
N SER G 81 -49.29 40.09 -24.62
CA SER G 81 -49.36 41.55 -24.54
C SER G 81 -48.33 42.13 -25.51
N TYR G 82 -48.60 43.35 -25.98
CA TYR G 82 -47.76 43.95 -26.99
C TYR G 82 -47.90 45.47 -26.94
N THR G 83 -46.96 46.14 -27.59
CA THR G 83 -46.98 47.60 -27.75
C THR G 83 -47.01 47.93 -29.24
N ASN G 84 -47.83 48.91 -29.60
CA ASN G 84 -48.01 49.27 -31.00
C ASN G 84 -46.93 50.24 -31.45
N ASP G 85 -46.28 49.93 -32.57
CA ASP G 85 -45.27 50.79 -33.16
C ASP G 85 -45.19 50.52 -34.65
N LYS G 86 -44.74 51.53 -35.41
CA LYS G 86 -44.67 51.40 -36.86
C LYS G 86 -43.47 50.59 -37.32
N ALA G 87 -42.45 50.44 -36.48
CA ALA G 87 -41.24 49.71 -36.83
C ALA G 87 -41.29 48.24 -36.45
N CYS G 88 -42.48 47.65 -36.42
CA CYS G 88 -42.68 46.28 -35.99
C CYS G 88 -43.51 45.56 -37.03
N PRO G 89 -43.45 44.22 -37.08
CA PRO G 89 -44.18 43.47 -38.10
C PRO G 89 -45.67 43.76 -38.08
N LEU G 90 -46.26 43.84 -39.27
CA LEU G 90 -47.67 44.16 -39.41
C LEU G 90 -48.53 42.92 -39.19
N ILE G 91 -49.78 43.14 -38.83
CA ILE G 91 -50.72 42.03 -38.66
C ILE G 91 -51.63 41.94 -39.88
N ALA G 92 -51.80 40.72 -40.38
CA ALA G 92 -52.68 40.46 -41.51
C ALA G 92 -53.61 39.31 -41.16
N ALA G 93 -54.83 39.38 -41.67
CA ALA G 93 -55.88 38.43 -41.31
C ALA G 93 -56.22 37.54 -42.50
N VAL G 94 -56.34 36.24 -42.25
CA VAL G 94 -56.77 35.29 -43.27
C VAL G 94 -58.28 35.40 -43.40
N ILE G 95 -58.75 35.67 -44.63
CA ILE G 95 -60.16 35.92 -44.89
C ILE G 95 -60.62 34.99 -46.00
N THR G 96 -61.85 34.50 -45.89
CA THR G 96 -62.45 33.62 -46.88
C THR G 96 -63.18 34.37 -47.98
N ARG G 97 -62.89 35.66 -48.14
CA ARG G 97 -63.58 36.48 -49.14
C ARG G 97 -62.55 37.33 -49.87
N GLU G 98 -62.73 37.47 -51.18
CA GLU G 98 -61.83 38.28 -51.99
C GLU G 98 -62.01 39.76 -51.64
N VAL G 99 -61.02 40.34 -50.98
CA VAL G 99 -61.07 41.72 -50.51
C VAL G 99 -59.82 42.45 -50.94
N GLY G 100 -60.00 43.65 -51.51
CA GLY G 100 -58.87 44.45 -51.94
C GLY G 100 -58.38 44.05 -53.32
N PHE G 101 -57.22 44.59 -53.69
CA PHE G 101 -56.62 44.33 -54.99
C PHE G 101 -55.17 43.89 -54.78
N VAL G 102 -54.50 43.57 -55.88
CA VAL G 102 -53.16 42.99 -55.84
C VAL G 102 -52.16 44.06 -56.23
N VAL G 103 -51.13 44.22 -55.40
CA VAL G 103 -50.01 45.12 -55.66
C VAL G 103 -48.77 44.26 -55.89
N PRO G 104 -48.07 44.40 -57.01
CA PRO G 104 -46.88 43.57 -57.25
C PRO G 104 -45.82 43.80 -56.19
N GLY G 105 -45.15 42.72 -55.80
CA GLY G 105 -44.11 42.77 -54.80
C GLY G 105 -44.59 42.69 -53.36
N LEU G 106 -45.90 42.66 -53.13
CA LEU G 106 -46.42 42.60 -51.78
C LEU G 106 -47.28 41.36 -51.59
N PRO G 107 -47.07 40.61 -50.51
CA PRO G 107 -47.88 39.41 -50.26
C PRO G 107 -49.32 39.77 -49.92
N GLY G 108 -50.22 38.84 -50.23
CA GLY G 108 -51.62 39.04 -49.94
C GLY G 108 -52.23 40.14 -50.78
N THR G 109 -53.26 40.78 -50.22
CA THR G 109 -53.97 41.87 -50.87
C THR G 109 -54.00 43.08 -49.96
N ILE G 110 -54.12 44.25 -50.58
CA ILE G 110 -54.11 45.53 -49.87
C ILE G 110 -55.41 46.26 -50.13
N LEU G 111 -56.05 46.72 -49.06
CA LEU G 111 -57.28 47.48 -49.14
C LEU G 111 -57.12 48.77 -48.32
N ARG G 112 -57.66 49.86 -48.86
CA ARG G 112 -57.64 51.16 -48.20
C ARG G 112 -59.04 51.49 -47.69
N THR G 113 -59.14 51.81 -46.41
CA THR G 113 -60.43 52.11 -45.81
C THR G 113 -60.95 53.47 -46.27
N THR G 114 -62.21 53.74 -45.92
CA THR G 114 -62.81 55.03 -46.26
C THR G 114 -62.12 56.19 -45.54
N ASN G 115 -61.44 55.92 -44.43
CA ASN G 115 -60.73 56.94 -43.68
C ASN G 115 -59.27 57.07 -44.11
N GLY G 116 -58.85 56.32 -45.12
CA GLY G 116 -57.49 56.38 -45.62
C GLY G 116 -56.55 55.33 -45.07
N ASP G 117 -56.94 54.63 -44.01
CA ASP G 117 -56.07 53.60 -43.45
C ASP G 117 -56.02 52.38 -44.37
N PHE G 118 -54.85 51.77 -44.45
CA PHE G 118 -54.65 50.58 -45.27
C PHE G 118 -54.87 49.31 -44.46
N LEU G 119 -55.26 48.24 -45.17
CA LEU G 119 -55.50 46.95 -44.56
C LEU G 119 -54.84 45.86 -45.39
N HIS G 120 -54.56 44.73 -44.75
CA HIS G 120 -53.93 43.59 -45.41
C HIS G 120 -54.74 42.34 -45.11
N PHE G 121 -54.83 41.45 -46.10
CA PHE G 121 -55.60 40.23 -45.97
C PHE G 121 -54.92 39.12 -46.78
N LEU G 122 -55.26 37.88 -46.45
CA LEU G 122 -54.73 36.70 -47.14
C LEU G 122 -55.87 35.90 -47.74
N PRO G 123 -56.19 36.09 -49.02
CA PRO G 123 -57.23 35.27 -49.65
C PRO G 123 -56.76 33.84 -49.83
N ARG G 124 -57.72 32.95 -50.05
CA ARG G 124 -57.42 31.53 -50.22
C ARG G 124 -58.42 30.90 -51.16
N VAL G 125 -58.05 29.75 -51.73
CA VAL G 125 -58.94 29.01 -52.62
C VAL G 125 -59.52 27.79 -51.90
N PHE G 126 -58.70 27.08 -51.14
CA PHE G 126 -59.13 25.89 -50.41
C PHE G 126 -58.97 26.11 -48.92
N SER G 127 -59.64 25.25 -48.14
CA SER G 127 -59.63 25.38 -46.69
C SER G 127 -58.24 25.22 -46.09
N ALA G 128 -57.34 24.49 -46.75
CA ALA G 128 -55.98 24.33 -46.25
C ALA G 128 -55.22 25.63 -46.48
N VAL G 129 -55.07 26.42 -45.41
CA VAL G 129 -54.47 27.75 -45.48
C VAL G 129 -53.26 27.80 -44.59
N GLY G 130 -52.16 28.33 -45.13
CA GLY G 130 -50.94 28.52 -44.36
C GLY G 130 -50.04 29.54 -45.02
N ASN G 131 -48.79 29.64 -44.57
CA ASN G 131 -47.83 30.52 -45.22
C ASN G 131 -47.50 29.97 -46.61
N ILE G 132 -47.78 30.77 -47.63
CA ILE G 132 -47.64 30.34 -49.02
C ILE G 132 -46.61 31.21 -49.72
N CYS G 133 -45.67 30.55 -50.40
CA CYS G 133 -44.66 31.25 -51.18
C CYS G 133 -44.62 30.64 -52.58
N TYR G 134 -44.05 31.39 -53.52
CA TYR G 134 -44.08 31.06 -54.93
C TYR G 134 -42.70 30.63 -55.39
N THR G 135 -42.59 29.41 -55.90
CA THR G 135 -41.43 28.98 -56.66
C THR G 135 -41.60 29.42 -58.11
N PRO G 136 -40.52 29.40 -58.90
CA PRO G 136 -40.63 29.87 -60.29
C PRO G 136 -41.65 29.11 -61.12
N SER G 137 -42.04 27.91 -60.69
CA SER G 137 -42.98 27.09 -61.45
C SER G 137 -44.17 26.58 -60.65
N LYS G 138 -44.06 26.40 -59.33
CA LYS G 138 -45.12 25.80 -58.53
C LYS G 138 -45.31 26.58 -57.24
N LEU G 139 -46.39 26.28 -56.54
CA LEU G 139 -46.69 26.88 -55.24
C LEU G 139 -46.50 25.85 -54.15
N ILE G 140 -45.74 26.22 -53.11
CA ILE G 140 -45.46 25.34 -51.99
C ILE G 140 -45.68 26.12 -50.70
N GLU G 141 -46.41 25.50 -49.76
CA GLU G 141 -46.60 26.08 -48.44
C GLU G 141 -45.39 25.75 -47.56
N TYR G 142 -45.13 26.64 -46.60
CA TYR G 142 -43.92 26.54 -45.79
C TYR G 142 -44.25 26.94 -44.36
N THR G 143 -43.42 26.47 -43.43
CA THR G 143 -43.49 26.87 -42.03
C THR G 143 -42.44 27.91 -41.65
N ASP G 144 -41.33 27.96 -42.37
CA ASP G 144 -40.28 28.93 -42.11
C ASP G 144 -39.61 29.27 -43.44
N PHE G 145 -39.42 30.57 -43.69
CA PHE G 145 -38.84 31.00 -44.96
C PHE G 145 -37.37 30.62 -45.07
N ALA G 146 -36.64 30.60 -43.95
CA ALA G 146 -35.21 30.37 -43.98
C ALA G 146 -34.84 28.96 -44.43
N THR G 147 -35.71 27.98 -44.22
CA THR G 147 -35.41 26.58 -44.51
C THR G 147 -36.47 25.99 -45.43
N SER G 148 -36.83 26.71 -46.49
CA SER G 148 -37.85 26.26 -47.41
C SER G 148 -37.41 26.55 -48.84
N ALA G 149 -38.15 25.98 -49.80
CA ALA G 149 -37.85 26.15 -51.20
C ALA G 149 -38.37 27.46 -51.77
N CYS G 150 -38.72 28.42 -50.91
CA CYS G 150 -39.31 29.68 -51.37
C CYS G 150 -38.31 30.48 -52.19
N VAL G 151 -38.84 31.10 -53.25
CA VAL G 151 -38.05 32.00 -54.10
C VAL G 151 -38.71 33.37 -54.07
N LEU G 152 -40.03 33.41 -54.23
CA LEU G 152 -40.80 34.65 -54.18
C LEU G 152 -42.03 34.44 -53.33
N ALA G 153 -42.52 35.54 -52.75
CA ALA G 153 -43.70 35.50 -51.88
C ALA G 153 -44.82 36.42 -52.36
N ALA G 154 -44.79 36.84 -53.62
CA ALA G 154 -45.80 37.74 -54.17
C ALA G 154 -46.47 37.10 -55.38
N GLU G 155 -47.77 37.38 -55.53
CA GLU G 155 -48.49 36.90 -56.71
C GLU G 155 -47.94 37.51 -57.99
N CYS G 156 -47.61 38.79 -57.96
CA CYS G 156 -47.04 39.47 -59.13
C CYS G 156 -45.71 40.10 -58.74
N THR G 157 -44.76 40.05 -59.67
CA THR G 157 -43.46 40.66 -59.48
C THR G 157 -43.09 41.41 -60.76
N ILE G 158 -42.28 42.45 -60.60
CA ILE G 158 -41.93 43.33 -61.71
C ILE G 158 -40.41 43.34 -61.86
N PHE G 159 -39.93 43.17 -63.08
CA PHE G 159 -38.51 43.05 -63.38
C PHE G 159 -38.06 44.16 -64.32
N LYS G 160 -36.77 44.46 -64.28
CA LYS G 160 -36.16 45.40 -65.21
C LYS G 160 -35.69 44.64 -66.44
N ASP G 161 -36.08 45.11 -67.62
CA ASP G 161 -35.74 44.42 -68.86
C ASP G 161 -34.32 44.77 -69.29
N ALA G 162 -33.97 44.35 -70.52
CA ALA G 162 -32.64 44.65 -71.05
C ALA G 162 -32.47 46.13 -71.38
N SER G 163 -33.57 46.85 -71.61
CA SER G 163 -33.50 48.27 -71.93
C SER G 163 -33.58 49.16 -70.71
N GLY G 164 -33.62 48.59 -69.51
CA GLY G 164 -33.69 49.39 -68.30
C GLY G 164 -35.07 49.90 -67.95
N LYS G 165 -36.13 49.22 -68.39
CA LYS G 165 -37.49 49.63 -68.11
C LYS G 165 -38.24 48.53 -67.38
N PRO G 166 -39.17 48.89 -66.49
CA PRO G 166 -39.89 47.85 -65.72
C PRO G 166 -40.82 47.03 -66.60
N VAL G 167 -40.91 45.74 -66.29
CA VAL G 167 -41.79 44.82 -67.00
C VAL G 167 -42.53 43.97 -65.97
N PRO G 168 -43.86 43.90 -66.01
CA PRO G 168 -44.59 43.14 -65.00
C PRO G 168 -44.61 41.65 -65.29
N TYR G 169 -44.63 40.88 -64.19
CA TYR G 169 -44.77 39.44 -64.26
C TYR G 169 -45.75 38.99 -63.19
N CYS G 170 -46.48 37.91 -63.48
CA CYS G 170 -47.44 37.37 -62.53
C CYS G 170 -47.52 35.86 -62.71
N TYR G 171 -47.96 35.17 -61.66
CA TYR G 171 -48.25 33.74 -61.78
C TYR G 171 -49.42 33.50 -62.72
N ASP G 172 -50.47 34.32 -62.61
CA ASP G 172 -51.60 34.28 -63.50
C ASP G 172 -51.65 35.60 -64.27
N THR G 173 -51.67 35.52 -65.60
CA THR G 173 -51.66 36.72 -66.43
C THR G 173 -52.96 37.50 -66.37
N ASN G 174 -54.03 36.90 -65.87
CA ASN G 174 -55.32 37.59 -65.80
C ASN G 174 -55.36 38.65 -64.69
N VAL G 175 -54.43 38.59 -63.73
CA VAL G 175 -54.44 39.56 -62.64
C VAL G 175 -54.13 40.96 -63.16
N LEU G 176 -53.12 41.11 -64.02
CA LEU G 176 -52.75 42.40 -64.57
C LEU G 176 -52.46 42.24 -66.05
N GLU G 177 -52.97 43.16 -66.87
CA GLU G 177 -52.75 43.09 -68.30
C GLU G 177 -51.28 43.35 -68.64
N GLY G 178 -50.76 42.60 -69.59
CA GLY G 178 -49.39 42.73 -70.02
C GLY G 178 -48.38 41.95 -69.21
N SER G 179 -48.81 41.25 -68.16
CA SER G 179 -47.88 40.48 -67.36
C SER G 179 -47.47 39.20 -68.08
N VAL G 180 -46.31 38.68 -67.69
CA VAL G 180 -45.76 37.45 -68.26
C VAL G 180 -45.78 36.37 -67.20
N ALA G 181 -46.15 35.15 -67.59
CA ALA G 181 -46.30 34.05 -66.65
C ALA G 181 -44.97 33.69 -66.02
N TYR G 182 -45.03 33.28 -64.74
CA TYR G 182 -43.81 32.88 -64.04
C TYR G 182 -43.18 31.64 -64.66
N GLU G 183 -44.00 30.75 -65.21
CA GLU G 183 -43.50 29.49 -65.75
C GLU G 183 -42.59 29.72 -66.96
N SER G 184 -42.68 30.88 -67.61
CA SER G 184 -41.83 31.16 -68.76
C SER G 184 -40.39 31.44 -68.37
N LEU G 185 -40.12 31.69 -67.09
CA LEU G 185 -38.75 31.96 -66.66
C LEU G 185 -37.90 30.71 -66.75
N ARG G 186 -36.58 30.90 -66.85
CA ARG G 186 -35.64 29.80 -67.02
C ARG G 186 -34.54 29.89 -65.96
N PRO G 187 -33.98 28.74 -65.56
CA PRO G 187 -32.91 28.76 -64.57
C PRO G 187 -31.59 29.21 -65.18
N ASP G 188 -30.63 29.52 -64.31
CA ASP G 188 -29.28 29.94 -64.66
C ASP G 188 -29.24 31.23 -65.47
N THR G 189 -30.31 32.03 -65.42
CA THR G 189 -30.37 33.30 -66.12
C THR G 189 -30.50 34.43 -65.11
N ARG G 190 -29.70 35.48 -65.29
CA ARG G 190 -29.73 36.60 -64.37
C ARG G 190 -30.98 37.45 -64.59
N TYR G 191 -31.71 37.71 -63.52
CA TYR G 191 -32.89 38.57 -63.55
C TYR G 191 -32.78 39.62 -62.46
N VAL G 192 -33.12 40.85 -62.82
CA VAL G 192 -33.01 42.00 -61.92
C VAL G 192 -34.38 42.66 -61.82
N LEU G 193 -34.84 42.88 -60.58
CA LEU G 193 -36.09 43.57 -60.35
C LEU G 193 -35.90 45.08 -60.56
N MET G 194 -37.01 45.81 -60.52
CA MET G 194 -36.95 47.25 -60.72
C MET G 194 -36.27 47.96 -59.56
N ASP G 195 -36.19 47.34 -58.38
CA ASP G 195 -35.54 47.95 -57.23
C ASP G 195 -34.05 47.59 -57.13
N GLY G 196 -33.53 46.77 -58.04
CA GLY G 196 -32.13 46.42 -58.05
C GLY G 196 -31.79 45.06 -57.48
N SER G 197 -32.77 44.31 -56.97
CA SER G 197 -32.50 42.99 -56.44
C SER G 197 -32.22 42.00 -57.57
N ILE G 198 -31.48 40.94 -57.24
CA ILE G 198 -31.03 39.95 -58.22
C ILE G 198 -31.52 38.58 -57.78
N ILE G 199 -32.07 37.83 -58.75
CA ILE G 199 -32.58 36.48 -58.51
C ILE G 199 -31.85 35.51 -59.43
N GLN G 200 -31.36 34.42 -58.85
CA GLN G 200 -30.68 33.38 -59.62
C GLN G 200 -30.97 32.04 -58.96
N PHE G 201 -31.69 31.16 -59.66
CA PHE G 201 -32.04 29.87 -59.11
C PHE G 201 -31.52 28.74 -60.00
N PRO G 202 -31.06 27.64 -59.41
CA PRO G 202 -30.51 26.55 -60.22
C PRO G 202 -31.60 25.67 -60.81
N ASN G 203 -31.20 24.86 -61.78
CA ASN G 203 -32.12 23.92 -62.42
C ASN G 203 -32.40 22.74 -61.51
N THR G 204 -33.63 22.24 -61.57
CA THR G 204 -34.06 21.12 -60.75
C THR G 204 -34.70 20.06 -61.65
N TYR G 205 -34.70 18.82 -61.17
CA TYR G 205 -35.29 17.70 -61.89
C TYR G 205 -36.38 16.99 -61.10
N LEU G 206 -36.55 17.30 -59.82
CA LEU G 206 -37.59 16.67 -59.01
C LEU G 206 -37.95 17.62 -57.88
N GLU G 207 -39.25 17.83 -57.67
CA GLU G 207 -39.74 18.74 -56.65
C GLU G 207 -40.80 18.04 -55.81
N GLY G 208 -40.86 18.38 -54.54
CA GLY G 208 -41.81 17.78 -53.63
C GLY G 208 -41.14 17.49 -52.30
N SER G 209 -41.47 16.32 -51.74
CA SER G 209 -40.85 15.91 -50.49
C SER G 209 -39.36 15.67 -50.65
N VAL G 210 -38.93 15.17 -51.82
CA VAL G 210 -37.53 14.94 -52.11
C VAL G 210 -37.16 15.75 -53.35
N ARG G 211 -35.97 16.33 -53.32
CA ARG G 211 -35.52 17.23 -54.38
C ARG G 211 -34.12 16.83 -54.84
N VAL G 212 -33.87 17.03 -56.14
CA VAL G 212 -32.55 16.88 -56.73
C VAL G 212 -32.24 18.16 -57.51
N VAL G 213 -31.03 18.68 -57.33
CA VAL G 213 -30.64 19.96 -57.92
C VAL G 213 -29.31 19.81 -58.63
N THR G 214 -29.07 20.69 -59.59
CA THR G 214 -27.80 20.79 -60.30
C THR G 214 -27.35 22.24 -60.28
N THR G 215 -26.03 22.44 -60.17
CA THR G 215 -25.48 23.77 -60.01
C THR G 215 -24.28 23.94 -60.93
N PHE G 216 -23.94 25.20 -61.21
CA PHE G 216 -22.75 25.56 -61.95
C PHE G 216 -21.72 26.18 -61.01
N ASP G 217 -20.59 26.60 -61.59
CA ASP G 217 -19.53 27.28 -60.84
C ASP G 217 -19.81 28.78 -60.80
N SER G 218 -20.93 29.12 -60.18
CA SER G 218 -21.33 30.51 -60.04
C SER G 218 -22.27 30.63 -58.85
N GLU G 219 -22.37 31.84 -58.32
CA GLU G 219 -23.21 32.08 -57.15
C GLU G 219 -24.67 32.21 -57.56
N TYR G 220 -25.56 31.77 -56.67
CA TYR G 220 -27.00 31.87 -56.86
C TYR G 220 -27.59 32.70 -55.72
N CYS G 221 -28.60 33.50 -56.06
CA CYS G 221 -29.23 34.36 -55.07
C CYS G 221 -30.74 34.21 -55.13
N ARG G 222 -31.37 34.32 -53.97
CA ARG G 222 -32.82 34.32 -53.85
C ARG G 222 -33.23 35.52 -53.01
N HIS G 223 -34.51 35.55 -52.63
CA HIS G 223 -35.05 36.71 -51.92
C HIS G 223 -34.35 36.91 -50.59
N GLY G 224 -33.57 37.99 -50.49
CA GLY G 224 -32.93 38.39 -49.26
C GLY G 224 -31.60 37.76 -48.96
N THR G 225 -31.22 36.68 -49.65
CA THR G 225 -29.98 35.98 -49.37
C THR G 225 -29.33 35.51 -50.66
N CYS G 226 -28.03 35.75 -50.78
CA CYS G 226 -27.22 35.23 -51.87
C CYS G 226 -26.18 34.27 -51.31
N GLU G 227 -25.86 33.23 -52.08
CA GLU G 227 -24.90 32.23 -51.64
C GLU G 227 -24.01 31.82 -52.81
N ARG G 228 -22.76 31.48 -52.49
CA ARG G 228 -21.81 30.97 -53.46
C ARG G 228 -21.77 29.44 -53.41
N SER G 229 -21.74 28.82 -54.58
CA SER G 229 -21.75 27.36 -54.66
C SER G 229 -20.93 26.92 -55.85
N GLU G 230 -20.50 25.66 -55.80
CA GLU G 230 -19.72 25.04 -56.86
C GLU G 230 -20.60 24.09 -57.67
N ALA G 231 -20.13 23.76 -58.86
CA ALA G 231 -20.87 22.85 -59.73
C ALA G 231 -20.93 21.45 -59.14
N GLY G 232 -22.05 20.78 -59.35
CA GLY G 232 -22.24 19.43 -58.87
C GLY G 232 -23.73 19.11 -58.81
N VAL G 233 -24.04 18.02 -58.11
CA VAL G 233 -25.41 17.56 -57.95
C VAL G 233 -25.65 17.22 -56.49
N CYS G 234 -26.81 17.60 -55.98
CA CYS G 234 -27.15 17.35 -54.59
C CYS G 234 -28.53 16.70 -54.52
N VAL G 235 -28.71 15.88 -53.48
CA VAL G 235 -29.96 15.19 -53.21
C VAL G 235 -30.36 15.47 -51.77
N SER G 236 -31.61 15.85 -51.56
CA SER G 236 -32.12 16.17 -50.24
C SER G 236 -33.35 15.32 -49.93
N THR G 237 -33.44 14.85 -48.70
CA THR G 237 -34.60 14.09 -48.25
C THR G 237 -35.78 14.97 -47.86
N SER G 238 -35.58 16.28 -47.80
CA SER G 238 -36.64 17.22 -47.45
C SER G 238 -36.64 18.37 -48.45
N GLY G 239 -37.73 19.14 -48.44
CA GLY G 239 -37.88 20.23 -49.37
C GLY G 239 -37.12 21.49 -48.99
N ARG G 240 -36.13 21.36 -48.12
CA ARG G 240 -35.34 22.50 -47.70
C ARG G 240 -34.42 22.96 -48.82
N TRP G 241 -34.02 24.23 -48.75
CA TRP G 241 -33.11 24.79 -49.74
C TRP G 241 -31.74 24.15 -49.63
N VAL G 242 -31.18 23.77 -50.78
CA VAL G 242 -29.92 23.05 -50.84
C VAL G 242 -29.03 23.67 -51.90
N LEU G 243 -27.76 23.89 -51.54
CA LEU G 243 -26.75 24.32 -52.49
C LEU G 243 -25.47 23.55 -52.22
N ASN G 244 -24.63 23.44 -53.25
CA ASN G 244 -23.41 22.63 -53.18
C ASN G 244 -22.32 23.42 -52.48
N ASN G 245 -22.21 23.25 -51.17
CA ASN G 245 -21.14 23.87 -50.40
C ASN G 245 -20.97 23.08 -49.11
N ASP G 246 -19.94 23.45 -48.33
CA ASP G 246 -19.65 22.74 -47.10
C ASP G 246 -20.76 22.92 -46.07
N TYR G 247 -21.39 24.10 -46.03
CA TYR G 247 -22.43 24.38 -45.04
C TYR G 247 -23.60 23.42 -45.19
N TYR G 248 -24.15 23.31 -46.40
CA TYR G 248 -25.26 22.39 -46.62
C TYR G 248 -24.78 20.94 -46.62
N ARG G 249 -23.50 20.71 -46.93
CA ARG G 249 -22.93 19.37 -46.85
C ARG G 249 -22.90 18.84 -45.42
N SER G 250 -22.63 19.70 -44.45
CA SER G 250 -22.60 19.28 -43.05
C SER G 250 -23.98 19.06 -42.47
N LEU G 251 -25.02 19.67 -43.07
CA LEU G 251 -26.38 19.51 -42.57
C LEU G 251 -26.86 18.08 -42.74
N PRO G 252 -27.61 17.55 -41.79
CA PRO G 252 -28.14 16.19 -41.91
C PRO G 252 -29.17 16.08 -43.02
N GLY G 253 -29.27 14.90 -43.60
CA GLY G 253 -30.24 14.63 -44.64
C GLY G 253 -29.91 15.21 -46.00
N VAL G 254 -28.69 15.71 -46.19
CA VAL G 254 -28.27 16.31 -47.45
C VAL G 254 -27.09 15.54 -48.01
N PHE G 255 -27.19 15.15 -49.27
CA PHE G 255 -26.12 14.45 -49.96
C PHE G 255 -25.73 15.23 -51.21
N CYS G 256 -24.42 15.32 -51.44
CA CYS G 256 -23.90 16.03 -52.61
C CYS G 256 -22.70 15.27 -53.15
N GLY G 257 -22.39 15.54 -54.41
CA GLY G 257 -21.24 14.93 -55.05
C GLY G 257 -20.74 15.79 -56.19
N VAL G 258 -19.43 15.73 -56.42
CA VAL G 258 -18.82 16.50 -57.50
C VAL G 258 -19.19 15.90 -58.86
N ASP G 259 -19.50 14.61 -58.91
CA ASP G 259 -19.88 13.94 -60.15
C ASP G 259 -21.14 13.14 -59.93
N ALA G 260 -21.73 12.68 -61.03
CA ALA G 260 -22.97 11.91 -60.95
C ALA G 260 -22.77 10.60 -60.20
N VAL G 261 -21.65 9.92 -60.45
CA VAL G 261 -21.40 8.64 -59.82
C VAL G 261 -20.74 8.79 -58.46
N ASN G 262 -20.05 9.91 -58.22
CA ASN G 262 -19.36 10.10 -56.95
C ASN G 262 -20.33 10.22 -55.78
N LEU G 263 -21.60 10.50 -56.06
CA LEU G 263 -22.60 10.63 -55.00
C LEU G 263 -22.78 9.33 -54.23
N LEU G 264 -22.79 8.19 -54.93
CA LEU G 264 -22.93 6.90 -54.26
C LEU G 264 -21.73 6.64 -53.35
N THR G 265 -20.52 6.94 -53.84
CA THR G 265 -19.34 6.75 -53.00
C THR G 265 -19.38 7.66 -51.78
N ASN G 266 -19.81 8.91 -51.96
CA ASN G 266 -19.89 9.83 -50.83
C ASN G 266 -20.91 9.37 -49.80
N MET G 267 -22.07 8.87 -50.25
CA MET G 267 -23.09 8.42 -49.31
C MET G 267 -22.78 7.08 -48.67
N PHE G 268 -21.92 6.27 -49.30
CA PHE G 268 -21.54 5.00 -48.69
C PHE G 268 -20.25 5.09 -47.87
N THR G 269 -19.50 6.17 -48.01
CA THR G 269 -18.27 6.34 -47.21
C THR G 269 -18.49 6.33 -45.70
N PRO G 270 -19.49 7.04 -45.13
CA PRO G 270 -19.59 7.08 -43.66
C PRO G 270 -19.82 5.72 -43.01
N LEU G 271 -20.28 4.72 -43.75
CA LEU G 271 -20.52 3.40 -43.19
C LEU G 271 -19.24 2.68 -42.78
N ILE G 272 -18.07 3.14 -43.26
CA ILE G 272 -16.79 2.53 -42.89
C ILE G 272 -15.88 3.59 -42.32
N GLN G 273 -16.16 4.86 -42.62
CA GLN G 273 -15.35 5.97 -42.15
C GLN G 273 -15.86 6.39 -40.77
N PRO G 274 -14.98 6.68 -39.80
CA PRO G 274 -15.47 7.05 -38.46
C PRO G 274 -16.22 8.38 -38.44
N ILE G 275 -16.77 8.73 -37.28
CA ILE G 275 -17.63 9.90 -37.18
C ILE G 275 -16.87 11.21 -37.30
N GLY G 276 -15.62 11.24 -36.84
CA GLY G 276 -14.88 12.49 -36.83
C GLY G 276 -13.39 12.25 -36.82
N ALA G 277 -12.67 13.18 -36.20
CA ALA G 277 -11.21 13.14 -36.19
C ALA G 277 -10.67 12.43 -34.95
N LEU G 278 -11.45 11.53 -34.37
CA LEU G 278 -11.00 10.78 -33.21
C LEU G 278 -9.88 9.79 -33.53
N ASP G 279 -9.61 9.56 -34.82
CA ASP G 279 -8.57 8.61 -35.24
C ASP G 279 -7.19 9.21 -35.00
N ILE G 280 -6.72 9.04 -33.77
CA ILE G 280 -5.38 9.50 -33.38
C ILE G 280 -4.39 8.38 -33.73
N SER G 281 -3.35 8.72 -34.49
CA SER G 281 -2.38 7.73 -34.93
C SER G 281 -1.23 7.53 -33.96
N ALA G 282 -1.25 8.21 -32.81
CA ALA G 282 -0.16 8.09 -31.83
C ALA G 282 -0.18 6.77 -31.08
N SER G 283 -1.20 5.94 -31.24
CA SER G 283 -1.30 4.71 -30.48
C SER G 283 -0.49 3.57 -31.08
N ILE G 284 0.28 3.83 -32.14
CA ILE G 284 1.07 2.79 -32.80
C ILE G 284 2.27 2.43 -31.93
N VAL G 285 2.52 3.22 -30.88
CA VAL G 285 3.63 2.92 -29.97
C VAL G 285 3.39 1.58 -29.27
N ALA G 286 2.15 1.32 -28.87
CA ALA G 286 1.80 0.03 -28.27
C ALA G 286 2.00 -1.13 -29.22
N GLY G 287 1.66 -0.98 -30.50
CA GLY G 287 1.92 -2.02 -31.48
C GLY G 287 3.40 -2.27 -31.68
N GLY G 288 4.18 -1.18 -31.74
CA GLY G 288 5.62 -1.33 -31.87
C GLY G 288 6.26 -2.00 -30.67
N ILE G 289 5.73 -1.73 -29.47
CA ILE G 289 6.22 -2.38 -28.26
C ILE G 289 6.08 -3.89 -28.31
N VAL G 290 4.94 -4.39 -28.76
CA VAL G 290 4.72 -5.84 -28.85
C VAL G 290 5.76 -6.48 -29.77
N ALA G 291 6.00 -5.86 -30.93
CA ALA G 291 7.00 -6.38 -31.84
C ALA G 291 8.39 -6.36 -31.23
N ILE G 292 8.76 -5.26 -30.57
CA ILE G 292 10.08 -5.20 -29.93
C ILE G 292 10.19 -6.25 -28.83
N VAL G 293 9.13 -6.40 -28.03
CA VAL G 293 9.15 -7.35 -26.93
C VAL G 293 9.32 -8.77 -27.46
N VAL G 294 8.56 -9.13 -28.49
CA VAL G 294 8.65 -10.49 -29.00
C VAL G 294 10.00 -10.72 -29.69
N THR G 295 10.53 -9.73 -30.39
CA THR G 295 11.83 -9.88 -31.03
C THR G 295 12.93 -10.10 -30.00
N CYS G 296 12.91 -9.34 -28.91
CA CYS G 296 13.90 -9.53 -27.86
C CYS G 296 13.71 -10.87 -27.15
N LEU G 297 12.46 -11.26 -26.89
CA LEU G 297 12.18 -12.48 -26.15
C LEU G 297 12.60 -13.71 -26.95
N ALA G 298 12.37 -13.71 -28.27
CA ALA G 298 12.78 -14.84 -29.08
C ALA G 298 14.29 -15.04 -29.04
N TYR G 299 15.06 -13.96 -29.18
CA TYR G 299 16.51 -14.06 -29.12
C TYR G 299 16.99 -14.51 -27.75
N TYR G 300 16.40 -13.97 -26.68
CA TYR G 300 16.82 -14.38 -25.34
C TYR G 300 16.49 -15.85 -25.07
N PHE G 301 15.33 -16.31 -25.53
CA PHE G 301 14.97 -17.71 -25.34
C PHE G 301 15.87 -18.62 -26.17
N MET G 302 16.23 -18.19 -27.38
CA MET G 302 17.17 -18.97 -28.19
C MET G 302 18.52 -19.06 -27.51
N ARG G 303 18.99 -17.96 -26.92
CA ARG G 303 20.24 -18.01 -26.16
C ARG G 303 20.12 -18.93 -24.95
N PHE G 304 18.96 -18.93 -24.29
CA PHE G 304 18.75 -19.79 -23.14
C PHE G 304 18.82 -21.26 -23.51
N ARG G 305 18.24 -21.65 -24.65
CA ARG G 305 18.24 -23.04 -25.07
C ARG G 305 19.64 -23.56 -25.41
N ARG G 306 20.59 -22.66 -25.65
CA ARG G 306 21.97 -23.07 -25.93
C ARG G 306 22.59 -23.78 -24.73
N ALA G 307 22.33 -23.29 -23.53
CA ALA G 307 22.85 -23.91 -22.32
C ALA G 307 21.78 -24.82 -21.70
N PHE G 308 22.17 -25.49 -20.61
CA PHE G 308 21.30 -26.35 -19.81
C PHE G 308 20.90 -27.62 -20.55
N GLY G 309 21.32 -27.74 -21.81
CA GLY G 309 21.16 -29.00 -22.54
C GLY G 309 19.74 -29.48 -22.61
N GLU G 310 19.52 -30.75 -22.26
CA GLU G 310 18.19 -31.34 -22.32
C GLU G 310 17.34 -30.93 -21.12
N TYR G 311 17.97 -30.47 -20.04
CA TYR G 311 17.26 -30.21 -18.79
C TYR G 311 16.62 -28.84 -18.72
N SER G 312 16.68 -28.05 -19.80
CA SER G 312 16.05 -26.73 -19.81
C SER G 312 14.54 -26.83 -19.62
N HIS G 313 13.93 -27.88 -20.17
CA HIS G 313 12.49 -28.06 -20.01
C HIS G 313 12.11 -28.23 -18.54
N VAL G 314 12.89 -29.01 -17.80
CA VAL G 314 12.63 -29.18 -16.38
C VAL G 314 12.93 -27.90 -15.60
N VAL G 315 14.04 -27.24 -15.95
CA VAL G 315 14.45 -26.05 -15.21
C VAL G 315 13.43 -24.93 -15.36
N ALA G 316 12.94 -24.71 -16.57
CA ALA G 316 11.98 -23.63 -16.81
C ALA G 316 10.69 -23.87 -16.04
N PHE G 317 10.17 -25.10 -16.07
CA PHE G 317 8.96 -25.41 -15.33
C PHE G 317 9.16 -25.28 -13.83
N ASN G 318 10.30 -25.74 -13.31
CA ASN G 318 10.56 -25.60 -11.87
C ASN G 318 10.62 -24.14 -11.46
N THR G 319 11.31 -23.32 -12.25
CA THR G 319 11.41 -21.89 -11.93
C THR G 319 10.03 -21.22 -12.01
N LEU G 320 9.24 -21.57 -13.02
CA LEU G 320 7.90 -20.99 -13.15
C LEU G 320 7.03 -21.36 -11.96
N LEU G 321 7.06 -22.63 -11.54
CA LEU G 321 6.27 -23.05 -10.39
C LEU G 321 6.72 -22.36 -9.12
N PHE G 322 8.04 -22.26 -8.91
CA PHE G 322 8.55 -21.57 -7.73
C PHE G 322 8.12 -20.12 -7.71
N LEU G 323 8.22 -19.42 -8.85
CA LEU G 323 7.81 -18.03 -8.91
C LEU G 323 6.30 -17.87 -8.71
N MET G 324 5.49 -18.78 -9.24
CA MET G 324 4.05 -18.72 -9.03
C MET G 324 3.70 -18.90 -7.55
N SER G 325 4.38 -19.85 -6.89
CA SER G 325 4.11 -20.07 -5.47
C SER G 325 4.60 -18.91 -4.62
N PHE G 326 5.71 -18.27 -5.02
CA PHE G 326 6.26 -17.17 -4.24
C PHE G 326 5.32 -15.99 -4.15
N THR G 327 4.66 -15.63 -5.26
CA THR G 327 3.71 -14.52 -5.24
C THR G 327 2.54 -14.83 -4.32
N VAL G 328 2.02 -16.06 -4.37
CA VAL G 328 0.91 -16.44 -3.50
C VAL G 328 1.33 -16.37 -2.03
N LEU G 329 2.53 -16.86 -1.73
CA LEU G 329 3.00 -16.83 -0.34
C LEU G 329 3.19 -15.39 0.14
N CYS G 330 3.70 -14.52 -0.72
CA CYS G 330 3.87 -13.12 -0.35
C CYS G 330 2.52 -12.43 -0.16
N LEU G 331 1.52 -12.83 -0.94
CA LEU G 331 0.19 -12.25 -0.82
C LEU G 331 -0.68 -12.94 0.22
N THR G 332 -0.12 -13.90 0.96
CA THR G 332 -0.93 -14.67 1.91
C THR G 332 -1.54 -13.82 3.02
N PRO G 333 -0.80 -12.97 3.76
CA PRO G 333 -1.40 -12.35 4.95
C PRO G 333 -2.24 -11.12 4.65
N VAL G 334 -3.03 -11.17 3.58
CA VAL G 334 -4.10 -10.21 3.37
C VAL G 334 -5.38 -10.98 3.04
N TYR G 335 -5.29 -11.86 2.05
CA TYR G 335 -6.40 -12.75 1.67
C TYR G 335 -6.11 -14.15 2.22
N SER G 336 -6.82 -14.49 3.29
CA SER G 336 -6.60 -15.75 3.99
C SER G 336 -7.16 -16.93 3.20
N PHE G 337 -7.90 -16.65 2.12
CA PHE G 337 -8.49 -17.73 1.33
C PHE G 337 -7.43 -18.48 0.54
N LEU G 338 -6.33 -17.81 0.19
CA LEU G 338 -5.36 -18.38 -0.74
C LEU G 338 -4.73 -19.69 -0.27
N PRO G 339 -4.25 -19.83 0.98
CA PRO G 339 -3.56 -21.09 1.35
C PRO G 339 -4.39 -22.34 1.17
N GLY G 340 -5.72 -22.24 1.30
CA GLY G 340 -6.57 -23.39 1.13
C GLY G 340 -6.89 -23.72 -0.31
N VAL G 341 -7.46 -22.75 -1.04
CA VAL G 341 -7.89 -23.01 -2.41
C VAL G 341 -6.70 -23.21 -3.34
N TYR G 342 -5.59 -22.51 -3.09
CA TYR G 342 -4.43 -22.64 -3.98
C TYR G 342 -3.85 -24.04 -3.91
N SER G 343 -3.86 -24.68 -2.74
CA SER G 343 -3.38 -26.05 -2.64
C SER G 343 -4.21 -26.99 -3.49
N VAL G 344 -5.53 -26.85 -3.45
CA VAL G 344 -6.41 -27.69 -4.26
C VAL G 344 -6.19 -27.44 -5.74
N ILE G 345 -6.04 -26.16 -6.12
CA ILE G 345 -5.80 -25.82 -7.53
C ILE G 345 -4.49 -26.44 -8.01
N TYR G 346 -3.45 -26.34 -7.17
CA TYR G 346 -2.15 -26.92 -7.51
C TYR G 346 -2.24 -28.43 -7.64
N LEU G 347 -2.96 -29.09 -6.73
CA LEU G 347 -3.11 -30.54 -6.81
C LEU G 347 -3.85 -30.94 -8.08
N TYR G 348 -4.89 -30.20 -8.45
CA TYR G 348 -5.61 -30.50 -9.69
C TYR G 348 -4.72 -30.26 -10.91
N LEU G 349 -3.92 -29.20 -10.89
CA LEU G 349 -3.14 -28.84 -12.06
C LEU G 349 -1.93 -29.76 -12.25
N THR G 350 -1.41 -30.33 -11.16
CA THR G 350 -0.17 -31.11 -11.27
C THR G 350 -0.36 -32.37 -12.11
N PHE G 351 -1.60 -32.77 -12.41
CA PHE G 351 -1.82 -33.95 -13.23
C PHE G 351 -1.36 -33.74 -14.66
N TYR G 352 -1.51 -32.53 -15.20
CA TYR G 352 -1.14 -32.26 -16.59
C TYR G 352 0.34 -31.89 -16.73
N LEU G 353 1.25 -32.72 -16.22
CA LEU G 353 2.68 -32.50 -16.35
C LEU G 353 3.39 -33.84 -16.45
N THR G 354 4.62 -33.78 -16.96
CA THR G 354 5.46 -34.98 -17.03
C THR G 354 5.94 -35.36 -15.64
N ASN G 355 6.24 -36.66 -15.46
CA ASN G 355 6.67 -37.15 -14.15
C ASN G 355 7.98 -36.50 -13.71
N ASP G 356 8.85 -36.18 -14.68
CA ASP G 356 10.15 -35.61 -14.35
C ASP G 356 10.01 -34.29 -13.59
N VAL G 357 9.10 -33.43 -14.04
CA VAL G 357 8.79 -32.21 -13.31
C VAL G 357 7.73 -32.42 -12.23
N SER G 358 6.92 -33.48 -12.35
CA SER G 358 5.92 -33.74 -11.32
C SER G 358 6.56 -34.08 -9.99
N PHE G 359 7.65 -34.86 -10.01
CA PHE G 359 8.34 -35.21 -8.77
C PHE G 359 8.89 -33.95 -8.09
N LEU G 360 9.52 -33.06 -8.86
CA LEU G 360 10.04 -31.83 -8.31
C LEU G 360 8.93 -30.95 -7.77
N ALA G 361 7.81 -30.88 -8.49
CA ALA G 361 6.66 -30.09 -8.02
C ALA G 361 6.11 -30.64 -6.71
N HIS G 362 5.98 -31.96 -6.59
CA HIS G 362 5.48 -32.54 -5.35
C HIS G 362 6.45 -32.29 -4.20
N ILE G 363 7.76 -32.43 -4.45
CA ILE G 363 8.74 -32.18 -3.39
C ILE G 363 8.67 -30.72 -2.95
N GLN G 364 8.58 -29.79 -3.90
CA GLN G 364 8.50 -28.37 -3.57
C GLN G 364 7.24 -28.05 -2.78
N TRP G 365 6.10 -28.64 -3.17
CA TRP G 365 4.86 -28.40 -2.45
C TRP G 365 4.94 -28.97 -1.03
N MET G 366 5.53 -30.15 -0.87
CA MET G 366 5.65 -30.74 0.46
C MET G 366 6.55 -29.90 1.35
N VAL G 367 7.65 -29.38 0.79
CA VAL G 367 8.57 -28.59 1.59
C VAL G 367 7.95 -27.24 1.96
N MET G 368 7.23 -26.63 1.02
CA MET G 368 6.84 -25.23 1.16
C MET G 368 5.53 -25.04 1.94
N PHE G 369 4.44 -25.63 1.46
CA PHE G 369 3.12 -25.29 1.98
C PHE G 369 2.75 -26.04 3.25
N THR G 370 3.54 -27.03 3.64
CA THR G 370 3.21 -27.92 4.76
C THR G 370 2.96 -27.20 6.08
N PRO G 371 3.83 -26.28 6.55
CA PRO G 371 3.66 -25.73 7.90
C PRO G 371 2.52 -24.74 8.04
N LEU G 372 1.69 -24.51 7.00
CA LEU G 372 0.60 -23.56 7.10
C LEU G 372 -0.67 -24.08 6.42
N VAL G 373 -0.90 -25.39 6.45
CA VAL G 373 -2.08 -25.98 5.80
C VAL G 373 -2.73 -26.96 6.78
N PRO G 374 -4.06 -27.08 6.79
CA PRO G 374 -4.71 -28.03 7.70
C PRO G 374 -4.29 -29.47 7.45
N PHE G 375 -4.36 -30.27 8.53
CA PHE G 375 -3.90 -31.65 8.50
C PHE G 375 -4.67 -32.51 7.50
N TRP G 376 -6.00 -32.35 7.46
CA TRP G 376 -6.81 -33.19 6.58
C TRP G 376 -6.52 -32.90 5.11
N ILE G 377 -6.18 -31.65 4.77
CA ILE G 377 -5.79 -31.34 3.40
C ILE G 377 -4.52 -32.11 3.02
N THR G 378 -3.54 -32.14 3.93
CA THR G 378 -2.32 -32.89 3.68
C THR G 378 -2.60 -34.37 3.53
N ILE G 379 -3.48 -34.91 4.38
CA ILE G 379 -3.80 -36.33 4.29
C ILE G 379 -4.47 -36.65 2.97
N ALA G 380 -5.40 -35.78 2.53
CA ALA G 380 -6.06 -35.98 1.25
C ALA G 380 -5.06 -35.90 0.10
N TYR G 381 -4.13 -34.96 0.16
CA TYR G 381 -3.11 -34.84 -0.89
C TYR G 381 -2.26 -36.10 -0.95
N ILE G 382 -1.83 -36.61 0.21
CA ILE G 382 -1.00 -37.81 0.24
C ILE G 382 -1.77 -39.00 -0.31
N ILE G 383 -3.04 -39.14 0.07
CA ILE G 383 -3.85 -40.25 -0.42
C ILE G 383 -4.02 -40.15 -1.93
N CYS G 384 -4.29 -38.94 -2.43
CA CYS G 384 -4.49 -38.76 -3.87
C CYS G 384 -3.22 -39.10 -4.64
N ILE G 385 -2.05 -38.68 -4.13
CA ILE G 385 -0.81 -38.93 -4.85
C ILE G 385 -0.40 -40.40 -4.75
N SER G 386 -0.80 -41.07 -3.67
CA SER G 386 -0.40 -42.46 -3.46
C SER G 386 -1.45 -43.47 -3.92
N THR G 387 -2.59 -43.03 -4.44
CA THR G 387 -3.64 -43.95 -4.88
C THR G 387 -3.13 -45.01 -5.86
N LYS G 388 -2.38 -44.60 -6.88
CA LYS G 388 -2.05 -45.51 -7.97
C LYS G 388 -1.09 -46.62 -7.58
N HIS G 389 -0.46 -46.54 -6.40
CA HIS G 389 0.43 -47.61 -5.96
C HIS G 389 -0.27 -48.63 -5.09
N PHE G 390 -1.33 -48.21 -4.38
CA PHE G 390 -2.08 -49.14 -3.54
C PHE G 390 -2.72 -50.23 -4.37
N TYR G 391 -3.27 -49.88 -5.53
CA TYR G 391 -3.88 -50.88 -6.40
C TYR G 391 -2.84 -51.91 -6.85
N TRP G 392 -1.65 -51.45 -7.24
CA TRP G 392 -0.61 -52.36 -7.68
C TRP G 392 -0.17 -53.28 -6.53
N PHE G 393 0.03 -52.72 -5.34
CA PHE G 393 0.44 -53.54 -4.20
C PHE G 393 -0.63 -54.57 -3.85
N PHE G 394 -1.90 -54.16 -3.83
CA PHE G 394 -2.99 -55.08 -3.50
C PHE G 394 -3.09 -56.19 -4.54
N SER G 395 -2.96 -55.84 -5.82
CA SER G 395 -3.05 -56.84 -6.88
C SER G 395 -1.90 -57.82 -6.81
N ASN G 396 -0.69 -57.34 -6.52
CA ASN G 396 0.50 -58.18 -6.62
C ASN G 396 0.79 -58.98 -5.36
N TYR G 397 0.33 -58.54 -4.17
CA TYR G 397 0.71 -59.24 -2.96
C TYR G 397 -0.44 -59.49 -1.98
N LEU G 398 -1.65 -59.01 -2.26
CA LEU G 398 -2.73 -59.19 -1.31
C LEU G 398 -3.96 -59.83 -1.96
N LYS G 399 -4.19 -59.54 -3.24
CA LYS G 399 -5.41 -60.04 -3.89
C LYS G 399 -5.46 -61.55 -3.95
N ARG G 400 -4.34 -62.20 -4.29
CA ARG G 400 -4.31 -63.65 -4.40
C ARG G 400 -4.11 -64.32 -3.05
N SER G 410 -12.73 -64.30 -17.83
CA SER G 410 -12.00 -63.09 -17.47
C SER G 410 -11.24 -62.53 -18.67
N THR G 411 -10.69 -63.42 -19.49
CA THR G 411 -9.93 -63.02 -20.66
C THR G 411 -10.36 -63.88 -21.85
N PHE G 412 -10.06 -63.38 -23.05
CA PHE G 412 -10.38 -64.11 -24.26
C PHE G 412 -9.64 -65.45 -24.31
N GLU G 413 -8.43 -65.50 -23.76
CA GLU G 413 -7.70 -66.76 -23.68
C GLU G 413 -8.47 -67.78 -22.83
N GLU G 414 -9.02 -67.34 -21.70
CA GLU G 414 -9.83 -68.23 -20.88
C GLU G 414 -11.08 -68.67 -21.62
N ALA G 415 -11.70 -67.75 -22.37
CA ALA G 415 -12.89 -68.12 -23.15
C ALA G 415 -12.55 -69.18 -24.18
N ALA G 416 -11.38 -69.07 -24.82
CA ALA G 416 -10.94 -70.11 -25.74
C ALA G 416 -10.69 -71.43 -25.00
N LEU G 417 -10.10 -71.35 -23.80
CA LEU G 417 -9.83 -72.56 -23.04
C LEU G 417 -11.10 -73.18 -22.45
N CYS G 418 -12.06 -72.35 -22.05
CA CYS G 418 -13.25 -72.84 -21.36
C CYS G 418 -14.14 -73.64 -22.31
N THR G 419 -14.80 -74.66 -21.75
CA THR G 419 -15.81 -75.45 -22.44
C THR G 419 -17.17 -75.04 -21.90
N PHE G 420 -18.01 -74.46 -22.76
CA PHE G 420 -19.28 -73.91 -22.32
C PHE G 420 -20.26 -73.94 -23.48
N LEU G 421 -21.54 -73.77 -23.15
CA LEU G 421 -22.60 -73.71 -24.15
C LEU G 421 -22.71 -72.29 -24.68
N LEU G 422 -22.33 -72.09 -25.94
CA LEU G 422 -22.43 -70.78 -26.55
C LEU G 422 -23.88 -70.49 -26.92
N ASN G 423 -24.37 -69.31 -26.53
CA ASN G 423 -25.73 -68.89 -26.82
C ASN G 423 -25.73 -67.43 -27.22
N LYS G 424 -26.93 -66.87 -27.39
CA LYS G 424 -27.07 -65.48 -27.79
C LYS G 424 -26.46 -64.53 -26.76
N GLU G 425 -26.69 -64.80 -25.48
CA GLU G 425 -26.19 -63.94 -24.42
C GLU G 425 -24.67 -63.89 -24.41
N MET G 426 -24.02 -65.06 -24.38
CA MET G 426 -22.56 -65.11 -24.35
C MET G 426 -21.96 -64.55 -25.63
N TYR G 427 -22.58 -64.84 -26.78
CA TYR G 427 -22.09 -64.32 -28.04
C TYR G 427 -22.15 -62.79 -28.05
N LEU G 428 -23.25 -62.22 -27.58
CA LEU G 428 -23.38 -60.77 -27.56
C LEU G 428 -22.40 -60.15 -26.57
N LYS G 429 -22.20 -60.78 -25.42
CA LYS G 429 -21.31 -60.22 -24.41
C LYS G 429 -19.85 -60.25 -24.87
N LEU G 430 -19.41 -61.39 -25.41
CA LEU G 430 -18.00 -61.57 -25.74
C LEU G 430 -17.62 -61.03 -27.11
N ARG G 431 -18.59 -60.64 -27.95
CA ARG G 431 -18.26 -60.11 -29.27
C ARG G 431 -17.72 -58.69 -29.19
N SER G 432 -17.96 -58.01 -28.06
CA SER G 432 -17.56 -56.61 -27.94
C SER G 432 -16.06 -56.44 -28.13
N ASP G 433 -15.68 -55.32 -28.75
CA ASP G 433 -14.27 -55.07 -29.06
C ASP G 433 -13.45 -54.81 -27.80
N VAL G 434 -14.09 -54.64 -26.64
CA VAL G 434 -13.35 -54.46 -25.40
C VAL G 434 -12.46 -55.68 -25.12
N LEU G 435 -12.95 -56.86 -25.50
CA LEU G 435 -12.18 -58.10 -25.31
C LEU G 435 -11.48 -58.58 -26.58
N LEU G 436 -11.98 -58.23 -27.76
CA LEU G 436 -11.38 -58.69 -29.02
C LEU G 436 -11.66 -57.63 -30.09
N PRO G 437 -10.66 -56.85 -30.49
CA PRO G 437 -10.87 -55.85 -31.54
C PRO G 437 -11.20 -56.50 -32.88
N LEU G 438 -11.92 -55.76 -33.72
CA LEU G 438 -12.29 -56.28 -35.04
C LEU G 438 -11.05 -56.52 -35.90
N THR G 439 -10.04 -55.66 -35.79
CA THR G 439 -8.82 -55.86 -36.56
C THR G 439 -8.13 -57.16 -36.16
N GLN G 440 -8.10 -57.45 -34.85
CA GLN G 440 -7.54 -58.72 -34.39
C GLN G 440 -8.45 -59.89 -34.77
N TYR G 441 -9.76 -59.63 -34.88
CA TYR G 441 -10.69 -60.68 -35.29
C TYR G 441 -10.49 -61.06 -36.75
N ASN G 442 -10.13 -60.11 -37.60
CA ASN G 442 -9.99 -60.38 -39.03
C ASN G 442 -8.89 -61.40 -39.30
N ARG G 443 -7.76 -61.29 -38.60
CA ARG G 443 -6.64 -62.21 -38.82
C ARG G 443 -6.87 -63.57 -38.20
N TYR G 444 -8.00 -63.77 -37.52
CA TYR G 444 -8.29 -65.04 -36.85
C TYR G 444 -9.20 -65.94 -37.68
N LEU G 445 -9.08 -65.89 -39.01
CA LEU G 445 -9.97 -66.63 -39.88
C LEU G 445 -9.27 -67.48 -40.95
N ALA G 446 -7.95 -67.36 -41.10
CA ALA G 446 -7.26 -68.06 -42.18
C ALA G 446 -5.97 -68.75 -41.79
N LEU G 447 -5.45 -68.58 -40.57
CA LEU G 447 -4.12 -69.09 -40.25
C LEU G 447 -4.11 -70.59 -39.95
N TYR G 448 -5.27 -71.20 -39.72
CA TYR G 448 -5.30 -72.61 -39.34
C TYR G 448 -4.95 -73.54 -40.49
N ASN G 449 -4.97 -73.04 -41.73
CA ASN G 449 -4.69 -73.88 -42.90
C ASN G 449 -3.28 -74.47 -42.87
N LYS G 450 -2.32 -73.76 -42.29
CA LYS G 450 -0.97 -74.30 -42.17
C LYS G 450 -0.82 -75.10 -40.89
N TYR G 451 -1.49 -74.67 -39.82
CA TYR G 451 -1.33 -75.32 -38.52
C TYR G 451 -1.98 -76.69 -38.49
N LYS G 452 -2.98 -76.93 -39.34
CA LYS G 452 -3.69 -78.21 -39.31
C LYS G 452 -2.83 -79.37 -39.79
N TYR G 453 -1.67 -79.11 -40.39
CA TYR G 453 -0.85 -80.17 -40.96
C TYR G 453 0.23 -80.68 -40.01
N PHE G 454 0.57 -79.95 -38.96
CA PHE G 454 1.61 -80.38 -38.05
C PHE G 454 1.31 -79.85 -36.65
N SER G 455 1.90 -80.52 -35.66
CA SER G 455 1.68 -80.15 -34.27
C SER G 455 2.49 -78.92 -33.89
N GLY G 456 2.15 -78.33 -32.75
CA GLY G 456 2.87 -77.17 -32.26
C GLY G 456 2.73 -77.05 -30.76
N ALA G 457 3.61 -76.25 -30.16
CA ALA G 457 3.57 -76.05 -28.72
C ALA G 457 2.30 -75.31 -28.31
N MET G 458 1.87 -75.55 -27.07
CA MET G 458 0.61 -74.99 -26.60
C MET G 458 0.66 -73.46 -26.56
N ASP G 459 1.79 -72.89 -26.14
CA ASP G 459 1.90 -71.44 -26.02
C ASP G 459 2.21 -70.75 -27.34
N THR G 460 2.59 -71.50 -28.37
CA THR G 460 2.89 -70.91 -29.66
C THR G 460 1.61 -70.47 -30.36
N THR G 461 1.80 -69.81 -31.51
CA THR G 461 0.66 -69.35 -32.31
C THR G 461 -0.20 -70.53 -32.77
N SER G 462 0.44 -71.61 -33.22
CA SER G 462 -0.21 -72.78 -33.79
C SER G 462 -1.15 -73.50 -32.82
N TYR G 463 -1.17 -73.19 -31.52
CA TYR G 463 -2.14 -73.81 -30.63
C TYR G 463 -3.09 -72.76 -30.05
N ARG G 464 -2.53 -71.75 -29.39
CA ARG G 464 -3.34 -70.67 -28.82
C ARG G 464 -4.13 -69.95 -29.90
N GLU G 465 -3.43 -69.39 -30.88
CA GLU G 465 -4.10 -68.63 -31.93
C GLU G 465 -4.91 -69.54 -32.84
N ALA G 466 -4.56 -70.83 -32.93
CA ALA G 466 -5.39 -71.77 -33.68
C ALA G 466 -6.74 -71.95 -32.99
N ALA G 467 -6.73 -72.13 -31.67
CA ALA G 467 -7.98 -72.21 -30.93
C ALA G 467 -8.76 -70.90 -31.03
N CYS G 468 -8.05 -69.77 -31.01
CA CYS G 468 -8.71 -68.48 -31.21
C CYS G 468 -9.36 -68.38 -32.58
N CYS G 469 -8.69 -68.88 -33.62
CA CYS G 469 -9.26 -68.87 -34.97
C CYS G 469 -10.49 -69.77 -35.03
N HIS G 470 -10.43 -70.94 -34.39
CA HIS G 470 -11.60 -71.82 -34.38
C HIS G 470 -12.78 -71.17 -33.65
N LEU G 471 -12.50 -70.48 -32.54
CA LEU G 471 -13.56 -69.78 -31.81
C LEU G 471 -14.14 -68.65 -32.66
N ALA G 472 -13.28 -67.93 -33.38
CA ALA G 472 -13.75 -66.85 -34.24
C ALA G 472 -14.62 -67.39 -35.38
N LYS G 473 -14.22 -68.53 -35.96
CA LYS G 473 -15.03 -69.14 -37.01
C LYS G 473 -16.37 -69.62 -36.45
N ALA G 474 -16.37 -70.17 -35.24
CA ALA G 474 -17.62 -70.55 -34.59
C ALA G 474 -18.52 -69.35 -34.34
N LEU G 475 -17.94 -68.22 -33.92
CA LEU G 475 -18.72 -67.00 -33.74
C LEU G 475 -19.30 -66.51 -35.05
N ASN G 476 -18.51 -66.57 -36.13
CA ASN G 476 -19.02 -66.17 -37.45
C ASN G 476 -20.17 -67.07 -37.88
N ASP G 477 -20.03 -68.38 -37.67
CA ASP G 477 -21.11 -69.30 -38.01
C ASP G 477 -22.36 -69.02 -37.18
N PHE G 478 -22.18 -68.73 -35.89
CA PHE G 478 -23.31 -68.37 -35.04
C PHE G 478 -24.00 -67.11 -35.55
N SER G 479 -23.21 -66.12 -35.96
CA SER G 479 -23.78 -64.93 -36.58
C SER G 479 -24.47 -65.22 -37.89
N ASN G 480 -24.11 -66.31 -38.57
CA ASN G 480 -24.73 -66.69 -39.83
C ASN G 480 -25.72 -67.85 -39.67
N SER G 481 -25.85 -68.42 -38.47
CA SER G 481 -26.78 -69.52 -38.27
C SER G 481 -27.70 -69.27 -37.08
N GLY G 482 -27.22 -68.56 -36.07
CA GLY G 482 -28.02 -68.28 -34.90
C GLY G 482 -28.37 -69.47 -34.05
N SER G 483 -27.60 -70.56 -34.12
CA SER G 483 -27.91 -71.77 -33.37
C SER G 483 -26.98 -71.89 -32.17
N ASP G 484 -27.56 -72.05 -30.98
CA ASP G 484 -26.76 -72.24 -29.78
C ASP G 484 -26.14 -73.63 -29.78
N VAL G 485 -24.80 -73.70 -29.78
CA VAL G 485 -24.09 -74.96 -29.88
C VAL G 485 -23.01 -74.99 -28.82
N LEU G 486 -22.59 -76.19 -28.43
CA LEU G 486 -21.52 -76.35 -27.45
C LEU G 486 -20.18 -75.97 -28.06
N TYR G 487 -19.31 -75.38 -27.24
CA TYR G 487 -17.96 -75.05 -27.63
C TYR G 487 -16.97 -75.95 -26.90
N GLN G 488 -16.05 -76.52 -27.66
CA GLN G 488 -15.03 -77.44 -27.15
C GLN G 488 -13.67 -77.02 -27.68
N PRO G 489 -12.59 -77.33 -26.96
CA PRO G 489 -11.25 -77.09 -27.49
C PRO G 489 -11.03 -77.87 -28.77
N PRO G 490 -10.28 -77.30 -29.72
CA PRO G 490 -10.08 -77.99 -31.00
C PRO G 490 -9.41 -79.35 -30.82
N GLN G 491 -9.87 -80.30 -31.61
CA GLN G 491 -9.32 -81.64 -31.56
C GLN G 491 -7.96 -81.69 -32.25
N THR G 492 -7.08 -82.57 -31.76
CA THR G 492 -5.76 -82.71 -32.34
C THR G 492 -5.84 -83.40 -33.70
N SER G 493 -4.91 -83.04 -34.58
CA SER G 493 -4.86 -83.61 -35.92
C SER G 493 -4.43 -85.07 -35.89
N HIS H 31 -39.72 31.66 20.72
CA HIS H 31 -40.56 30.54 20.32
C HIS H 31 -39.75 29.25 20.23
N VAL H 32 -40.28 28.19 20.81
CA VAL H 32 -39.61 26.89 20.87
C VAL H 32 -40.53 25.85 20.25
N MET H 33 -39.92 24.86 19.58
CA MET H 33 -40.68 23.80 18.94
C MET H 33 -41.38 22.95 19.99
N SER H 34 -42.51 22.36 19.60
CA SER H 34 -43.29 21.52 20.50
C SER H 34 -43.76 20.29 19.75
N LYS H 35 -44.06 19.24 20.52
CA LYS H 35 -44.51 17.97 19.96
C LYS H 35 -46.01 17.80 20.19
N HIS H 36 -46.68 17.21 19.21
CA HIS H 36 -48.11 16.95 19.29
C HIS H 36 -48.40 15.53 18.82
N THR H 37 -49.50 14.97 19.30
CA THR H 37 -49.87 13.60 18.99
C THR H 37 -51.27 13.46 18.39
N ASP H 38 -51.85 14.51 17.84
CA ASP H 38 -53.18 14.42 17.28
C ASP H 38 -53.17 13.56 16.01
N PHE H 39 -54.20 12.72 15.89
CA PHE H 39 -54.35 11.81 14.75
C PHE H 39 -53.12 10.90 14.60
N SER H 40 -52.53 10.50 15.72
CA SER H 40 -51.33 9.66 15.67
C SER H 40 -51.65 8.26 15.15
N SER H 41 -52.79 7.70 15.54
CA SER H 41 -53.11 6.32 15.18
C SER H 41 -53.44 6.15 13.71
N GLU H 42 -53.71 7.24 12.98
CA GLU H 42 -54.06 7.16 11.57
C GLU H 42 -52.90 7.44 10.64
N ILE H 43 -51.70 7.67 11.18
CA ILE H 43 -50.55 7.97 10.33
C ILE H 43 -50.02 6.68 9.72
N ILE H 44 -49.81 6.70 8.40
CA ILE H 44 -49.34 5.52 7.67
C ILE H 44 -47.85 5.67 7.36
N GLY H 45 -47.43 6.88 7.03
CA GLY H 45 -46.05 7.09 6.66
C GLY H 45 -45.67 8.55 6.78
N TYR H 46 -44.42 8.85 6.46
CA TYR H 46 -43.88 10.20 6.60
C TYR H 46 -43.07 10.55 5.36
N LYS H 47 -43.06 11.86 5.05
CA LYS H 47 -42.26 12.38 3.96
C LYS H 47 -41.67 13.72 4.38
N ALA H 48 -40.53 14.06 3.79
CA ALA H 48 -39.85 15.31 4.08
C ALA H 48 -40.09 16.33 2.97
N ILE H 49 -40.04 17.61 3.34
CA ILE H 49 -40.25 18.72 2.42
C ILE H 49 -38.99 19.57 2.43
N ASP H 50 -38.44 19.80 1.24
CA ASP H 50 -37.20 20.56 1.12
C ASP H 50 -37.28 21.45 -0.11
N GLY H 51 -37.07 22.76 0.09
CA GLY H 51 -37.09 23.72 -0.98
C GLY H 51 -38.40 23.79 -1.72
N GLY H 52 -39.51 23.65 -0.99
CA GLY H 52 -40.82 23.63 -1.60
C GLY H 52 -41.18 22.34 -2.30
N VAL H 53 -40.36 21.31 -2.19
CA VAL H 53 -40.59 20.03 -2.84
C VAL H 53 -40.50 18.92 -1.79
N THR H 54 -41.21 17.84 -2.04
CA THR H 54 -41.24 16.69 -1.14
C THR H 54 -40.51 15.51 -1.77
N ARG H 55 -39.80 14.75 -0.95
CA ARG H 55 -39.07 13.58 -1.40
C ARG H 55 -39.11 12.51 -0.31
N ASP H 56 -38.49 11.38 -0.61
CA ASP H 56 -38.46 10.27 0.33
C ASP H 56 -37.43 10.54 1.44
N ILE H 57 -37.39 9.65 2.42
CA ILE H 57 -36.50 9.77 3.56
C ILE H 57 -35.46 8.66 3.49
N ALA H 58 -34.34 8.87 4.17
CA ALA H 58 -33.26 7.89 4.19
C ALA H 58 -32.52 7.98 5.52
N SER H 59 -31.80 6.91 5.85
CA SER H 59 -31.06 6.84 7.10
C SER H 59 -29.80 7.72 7.08
N THR H 60 -29.38 8.20 5.91
CA THR H 60 -28.18 9.03 5.83
C THR H 60 -28.44 10.47 6.25
N ASP H 61 -29.70 10.89 6.32
CA ASP H 61 -30.02 12.26 6.71
C ASP H 61 -29.66 12.49 8.17
N THR H 62 -29.45 13.76 8.51
CA THR H 62 -28.90 14.10 9.83
C THR H 62 -29.78 15.02 10.67
N CYS H 63 -30.68 15.81 10.09
CA CYS H 63 -31.47 16.74 10.88
C CYS H 63 -32.79 17.04 10.18
N PHE H 64 -33.83 17.27 10.97
CA PHE H 64 -35.14 17.62 10.46
C PHE H 64 -35.82 18.54 11.46
N ALA H 65 -36.90 19.18 11.00
CA ALA H 65 -37.78 19.95 11.88
C ALA H 65 -38.99 19.08 12.21
N ASN H 66 -38.98 18.47 13.38
CA ASN H 66 -39.99 17.49 13.74
C ASN H 66 -41.22 18.14 14.37
N LYS H 67 -42.39 17.67 13.94
CA LYS H 67 -43.66 18.10 14.50
C LYS H 67 -44.39 16.92 15.13
N HIS H 68 -44.38 15.78 14.45
CA HIS H 68 -45.10 14.61 14.92
C HIS H 68 -44.22 13.82 15.88
N ALA H 69 -44.82 13.38 17.00
CA ALA H 69 -44.06 12.63 18.00
C ALA H 69 -43.68 11.25 17.51
N ASP H 70 -44.58 10.57 16.78
CA ASP H 70 -44.31 9.22 16.33
C ASP H 70 -43.20 9.16 15.28
N PHE H 71 -42.85 10.29 14.66
CA PHE H 71 -41.72 10.31 13.75
C PHE H 71 -40.43 9.96 14.47
N ASP H 72 -40.33 10.33 15.75
CA ASP H 72 -39.14 10.00 16.52
C ASP H 72 -38.96 8.49 16.63
N THR H 73 -40.05 7.75 16.80
CA THR H 73 -39.96 6.29 16.84
C THR H 73 -39.74 5.72 15.44
N TRP H 74 -40.43 6.27 14.44
CA TRP H 74 -40.33 5.74 13.09
C TRP H 74 -38.91 5.88 12.54
N PHE H 75 -38.28 7.04 12.75
CA PHE H 75 -36.93 7.25 12.24
C PHE H 75 -35.92 6.44 13.05
N SER H 76 -36.16 6.28 14.35
CA SER H 76 -35.25 5.49 15.18
C SER H 76 -35.29 4.02 14.82
N GLN H 77 -36.47 3.51 14.45
CA GLN H 77 -36.58 2.10 14.06
C GLN H 77 -35.80 1.77 12.79
N ARG H 78 -35.40 2.78 12.01
CA ARG H 78 -34.56 2.57 10.84
C ARG H 78 -33.08 2.71 11.15
N GLY H 79 -32.71 2.90 12.41
CA GLY H 79 -31.32 3.03 12.79
C GLY H 79 -30.73 4.42 12.63
N GLY H 80 -31.57 5.43 12.42
CA GLY H 80 -31.05 6.77 12.22
C GLY H 80 -31.14 7.61 13.49
N SER H 81 -30.31 8.65 13.53
CA SER H 81 -30.33 9.62 14.62
C SER H 81 -30.28 11.01 14.02
N TYR H 82 -30.97 11.96 14.67
CA TYR H 82 -31.10 13.30 14.13
C TYR H 82 -31.07 14.32 15.26
N THR H 83 -30.72 15.56 14.91
CA THR H 83 -30.74 16.69 15.82
C THR H 83 -31.82 17.67 15.35
N ASN H 84 -32.61 18.17 16.30
CA ASN H 84 -33.76 19.03 15.98
C ASN H 84 -33.26 20.45 15.76
N ASP H 85 -33.16 20.84 14.49
CA ASP H 85 -32.87 22.21 14.10
C ASP H 85 -33.92 22.64 13.08
N LYS H 86 -34.51 23.81 13.29
CA LYS H 86 -35.60 24.26 12.42
C LYS H 86 -35.11 24.66 11.03
N ALA H 87 -33.81 24.90 10.85
CA ALA H 87 -33.29 25.24 9.53
C ALA H 87 -33.28 24.04 8.59
N CYS H 88 -33.40 22.83 9.11
CA CYS H 88 -33.40 21.62 8.32
C CYS H 88 -34.78 21.37 7.73
N PRO H 89 -34.87 20.55 6.68
CA PRO H 89 -36.17 20.33 6.01
C PRO H 89 -37.23 19.79 6.96
N LEU H 90 -38.46 20.18 6.69
CA LEU H 90 -39.60 19.84 7.53
C LEU H 90 -40.08 18.41 7.26
N ILE H 91 -41.10 18.00 7.99
CA ILE H 91 -41.64 16.64 7.94
C ILE H 91 -43.14 16.70 7.73
N ALA H 92 -43.66 15.77 6.93
CA ALA H 92 -45.09 15.65 6.70
C ALA H 92 -45.52 14.22 6.98
N ALA H 93 -46.82 14.04 7.20
CA ALA H 93 -47.39 12.75 7.54
C ALA H 93 -48.52 12.41 6.58
N VAL H 94 -48.70 11.11 6.31
CA VAL H 94 -49.73 10.65 5.39
C VAL H 94 -50.91 10.15 6.20
N ILE H 95 -52.08 10.72 5.96
CA ILE H 95 -53.32 10.31 6.62
C ILE H 95 -54.41 10.13 5.56
N THR H 96 -55.10 8.99 5.62
CA THR H 96 -56.20 8.74 4.69
C THR H 96 -57.34 9.72 4.90
N ARG H 97 -57.69 10.02 6.15
CA ARG H 97 -58.80 10.90 6.44
C ARG H 97 -58.50 12.33 5.99
N GLU H 98 -59.51 12.99 5.42
CA GLU H 98 -59.36 14.36 4.97
C GLU H 98 -59.30 15.30 6.17
N VAL H 99 -58.12 15.88 6.40
CA VAL H 99 -57.89 16.76 7.55
C VAL H 99 -57.23 18.04 7.06
N GLY H 100 -57.69 19.17 7.58
CA GLY H 100 -57.08 20.45 7.26
C GLY H 100 -57.62 21.09 5.99
N PHE H 101 -56.95 22.16 5.57
CA PHE H 101 -57.35 22.93 4.41
C PHE H 101 -56.13 23.17 3.53
N VAL H 102 -56.39 23.54 2.28
CA VAL H 102 -55.34 23.73 1.29
C VAL H 102 -54.83 25.16 1.36
N VAL H 103 -53.56 25.34 0.99
CA VAL H 103 -52.92 26.64 0.95
C VAL H 103 -52.23 26.80 -0.40
N PRO H 104 -52.44 27.91 -1.12
CA PRO H 104 -51.78 28.10 -2.40
C PRO H 104 -50.26 28.09 -2.26
N GLY H 105 -49.59 27.48 -3.23
CA GLY H 105 -48.14 27.40 -3.21
C GLY H 105 -47.57 26.49 -2.15
N LEU H 106 -48.35 25.52 -1.66
CA LEU H 106 -47.88 24.63 -0.62
C LEU H 106 -48.59 23.28 -0.72
N PRO H 107 -47.86 22.20 -0.98
CA PRO H 107 -48.49 20.89 -1.13
C PRO H 107 -49.05 20.38 0.19
N GLY H 108 -50.04 19.50 0.07
CA GLY H 108 -50.65 18.90 1.25
C GLY H 108 -51.64 19.84 1.92
N THR H 109 -52.07 19.45 3.12
CA THR H 109 -53.02 20.22 3.91
C THR H 109 -52.40 20.60 5.24
N ILE H 110 -52.77 21.78 5.73
CA ILE H 110 -52.19 22.34 6.95
C ILE H 110 -53.30 22.52 7.98
N LEU H 111 -53.03 22.02 9.19
CA LEU H 111 -53.93 22.19 10.32
C LEU H 111 -53.13 22.69 11.52
N ARG H 112 -53.78 23.52 12.34
CA ARG H 112 -53.15 24.09 13.52
C ARG H 112 -53.91 23.63 14.75
N THR H 113 -53.17 23.43 15.84
CA THR H 113 -53.75 22.95 17.09
C THR H 113 -54.24 24.13 17.93
N THR H 114 -54.75 23.81 19.12
CA THR H 114 -55.22 24.85 20.03
C THR H 114 -54.08 25.71 20.56
N ASN H 115 -52.87 25.14 20.66
CA ASN H 115 -51.73 25.89 21.14
C ASN H 115 -51.21 26.90 20.11
N GLY H 116 -51.67 26.80 18.86
CA GLY H 116 -51.28 27.70 17.81
C GLY H 116 -50.26 27.13 16.84
N ASP H 117 -49.63 26.02 17.18
CA ASP H 117 -48.64 25.42 16.30
C ASP H 117 -49.31 24.75 15.10
N PHE H 118 -48.75 25.00 13.92
CA PHE H 118 -49.26 24.42 12.69
C PHE H 118 -48.70 23.03 12.47
N LEU H 119 -49.47 22.20 11.76
CA LEU H 119 -49.08 20.83 11.44
C LEU H 119 -49.33 20.57 9.96
N HIS H 120 -48.56 19.66 9.38
CA HIS H 120 -48.64 19.32 7.97
C HIS H 120 -49.09 17.88 7.83
N PHE H 121 -49.97 17.63 6.85
CA PHE H 121 -50.49 16.29 6.60
C PHE H 121 -50.61 16.07 5.09
N LEU H 122 -50.62 14.81 4.69
CA LEU H 122 -50.74 14.42 3.29
C LEU H 122 -52.01 13.62 3.09
N PRO H 123 -52.90 14.03 2.18
CA PRO H 123 -54.15 13.31 1.98
C PRO H 123 -53.93 12.07 1.11
N ARG H 124 -55.01 11.31 0.94
CA ARG H 124 -54.99 10.11 0.10
C ARG H 124 -56.31 10.01 -0.65
N VAL H 125 -56.22 9.65 -1.93
CA VAL H 125 -57.41 9.43 -2.75
C VAL H 125 -57.39 8.00 -3.27
N PHE H 126 -56.34 7.66 -4.03
CA PHE H 126 -56.20 6.31 -4.57
C PHE H 126 -55.27 5.48 -3.69
N SER H 127 -55.03 4.24 -4.15
CA SER H 127 -54.13 3.34 -3.44
C SER H 127 -52.66 3.69 -3.63
N ALA H 128 -52.34 4.62 -4.53
CA ALA H 128 -50.96 5.01 -4.76
C ALA H 128 -50.44 5.89 -3.64
N VAL H 129 -50.12 5.29 -2.49
CA VAL H 129 -49.64 6.06 -1.35
C VAL H 129 -48.23 6.57 -1.64
N GLY H 130 -48.02 7.87 -1.41
CA GLY H 130 -46.73 8.47 -1.66
C GLY H 130 -46.81 9.89 -2.19
N ASN H 131 -45.66 10.51 -2.41
CA ASN H 131 -45.63 11.87 -2.94
C ASN H 131 -46.17 11.89 -4.37
N ILE H 132 -46.89 12.96 -4.69
CA ILE H 132 -47.50 13.13 -6.01
C ILE H 132 -47.18 14.54 -6.51
N CYS H 133 -47.21 14.69 -7.83
CA CYS H 133 -46.96 15.97 -8.47
C CYS H 133 -47.97 16.17 -9.59
N TYR H 134 -48.02 17.38 -10.12
CA TYR H 134 -48.98 17.75 -11.16
C TYR H 134 -48.24 18.21 -12.41
N THR H 135 -48.58 17.62 -13.55
CA THR H 135 -48.20 18.14 -14.84
C THR H 135 -49.22 19.19 -15.24
N PRO H 136 -49.05 19.87 -16.38
CA PRO H 136 -50.05 20.86 -16.79
C PRO H 136 -51.46 20.30 -16.93
N SER H 137 -51.62 19.01 -17.23
CA SER H 137 -52.96 18.46 -17.36
C SER H 137 -53.16 17.08 -16.74
N LYS H 138 -52.12 16.45 -16.17
CA LYS H 138 -52.24 15.10 -15.66
C LYS H 138 -51.44 14.96 -14.37
N LEU H 139 -51.81 13.95 -13.58
CA LEU H 139 -51.08 13.65 -12.35
C LEU H 139 -50.00 12.62 -12.63
N ILE H 140 -48.84 12.80 -11.98
CA ILE H 140 -47.71 11.90 -12.12
C ILE H 140 -47.12 11.62 -10.75
N GLU H 141 -46.89 10.35 -10.44
CA GLU H 141 -46.14 9.96 -9.26
C GLU H 141 -44.68 9.74 -9.64
N TYR H 142 -43.79 10.04 -8.69
CA TYR H 142 -42.36 10.01 -8.97
C TYR H 142 -41.61 9.45 -7.77
N THR H 143 -40.44 8.85 -8.05
CA THR H 143 -39.56 8.41 -6.98
C THR H 143 -38.61 9.52 -6.56
N ASP H 144 -38.12 10.31 -7.52
CA ASP H 144 -37.28 11.46 -7.23
C ASP H 144 -37.74 12.61 -8.11
N PHE H 145 -37.81 13.80 -7.52
CA PHE H 145 -38.33 14.96 -8.24
C PHE H 145 -37.30 15.53 -9.21
N ALA H 146 -36.01 15.44 -8.86
CA ALA H 146 -34.96 16.05 -9.67
C ALA H 146 -34.89 15.49 -11.08
N THR H 147 -35.25 14.22 -11.28
CA THR H 147 -35.20 13.60 -12.60
C THR H 147 -36.59 13.23 -13.12
N SER H 148 -37.63 13.81 -12.54
CA SER H 148 -39.00 13.51 -12.98
C SER H 148 -39.45 14.49 -14.04
N ALA H 149 -40.70 14.35 -14.49
CA ALA H 149 -41.28 15.24 -15.50
C ALA H 149 -42.20 16.29 -14.89
N CYS H 150 -42.21 16.44 -13.57
CA CYS H 150 -43.07 17.41 -12.92
C CYS H 150 -42.62 18.83 -13.24
N VAL H 151 -43.59 19.73 -13.36
CA VAL H 151 -43.30 21.14 -13.62
C VAL H 151 -44.00 22.01 -12.59
N LEU H 152 -45.04 21.47 -11.94
CA LEU H 152 -45.84 22.22 -10.98
C LEU H 152 -45.52 21.75 -9.57
N ALA H 153 -45.24 22.70 -8.68
CA ALA H 153 -44.82 22.36 -7.32
C ALA H 153 -45.99 21.92 -6.45
N ALA H 154 -47.15 22.54 -6.60
CA ALA H 154 -48.27 22.29 -5.69
C ALA H 154 -49.55 22.14 -6.50
N GLU H 155 -50.58 21.62 -5.82
CA GLU H 155 -51.87 21.42 -6.48
C GLU H 155 -52.50 22.74 -6.90
N CYS H 156 -52.45 23.74 -6.02
CA CYS H 156 -52.94 25.08 -6.34
C CYS H 156 -51.78 26.06 -6.33
N THR H 157 -51.80 26.98 -7.29
CA THR H 157 -50.76 28.00 -7.40
C THR H 157 -51.42 29.34 -7.71
N ILE H 158 -50.61 30.40 -7.63
CA ILE H 158 -51.09 31.76 -7.89
C ILE H 158 -50.15 32.42 -8.89
N PHE H 159 -50.74 33.07 -9.89
CA PHE H 159 -49.99 33.71 -10.97
C PHE H 159 -50.36 35.20 -11.05
N LYS H 160 -49.62 35.89 -11.91
CA LYS H 160 -49.89 37.30 -12.21
C LYS H 160 -50.42 37.42 -13.64
N ASP H 161 -51.50 38.19 -13.80
CA ASP H 161 -52.09 38.41 -15.11
C ASP H 161 -51.28 39.43 -15.90
N ALA H 162 -51.82 39.84 -17.04
CA ALA H 162 -51.16 40.85 -17.86
C ALA H 162 -51.10 42.21 -17.19
N SER H 163 -52.07 42.51 -16.32
CA SER H 163 -52.10 43.77 -15.61
C SER H 163 -51.39 43.73 -14.26
N GLY H 164 -50.82 42.59 -13.88
CA GLY H 164 -50.10 42.47 -12.63
C GLY H 164 -50.93 42.03 -11.44
N LYS H 165 -52.25 41.91 -11.59
CA LYS H 165 -53.08 41.49 -10.47
C LYS H 165 -52.88 39.99 -10.22
N PRO H 166 -52.89 39.57 -8.95
CA PRO H 166 -52.74 38.13 -8.67
C PRO H 166 -54.01 37.37 -9.01
N VAL H 167 -53.81 36.23 -9.68
CA VAL H 167 -54.94 35.38 -10.08
C VAL H 167 -54.67 33.95 -9.60
N PRO H 168 -55.55 33.37 -8.78
CA PRO H 168 -55.32 32.01 -8.28
C PRO H 168 -55.58 30.96 -9.36
N TYR H 169 -54.83 29.87 -9.27
CA TYR H 169 -54.97 28.74 -10.17
C TYR H 169 -54.92 27.44 -9.36
N CYS H 170 -55.54 26.39 -9.89
CA CYS H 170 -55.46 25.08 -9.26
C CYS H 170 -55.85 24.01 -10.27
N TYR H 171 -55.57 22.76 -9.91
CA TYR H 171 -55.94 21.63 -10.77
C TYR H 171 -57.46 21.54 -10.91
N ASP H 172 -58.19 21.75 -9.82
CA ASP H 172 -59.65 21.68 -9.86
C ASP H 172 -60.22 22.99 -9.33
N THR H 173 -61.22 23.51 -10.02
CA THR H 173 -61.84 24.77 -9.61
C THR H 173 -62.75 24.58 -8.40
N ASN H 174 -63.31 23.38 -8.22
CA ASN H 174 -64.27 23.15 -7.15
C ASN H 174 -63.68 23.33 -5.76
N VAL H 175 -62.36 23.15 -5.61
CA VAL H 175 -61.76 23.26 -4.29
C VAL H 175 -61.53 24.71 -3.86
N LEU H 176 -61.56 25.66 -4.79
CA LEU H 176 -61.35 27.06 -4.45
C LEU H 176 -62.22 27.91 -5.37
N GLU H 177 -63.22 28.58 -4.80
CA GLU H 177 -64.12 29.40 -5.60
C GLU H 177 -63.37 30.57 -6.22
N GLY H 178 -63.71 30.88 -7.47
CA GLY H 178 -63.09 31.97 -8.19
C GLY H 178 -61.78 31.62 -8.86
N SER H 179 -61.34 30.37 -8.81
CA SER H 179 -60.09 29.97 -9.43
C SER H 179 -60.31 29.55 -10.88
N VAL H 180 -59.20 29.26 -11.56
CA VAL H 180 -59.19 28.83 -12.95
C VAL H 180 -58.32 27.58 -13.07
N ALA H 181 -58.84 26.58 -13.78
CA ALA H 181 -58.18 25.28 -13.85
C ALA H 181 -56.85 25.37 -14.59
N TYR H 182 -55.95 24.46 -14.27
CA TYR H 182 -54.64 24.40 -14.93
C TYR H 182 -54.78 24.10 -16.42
N GLU H 183 -55.83 23.37 -16.80
CA GLU H 183 -55.99 22.91 -18.18
C GLU H 183 -56.06 24.06 -19.17
N SER H 184 -56.51 25.24 -18.74
CA SER H 184 -56.61 26.37 -19.65
C SER H 184 -55.25 26.95 -20.00
N LEU H 185 -54.19 26.56 -19.29
CA LEU H 185 -52.86 27.11 -19.55
C LEU H 185 -52.32 26.54 -20.86
N ARG H 186 -52.19 27.39 -21.87
CA ARG H 186 -51.66 26.96 -23.16
C ARG H 186 -50.15 26.74 -23.05
N PRO H 187 -49.61 25.79 -23.82
CA PRO H 187 -48.16 25.58 -23.82
C PRO H 187 -47.43 26.69 -24.57
N ASP H 188 -46.11 26.72 -24.37
CA ASP H 188 -45.23 27.70 -25.01
C ASP H 188 -45.69 29.13 -24.70
N THR H 189 -46.08 29.35 -23.45
CA THR H 189 -46.53 30.67 -22.99
C THR H 189 -45.85 30.99 -21.67
N ARG H 190 -45.41 32.24 -21.53
CA ARG H 190 -44.71 32.66 -20.33
C ARG H 190 -45.71 33.00 -19.22
N TYR H 191 -45.41 32.52 -18.02
CA TYR H 191 -46.23 32.81 -16.85
C TYR H 191 -45.32 33.21 -15.69
N VAL H 192 -45.83 34.10 -14.84
CA VAL H 192 -45.05 34.65 -13.74
C VAL H 192 -45.86 34.54 -12.45
N LEU H 193 -45.16 34.30 -11.35
CA LEU H 193 -45.76 34.14 -10.02
C LEU H 193 -45.47 35.38 -9.18
N MET H 194 -45.78 35.27 -7.87
CA MET H 194 -45.60 36.38 -6.95
C MET H 194 -44.15 36.83 -6.87
N ASP H 195 -43.22 35.88 -6.77
CA ASP H 195 -41.81 36.19 -6.60
C ASP H 195 -41.04 36.25 -7.91
N GLY H 196 -41.74 36.36 -9.04
CA GLY H 196 -41.07 36.49 -10.32
C GLY H 196 -40.61 35.19 -10.95
N SER H 197 -40.97 34.05 -10.39
CA SER H 197 -40.60 32.77 -10.99
C SER H 197 -41.33 32.58 -12.31
N ILE H 198 -40.62 32.03 -13.29
CA ILE H 198 -41.12 31.89 -14.65
C ILE H 198 -41.23 30.41 -14.99
N ILE H 199 -42.39 30.02 -15.50
CA ILE H 199 -42.65 28.63 -15.89
C ILE H 199 -43.18 28.61 -17.32
N GLN H 200 -42.52 27.83 -18.18
CA GLN H 200 -42.99 27.61 -19.54
C GLN H 200 -42.55 26.22 -19.97
N PHE H 201 -43.45 25.48 -20.60
CA PHE H 201 -43.20 24.08 -20.92
C PHE H 201 -43.48 23.82 -22.39
N PRO H 202 -42.75 22.89 -23.00
CA PRO H 202 -43.02 22.51 -24.39
C PRO H 202 -44.24 21.60 -24.49
N ASN H 203 -44.77 21.53 -25.71
CA ASN H 203 -45.91 20.66 -25.97
C ASN H 203 -45.51 19.20 -25.88
N THR H 204 -46.41 18.37 -25.37
CA THR H 204 -46.19 16.94 -25.22
C THR H 204 -47.06 16.17 -26.20
N TYR H 205 -46.44 15.29 -26.98
CA TYR H 205 -47.19 14.48 -27.94
C TYR H 205 -47.73 13.21 -27.32
N LEU H 206 -46.99 12.60 -26.39
CA LEU H 206 -47.47 11.46 -25.61
C LEU H 206 -47.04 11.63 -24.16
N GLU H 207 -47.81 11.04 -23.26
CA GLU H 207 -47.52 11.11 -21.83
C GLU H 207 -47.66 9.72 -21.22
N GLY H 208 -46.85 9.46 -20.20
CA GLY H 208 -46.86 8.17 -19.53
C GLY H 208 -45.48 7.57 -19.40
N SER H 209 -45.40 6.24 -19.51
CA SER H 209 -44.10 5.57 -19.46
C SER H 209 -43.23 5.97 -20.65
N VAL H 210 -43.83 6.10 -21.84
CA VAL H 210 -43.14 6.55 -23.04
C VAL H 210 -43.57 7.99 -23.30
N ARG H 211 -42.59 8.89 -23.43
CA ARG H 211 -42.85 10.31 -23.55
C ARG H 211 -42.21 10.86 -24.82
N VAL H 212 -42.99 11.62 -25.58
CA VAL H 212 -42.53 12.27 -26.79
C VAL H 212 -42.77 13.76 -26.66
N VAL H 213 -41.71 14.55 -26.84
CA VAL H 213 -41.75 15.99 -26.63
C VAL H 213 -41.15 16.69 -27.85
N THR H 214 -41.79 17.79 -28.26
CA THR H 214 -41.29 18.64 -29.32
C THR H 214 -41.02 20.03 -28.75
N THR H 215 -39.92 20.63 -29.21
CA THR H 215 -39.46 21.91 -28.67
C THR H 215 -39.11 22.85 -29.81
N PHE H 216 -39.15 24.15 -29.52
CA PHE H 216 -38.73 25.18 -30.45
C PHE H 216 -37.35 25.70 -30.07
N ASP H 217 -36.90 26.71 -30.83
CA ASP H 217 -35.59 27.32 -30.59
C ASP H 217 -35.74 28.50 -29.64
N SER H 218 -36.06 28.16 -28.38
CA SER H 218 -36.23 29.16 -27.33
C SER H 218 -36.02 28.50 -25.99
N GLU H 219 -35.75 29.32 -24.97
CA GLU H 219 -35.53 28.82 -23.63
C GLU H 219 -36.82 28.28 -23.03
N TYR H 220 -36.70 27.18 -22.30
CA TYR H 220 -37.78 26.62 -21.51
C TYR H 220 -37.35 26.56 -20.05
N CYS H 221 -38.26 26.91 -19.15
CA CYS H 221 -37.93 26.97 -17.74
C CYS H 221 -38.83 26.04 -16.94
N ARG H 222 -38.26 25.42 -15.91
CA ARG H 222 -38.98 24.56 -14.99
C ARG H 222 -38.89 25.16 -13.60
N HIS H 223 -39.61 24.58 -12.66
CA HIS H 223 -39.63 25.06 -11.28
C HIS H 223 -38.22 25.16 -10.70
N GLY H 224 -37.73 26.40 -10.57
CA GLY H 224 -36.45 26.66 -9.96
C GLY H 224 -35.26 26.65 -10.89
N THR H 225 -35.39 26.10 -12.09
CA THR H 225 -34.28 26.07 -13.03
C THR H 225 -34.79 26.34 -14.44
N CYS H 226 -34.03 27.14 -15.18
CA CYS H 226 -34.32 27.42 -16.58
C CYS H 226 -33.14 26.98 -17.43
N GLU H 227 -33.42 26.51 -18.63
CA GLU H 227 -32.39 26.07 -19.56
C GLU H 227 -32.80 26.38 -20.98
N ARG H 228 -31.81 26.47 -21.86
CA ARG H 228 -32.05 26.72 -23.27
C ARG H 228 -31.97 25.42 -24.06
N SER H 229 -32.91 25.24 -24.98
CA SER H 229 -33.01 24.03 -25.77
C SER H 229 -33.18 24.38 -27.24
N GLU H 230 -32.69 23.50 -28.10
CA GLU H 230 -32.80 23.71 -29.53
C GLU H 230 -34.16 23.24 -30.05
N ALA H 231 -34.47 23.64 -31.28
CA ALA H 231 -35.71 23.21 -31.91
C ALA H 231 -35.57 21.78 -32.43
N GLY H 232 -36.64 20.99 -32.25
CA GLY H 232 -36.64 19.62 -32.72
C GLY H 232 -37.63 18.74 -31.98
N VAL H 233 -37.35 17.43 -31.93
CA VAL H 233 -38.22 16.47 -31.29
C VAL H 233 -37.37 15.54 -30.44
N CYS H 234 -37.87 15.20 -29.26
CA CYS H 234 -37.17 14.32 -28.34
C CYS H 234 -38.11 13.25 -27.84
N VAL H 235 -37.55 12.09 -27.50
CA VAL H 235 -38.32 10.96 -27.00
C VAL H 235 -37.46 10.23 -25.97
N SER H 236 -38.11 9.77 -24.90
CA SER H 236 -37.44 9.05 -23.83
C SER H 236 -38.20 7.77 -23.51
N THR H 237 -37.46 6.70 -23.24
CA THR H 237 -38.07 5.43 -22.90
C THR H 237 -38.61 5.40 -21.47
N SER H 238 -38.19 6.34 -20.63
CA SER H 238 -38.68 6.45 -19.27
C SER H 238 -39.17 7.87 -19.01
N GLY H 239 -40.25 7.99 -18.25
CA GLY H 239 -40.82 9.29 -17.96
C GLY H 239 -39.88 10.20 -17.20
N ARG H 240 -39.37 11.22 -17.88
CA ARG H 240 -38.43 12.15 -17.28
C ARG H 240 -38.34 13.40 -18.15
N TRP H 241 -37.80 14.46 -17.56
CA TRP H 241 -37.60 15.70 -18.30
C TRP H 241 -36.54 15.51 -19.38
N VAL H 242 -36.84 16.04 -20.57
CA VAL H 242 -35.96 15.87 -21.72
C VAL H 242 -35.90 17.19 -22.49
N LEU H 243 -34.73 17.48 -23.05
CA LEU H 243 -34.50 18.69 -23.82
C LEU H 243 -33.57 18.38 -24.98
N ASN H 244 -33.58 19.28 -25.97
CA ASN H 244 -32.72 19.14 -27.14
C ASN H 244 -31.30 19.66 -26.91
N ASN H 245 -31.03 20.23 -25.74
CA ASN H 245 -29.73 20.80 -25.45
C ASN H 245 -28.69 19.68 -25.20
N ASP H 246 -27.42 20.09 -25.15
CA ASP H 246 -26.34 19.19 -24.82
C ASP H 246 -26.51 18.66 -23.41
N TYR H 247 -25.78 17.58 -23.07
CA TYR H 247 -25.83 16.92 -21.77
C TYR H 247 -27.16 16.15 -21.63
N TYR H 248 -28.08 16.34 -22.57
CA TYR H 248 -29.32 15.57 -22.53
C TYR H 248 -29.23 14.34 -23.43
N ARG H 249 -28.66 14.51 -24.63
CA ARG H 249 -28.46 13.37 -25.51
C ARG H 249 -27.14 12.67 -25.20
N SER H 250 -26.93 12.33 -23.94
CA SER H 250 -25.81 11.49 -23.53
C SER H 250 -26.31 10.41 -22.58
N LEU H 251 -27.38 10.70 -21.85
CA LEU H 251 -27.91 9.77 -20.88
C LEU H 251 -28.61 8.61 -21.58
N PRO H 252 -28.56 7.41 -20.99
CA PRO H 252 -29.24 6.27 -21.61
C PRO H 252 -30.75 6.46 -21.64
N GLY H 253 -31.38 5.91 -22.67
CA GLY H 253 -32.82 5.99 -22.83
C GLY H 253 -33.33 7.26 -23.46
N VAL H 254 -32.45 8.19 -23.84
CA VAL H 254 -32.87 9.45 -24.42
C VAL H 254 -32.48 9.48 -25.89
N PHE H 255 -33.45 9.79 -26.75
CA PHE H 255 -33.21 9.91 -28.18
C PHE H 255 -33.64 11.29 -28.64
N CYS H 256 -32.89 11.83 -29.60
CA CYS H 256 -33.13 13.19 -30.07
C CYS H 256 -32.84 13.26 -31.56
N GLY H 257 -33.40 14.28 -32.19
CA GLY H 257 -33.18 14.49 -33.61
C GLY H 257 -33.82 15.79 -34.06
N VAL H 258 -33.45 16.19 -35.28
CA VAL H 258 -33.99 17.42 -35.85
C VAL H 258 -35.47 17.26 -36.19
N ASP H 259 -35.82 16.11 -36.77
CA ASP H 259 -37.20 15.83 -37.17
C ASP H 259 -37.47 14.35 -36.96
N ALA H 260 -38.64 13.90 -37.40
CA ALA H 260 -39.01 12.50 -37.23
C ALA H 260 -38.07 11.57 -37.99
N VAL H 261 -37.73 11.93 -39.22
CA VAL H 261 -36.83 11.11 -40.03
C VAL H 261 -35.41 11.15 -39.49
N ASN H 262 -34.94 12.33 -39.09
CA ASN H 262 -33.58 12.45 -38.57
C ASN H 262 -33.41 11.68 -37.27
N LEU H 263 -34.44 11.71 -36.41
CA LEU H 263 -34.37 10.98 -35.15
C LEU H 263 -34.28 9.48 -35.39
N LEU H 264 -34.99 8.97 -36.40
CA LEU H 264 -34.93 7.55 -36.73
C LEU H 264 -33.53 7.14 -37.17
N THR H 265 -32.81 8.01 -37.88
CA THR H 265 -31.44 7.73 -38.31
C THR H 265 -30.45 7.87 -37.18
N ASN H 266 -30.66 8.83 -36.27
CA ASN H 266 -29.73 9.04 -35.17
C ASN H 266 -29.80 7.95 -34.11
N MET H 267 -30.80 7.07 -34.16
CA MET H 267 -30.86 5.95 -33.22
C MET H 267 -29.70 5.00 -33.42
N PHE H 268 -29.18 4.90 -34.65
CA PHE H 268 -28.08 4.00 -34.96
C PHE H 268 -26.72 4.66 -34.87
N THR H 269 -26.65 5.89 -34.37
CA THR H 269 -25.36 6.58 -34.25
C THR H 269 -24.33 5.82 -33.42
N PRO H 270 -24.66 5.24 -32.26
CA PRO H 270 -23.63 4.47 -31.52
C PRO H 270 -23.11 3.27 -32.28
N LEU H 271 -23.84 2.78 -33.28
CA LEU H 271 -23.41 1.60 -34.03
C LEU H 271 -22.19 1.86 -34.89
N ILE H 272 -21.87 3.12 -35.20
CA ILE H 272 -20.72 3.45 -36.02
C ILE H 272 -19.70 4.21 -35.19
N GLN H 273 -19.71 3.97 -33.89
CA GLN H 273 -18.85 4.53 -32.84
C GLN H 273 -17.79 3.51 -32.44
N PRO H 274 -16.60 3.95 -32.02
CA PRO H 274 -15.59 3.00 -31.54
C PRO H 274 -16.10 2.22 -30.33
N ILE H 275 -15.55 1.02 -30.17
CA ILE H 275 -16.08 0.07 -29.20
C ILE H 275 -16.01 0.63 -27.78
N GLY H 276 -14.88 1.23 -27.42
CA GLY H 276 -14.72 1.75 -26.07
C GLY H 276 -15.41 3.08 -25.84
N ALA H 277 -16.67 3.19 -26.29
CA ALA H 277 -17.44 4.41 -26.08
C ALA H 277 -18.88 4.10 -25.66
N LEU H 278 -19.10 3.01 -24.95
CA LEU H 278 -20.44 2.61 -24.56
C LEU H 278 -20.37 1.83 -23.25
N ASP H 279 -21.53 1.69 -22.60
CA ASP H 279 -21.63 1.02 -21.32
C ASP H 279 -21.37 -0.47 -21.47
N ILE H 280 -21.10 -1.12 -20.33
CA ILE H 280 -20.86 -2.56 -20.31
C ILE H 280 -22.07 -3.33 -20.81
N SER H 281 -23.28 -2.76 -20.68
CA SER H 281 -24.51 -3.35 -21.20
C SER H 281 -24.63 -3.26 -22.71
N ALA H 282 -23.52 -3.08 -23.43
CA ALA H 282 -23.54 -3.00 -24.88
C ALA H 282 -23.82 -4.33 -25.55
N SER H 283 -24.09 -5.38 -24.78
CA SER H 283 -24.35 -6.71 -25.34
C SER H 283 -25.58 -6.71 -26.23
N ILE H 284 -26.46 -5.71 -26.06
CA ILE H 284 -27.64 -5.61 -26.91
C ILE H 284 -27.25 -5.36 -28.36
N VAL H 285 -26.31 -4.45 -28.61
CA VAL H 285 -25.89 -4.19 -29.98
C VAL H 285 -25.14 -5.39 -30.55
N ALA H 286 -24.38 -6.10 -29.72
CA ALA H 286 -23.72 -7.32 -30.20
C ALA H 286 -24.74 -8.37 -30.62
N GLY H 287 -25.79 -8.55 -29.82
CA GLY H 287 -26.83 -9.49 -30.18
C GLY H 287 -27.57 -9.08 -31.44
N GLY H 288 -27.80 -7.78 -31.61
CA GLY H 288 -28.44 -7.30 -32.81
C GLY H 288 -27.57 -7.36 -34.05
N ILE H 289 -26.25 -7.38 -33.89
CA ILE H 289 -25.33 -7.42 -35.02
C ILE H 289 -25.08 -8.87 -35.45
N VAL H 290 -24.76 -9.73 -34.48
CA VAL H 290 -24.27 -11.07 -34.82
C VAL H 290 -25.34 -11.90 -35.52
N ALA H 291 -26.59 -11.81 -35.08
CA ALA H 291 -27.65 -12.59 -35.71
C ALA H 291 -27.83 -12.19 -37.17
N ILE H 292 -27.90 -10.89 -37.44
CA ILE H 292 -28.05 -10.41 -38.81
C ILE H 292 -26.86 -10.84 -39.65
N VAL H 293 -25.65 -10.71 -39.11
CA VAL H 293 -24.45 -11.06 -39.87
C VAL H 293 -24.45 -12.55 -40.20
N VAL H 294 -24.70 -13.39 -39.20
CA VAL H 294 -24.60 -14.83 -39.40
C VAL H 294 -25.69 -15.31 -40.36
N THR H 295 -26.90 -14.78 -40.25
CA THR H 295 -27.95 -15.16 -41.19
C THR H 295 -27.59 -14.73 -42.61
N CYS H 296 -27.34 -13.42 -42.79
CA CYS H 296 -27.11 -12.87 -44.12
C CYS H 296 -25.92 -13.53 -44.79
N LEU H 297 -24.92 -13.94 -44.02
CA LEU H 297 -23.82 -14.66 -44.63
C LEU H 297 -24.19 -16.13 -44.87
N ALA H 298 -24.35 -16.89 -43.80
CA ALA H 298 -24.44 -18.35 -43.87
C ALA H 298 -25.57 -18.84 -44.75
N TYR H 299 -26.74 -18.21 -44.72
CA TYR H 299 -27.81 -18.69 -45.58
C TYR H 299 -27.66 -18.12 -46.99
N TYR H 300 -27.79 -16.80 -47.12
CA TYR H 300 -27.96 -16.19 -48.43
C TYR H 300 -26.67 -16.18 -49.23
N PHE H 301 -25.54 -15.79 -48.63
CA PHE H 301 -24.30 -15.71 -49.38
C PHE H 301 -23.84 -17.11 -49.81
N MET H 302 -24.00 -18.09 -48.93
CA MET H 302 -23.65 -19.46 -49.30
C MET H 302 -24.56 -19.99 -50.41
N ARG H 303 -25.86 -19.69 -50.35
CA ARG H 303 -26.75 -20.12 -51.42
C ARG H 303 -26.37 -19.47 -52.74
N PHE H 304 -26.04 -18.17 -52.72
CA PHE H 304 -25.63 -17.48 -53.93
C PHE H 304 -24.33 -18.05 -54.47
N ARG H 305 -23.39 -18.38 -53.59
CA ARG H 305 -22.13 -18.98 -54.02
C ARG H 305 -22.37 -20.33 -54.67
N ARG H 306 -23.27 -21.14 -54.09
CA ARG H 306 -23.59 -22.43 -54.69
C ARG H 306 -24.25 -22.25 -56.06
N ALA H 307 -25.12 -21.26 -56.18
CA ALA H 307 -25.86 -21.08 -57.43
C ALA H 307 -24.99 -20.48 -58.53
N PHE H 308 -23.99 -19.68 -58.15
CA PHE H 308 -23.21 -18.93 -59.14
C PHE H 308 -22.33 -19.83 -60.00
N GLY H 309 -22.09 -21.07 -59.59
CA GLY H 309 -21.20 -21.94 -60.34
C GLY H 309 -21.74 -22.26 -61.72
N GLU H 310 -23.06 -22.33 -61.86
CA GLU H 310 -23.67 -22.66 -63.15
C GLU H 310 -23.37 -21.60 -64.19
N TYR H 311 -23.45 -20.32 -63.82
CA TYR H 311 -23.24 -19.22 -64.75
C TYR H 311 -21.82 -18.66 -64.72
N SER H 312 -20.97 -19.16 -63.82
CA SER H 312 -19.57 -18.72 -63.83
C SER H 312 -18.88 -19.02 -65.15
N HIS H 313 -19.26 -20.13 -65.81
CA HIS H 313 -18.67 -20.47 -67.09
C HIS H 313 -18.97 -19.41 -68.15
N VAL H 314 -20.20 -18.90 -68.17
CA VAL H 314 -20.55 -17.83 -69.09
C VAL H 314 -19.86 -16.52 -68.68
N VAL H 315 -19.81 -16.25 -67.37
CA VAL H 315 -19.25 -14.99 -66.88
C VAL H 315 -17.77 -14.89 -67.24
N ALA H 316 -17.04 -16.01 -67.16
CA ALA H 316 -15.61 -15.99 -67.45
C ALA H 316 -15.33 -15.55 -68.88
N PHE H 317 -16.13 -16.02 -69.83
CA PHE H 317 -15.95 -15.63 -71.23
C PHE H 317 -16.46 -14.22 -71.47
N ASN H 318 -17.59 -13.87 -70.85
CA ASN H 318 -18.18 -12.56 -71.07
C ASN H 318 -17.28 -11.44 -70.55
N THR H 319 -16.56 -11.68 -69.45
CA THR H 319 -15.65 -10.66 -68.93
C THR H 319 -14.54 -10.34 -69.92
N LEU H 320 -13.93 -11.37 -70.53
CA LEU H 320 -12.89 -11.14 -71.51
C LEU H 320 -13.45 -10.49 -72.77
N LEU H 321 -14.65 -10.90 -73.18
CA LEU H 321 -15.27 -10.28 -74.35
C LEU H 321 -15.55 -8.80 -74.12
N PHE H 322 -16.00 -8.45 -72.92
CA PHE H 322 -16.22 -7.04 -72.59
C PHE H 322 -14.92 -6.26 -72.62
N LEU H 323 -13.83 -6.86 -72.14
CA LEU H 323 -12.52 -6.20 -72.18
C LEU H 323 -12.08 -5.95 -73.62
N MET H 324 -12.27 -6.95 -74.48
CA MET H 324 -11.92 -6.77 -75.90
C MET H 324 -12.75 -5.67 -76.53
N SER H 325 -14.06 -5.66 -76.26
CA SER H 325 -14.93 -4.63 -76.81
C SER H 325 -14.53 -3.24 -76.31
N PHE H 326 -14.18 -3.14 -75.02
CA PHE H 326 -13.76 -1.85 -74.47
C PHE H 326 -12.47 -1.37 -75.12
N THR H 327 -11.51 -2.29 -75.35
CA THR H 327 -10.28 -1.90 -76.03
C THR H 327 -10.57 -1.42 -77.44
N VAL H 328 -11.44 -2.12 -78.16
CA VAL H 328 -11.79 -1.71 -79.53
C VAL H 328 -12.44 -0.33 -79.52
N LEU H 329 -13.34 -0.11 -78.56
CA LEU H 329 -13.99 1.21 -78.45
C LEU H 329 -12.96 2.29 -78.14
N CYS H 330 -11.99 1.98 -77.28
CA CYS H 330 -10.96 2.95 -76.93
C CYS H 330 -10.08 3.29 -78.14
N LEU H 331 -9.87 2.32 -79.03
CA LEU H 331 -9.05 2.57 -80.21
C LEU H 331 -9.80 3.29 -81.33
N THR H 332 -11.10 3.54 -81.15
CA THR H 332 -11.90 4.15 -82.21
C THR H 332 -11.45 5.54 -82.66
N PRO H 333 -11.16 6.52 -81.77
CA PRO H 333 -11.02 7.92 -82.23
C PRO H 333 -9.89 8.18 -83.20
N VAL H 334 -9.11 7.16 -83.56
CA VAL H 334 -8.02 7.35 -84.51
C VAL H 334 -8.32 6.59 -85.80
N TYR H 335 -8.49 5.27 -85.70
CA TYR H 335 -8.79 4.43 -86.85
C TYR H 335 -10.31 4.29 -86.97
N SER H 336 -10.91 5.25 -87.68
CA SER H 336 -12.37 5.26 -87.82
C SER H 336 -12.83 4.36 -88.96
N PHE H 337 -12.36 3.12 -88.97
CA PHE H 337 -12.89 2.10 -89.86
C PHE H 337 -13.03 0.78 -89.11
N LEU H 338 -12.48 0.76 -87.89
CA LEU H 338 -12.48 -0.46 -87.08
C LEU H 338 -13.87 -0.99 -86.73
N PRO H 339 -14.85 -0.18 -86.28
CA PRO H 339 -16.08 -0.76 -85.74
C PRO H 339 -16.80 -1.74 -86.66
N GLY H 340 -16.84 -1.47 -87.96
CA GLY H 340 -17.48 -2.40 -88.88
C GLY H 340 -16.81 -3.76 -88.94
N VAL H 341 -15.49 -3.74 -89.07
CA VAL H 341 -14.73 -5.00 -89.13
C VAL H 341 -14.84 -5.74 -87.81
N TYR H 342 -14.81 -4.99 -86.70
CA TYR H 342 -14.95 -5.63 -85.40
C TYR H 342 -16.33 -6.26 -85.23
N SER H 343 -17.37 -5.58 -85.71
CA SER H 343 -18.70 -6.17 -85.66
C SER H 343 -18.79 -7.43 -86.52
N VAL H 344 -18.16 -7.40 -87.70
CA VAL H 344 -18.19 -8.58 -88.58
C VAL H 344 -17.49 -9.75 -87.92
N ILE H 345 -16.30 -9.52 -87.35
CA ILE H 345 -15.58 -10.62 -86.71
C ILE H 345 -16.28 -11.06 -85.43
N TYR H 346 -16.96 -10.14 -84.74
CA TYR H 346 -17.74 -10.49 -83.57
C TYR H 346 -18.88 -11.44 -83.93
N LEU H 347 -19.61 -11.11 -85.00
CA LEU H 347 -20.69 -11.97 -85.47
C LEU H 347 -20.15 -13.31 -85.94
N TYR H 348 -18.99 -13.30 -86.60
CA TYR H 348 -18.38 -14.54 -87.07
C TYR H 348 -17.99 -15.44 -85.90
N LEU H 349 -17.42 -14.87 -84.85
CA LEU H 349 -17.02 -15.67 -83.69
C LEU H 349 -18.20 -16.04 -82.81
N THR H 350 -19.33 -15.34 -82.96
CA THR H 350 -20.50 -15.66 -82.15
C THR H 350 -21.00 -17.08 -82.38
N PHE H 351 -20.88 -17.58 -83.61
CA PHE H 351 -21.39 -18.92 -83.94
C PHE H 351 -20.62 -20.04 -83.25
N TYR H 352 -19.46 -19.75 -82.67
CA TYR H 352 -18.68 -20.75 -81.95
C TYR H 352 -19.05 -20.83 -80.48
N LEU H 353 -20.06 -20.07 -80.03
CA LEU H 353 -20.45 -20.04 -78.63
C LEU H 353 -21.88 -20.54 -78.48
N THR H 354 -22.21 -20.97 -77.27
CA THR H 354 -23.55 -21.46 -76.98
C THR H 354 -24.55 -20.29 -76.93
N ASN H 355 -25.83 -20.65 -76.92
CA ASN H 355 -26.89 -19.64 -76.95
C ASN H 355 -26.85 -18.74 -75.73
N ASP H 356 -26.58 -19.30 -74.56
CA ASP H 356 -26.56 -18.50 -73.34
C ASP H 356 -25.49 -17.42 -73.40
N VAL H 357 -24.29 -17.77 -73.86
CA VAL H 357 -23.25 -16.77 -74.07
C VAL H 357 -23.61 -15.85 -75.23
N SER H 358 -24.21 -16.41 -76.28
CA SER H 358 -24.47 -15.64 -77.49
C SER H 358 -25.43 -14.49 -77.24
N PHE H 359 -26.51 -14.74 -76.50
CA PHE H 359 -27.50 -13.70 -76.26
C PHE H 359 -26.91 -12.55 -75.44
N LEU H 360 -26.16 -12.88 -74.39
CA LEU H 360 -25.51 -11.85 -73.58
C LEU H 360 -24.48 -11.08 -74.40
N ALA H 361 -23.74 -11.78 -75.26
CA ALA H 361 -22.77 -11.11 -76.12
C ALA H 361 -23.46 -10.15 -77.09
N HIS H 362 -24.59 -10.58 -77.65
CA HIS H 362 -25.33 -9.71 -78.56
C HIS H 362 -25.84 -8.47 -77.83
N ILE H 363 -26.38 -8.64 -76.63
CA ILE H 363 -26.87 -7.49 -75.87
C ILE H 363 -25.72 -6.55 -75.54
N GLN H 364 -24.58 -7.09 -75.11
CA GLN H 364 -23.44 -6.25 -74.76
C GLN H 364 -22.91 -5.49 -75.97
N TRP H 365 -22.83 -6.16 -77.13
CA TRP H 365 -22.39 -5.48 -78.34
C TRP H 365 -23.37 -4.38 -78.74
N MET H 366 -24.67 -4.65 -78.67
CA MET H 366 -25.65 -3.65 -79.07
C MET H 366 -25.59 -2.42 -78.16
N VAL H 367 -25.62 -2.64 -76.85
CA VAL H 367 -25.69 -1.52 -75.90
C VAL H 367 -24.44 -0.66 -75.99
N MET H 368 -23.35 -1.21 -76.52
CA MET H 368 -22.09 -0.47 -76.62
C MET H 368 -21.91 0.20 -77.98
N PHE H 369 -22.38 -0.44 -79.05
CA PHE H 369 -22.09 0.04 -80.39
C PHE H 369 -23.28 0.69 -81.09
N THR H 370 -24.44 0.77 -80.44
CA THR H 370 -25.61 1.37 -81.08
C THR H 370 -25.40 2.81 -81.55
N PRO H 371 -24.87 3.74 -80.75
CA PRO H 371 -24.85 5.15 -81.19
C PRO H 371 -23.71 5.52 -82.11
N LEU H 372 -22.92 4.56 -82.60
CA LEU H 372 -21.77 4.91 -83.44
C LEU H 372 -21.60 3.96 -84.63
N VAL H 373 -22.71 3.42 -85.15
CA VAL H 373 -22.64 2.55 -86.32
C VAL H 373 -23.67 3.01 -87.34
N PRO H 374 -23.42 2.76 -88.62
CA PRO H 374 -24.41 3.09 -89.65
C PRO H 374 -25.63 2.18 -89.56
N PHE H 375 -26.70 2.62 -90.23
CA PHE H 375 -27.99 1.95 -90.11
C PHE H 375 -27.99 0.59 -90.79
N TRP H 376 -27.33 0.49 -91.95
CA TRP H 376 -27.43 -0.75 -92.74
C TRP H 376 -26.74 -1.91 -92.05
N ILE H 377 -25.59 -1.67 -91.42
CA ILE H 377 -24.92 -2.75 -90.70
C ILE H 377 -25.75 -3.18 -89.49
N THR H 378 -26.42 -2.23 -88.84
CA THR H 378 -27.32 -2.59 -87.74
C THR H 378 -28.49 -3.43 -88.25
N ILE H 379 -29.02 -3.09 -89.43
CA ILE H 379 -30.11 -3.87 -90.01
C ILE H 379 -29.64 -5.29 -90.31
N ALA H 380 -28.43 -5.43 -90.86
CA ALA H 380 -27.88 -6.75 -91.15
C ALA H 380 -27.68 -7.55 -89.87
N TYR H 381 -27.18 -6.88 -88.81
CA TYR H 381 -27.00 -7.54 -87.52
C TYR H 381 -28.34 -8.03 -86.95
N ILE H 382 -29.37 -7.18 -87.05
CA ILE H 382 -30.69 -7.55 -86.58
C ILE H 382 -31.24 -8.72 -87.39
N ILE H 383 -31.01 -8.72 -88.69
CA ILE H 383 -31.46 -9.82 -89.54
C ILE H 383 -30.77 -11.11 -89.13
N CYS H 384 -29.47 -11.05 -88.86
CA CYS H 384 -28.73 -12.24 -88.47
C CYS H 384 -29.24 -12.81 -87.15
N ILE H 385 -29.40 -11.94 -86.14
CA ILE H 385 -29.88 -12.44 -84.85
C ILE H 385 -31.32 -12.93 -84.95
N SER H 386 -32.14 -12.27 -85.78
CA SER H 386 -33.53 -12.67 -85.95
C SER H 386 -33.63 -14.03 -86.62
N THR H 387 -32.80 -14.30 -87.63
CA THR H 387 -32.85 -15.62 -88.26
C THR H 387 -32.24 -16.69 -87.37
N LYS H 388 -31.25 -16.33 -86.54
CA LYS H 388 -30.74 -17.28 -85.57
C LYS H 388 -31.82 -17.69 -84.59
N HIS H 389 -32.63 -16.73 -84.13
CA HIS H 389 -33.76 -17.07 -83.28
C HIS H 389 -34.83 -17.84 -84.05
N PHE H 390 -35.07 -17.47 -85.31
CA PHE H 390 -36.11 -18.05 -86.14
C PHE H 390 -35.77 -19.46 -86.62
N TYR H 391 -34.52 -19.90 -86.41
CA TYR H 391 -34.14 -21.28 -86.73
C TYR H 391 -35.16 -22.29 -86.22
N TRP H 392 -35.82 -22.01 -85.09
CA TRP H 392 -36.79 -22.95 -84.55
C TRP H 392 -37.96 -23.16 -85.50
N PHE H 393 -38.49 -22.07 -86.07
CA PHE H 393 -39.57 -22.20 -87.06
C PHE H 393 -39.02 -22.68 -88.39
N PHE H 394 -37.79 -22.29 -88.72
CA PHE H 394 -37.19 -22.67 -90.00
C PHE H 394 -37.03 -24.18 -90.12
N SER H 395 -36.56 -24.82 -89.04
CA SER H 395 -36.32 -26.26 -89.07
C SER H 395 -37.61 -27.08 -89.10
N ASN H 396 -38.76 -26.48 -88.86
CA ASN H 396 -40.02 -27.21 -88.82
C ASN H 396 -41.00 -26.83 -89.92
N TYR H 397 -40.85 -25.66 -90.54
CA TYR H 397 -41.79 -25.20 -91.54
C TYR H 397 -41.17 -24.94 -92.92
N LEU H 398 -39.85 -24.78 -93.00
CA LEU H 398 -39.23 -24.50 -94.29
C LEU H 398 -38.09 -25.46 -94.62
N LYS H 399 -37.32 -25.85 -93.60
CA LYS H 399 -36.13 -26.65 -93.87
C LYS H 399 -36.48 -28.07 -94.30
N ARG H 400 -37.42 -28.71 -93.60
CA ARG H 400 -37.74 -30.10 -93.86
C ARG H 400 -38.87 -30.28 -94.87
N ARG H 401 -39.44 -29.20 -95.40
CA ARG H 401 -40.52 -29.30 -96.37
C ARG H 401 -39.97 -29.41 -97.79
#